data_6UEK
#
_entry.id   6UEK
#
_cell.length_a   84.614
_cell.length_b   134.788
_cell.length_c   113.399
_cell.angle_alpha   90.000
_cell.angle_beta   93.250
_cell.angle_gamma   90.000
#
_symmetry.space_group_name_H-M   'P 1 21 1'
#
loop_
_entity.id
_entity.type
_entity.pdbx_description
1 polymer 'Urocanate hydratase'
2 non-polymer NICOTINAMIDE-ADENINE-DINUCLEOTIDE
3 water water
#
_entity_poly.entity_id   1
_entity_poly.type   'polypeptide(L)'
_entity_poly.pdbx_seq_one_letter_code
;MTSMKKVLTSLAVGIPSPLPPPCKELDESVPHAPKRTPNLSPADRRQAIANALRYFNTADHEVLAEEFSRELDEYGHIYM
YRLRPTQYEMRAYPITDYPAKSKYAAAMMMMIMNNLDNRVAMFPHELITYGGNGGVFNNWAQFCLTMKYLCEMTDHQTLA
LYSGHPLGLFPSHPDAPRAVITNGMMVPNYSTREQYDRLYAMGCTQYGQMTAGSFCYIGPQGIVHGTTITFRNAGRKYLG
VEDLAGKVVLTSGLGGMSGAQGKAGVICGAVVVVAEVDPNALYKRKGQGWLMEVETDVEALLRRVRAASAAKEAVSIGFL
GNVVTVWERLVKEKDEIVHLGSDQTSCHNPFNGGYYPVQLTFEESKKMMVEDPAMFKELVQESLRRQVAAINEMSARGLR
FWDYGNSFLLEASRAGAEVWTPDDTVRSINRFRYPSYVQDIMGDIFALGFGPFRWVCTSCLPEDLELTDRIATETLEKLM
KDASTKSQKQISDNLLWIKQAGENKLVVGSQARILYADCEGRQTIAKNFNDAVRDGRLKGPVVLSRDHHDVSGTDSPFRE
TSDLYDGSSLTADMAVQNVIGDAFRGATWVSLHNGGGTGWGEATNGGFCLVLDGSADAERRAKLMLLWDVLNGVTRRAWS
GNACGHEAMLRAVSRVEGLHVTVPQHVHPDVLKKYHHHHHH
;
_entity_poly.pdbx_strand_id   A,B,C,D
#
loop_
_chem_comp.id
_chem_comp.type
_chem_comp.name
_chem_comp.formula
NAD non-polymer NICOTINAMIDE-ADENINE-DINUCLEOTIDE 'C21 H27 N7 O14 P2'
#
# COMPACT_ATOMS: atom_id res chain seq x y z
N SER A 3 24.63 -32.88 -1.54
CA SER A 3 24.68 -32.43 -2.92
C SER A 3 25.01 -30.94 -3.00
N MET A 4 26.03 -30.61 -3.80
CA MET A 4 26.45 -29.23 -3.96
C MET A 4 25.43 -28.42 -4.76
N LYS A 5 25.74 -27.14 -4.96
CA LYS A 5 24.86 -26.27 -5.72
C LYS A 5 24.90 -26.60 -7.22
N LYS A 6 25.93 -27.33 -7.63
CA LYS A 6 26.12 -27.69 -9.02
C LYS A 6 25.20 -28.84 -9.43
N VAL A 7 25.04 -29.83 -8.56
CA VAL A 7 24.22 -30.99 -8.86
C VAL A 7 22.73 -30.64 -8.82
N LEU A 8 22.38 -29.67 -7.99
CA LEU A 8 20.97 -29.27 -7.83
C LEU A 8 20.49 -28.39 -8.98
N THR A 9 21.38 -28.09 -9.92
CA THR A 9 21.01 -27.29 -11.08
C THR A 9 20.06 -28.04 -11.99
N SER A 10 19.97 -29.36 -11.80
CA SER A 10 19.07 -30.19 -12.57
C SER A 10 17.60 -29.90 -12.25
N LEU A 11 17.39 -29.21 -11.13
CA LEU A 11 16.04 -28.83 -10.71
C LEU A 11 15.42 -27.79 -11.65
N ALA A 12 16.27 -27.06 -12.36
CA ALA A 12 15.81 -26.00 -13.25
C ALA A 12 15.41 -26.55 -14.62
N VAL A 13 15.74 -27.80 -14.88
CA VAL A 13 15.54 -28.40 -16.19
C VAL A 13 14.06 -28.62 -16.52
N GLY A 14 13.30 -29.11 -15.54
CA GLY A 14 11.91 -29.48 -15.77
C GLY A 14 11.84 -30.84 -16.41
N ILE A 15 11.18 -30.93 -17.56
CA ILE A 15 11.15 -32.17 -18.33
C ILE A 15 12.38 -32.25 -19.22
N PRO A 16 13.31 -33.17 -18.90
CA PRO A 16 14.57 -33.29 -19.63
C PRO A 16 14.40 -33.59 -21.11
N SER A 17 15.24 -32.99 -21.94
CA SER A 17 15.25 -33.26 -23.37
C SER A 17 16.68 -33.57 -23.81
N PRO A 18 16.94 -34.84 -24.20
CA PRO A 18 15.97 -35.93 -24.26
C PRO A 18 15.63 -36.52 -22.90
N LEU A 19 14.59 -37.35 -22.85
CA LEU A 19 14.14 -37.96 -21.62
C LEU A 19 15.20 -38.86 -20.99
N PRO A 20 15.21 -38.93 -19.65
CA PRO A 20 16.07 -39.90 -18.96
C PRO A 20 15.63 -41.32 -19.28
N PRO A 21 16.54 -42.31 -19.15
CA PRO A 21 16.24 -43.70 -19.47
C PRO A 21 15.03 -44.24 -18.69
N PRO A 22 14.33 -45.22 -19.28
CA PRO A 22 13.16 -45.82 -18.63
C PRO A 22 13.52 -46.58 -17.36
N CYS A 23 12.60 -46.57 -16.39
CA CYS A 23 12.82 -47.26 -15.12
C CYS A 23 12.74 -48.77 -15.31
N LYS A 24 13.89 -49.43 -15.39
CA LYS A 24 13.95 -50.86 -15.62
C LYS A 24 13.37 -51.63 -14.43
N GLU A 25 14.05 -51.55 -13.29
CA GLU A 25 13.60 -52.23 -12.09
C GLU A 25 12.85 -51.28 -11.16
N LEU A 26 13.03 -51.47 -9.85
CA LEU A 26 12.41 -50.61 -8.86
C LEU A 26 13.26 -50.58 -7.60
N ASP A 27 13.49 -49.36 -7.08
CA ASP A 27 14.31 -49.19 -5.89
C ASP A 27 13.63 -49.81 -4.67
N GLU A 28 14.15 -50.95 -4.23
CA GLU A 28 13.54 -51.70 -3.14
C GLU A 28 14.09 -51.29 -1.78
N SER A 29 14.97 -50.29 -1.77
CA SER A 29 15.56 -49.79 -0.53
C SER A 29 14.54 -48.96 0.25
N VAL A 30 13.49 -48.51 -0.44
CA VAL A 30 12.40 -47.78 0.19
C VAL A 30 11.11 -48.56 0.08
N PRO A 31 10.18 -48.34 1.02
CA PRO A 31 8.86 -48.98 0.91
C PRO A 31 8.05 -48.36 -0.23
N HIS A 32 7.16 -49.15 -0.83
CA HIS A 32 6.37 -48.66 -1.95
C HIS A 32 4.88 -48.77 -1.68
N ALA A 33 4.13 -47.83 -2.25
CA ALA A 33 2.68 -47.75 -2.05
C ALA A 33 1.99 -49.01 -2.57
N PRO A 34 0.87 -49.39 -1.92
CA PRO A 34 0.11 -50.55 -2.39
C PRO A 34 -0.49 -50.28 -3.77
N LYS A 35 -0.76 -51.35 -4.51
CA LYS A 35 -1.34 -51.24 -5.85
C LYS A 35 -2.70 -50.56 -5.78
N ARG A 36 -2.86 -49.48 -6.52
CA ARG A 36 -4.13 -48.75 -6.55
C ARG A 36 -5.14 -49.48 -7.42
N THR A 37 -6.41 -49.37 -7.06
CA THR A 37 -7.48 -50.04 -7.80
C THR A 37 -8.59 -49.07 -8.17
N PRO A 38 -8.36 -48.25 -9.20
CA PRO A 38 -9.38 -47.28 -9.63
C PRO A 38 -10.50 -47.94 -10.41
N ASN A 39 -10.27 -49.16 -10.91
CA ASN A 39 -11.23 -49.88 -11.73
C ASN A 39 -11.72 -49.04 -12.89
N LEU A 40 -10.77 -48.47 -13.64
CA LEU A 40 -11.09 -47.56 -14.74
C LEU A 40 -11.76 -48.28 -15.90
N SER A 41 -12.80 -47.66 -16.44
CA SER A 41 -13.43 -48.11 -17.68
C SER A 41 -12.42 -47.99 -18.81
N PRO A 42 -12.65 -48.71 -19.93
CA PRO A 42 -11.76 -48.61 -21.08
C PRO A 42 -11.54 -47.17 -21.54
N ALA A 43 -12.59 -46.36 -21.49
CA ALA A 43 -12.50 -44.95 -21.91
C ALA A 43 -11.69 -44.13 -20.91
N ASP A 44 -11.96 -44.33 -19.62
CA ASP A 44 -11.24 -43.59 -18.57
C ASP A 44 -9.77 -43.98 -18.53
N ARG A 45 -9.48 -45.25 -18.79
CA ARG A 45 -8.11 -45.73 -18.83
C ARG A 45 -7.35 -45.07 -19.98
N ARG A 46 -8.00 -45.01 -21.14
CA ARG A 46 -7.45 -44.35 -22.31
C ARG A 46 -7.20 -42.87 -22.03
N GLN A 47 -8.16 -42.24 -21.35
CA GLN A 47 -8.06 -40.83 -21.01
C GLN A 47 -6.95 -40.60 -19.99
N ALA A 48 -6.79 -41.54 -19.07
CA ALA A 48 -5.73 -41.46 -18.05
C ALA A 48 -4.36 -41.42 -18.70
N ILE A 49 -4.18 -42.23 -19.73
CA ILE A 49 -2.92 -42.27 -20.47
C ILE A 49 -2.72 -40.97 -21.25
N ALA A 50 -3.79 -40.53 -21.92
CA ALA A 50 -3.77 -39.27 -22.67
C ALA A 50 -3.45 -38.10 -21.75
N ASN A 51 -4.06 -38.10 -20.57
CA ASN A 51 -3.80 -37.07 -19.57
C ASN A 51 -2.33 -37.01 -19.17
N ALA A 52 -1.74 -38.19 -18.99
CA ALA A 52 -0.33 -38.28 -18.60
C ALA A 52 0.60 -37.81 -19.71
N LEU A 53 0.20 -38.08 -20.95
CA LEU A 53 1.03 -37.73 -22.11
C LEU A 53 1.11 -36.22 -22.35
N ARG A 54 0.18 -35.49 -21.76
CA ARG A 54 0.13 -34.04 -21.92
C ARG A 54 1.42 -33.33 -21.52
N TYR A 55 2.16 -33.95 -20.60
CA TYR A 55 3.37 -33.35 -20.05
C TYR A 55 4.58 -33.54 -20.95
N PHE A 56 4.42 -34.30 -22.02
CA PHE A 56 5.57 -34.73 -22.81
C PHE A 56 5.49 -34.35 -24.29
N ASN A 57 6.66 -34.05 -24.86
CA ASN A 57 6.82 -33.86 -26.29
C ASN A 57 6.12 -34.97 -27.07
N THR A 58 5.42 -34.60 -28.14
CA THR A 58 4.68 -35.57 -28.94
C THR A 58 5.59 -36.64 -29.51
N ALA A 59 6.87 -36.32 -29.63
CA ALA A 59 7.86 -37.25 -30.17
C ALA A 59 8.09 -38.45 -29.27
N ASP A 60 7.71 -38.32 -28.00
CA ASP A 60 7.93 -39.38 -27.02
C ASP A 60 6.64 -40.12 -26.68
N HIS A 61 5.53 -39.67 -27.27
CA HIS A 61 4.22 -40.23 -26.97
C HIS A 61 4.09 -41.70 -27.34
N GLU A 62 4.80 -42.12 -28.38
CA GLU A 62 4.72 -43.50 -28.86
C GLU A 62 5.19 -44.51 -27.82
N VAL A 63 6.34 -44.23 -27.21
CA VAL A 63 6.91 -45.11 -26.21
C VAL A 63 6.23 -44.93 -24.84
N LEU A 64 6.02 -43.67 -24.45
CA LEU A 64 5.48 -43.36 -23.13
C LEU A 64 4.06 -43.87 -22.94
N ALA A 65 3.30 -43.99 -24.03
CA ALA A 65 1.94 -44.51 -23.96
C ALA A 65 1.94 -45.94 -23.42
N GLU A 66 2.77 -46.79 -24.02
CA GLU A 66 2.89 -48.17 -23.57
C GLU A 66 3.51 -48.25 -22.18
N GLU A 67 4.48 -47.38 -21.94
CA GLU A 67 5.16 -47.31 -20.65
C GLU A 67 4.20 -46.93 -19.53
N PHE A 68 3.38 -45.91 -19.77
CA PHE A 68 2.41 -45.46 -18.78
C PHE A 68 1.28 -46.46 -18.64
N SER A 69 0.94 -47.12 -19.75
CA SER A 69 -0.07 -48.17 -19.74
C SER A 69 0.41 -49.32 -18.85
N ARG A 70 1.69 -49.63 -18.96
CA ARG A 70 2.30 -50.67 -18.14
C ARG A 70 2.28 -50.29 -16.67
N GLU A 71 2.51 -49.01 -16.39
CA GLU A 71 2.47 -48.51 -15.02
C GLU A 71 1.08 -48.64 -14.42
N LEU A 72 0.06 -48.49 -15.26
CA LEU A 72 -1.32 -48.64 -14.82
C LEU A 72 -1.63 -50.08 -14.42
N ASP A 73 -1.14 -51.03 -15.21
CA ASP A 73 -1.41 -52.44 -14.96
C ASP A 73 -0.64 -52.98 -13.77
N GLU A 74 0.53 -52.39 -13.50
CA GLU A 74 1.40 -52.89 -12.45
C GLU A 74 1.16 -52.22 -11.10
N TYR A 75 0.87 -50.92 -11.11
CA TYR A 75 0.78 -50.15 -9.89
C TYR A 75 -0.58 -49.51 -9.66
N GLY A 76 -1.41 -49.51 -10.71
CA GLY A 76 -2.72 -48.90 -10.64
C GLY A 76 -2.66 -47.38 -10.73
N HIS A 77 -1.49 -46.87 -11.09
CA HIS A 77 -1.27 -45.43 -11.18
C HIS A 77 -0.10 -45.12 -12.10
N ILE A 78 -0.13 -43.95 -12.72
CA ILE A 78 0.97 -43.50 -13.56
C ILE A 78 1.85 -42.51 -12.80
N TYR A 79 2.89 -43.03 -12.15
CA TYR A 79 3.79 -42.20 -11.37
C TYR A 79 4.86 -41.56 -12.25
N MET A 80 5.03 -42.11 -13.45
CA MET A 80 6.11 -41.71 -14.35
C MET A 80 7.45 -41.86 -13.66
N TYR A 81 7.77 -43.09 -13.28
CA TYR A 81 8.99 -43.39 -12.53
C TYR A 81 10.26 -42.94 -13.27
N ARG A 82 10.19 -42.94 -14.58
CA ARG A 82 11.29 -42.53 -15.44
C ARG A 82 11.85 -41.15 -15.06
N LEU A 83 10.96 -40.26 -14.64
CA LEU A 83 11.33 -38.86 -14.40
C LEU A 83 11.87 -38.59 -13.00
N ARG A 84 11.75 -39.57 -12.10
CA ARG A 84 12.24 -39.39 -10.73
C ARG A 84 13.75 -39.19 -10.72
N PRO A 85 14.21 -38.06 -10.16
CA PRO A 85 15.64 -37.75 -10.06
C PRO A 85 16.39 -38.79 -9.23
N THR A 86 17.49 -39.30 -9.76
CA THR A 86 18.27 -40.32 -9.07
C THR A 86 19.71 -39.89 -8.86
N GLN A 87 20.04 -38.69 -9.34
CA GLN A 87 21.42 -38.21 -9.29
C GLN A 87 21.76 -37.56 -7.94
N TYR A 88 20.77 -37.46 -7.06
CA TYR A 88 21.00 -36.92 -5.73
C TYR A 88 20.01 -37.52 -4.73
N GLU A 89 20.38 -37.52 -3.46
CA GLU A 89 19.48 -37.93 -2.40
C GLU A 89 18.36 -36.91 -2.26
N MET A 90 17.11 -37.37 -2.38
CA MET A 90 15.97 -36.48 -2.21
C MET A 90 15.82 -36.09 -0.75
N ARG A 91 16.12 -34.83 -0.45
CA ARG A 91 16.02 -34.31 0.91
C ARG A 91 16.11 -32.80 0.89
N ALA A 92 15.82 -32.18 2.03
CA ALA A 92 16.00 -30.74 2.16
C ALA A 92 17.48 -30.40 2.19
N TYR A 93 17.89 -29.47 1.33
CA TYR A 93 19.26 -28.98 1.32
C TYR A 93 19.27 -27.52 1.76
N PRO A 94 20.42 -27.03 2.23
CA PRO A 94 20.56 -25.61 2.59
C PRO A 94 20.03 -24.69 1.48
N ILE A 95 19.36 -23.62 1.87
CA ILE A 95 18.66 -22.74 0.93
C ILE A 95 19.60 -22.17 -0.14
N THR A 96 20.87 -22.03 0.20
CA THR A 96 21.86 -21.44 -0.71
C THR A 96 22.29 -22.41 -1.80
N ASP A 97 21.93 -23.68 -1.66
CA ASP A 97 22.30 -24.70 -2.65
C ASP A 97 21.37 -24.67 -3.86
N TYR A 98 20.22 -24.04 -3.73
CA TYR A 98 19.21 -24.06 -4.79
C TYR A 98 19.45 -22.98 -5.84
N PRO A 99 19.26 -23.33 -7.12
CA PRO A 99 19.44 -22.43 -8.26
C PRO A 99 18.21 -21.58 -8.55
N ALA A 100 17.78 -20.79 -7.57
CA ALA A 100 16.59 -19.97 -7.73
C ALA A 100 16.92 -18.49 -7.77
N LYS A 101 16.08 -17.73 -8.47
CA LYS A 101 16.20 -16.27 -8.46
C LYS A 101 15.62 -15.74 -7.16
N SER A 102 14.62 -16.43 -6.65
CA SER A 102 13.93 -16.04 -5.43
C SER A 102 14.26 -16.98 -4.27
N LYS A 103 14.64 -16.40 -3.14
CA LYS A 103 14.94 -17.18 -1.95
C LYS A 103 13.65 -17.75 -1.35
N TYR A 104 12.55 -17.07 -1.61
CA TYR A 104 11.23 -17.55 -1.20
C TYR A 104 10.88 -18.83 -1.95
N ALA A 105 11.13 -18.82 -3.25
CA ALA A 105 10.95 -19.99 -4.08
C ALA A 105 11.92 -21.10 -3.68
N ALA A 106 13.17 -20.70 -3.42
CA ALA A 106 14.20 -21.64 -2.98
C ALA A 106 13.78 -22.34 -1.70
N ALA A 107 13.16 -21.59 -0.80
CA ALA A 107 12.66 -22.14 0.45
C ALA A 107 11.55 -23.14 0.21
N MET A 108 10.68 -22.85 -0.76
CA MET A 108 9.57 -23.75 -1.07
C MET A 108 10.08 -25.06 -1.63
N MET A 109 11.11 -24.97 -2.48
CA MET A 109 11.72 -26.16 -3.05
C MET A 109 12.31 -27.04 -1.96
N MET A 110 12.92 -26.41 -0.97
CA MET A 110 13.49 -27.13 0.17
C MET A 110 12.41 -27.89 0.93
N MET A 111 11.29 -27.21 1.16
CA MET A 111 10.16 -27.80 1.87
C MET A 111 9.56 -28.97 1.08
N ILE A 112 9.47 -28.80 -0.23
CA ILE A 112 8.96 -29.84 -1.12
C ILE A 112 9.79 -31.11 -1.03
N MET A 113 11.11 -30.94 -1.11
CA MET A 113 12.02 -32.08 -1.12
C MET A 113 12.06 -32.79 0.22
N ASN A 114 11.77 -32.06 1.29
CA ASN A 114 11.67 -32.67 2.62
C ASN A 114 10.49 -33.64 2.69
N ASN A 115 9.36 -33.22 2.14
CA ASN A 115 8.17 -34.07 2.08
C ASN A 115 8.39 -35.33 1.24
N LEU A 116 9.44 -35.34 0.43
CA LEU A 116 9.74 -36.46 -0.44
C LEU A 116 10.99 -37.21 0.00
N ASP A 117 11.52 -36.82 1.16
CA ASP A 117 12.69 -37.47 1.75
C ASP A 117 12.37 -38.90 2.16
N ASN A 118 13.27 -39.83 1.81
CA ASN A 118 13.10 -41.24 2.20
C ASN A 118 12.99 -41.39 3.71
N ARG A 119 13.67 -40.53 4.45
CA ARG A 119 13.64 -40.54 5.90
C ARG A 119 12.32 -40.02 6.44
N VAL A 120 11.65 -39.19 5.64
CA VAL A 120 10.44 -38.50 6.08
C VAL A 120 9.17 -39.13 5.48
N ALA A 121 9.16 -39.29 4.16
CA ALA A 121 7.98 -39.75 3.45
C ALA A 121 7.68 -41.24 3.70
N MET A 122 6.41 -41.59 3.64
CA MET A 122 5.97 -42.97 3.81
C MET A 122 6.24 -43.78 2.54
N PHE A 123 5.73 -43.30 1.42
CA PHE A 123 6.00 -43.90 0.12
C PHE A 123 6.67 -42.87 -0.78
N PRO A 124 7.97 -42.63 -0.56
CA PRO A 124 8.71 -41.52 -1.18
C PRO A 124 8.70 -41.54 -2.71
N HIS A 125 8.88 -42.70 -3.31
CA HIS A 125 8.96 -42.80 -4.77
C HIS A 125 7.59 -42.76 -5.42
N GLU A 126 6.54 -42.84 -4.61
CA GLU A 126 5.17 -42.71 -5.11
C GLU A 126 4.62 -41.34 -4.75
N LEU A 127 5.52 -40.46 -4.30
CA LEU A 127 5.19 -39.07 -3.94
C LEU A 127 4.15 -39.00 -2.83
N ILE A 128 4.19 -39.96 -1.92
CA ILE A 128 3.29 -39.98 -0.77
C ILE A 128 4.07 -39.75 0.52
N THR A 129 3.63 -38.78 1.31
CA THR A 129 4.33 -38.43 2.53
C THR A 129 3.81 -39.20 3.74
N TYR A 130 2.50 -39.21 3.91
CA TYR A 130 1.88 -39.94 5.02
C TYR A 130 0.39 -40.19 4.76
N GLY A 131 -0.23 -40.98 5.63
CA GLY A 131 -1.64 -41.28 5.52
C GLY A 131 -1.96 -42.33 4.48
N GLY A 132 -0.92 -42.91 3.89
CA GLY A 132 -1.10 -43.96 2.90
C GLY A 132 -1.28 -43.44 1.49
N ASN A 133 -1.94 -42.29 1.35
CA ASN A 133 -2.18 -41.69 0.04
C ASN A 133 -2.19 -40.17 0.09
N GLY A 134 -1.73 -39.61 1.21
CA GLY A 134 -1.56 -38.17 1.31
C GLY A 134 -0.35 -37.77 0.49
N GLY A 135 -0.59 -37.31 -0.73
CA GLY A 135 0.48 -37.11 -1.70
C GLY A 135 0.96 -35.69 -1.90
N VAL A 136 2.18 -35.58 -2.41
CA VAL A 136 2.79 -34.30 -2.73
C VAL A 136 2.47 -33.91 -4.16
N PHE A 137 2.68 -34.86 -5.08
CA PHE A 137 2.31 -34.69 -6.48
C PHE A 137 1.65 -35.96 -7.01
N ASN A 138 0.87 -35.83 -8.06
CA ASN A 138 0.24 -36.99 -8.70
C ASN A 138 1.28 -37.86 -9.40
N ASN A 139 2.28 -37.21 -9.98
CA ASN A 139 3.33 -37.90 -10.72
C ASN A 139 4.64 -37.12 -10.69
N TRP A 140 5.69 -37.67 -11.29
CA TRP A 140 7.01 -37.04 -11.21
C TRP A 140 7.20 -35.94 -12.25
N ALA A 141 6.34 -35.87 -13.24
CA ALA A 141 6.38 -34.77 -14.20
C ALA A 141 5.97 -33.48 -13.51
N GLN A 142 4.93 -33.58 -12.69
CA GLN A 142 4.44 -32.44 -11.94
C GLN A 142 5.52 -31.94 -10.99
N PHE A 143 6.27 -32.86 -10.41
CA PHE A 143 7.42 -32.49 -9.57
C PHE A 143 8.46 -31.73 -10.37
N CYS A 144 8.89 -32.31 -11.48
CA CYS A 144 9.94 -31.72 -12.30
C CYS A 144 9.59 -30.32 -12.78
N LEU A 145 8.37 -30.14 -13.27
CA LEU A 145 7.92 -28.84 -13.76
C LEU A 145 7.81 -27.82 -12.64
N THR A 146 7.31 -28.26 -11.49
CA THR A 146 7.16 -27.39 -10.33
C THR A 146 8.52 -26.82 -9.91
N MET A 147 9.51 -27.70 -9.82
CA MET A 147 10.86 -27.28 -9.46
C MET A 147 11.45 -26.37 -10.55
N LYS A 148 11.11 -26.65 -11.80
CA LYS A 148 11.52 -25.80 -12.91
C LYS A 148 10.97 -24.38 -12.73
N TYR A 149 9.67 -24.28 -12.50
CA TYR A 149 9.00 -23.00 -12.30
C TYR A 149 9.55 -22.25 -11.09
N LEU A 150 9.83 -22.98 -10.01
CA LEU A 150 10.32 -22.36 -8.78
C LEU A 150 11.75 -21.84 -8.92
N CYS A 151 12.55 -22.53 -9.72
CA CYS A 151 13.92 -22.09 -9.99
C CYS A 151 13.94 -20.80 -10.81
N GLU A 152 13.00 -20.67 -11.73
CA GLU A 152 13.03 -19.57 -12.69
C GLU A 152 12.19 -18.37 -12.26
N MET A 153 11.25 -18.58 -11.35
CA MET A 153 10.28 -17.54 -11.01
C MET A 153 10.92 -16.37 -10.26
N THR A 154 10.32 -15.20 -10.40
CA THR A 154 10.72 -14.02 -9.66
C THR A 154 9.75 -13.80 -8.52
N ASP A 155 9.96 -12.75 -7.75
CA ASP A 155 9.04 -12.43 -6.65
C ASP A 155 7.82 -11.68 -7.17
N HIS A 156 7.72 -11.56 -8.49
CA HIS A 156 6.57 -10.90 -9.11
C HIS A 156 5.70 -11.89 -9.86
N GLN A 157 5.86 -13.18 -9.54
CA GLN A 157 5.07 -14.24 -10.16
C GLN A 157 4.43 -15.12 -9.09
N THR A 158 3.40 -15.87 -9.49
CA THR A 158 2.75 -16.82 -8.59
C THR A 158 2.46 -18.13 -9.30
N LEU A 159 2.94 -19.23 -8.73
CA LEU A 159 2.70 -20.55 -9.28
C LEU A 159 1.35 -21.10 -8.84
N ALA A 160 0.51 -21.46 -9.79
CA ALA A 160 -0.80 -22.04 -9.48
C ALA A 160 -0.74 -23.56 -9.60
N LEU A 161 -0.90 -24.25 -8.48
CA LEU A 161 -0.83 -25.70 -8.46
C LEU A 161 -2.21 -26.34 -8.37
N TYR A 162 -2.61 -27.02 -9.43
CA TYR A 162 -3.92 -27.67 -9.51
C TYR A 162 -3.86 -29.14 -9.10
N SER A 163 -4.01 -29.40 -7.80
CA SER A 163 -3.94 -30.77 -7.27
C SER A 163 -2.71 -31.50 -7.80
N GLY A 164 -1.56 -30.85 -7.68
CA GLY A 164 -0.32 -31.42 -8.16
C GLY A 164 0.15 -30.81 -9.47
N HIS A 165 -0.79 -30.51 -10.35
CA HIS A 165 -0.44 -29.98 -11.67
C HIS A 165 -0.02 -28.51 -11.62
N PRO A 166 1.23 -28.22 -11.99
CA PRO A 166 1.69 -26.83 -12.06
C PRO A 166 1.14 -26.13 -13.29
N LEU A 167 0.00 -25.45 -13.13
CA LEU A 167 -0.68 -24.81 -14.24
C LEU A 167 0.23 -23.82 -14.98
N GLY A 168 0.96 -23.03 -14.21
CA GLY A 168 1.92 -22.11 -14.77
C GLY A 168 2.26 -20.96 -13.84
N LEU A 169 3.19 -20.12 -14.27
CA LEU A 169 3.53 -18.91 -13.54
C LEU A 169 2.70 -17.75 -14.07
N PHE A 170 1.98 -17.08 -13.18
CA PHE A 170 1.16 -15.94 -13.54
C PHE A 170 1.65 -14.72 -12.77
N PRO A 171 1.64 -13.55 -13.43
CA PRO A 171 2.12 -12.30 -12.81
C PRO A 171 1.41 -11.96 -11.51
N SER A 172 2.14 -11.41 -10.55
CA SER A 172 1.56 -10.91 -9.32
C SER A 172 2.45 -9.82 -8.72
N HIS A 173 2.81 -9.96 -7.45
CA HIS A 173 3.62 -8.94 -6.78
C HIS A 173 4.33 -9.54 -5.56
N PRO A 174 5.39 -8.88 -5.05
CA PRO A 174 6.21 -9.43 -3.97
C PRO A 174 5.46 -9.84 -2.70
N ASP A 175 4.34 -9.18 -2.39
CA ASP A 175 3.58 -9.51 -1.19
C ASP A 175 2.62 -10.67 -1.44
N ALA A 176 2.41 -11.00 -2.70
CA ALA A 176 1.54 -12.11 -3.07
C ALA A 176 2.21 -13.45 -2.76
N PRO A 177 1.40 -14.50 -2.59
CA PRO A 177 1.99 -15.84 -2.42
C PRO A 177 2.81 -16.24 -3.64
N ARG A 178 3.93 -16.91 -3.43
CA ARG A 178 4.72 -17.40 -4.55
C ARG A 178 4.03 -18.61 -5.15
N ALA A 179 3.16 -19.24 -4.36
CA ALA A 179 2.38 -20.37 -4.85
C ALA A 179 1.01 -20.43 -4.18
N VAL A 180 0.02 -20.86 -4.96
CA VAL A 180 -1.30 -21.12 -4.42
C VAL A 180 -1.63 -22.58 -4.68
N ILE A 181 -1.88 -23.32 -3.62
CA ILE A 181 -2.03 -24.77 -3.72
C ILE A 181 -3.45 -25.23 -3.42
N THR A 182 -4.02 -25.99 -4.34
CA THR A 182 -5.28 -26.67 -4.07
C THR A 182 -5.07 -28.16 -4.27
N ASN A 183 -5.73 -28.97 -3.44
CA ASN A 183 -5.59 -30.41 -3.53
C ASN A 183 -6.91 -31.12 -3.23
N GLY A 184 -7.50 -31.72 -4.27
CA GLY A 184 -8.70 -32.50 -4.10
C GLY A 184 -9.98 -31.70 -4.10
N MET A 185 -9.87 -30.41 -4.40
CA MET A 185 -11.04 -29.54 -4.50
C MET A 185 -12.03 -30.11 -5.52
N MET A 186 -13.24 -30.39 -5.06
CA MET A 186 -14.23 -31.04 -5.92
C MET A 186 -15.54 -30.28 -5.99
N VAL A 187 -16.24 -30.45 -7.11
CA VAL A 187 -17.65 -30.11 -7.16
C VAL A 187 -18.31 -31.05 -6.16
N PRO A 188 -18.90 -30.47 -5.10
CA PRO A 188 -19.34 -31.14 -3.86
C PRO A 188 -20.04 -32.49 -4.05
N ASN A 189 -21.00 -32.56 -4.96
CA ASN A 189 -21.77 -33.79 -5.14
C ASN A 189 -20.99 -34.91 -5.83
N TYR A 190 -19.72 -34.65 -6.13
CA TYR A 190 -18.89 -35.63 -6.81
C TYR A 190 -17.65 -35.98 -6.00
N SER A 191 -17.60 -35.52 -4.76
CA SER A 191 -16.46 -35.76 -3.89
C SER A 191 -16.54 -37.11 -3.18
N THR A 192 -16.91 -38.15 -3.91
CA THR A 192 -16.96 -39.50 -3.37
C THR A 192 -15.57 -40.12 -3.39
N ARG A 193 -15.38 -41.17 -2.59
CA ARG A 193 -14.10 -41.88 -2.56
C ARG A 193 -13.85 -42.61 -3.88
N GLU A 194 -14.93 -42.96 -4.57
CA GLU A 194 -14.83 -43.61 -5.87
C GLU A 194 -14.28 -42.63 -6.91
N GLN A 195 -14.73 -41.39 -6.84
CA GLN A 195 -14.26 -40.35 -7.77
C GLN A 195 -12.82 -39.96 -7.47
N TYR A 196 -12.43 -40.04 -6.20
CA TYR A 196 -11.03 -39.80 -5.85
C TYR A 196 -10.15 -40.84 -6.52
N ASP A 197 -10.49 -42.11 -6.33
CA ASP A 197 -9.73 -43.21 -6.93
C ASP A 197 -9.68 -43.07 -8.44
N ARG A 198 -10.82 -42.72 -9.03
CA ARG A 198 -10.92 -42.55 -10.48
C ARG A 198 -10.08 -41.39 -10.98
N LEU A 199 -10.29 -40.21 -10.40
CA LEU A 199 -9.62 -39.00 -10.88
C LEU A 199 -8.15 -38.94 -10.51
N TYR A 200 -7.76 -39.66 -9.46
CA TYR A 200 -6.36 -39.76 -9.09
C TYR A 200 -5.59 -40.51 -10.17
N ALA A 201 -6.15 -41.64 -10.60
CA ALA A 201 -5.55 -42.46 -11.65
C ALA A 201 -5.54 -41.72 -12.98
N MET A 202 -6.58 -40.92 -13.21
CA MET A 202 -6.70 -40.17 -14.45
C MET A 202 -5.83 -38.93 -14.44
N GLY A 203 -5.23 -38.64 -13.30
CA GLY A 203 -4.32 -37.51 -13.16
C GLY A 203 -5.01 -36.17 -13.08
N CYS A 204 -6.25 -36.17 -12.58
CA CYS A 204 -7.03 -34.94 -12.49
C CYS A 204 -7.08 -34.39 -11.07
N THR A 205 -6.68 -35.20 -10.10
CA THR A 205 -6.68 -34.77 -8.70
C THR A 205 -5.77 -35.62 -7.84
N GLN A 206 -5.62 -35.21 -6.58
CA GLN A 206 -4.89 -35.99 -5.59
C GLN A 206 -5.36 -35.65 -4.19
N TYR A 207 -5.04 -36.52 -3.24
CA TYR A 207 -5.32 -36.27 -1.84
C TYR A 207 -4.05 -35.78 -1.17
N GLY A 208 -4.09 -34.56 -0.61
CA GLY A 208 -2.90 -33.96 -0.06
C GLY A 208 -2.87 -33.93 1.45
N GLN A 209 -3.83 -34.62 2.08
CA GLN A 209 -3.96 -34.62 3.54
C GLN A 209 -3.99 -33.19 4.07
N MET A 210 -3.02 -32.86 4.92
CA MET A 210 -2.87 -31.51 5.42
C MET A 210 -1.54 -30.91 4.99
N THR A 211 -0.45 -31.49 5.46
CA THR A 211 0.87 -30.96 5.18
C THR A 211 1.57 -31.69 4.03
N ALA A 212 0.98 -32.77 3.56
CA ALA A 212 1.54 -33.54 2.46
C ALA A 212 1.48 -32.74 1.16
N GLY A 213 0.31 -32.23 0.84
CA GLY A 213 0.12 -31.47 -0.39
C GLY A 213 0.56 -30.02 -0.27
N SER A 214 0.76 -29.55 0.95
CA SER A 214 1.12 -28.16 1.19
C SER A 214 2.62 -27.98 1.45
N PHE A 215 3.38 -29.06 1.26
CA PHE A 215 4.84 -29.03 1.35
C PHE A 215 5.36 -28.54 2.70
N CYS A 216 4.84 -29.09 3.79
CA CYS A 216 5.31 -28.66 5.11
C CYS A 216 5.16 -29.73 6.19
N TYR A 217 5.41 -30.98 5.81
CA TYR A 217 5.46 -32.08 6.76
C TYR A 217 6.87 -32.17 7.35
N ILE A 218 6.96 -32.32 8.66
CA ILE A 218 8.26 -32.24 9.34
C ILE A 218 8.58 -33.46 10.19
N GLY A 219 7.78 -34.51 10.05
CA GLY A 219 8.02 -35.74 10.80
C GLY A 219 7.04 -35.98 11.92
N PRO A 220 7.34 -36.96 12.80
CA PRO A 220 6.43 -37.41 13.84
C PRO A 220 6.46 -36.59 15.13
N GLN A 221 7.19 -35.47 15.14
CA GLN A 221 7.25 -34.65 16.35
C GLN A 221 5.95 -33.86 16.52
N GLY A 222 5.18 -33.77 15.45
CA GLY A 222 3.86 -33.16 15.52
C GLY A 222 2.93 -33.99 16.37
N ILE A 223 2.95 -35.30 16.15
CA ILE A 223 2.12 -36.22 16.93
C ILE A 223 2.56 -36.26 18.38
N VAL A 224 3.87 -36.27 18.61
CA VAL A 224 4.43 -36.29 19.95
C VAL A 224 4.00 -35.05 20.73
N HIS A 225 4.15 -33.88 20.11
CA HIS A 225 3.72 -32.64 20.74
C HIS A 225 2.21 -32.64 20.96
N GLY A 226 1.47 -33.10 19.96
CA GLY A 226 0.02 -33.16 20.04
C GLY A 226 -0.45 -34.02 21.21
N THR A 227 0.19 -35.17 21.39
CA THR A 227 -0.17 -36.08 22.47
C THR A 227 0.31 -35.55 23.81
N THR A 228 1.40 -34.78 23.80
CA THR A 228 1.90 -34.13 25.00
C THR A 228 0.89 -33.12 25.52
N ILE A 229 0.40 -32.28 24.61
CA ILE A 229 -0.61 -31.28 24.94
C ILE A 229 -1.90 -31.94 25.46
N THR A 230 -2.31 -33.00 24.78
CA THR A 230 -3.53 -33.71 25.14
C THR A 230 -3.47 -34.26 26.57
N PHE A 231 -2.36 -34.90 26.92
CA PHE A 231 -2.18 -35.45 28.26
C PHE A 231 -2.19 -34.35 29.32
N ARG A 232 -1.55 -33.23 29.01
CA ARG A 232 -1.49 -32.09 29.92
C ARG A 232 -2.88 -31.54 30.21
N ASN A 233 -3.66 -31.34 29.15
CA ASN A 233 -5.00 -30.80 29.28
C ASN A 233 -5.98 -31.81 29.89
N ALA A 234 -5.77 -33.09 29.61
CA ALA A 234 -6.56 -34.13 30.24
C ALA A 234 -6.25 -34.15 31.74
N GLY A 235 -4.99 -33.91 32.07
CA GLY A 235 -4.56 -33.84 33.45
C GLY A 235 -5.22 -32.69 34.20
N ARG A 236 -5.21 -31.51 33.60
CA ARG A 236 -5.80 -30.33 34.22
C ARG A 236 -7.32 -30.44 34.34
N LYS A 237 -7.96 -30.88 33.27
CA LYS A 237 -9.42 -30.87 33.20
C LYS A 237 -10.07 -32.02 33.97
N TYR A 238 -9.44 -33.19 33.93
CA TYR A 238 -10.05 -34.39 34.51
C TYR A 238 -9.47 -34.77 35.88
N LEU A 239 -8.28 -34.29 36.18
CA LEU A 239 -7.65 -34.58 37.48
C LEU A 239 -7.52 -33.32 38.34
N GLY A 240 -7.52 -32.17 37.69
CA GLY A 240 -7.38 -30.90 38.38
C GLY A 240 -5.94 -30.65 38.81
N VAL A 241 -4.99 -31.20 38.07
CA VAL A 241 -3.59 -31.05 38.41
C VAL A 241 -2.77 -30.38 37.29
N GLU A 242 -1.86 -29.49 37.68
CA GLU A 242 -0.97 -28.84 36.72
C GLU A 242 0.33 -29.60 36.61
N ASP A 243 0.51 -30.58 37.50
CA ASP A 243 1.71 -31.41 37.51
C ASP A 243 1.31 -32.89 37.50
N LEU A 244 1.74 -33.61 36.47
CA LEU A 244 1.38 -35.01 36.32
C LEU A 244 2.40 -35.95 36.96
N ALA A 245 3.32 -35.38 37.73
CA ALA A 245 4.31 -36.18 38.43
C ALA A 245 3.62 -37.11 39.43
N GLY A 246 3.83 -38.40 39.28
CA GLY A 246 3.22 -39.39 40.16
C GLY A 246 1.87 -39.86 39.65
N LYS A 247 1.38 -39.23 38.60
CA LYS A 247 0.10 -39.61 37.99
C LYS A 247 0.29 -40.67 36.92
N VAL A 248 -0.63 -41.63 36.87
CA VAL A 248 -0.51 -42.75 35.96
C VAL A 248 -1.55 -42.73 34.84
N VAL A 249 -1.07 -42.81 33.61
CA VAL A 249 -1.95 -42.86 32.44
C VAL A 249 -1.94 -44.24 31.79
N LEU A 250 -3.12 -44.82 31.65
CA LEU A 250 -3.26 -46.09 30.93
C LEU A 250 -3.86 -45.85 29.55
N THR A 251 -3.20 -46.37 28.52
CA THR A 251 -3.70 -46.24 27.16
C THR A 251 -3.27 -47.44 26.33
N SER A 252 -3.60 -47.41 25.04
CA SER A 252 -3.34 -48.56 24.17
C SER A 252 -2.84 -48.14 22.80
N GLY A 253 -2.08 -49.05 22.16
CA GLY A 253 -1.60 -48.82 20.82
C GLY A 253 -0.24 -48.15 20.75
N LEU A 254 0.69 -48.81 20.07
CA LEU A 254 1.99 -48.20 19.79
C LEU A 254 2.21 -48.14 18.29
N GLY A 255 1.13 -47.95 17.55
CA GLY A 255 1.17 -47.91 16.10
C GLY A 255 1.67 -46.58 15.55
N GLY A 256 1.13 -46.17 14.41
CA GLY A 256 1.57 -44.99 13.71
C GLY A 256 1.54 -43.71 14.54
N MET A 257 0.37 -43.37 15.04
CA MET A 257 0.22 -42.15 15.84
C MET A 257 0.22 -42.47 17.33
N SER A 258 -0.40 -43.59 17.69
CA SER A 258 -0.51 -44.00 19.09
C SER A 258 0.84 -44.31 19.73
N GLY A 259 1.87 -44.50 18.90
CA GLY A 259 3.19 -44.82 19.38
C GLY A 259 3.88 -43.67 20.09
N ALA A 260 3.34 -42.47 19.94
CA ALA A 260 3.94 -41.27 20.52
C ALA A 260 3.49 -41.04 21.97
N GLN A 261 2.55 -41.85 22.43
CA GLN A 261 1.99 -41.72 23.78
C GLN A 261 3.03 -41.98 24.86
N GLY A 262 4.02 -42.81 24.55
CA GLY A 262 5.09 -43.11 25.48
C GLY A 262 5.92 -41.88 25.79
N LYS A 263 6.43 -41.25 24.74
CA LYS A 263 7.25 -40.04 24.90
C LYS A 263 6.43 -38.88 25.47
N ALA A 264 5.18 -38.78 25.04
CA ALA A 264 4.30 -37.71 25.51
C ALA A 264 4.11 -37.75 27.02
N GLY A 265 3.88 -38.95 27.55
CA GLY A 265 3.72 -39.13 28.98
C GLY A 265 4.98 -38.74 29.74
N VAL A 266 6.13 -39.13 29.20
CA VAL A 266 7.41 -38.82 29.82
C VAL A 266 7.66 -37.31 29.88
N ILE A 267 7.42 -36.64 28.75
CA ILE A 267 7.58 -35.19 28.67
C ILE A 267 6.66 -34.50 29.68
N CYS A 268 5.50 -35.10 29.92
CA CYS A 268 4.56 -34.59 30.92
C CYS A 268 5.00 -34.92 32.34
N GLY A 269 6.07 -35.71 32.45
CA GLY A 269 6.58 -36.12 33.75
C GLY A 269 5.68 -37.13 34.44
N ALA A 270 4.88 -37.83 33.65
CA ALA A 270 3.92 -38.80 34.19
C ALA A 270 4.39 -40.23 34.02
N VAL A 271 3.60 -41.16 34.53
CA VAL A 271 3.81 -42.57 34.30
C VAL A 271 2.80 -43.05 33.26
N VAL A 272 3.27 -43.36 32.07
CA VAL A 272 2.35 -43.77 31.01
C VAL A 272 2.49 -45.26 30.68
N VAL A 273 1.38 -45.97 30.74
CA VAL A 273 1.35 -47.39 30.43
C VAL A 273 0.63 -47.63 29.11
N VAL A 274 1.36 -48.09 28.11
CA VAL A 274 0.76 -48.34 26.79
C VAL A 274 0.77 -49.83 26.46
N ALA A 275 -0.41 -50.42 26.39
CA ALA A 275 -0.53 -51.83 26.04
C ALA A 275 -0.57 -52.00 24.52
N GLU A 276 0.06 -53.06 24.04
CA GLU A 276 0.14 -53.35 22.61
C GLU A 276 0.32 -54.84 22.37
N VAL A 277 -0.57 -55.43 21.58
CA VAL A 277 -0.53 -56.86 21.32
C VAL A 277 0.49 -57.23 20.25
N ASP A 278 0.84 -56.28 19.39
CA ASP A 278 1.74 -56.52 18.27
C ASP A 278 3.18 -56.23 18.65
N PRO A 279 4.00 -57.30 18.77
CA PRO A 279 5.41 -57.15 19.14
C PRO A 279 6.18 -56.35 18.11
N ASN A 280 5.71 -56.36 16.87
CA ASN A 280 6.27 -55.53 15.81
C ASN A 280 6.29 -54.07 16.24
N ALA A 281 5.11 -53.55 16.57
CA ALA A 281 4.98 -52.15 16.98
C ALA A 281 5.69 -51.89 18.32
N LEU A 282 5.43 -52.76 19.29
CA LEU A 282 5.94 -52.55 20.64
C LEU A 282 7.48 -52.49 20.71
N TYR A 283 8.14 -53.52 20.20
CA TYR A 283 9.58 -53.60 20.31
C TYR A 283 10.29 -52.63 19.37
N LYS A 284 9.60 -52.20 18.32
CA LYS A 284 10.11 -51.12 17.49
C LYS A 284 10.23 -49.86 18.33
N ARG A 285 9.14 -49.50 19.00
CA ARG A 285 9.11 -48.34 19.88
C ARG A 285 10.17 -48.42 20.97
N LYS A 286 10.41 -49.63 21.47
CA LYS A 286 11.43 -49.86 22.47
C LYS A 286 12.81 -49.54 21.92
N GLY A 287 13.08 -50.04 20.71
CA GLY A 287 14.36 -49.80 20.06
C GLY A 287 14.54 -48.35 19.65
N GLN A 288 13.42 -47.66 19.41
CA GLN A 288 13.47 -46.26 19.01
C GLN A 288 13.68 -45.34 20.22
N GLY A 289 13.53 -45.90 21.41
CA GLY A 289 13.63 -45.12 22.63
C GLY A 289 12.35 -44.38 22.94
N TRP A 290 11.32 -44.62 22.13
CA TRP A 290 10.00 -44.05 22.36
C TRP A 290 9.30 -44.82 23.46
N LEU A 291 9.89 -45.93 23.86
CA LEU A 291 9.40 -46.75 24.96
C LEU A 291 10.58 -47.09 25.86
N MET A 292 10.46 -46.73 27.15
CA MET A 292 11.57 -46.90 28.07
C MET A 292 11.66 -48.32 28.62
N GLU A 293 10.51 -48.92 28.92
CA GLU A 293 10.48 -50.26 29.50
C GLU A 293 9.42 -51.15 28.86
N VAL A 294 9.53 -52.45 29.10
CA VAL A 294 8.58 -53.42 28.55
C VAL A 294 8.20 -54.45 29.61
N GLU A 295 6.90 -54.64 29.80
CA GLU A 295 6.42 -55.66 30.74
C GLU A 295 5.70 -56.78 29.99
N THR A 296 5.71 -57.98 30.56
CA THR A 296 5.16 -59.15 29.90
C THR A 296 3.87 -59.64 30.57
N ASP A 297 3.90 -59.78 31.89
CA ASP A 297 2.72 -60.18 32.63
C ASP A 297 2.12 -58.98 33.37
N VAL A 298 0.80 -58.98 33.52
CA VAL A 298 0.09 -57.84 34.09
C VAL A 298 0.38 -57.66 35.58
N GLU A 299 0.76 -58.76 36.24
CA GLU A 299 1.06 -58.71 37.66
C GLU A 299 2.34 -57.91 37.93
N ALA A 300 3.38 -58.20 37.14
CA ALA A 300 4.65 -57.50 37.28
C ALA A 300 4.52 -56.06 36.78
N LEU A 301 3.56 -55.83 35.90
CA LEU A 301 3.30 -54.49 35.38
C LEU A 301 2.82 -53.55 36.47
N LEU A 302 1.79 -53.96 37.19
CA LEU A 302 1.16 -53.10 38.18
C LEU A 302 2.07 -52.80 39.37
N ARG A 303 2.93 -53.76 39.73
CA ARG A 303 3.91 -53.54 40.78
C ARG A 303 4.91 -52.47 40.34
N ARG A 304 5.31 -52.54 39.08
CA ARG A 304 6.21 -51.54 38.49
C ARG A 304 5.57 -50.16 38.48
N VAL A 305 4.32 -50.11 38.02
CA VAL A 305 3.57 -48.85 37.94
C VAL A 305 3.43 -48.21 39.32
N ARG A 306 3.13 -49.02 40.33
CA ARG A 306 3.06 -48.55 41.72
C ARG A 306 4.34 -47.82 42.13
N ALA A 307 5.47 -48.48 41.91
CA ALA A 307 6.77 -47.94 42.30
C ALA A 307 7.07 -46.63 41.58
N ALA A 308 6.88 -46.62 40.25
CA ALA A 308 7.12 -45.44 39.44
C ALA A 308 6.24 -44.28 39.90
N SER A 309 4.98 -44.58 40.20
CA SER A 309 4.04 -43.59 40.69
C SER A 309 4.49 -43.00 42.02
N ALA A 310 4.89 -43.87 42.94
CA ALA A 310 5.32 -43.46 44.27
C ALA A 310 6.60 -42.62 44.23
N ALA A 311 7.48 -42.94 43.29
CA ALA A 311 8.76 -42.25 43.18
C ALA A 311 8.68 -41.07 42.22
N LYS A 312 7.47 -40.80 41.72
CA LYS A 312 7.24 -39.72 40.77
C LYS A 312 8.19 -39.79 39.58
N GLU A 313 8.35 -40.99 39.03
CA GLU A 313 9.25 -41.20 37.91
C GLU A 313 8.55 -40.92 36.57
N ALA A 314 9.20 -40.13 35.73
CA ALA A 314 8.72 -39.91 34.38
C ALA A 314 9.17 -41.07 33.49
N VAL A 315 8.27 -42.01 33.25
CA VAL A 315 8.64 -43.24 32.55
C VAL A 315 7.52 -43.75 31.65
N SER A 316 7.91 -44.27 30.48
CA SER A 316 6.97 -44.93 29.59
C SER A 316 7.11 -46.44 29.72
N ILE A 317 6.00 -47.12 29.95
CA ILE A 317 6.01 -48.56 30.17
C ILE A 317 5.10 -49.28 29.17
N GLY A 318 5.69 -50.11 28.32
CA GLY A 318 4.92 -50.85 27.34
C GLY A 318 4.51 -52.21 27.85
N PHE A 319 3.26 -52.58 27.60
CA PHE A 319 2.76 -53.89 27.98
C PHE A 319 2.46 -54.74 26.76
N LEU A 320 3.31 -55.73 26.50
CA LEU A 320 3.09 -56.65 25.41
C LEU A 320 1.91 -57.56 25.72
N GLY A 321 0.73 -57.17 25.25
CA GLY A 321 -0.49 -57.89 25.52
C GLY A 321 -1.70 -57.02 25.25
N ASN A 322 -2.88 -57.52 25.61
CA ASN A 322 -4.11 -56.79 25.35
C ASN A 322 -4.38 -55.74 26.43
N VAL A 323 -4.89 -54.59 26.02
CA VAL A 323 -5.20 -53.50 26.95
C VAL A 323 -6.37 -53.91 27.85
N VAL A 324 -7.22 -54.80 27.34
CA VAL A 324 -8.34 -55.32 28.12
C VAL A 324 -7.83 -56.09 29.32
N THR A 325 -6.75 -56.86 29.12
CA THR A 325 -6.12 -57.64 30.17
C THR A 325 -5.72 -56.75 31.35
N VAL A 326 -5.24 -55.54 31.04
CA VAL A 326 -4.85 -54.60 32.07
C VAL A 326 -6.07 -54.02 32.78
N TRP A 327 -7.07 -53.59 32.00
CA TRP A 327 -8.29 -53.01 32.55
C TRP A 327 -8.99 -53.96 33.52
N GLU A 328 -9.13 -55.21 33.12
CA GLU A 328 -9.83 -56.20 33.95
C GLU A 328 -9.03 -56.53 35.21
N ARG A 329 -7.71 -56.46 35.11
CA ARG A 329 -6.84 -56.72 36.26
C ARG A 329 -6.93 -55.59 37.27
N LEU A 330 -7.04 -54.36 36.78
CA LEU A 330 -7.18 -53.19 37.63
C LEU A 330 -8.43 -53.28 38.50
N VAL A 331 -9.46 -53.91 37.96
CA VAL A 331 -10.72 -54.12 38.69
C VAL A 331 -10.48 -55.02 39.91
N LYS A 332 -9.59 -56.00 39.75
CA LYS A 332 -9.29 -56.93 40.83
C LYS A 332 -8.30 -56.35 41.83
N GLU A 333 -7.57 -55.31 41.42
CA GLU A 333 -6.63 -54.63 42.30
C GLU A 333 -7.32 -53.57 43.15
N LYS A 334 -7.25 -53.72 44.46
CA LYS A 334 -7.92 -52.79 45.37
C LYS A 334 -7.22 -51.43 45.42
N ASP A 335 -5.91 -51.43 45.19
CA ASP A 335 -5.14 -50.19 45.23
C ASP A 335 -5.51 -49.26 44.09
N GLU A 336 -5.41 -47.96 44.34
CA GLU A 336 -5.52 -46.99 43.25
C GLU A 336 -4.19 -46.94 42.51
N ILE A 337 -4.21 -47.35 41.24
CA ILE A 337 -2.99 -47.43 40.46
C ILE A 337 -3.01 -46.42 39.32
N VAL A 338 -4.03 -46.52 38.48
CA VAL A 338 -4.15 -45.64 37.32
C VAL A 338 -5.14 -44.50 37.59
N HIS A 339 -4.75 -43.28 37.23
CA HIS A 339 -5.60 -42.12 37.44
C HIS A 339 -6.28 -41.69 36.15
N LEU A 340 -5.56 -41.81 35.03
CA LEU A 340 -6.07 -41.41 33.73
C LEU A 340 -6.11 -42.57 32.75
N GLY A 341 -7.21 -42.68 32.01
CA GLY A 341 -7.35 -43.75 31.04
C GLY A 341 -7.77 -43.23 29.67
N SER A 342 -7.24 -43.85 28.64
CA SER A 342 -7.67 -43.57 27.27
C SER A 342 -7.50 -44.82 26.41
N ASP A 343 -7.69 -44.67 25.12
CA ASP A 343 -7.55 -45.77 24.20
C ASP A 343 -7.27 -45.25 22.80
N GLN A 344 -6.25 -45.79 22.15
CA GLN A 344 -5.94 -45.37 20.80
C GLN A 344 -5.76 -46.57 19.87
N THR A 345 -6.59 -47.58 20.09
CA THR A 345 -6.70 -48.68 19.14
C THR A 345 -7.48 -48.19 17.93
N SER A 346 -7.21 -48.76 16.76
CA SER A 346 -7.85 -48.32 15.54
C SER A 346 -9.26 -48.89 15.41
N CYS A 347 -10.21 -48.32 16.14
CA CYS A 347 -11.58 -48.82 16.13
C CYS A 347 -12.41 -48.22 14.99
N HIS A 348 -11.76 -47.48 14.10
CA HIS A 348 -12.45 -47.00 12.89
C HIS A 348 -12.49 -48.14 11.88
N ASN A 349 -11.65 -49.14 12.10
CA ASN A 349 -11.71 -50.40 11.36
C ASN A 349 -11.51 -51.58 12.31
N PRO A 350 -12.53 -51.86 13.14
CA PRO A 350 -12.42 -52.82 14.24
C PRO A 350 -12.42 -54.28 13.78
N PHE A 351 -12.71 -54.52 12.50
CA PHE A 351 -12.86 -55.88 12.01
C PHE A 351 -11.81 -56.23 10.97
N ASN A 352 -10.94 -55.27 10.64
CA ASN A 352 -9.94 -55.47 9.59
C ASN A 352 -8.52 -55.38 10.10
N GLY A 353 -8.33 -55.50 11.41
CA GLY A 353 -7.01 -55.49 11.99
C GLY A 353 -6.71 -54.24 12.80
N GLY A 354 -7.74 -53.43 13.01
CA GLY A 354 -7.59 -52.21 13.79
C GLY A 354 -7.76 -52.46 15.27
N TYR A 355 -8.55 -53.48 15.61
CA TYR A 355 -8.76 -53.85 17.00
C TYR A 355 -8.56 -55.35 17.19
N TYR A 356 -7.80 -55.70 18.22
CA TYR A 356 -7.55 -57.11 18.53
C TYR A 356 -8.22 -57.50 19.84
N PRO A 357 -9.12 -58.49 19.78
CA PRO A 357 -9.92 -58.93 20.92
C PRO A 357 -9.06 -59.56 22.02
N VAL A 358 -9.59 -59.60 23.24
CA VAL A 358 -8.85 -60.11 24.39
C VAL A 358 -8.81 -61.64 24.39
N GLN A 359 -9.83 -62.27 23.83
CA GLN A 359 -9.94 -63.72 23.84
C GLN A 359 -8.85 -64.40 23.02
N LEU A 360 -8.42 -63.72 21.95
CA LEU A 360 -7.44 -64.29 21.04
C LEU A 360 -6.07 -63.66 21.18
N THR A 361 -5.03 -64.40 20.79
CA THR A 361 -3.70 -63.84 20.71
C THR A 361 -3.58 -63.03 19.43
N PHE A 362 -2.46 -62.33 19.27
CA PHE A 362 -2.24 -61.49 18.10
C PHE A 362 -2.19 -62.33 16.82
N GLU A 363 -1.60 -63.52 16.91
CA GLU A 363 -1.49 -64.42 15.76
C GLU A 363 -2.81 -65.11 15.47
N GLU A 364 -3.54 -65.46 16.53
CA GLU A 364 -4.85 -66.10 16.38
C GLU A 364 -5.86 -65.14 15.76
N SER A 365 -5.74 -63.86 16.10
CA SER A 365 -6.66 -62.84 15.60
C SER A 365 -6.46 -62.59 14.11
N LYS A 366 -5.20 -62.52 13.69
CA LYS A 366 -4.88 -62.32 12.27
C LYS A 366 -5.39 -63.47 11.42
N LYS A 367 -5.41 -64.67 12.01
CA LYS A 367 -5.84 -65.87 11.30
C LYS A 367 -7.32 -65.84 10.95
N MET A 368 -8.17 -65.81 11.97
CA MET A 368 -9.61 -65.85 11.74
C MET A 368 -10.17 -64.49 11.32
N MET A 369 -9.27 -63.53 11.13
CA MET A 369 -9.65 -62.21 10.62
C MET A 369 -10.13 -62.35 9.18
N VAL A 370 -9.60 -63.33 8.47
CA VAL A 370 -9.99 -63.61 7.09
C VAL A 370 -10.60 -64.99 6.95
N GLU A 371 -10.36 -65.85 7.94
CA GLU A 371 -10.87 -67.21 7.93
C GLU A 371 -12.33 -67.26 8.40
N ASP A 372 -12.62 -66.54 9.47
CA ASP A 372 -13.96 -66.50 10.03
C ASP A 372 -14.31 -65.09 10.52
N PRO A 373 -14.71 -64.20 9.58
CA PRO A 373 -15.02 -62.81 9.88
C PRO A 373 -16.21 -62.66 10.84
N ALA A 374 -17.20 -63.54 10.71
CA ALA A 374 -18.40 -63.48 11.53
C ALA A 374 -18.08 -63.76 12.99
N MET A 375 -17.29 -64.79 13.25
CA MET A 375 -16.90 -65.15 14.60
C MET A 375 -15.97 -64.11 15.20
N PHE A 376 -15.09 -63.57 14.36
CA PHE A 376 -14.14 -62.54 14.80
C PHE A 376 -14.87 -61.27 15.23
N LYS A 377 -15.87 -60.88 14.45
CA LYS A 377 -16.66 -59.69 14.76
C LYS A 377 -17.39 -59.85 16.09
N GLU A 378 -17.84 -61.07 16.37
CA GLU A 378 -18.52 -61.37 17.62
C GLU A 378 -17.57 -61.25 18.80
N LEU A 379 -16.34 -61.74 18.61
CA LEU A 379 -15.33 -61.71 19.65
C LEU A 379 -14.83 -60.28 19.90
N VAL A 380 -14.73 -59.51 18.82
CA VAL A 380 -14.32 -58.11 18.91
C VAL A 380 -15.35 -57.32 19.73
N GLN A 381 -16.62 -57.46 19.37
CA GLN A 381 -17.69 -56.76 20.06
C GLN A 381 -17.83 -57.23 21.50
N GLU A 382 -17.49 -58.49 21.74
CA GLU A 382 -17.52 -59.04 23.09
C GLU A 382 -16.39 -58.46 23.93
N SER A 383 -15.21 -58.35 23.32
CA SER A 383 -14.05 -57.77 23.99
C SER A 383 -14.26 -56.28 24.25
N LEU A 384 -14.98 -55.63 23.34
CA LEU A 384 -15.28 -54.21 23.48
C LEU A 384 -16.19 -53.97 24.69
N ARG A 385 -17.17 -54.85 24.87
CA ARG A 385 -18.09 -54.75 25.99
C ARG A 385 -17.38 -54.98 27.32
N ARG A 386 -16.48 -55.95 27.34
CA ARG A 386 -15.69 -56.26 28.54
C ARG A 386 -14.78 -55.09 28.89
N GLN A 387 -14.17 -54.49 27.87
CA GLN A 387 -13.26 -53.36 28.07
C GLN A 387 -14.00 -52.18 28.71
N VAL A 388 -15.18 -51.88 28.20
CA VAL A 388 -16.00 -50.80 28.74
C VAL A 388 -16.48 -51.13 30.15
N ALA A 389 -16.86 -52.38 30.37
CA ALA A 389 -17.32 -52.83 31.68
C ALA A 389 -16.23 -52.65 32.74
N ALA A 390 -14.99 -52.89 32.35
CA ALA A 390 -13.86 -52.72 33.26
C ALA A 390 -13.56 -51.23 33.47
N ILE A 391 -13.67 -50.46 32.39
CA ILE A 391 -13.48 -49.01 32.48
C ILE A 391 -14.54 -48.37 33.36
N ASN A 392 -15.78 -48.83 33.22
CA ASN A 392 -16.89 -48.33 34.02
C ASN A 392 -16.66 -48.57 35.51
N GLU A 393 -16.11 -49.74 35.85
CA GLU A 393 -15.85 -50.08 37.25
C GLU A 393 -14.71 -49.23 37.81
N MET A 394 -13.66 -49.03 37.03
CA MET A 394 -12.54 -48.21 37.45
C MET A 394 -12.95 -46.74 37.53
N SER A 395 -13.87 -46.34 36.66
CA SER A 395 -14.40 -44.98 36.67
C SER A 395 -15.19 -44.72 37.93
N ALA A 396 -15.92 -45.73 38.37
CA ALA A 396 -16.67 -45.67 39.62
C ALA A 396 -15.72 -45.60 40.81
N ARG A 397 -14.46 -45.97 40.58
CA ARG A 397 -13.45 -45.95 41.62
C ARG A 397 -12.49 -44.77 41.47
N GLY A 398 -12.87 -43.80 40.62
CA GLY A 398 -12.13 -42.56 40.54
C GLY A 398 -11.30 -42.34 39.29
N LEU A 399 -11.21 -43.37 38.44
CA LEU A 399 -10.42 -43.27 37.21
C LEU A 399 -11.16 -42.41 36.19
N ARG A 400 -10.43 -41.49 35.56
CA ARG A 400 -11.02 -40.61 34.54
C ARG A 400 -10.60 -41.03 33.14
N PHE A 401 -11.57 -41.46 32.34
CA PHE A 401 -11.33 -41.95 30.99
C PHE A 401 -11.79 -40.94 29.94
N TRP A 402 -11.09 -40.90 28.80
CA TRP A 402 -11.55 -40.10 27.67
C TRP A 402 -11.29 -40.80 26.34
N ASP A 403 -12.18 -40.55 25.39
CA ASP A 403 -12.07 -41.10 24.04
C ASP A 403 -11.07 -40.28 23.23
N TYR A 404 -10.18 -40.95 22.52
CA TYR A 404 -9.13 -40.27 21.76
C TYR A 404 -9.50 -40.10 20.29
N GLY A 405 -10.79 -40.05 20.00
CA GLY A 405 -11.25 -39.87 18.64
C GLY A 405 -10.87 -41.02 17.72
N ASN A 406 -10.87 -42.23 18.28
CA ASN A 406 -10.57 -43.43 17.51
C ASN A 406 -11.82 -44.28 17.34
N SER A 407 -12.97 -43.69 17.61
CA SER A 407 -14.28 -44.35 17.51
C SER A 407 -14.39 -45.55 18.44
N PHE A 408 -13.67 -45.51 19.56
CA PHE A 408 -13.73 -46.59 20.54
C PHE A 408 -15.12 -46.68 21.18
N LEU A 409 -15.58 -45.56 21.76
CA LEU A 409 -16.88 -45.51 22.39
C LEU A 409 -18.00 -45.71 21.38
N LEU A 410 -17.80 -45.20 20.16
CA LEU A 410 -18.79 -45.34 19.10
C LEU A 410 -18.98 -46.80 18.70
N GLU A 411 -17.87 -47.50 18.49
CA GLU A 411 -17.93 -48.90 18.08
C GLU A 411 -18.34 -49.79 19.24
N ALA A 412 -17.97 -49.41 20.46
CA ALA A 412 -18.40 -50.13 21.65
C ALA A 412 -19.91 -50.02 21.80
N SER A 413 -20.45 -48.85 21.51
CA SER A 413 -21.88 -48.61 21.56
C SER A 413 -22.61 -49.54 20.60
N ARG A 414 -22.04 -49.73 19.43
CA ARG A 414 -22.62 -50.63 18.42
C ARG A 414 -22.49 -52.08 18.86
N ALA A 415 -21.57 -52.34 19.79
CA ALA A 415 -21.39 -53.67 20.33
C ALA A 415 -22.36 -53.93 21.48
N GLY A 416 -23.02 -52.88 21.93
CA GLY A 416 -23.96 -52.97 23.02
C GLY A 416 -23.32 -52.76 24.38
N ALA A 417 -22.15 -52.11 24.38
CA ALA A 417 -21.45 -51.82 25.61
C ALA A 417 -22.10 -50.66 26.36
N GLU A 418 -21.93 -50.64 27.67
CA GLU A 418 -22.53 -49.60 28.51
C GLU A 418 -21.77 -48.28 28.41
N VAL A 419 -21.95 -47.58 27.29
CA VAL A 419 -21.27 -46.31 27.08
C VAL A 419 -22.14 -45.13 27.49
N TRP A 420 -23.34 -45.43 27.98
CA TRP A 420 -24.24 -44.38 28.48
C TRP A 420 -24.59 -44.62 29.95
N THR A 421 -25.37 -43.70 30.51
CA THR A 421 -25.80 -43.81 31.90
C THR A 421 -27.13 -44.57 31.98
N PHE A 432 -22.21 -39.91 25.28
CA PHE A 432 -21.44 -40.92 26.01
C PHE A 432 -21.17 -40.48 27.44
N ARG A 433 -20.97 -41.44 28.33
CA ARG A 433 -20.67 -41.14 29.72
C ARG A 433 -19.21 -40.72 29.89
N TYR A 434 -18.45 -40.83 28.81
CA TYR A 434 -17.06 -40.35 28.79
C TYR A 434 -16.87 -39.34 27.66
N PRO A 435 -16.14 -38.25 27.96
CA PRO A 435 -15.95 -37.17 26.98
C PRO A 435 -14.98 -37.55 25.87
N SER A 436 -15.14 -36.91 24.72
CA SER A 436 -14.20 -37.07 23.62
C SER A 436 -13.28 -35.86 23.57
N TYR A 437 -11.96 -36.11 23.59
CA TYR A 437 -10.96 -35.06 23.67
C TYR A 437 -11.12 -34.00 22.58
N VAL A 438 -11.54 -34.43 21.39
CA VAL A 438 -11.73 -33.53 20.27
C VAL A 438 -12.84 -32.51 20.55
N GLN A 439 -13.94 -32.97 21.11
CA GLN A 439 -15.10 -32.12 21.36
C GLN A 439 -15.09 -31.51 22.75
N ASP A 440 -14.30 -32.08 23.66
CA ASP A 440 -14.31 -31.65 25.04
C ASP A 440 -13.10 -30.78 25.39
N ILE A 441 -11.99 -30.99 24.70
CA ILE A 441 -10.75 -30.29 25.03
C ILE A 441 -10.24 -29.39 23.90
N MET A 442 -9.89 -29.99 22.76
CA MET A 442 -9.23 -29.28 21.66
C MET A 442 -10.03 -28.08 21.15
N GLY A 443 -11.35 -28.19 21.15
CA GLY A 443 -12.22 -27.12 20.69
C GLY A 443 -12.03 -25.83 21.47
N ASP A 444 -11.87 -25.95 22.79
CA ASP A 444 -11.66 -24.80 23.64
C ASP A 444 -10.25 -24.23 23.47
N ILE A 445 -9.28 -25.11 23.24
CA ILE A 445 -7.90 -24.70 23.01
C ILE A 445 -7.81 -23.89 21.71
N PHE A 446 -8.42 -24.40 20.66
CA PHE A 446 -8.50 -23.69 19.38
C PHE A 446 -9.19 -22.35 19.56
N ALA A 447 -10.29 -22.35 20.30
CA ALA A 447 -11.10 -21.15 20.52
C ALA A 447 -10.30 -20.04 21.22
N LEU A 448 -9.31 -20.42 22.01
CA LEU A 448 -8.42 -19.45 22.64
C LEU A 448 -7.40 -18.91 21.63
N GLY A 449 -7.33 -19.56 20.48
CA GLY A 449 -6.40 -19.14 19.43
C GLY A 449 -5.16 -19.99 19.37
N PHE A 450 -5.01 -20.87 20.37
CA PHE A 450 -3.86 -21.76 20.43
C PHE A 450 -3.95 -22.86 19.39
N GLY A 451 -2.86 -23.07 18.67
CA GLY A 451 -2.81 -24.08 17.64
C GLY A 451 -1.40 -24.22 17.09
N PRO A 452 -1.24 -25.10 16.09
CA PRO A 452 0.07 -25.44 15.51
C PRO A 452 0.87 -24.23 15.04
N PHE A 453 2.02 -24.02 15.67
CA PHE A 453 2.99 -23.06 15.18
C PHE A 453 4.25 -23.82 14.80
N ARG A 454 4.55 -23.83 13.50
CA ARG A 454 5.60 -24.68 12.96
C ARG A 454 6.63 -23.84 12.21
N TRP A 455 7.91 -24.16 12.37
CA TRP A 455 8.94 -23.45 11.63
C TRP A 455 10.09 -24.35 11.19
N VAL A 456 10.72 -23.97 10.09
CA VAL A 456 11.85 -24.71 9.53
C VAL A 456 13.03 -23.77 9.30
N CYS A 457 14.22 -24.19 9.71
CA CYS A 457 15.43 -23.41 9.49
C CYS A 457 16.04 -23.78 8.13
N THR A 458 15.99 -22.85 7.19
CA THR A 458 16.41 -23.12 5.82
C THR A 458 17.91 -23.31 5.65
N SER A 459 18.66 -23.11 6.74
CA SER A 459 20.09 -23.33 6.71
C SER A 459 20.42 -24.81 6.88
N CYS A 460 19.43 -25.57 7.35
CA CYS A 460 19.57 -26.99 7.65
C CYS A 460 20.65 -27.23 8.71
N LEU A 461 20.94 -26.21 9.50
CA LEU A 461 21.90 -26.33 10.58
C LEU A 461 21.19 -26.58 11.90
N PRO A 462 21.63 -27.61 12.64
CA PRO A 462 21.10 -27.90 13.98
C PRO A 462 21.27 -26.71 14.92
N GLU A 463 22.34 -25.96 14.71
CA GLU A 463 22.65 -24.79 15.54
C GLU A 463 21.53 -23.75 15.47
N ASP A 464 20.97 -23.54 14.28
CA ASP A 464 19.86 -22.61 14.12
C ASP A 464 18.61 -23.09 14.84
N LEU A 465 18.38 -24.41 14.81
CA LEU A 465 17.20 -24.97 15.45
C LEU A 465 17.30 -24.86 16.96
N GLU A 466 18.51 -25.03 17.49
CA GLU A 466 18.75 -24.85 18.92
C GLU A 466 18.46 -23.41 19.32
N LEU A 467 18.88 -22.47 18.48
CA LEU A 467 18.67 -21.05 18.74
C LEU A 467 17.19 -20.68 18.68
N THR A 468 16.48 -21.21 17.70
CA THR A 468 15.05 -20.93 17.56
C THR A 468 14.29 -21.55 18.72
N ASP A 469 14.79 -22.67 19.24
CA ASP A 469 14.20 -23.29 20.43
C ASP A 469 14.35 -22.36 21.63
N ARG A 470 15.53 -21.76 21.76
CA ARG A 470 15.80 -20.84 22.86
C ARG A 470 15.00 -19.56 22.74
N ILE A 471 14.94 -19.01 21.52
CA ILE A 471 14.16 -17.81 21.25
C ILE A 471 12.69 -18.03 21.56
N ALA A 472 12.15 -19.15 21.08
CA ALA A 472 10.75 -19.51 21.33
C ALA A 472 10.50 -19.69 22.81
N THR A 473 11.45 -20.32 23.50
CA THR A 473 11.34 -20.56 24.94
C THR A 473 11.26 -19.23 25.70
N GLU A 474 12.21 -18.34 25.43
CA GLU A 474 12.27 -17.04 26.08
C GLU A 474 11.03 -16.20 25.77
N THR A 475 10.55 -16.31 24.53
CA THR A 475 9.38 -15.55 24.09
C THR A 475 8.13 -15.95 24.89
N LEU A 476 7.91 -17.26 25.02
CA LEU A 476 6.75 -17.76 25.75
C LEU A 476 6.82 -17.45 27.24
N GLU A 477 8.04 -17.37 27.76
CA GLU A 477 8.25 -17.03 29.16
C GLU A 477 7.86 -15.58 29.44
N LYS A 478 8.12 -14.71 28.46
CA LYS A 478 7.79 -13.29 28.59
C LYS A 478 6.28 -13.06 28.42
N LEU A 479 5.66 -13.88 27.57
CA LEU A 479 4.22 -13.75 27.31
C LEU A 479 3.40 -14.27 28.47
N MET A 480 4.05 -15.02 29.37
CA MET A 480 3.40 -15.53 30.57
C MET A 480 2.85 -14.41 31.45
N LYS A 481 3.56 -13.29 31.46
CA LYS A 481 3.24 -12.16 32.34
C LYS A 481 1.85 -11.60 32.08
N ASP A 482 1.69 -10.96 30.92
CA ASP A 482 0.43 -10.30 30.58
C ASP A 482 -0.50 -11.20 29.77
N ALA A 483 -0.81 -12.37 30.31
CA ALA A 483 -1.72 -13.30 29.65
C ALA A 483 -2.84 -13.73 30.60
N SER A 484 -3.96 -14.15 30.03
CA SER A 484 -5.09 -14.61 30.82
C SER A 484 -4.75 -15.91 31.54
N THR A 485 -5.55 -16.25 32.55
CA THR A 485 -5.34 -17.46 33.32
C THR A 485 -5.43 -18.70 32.43
N LYS A 486 -6.38 -18.67 31.50
CA LYS A 486 -6.59 -19.78 30.59
C LYS A 486 -5.41 -19.96 29.63
N SER A 487 -4.89 -18.85 29.13
CA SER A 487 -3.79 -18.88 28.17
C SER A 487 -2.45 -19.19 28.84
N GLN A 488 -2.30 -18.77 30.09
CA GLN A 488 -1.09 -19.02 30.85
C GLN A 488 -0.84 -20.53 30.99
N LYS A 489 -1.93 -21.28 31.12
CA LYS A 489 -1.84 -22.74 31.24
C LYS A 489 -1.35 -23.39 29.95
N GLN A 490 -1.90 -22.94 28.82
CA GLN A 490 -1.53 -23.50 27.52
C GLN A 490 -0.08 -23.18 27.18
N ILE A 491 0.35 -21.95 27.50
CA ILE A 491 1.73 -21.53 27.30
C ILE A 491 2.67 -22.39 28.14
N SER A 492 2.24 -22.73 29.36
CA SER A 492 3.02 -23.56 30.25
C SER A 492 3.23 -24.96 29.68
N ASP A 493 2.21 -25.47 29.01
CA ASP A 493 2.29 -26.79 28.38
C ASP A 493 3.33 -26.81 27.27
N ASN A 494 3.37 -25.74 26.49
CA ASN A 494 4.33 -25.64 25.38
C ASN A 494 5.72 -25.28 25.85
N LEU A 495 5.81 -24.67 27.03
CA LEU A 495 7.11 -24.39 27.64
C LEU A 495 7.76 -25.69 28.11
N LEU A 496 6.97 -26.53 28.74
CA LEU A 496 7.43 -27.85 29.18
C LEU A 496 7.89 -28.66 27.99
N TRP A 497 7.18 -28.51 26.88
CA TRP A 497 7.49 -29.22 25.64
C TRP A 497 8.77 -28.71 24.99
N ILE A 498 8.85 -27.40 24.76
CA ILE A 498 9.94 -26.82 23.99
C ILE A 498 11.29 -26.94 24.70
N LYS A 499 11.27 -27.03 26.03
CA LYS A 499 12.50 -27.18 26.79
C LYS A 499 13.01 -28.62 26.70
N GLN A 500 12.12 -29.55 26.35
CA GLN A 500 12.48 -30.95 26.26
C GLN A 500 12.50 -31.45 24.81
N ALA A 501 12.03 -30.61 23.89
CA ALA A 501 11.91 -30.99 22.49
C ALA A 501 13.23 -31.46 21.88
N GLY A 502 14.29 -30.69 22.14
CA GLY A 502 15.59 -30.99 21.56
C GLY A 502 16.19 -32.31 22.02
N GLU A 503 16.12 -32.57 23.32
CA GLU A 503 16.75 -33.76 23.89
C GLU A 503 15.98 -35.04 23.56
N ASN A 504 14.77 -34.89 23.05
CA ASN A 504 13.97 -36.05 22.63
C ASN A 504 14.34 -36.52 21.23
N LYS A 505 15.16 -35.72 20.55
CA LYS A 505 15.68 -36.06 19.22
C LYS A 505 14.58 -36.50 18.25
N LEU A 506 13.64 -35.58 18.00
CA LEU A 506 12.48 -35.90 17.18
C LEU A 506 12.62 -35.40 15.75
N VAL A 507 13.72 -34.70 15.48
CA VAL A 507 13.97 -34.14 14.15
C VAL A 507 14.30 -35.22 13.14
N VAL A 508 13.52 -35.26 12.06
CA VAL A 508 13.84 -36.08 10.90
C VAL A 508 13.76 -35.21 9.65
N GLY A 509 14.80 -35.26 8.83
CA GLY A 509 14.88 -34.41 7.65
C GLY A 509 15.27 -33.00 8.02
N SER A 510 14.46 -32.03 7.56
CA SER A 510 14.75 -30.62 7.80
C SER A 510 14.77 -30.27 9.27
N GLN A 511 15.62 -29.31 9.64
CA GLN A 511 15.67 -28.80 11.00
C GLN A 511 14.40 -28.03 11.31
N ALA A 512 13.41 -28.71 11.88
CA ALA A 512 12.11 -28.11 12.11
C ALA A 512 11.61 -28.33 13.55
N ARG A 513 10.64 -27.53 13.95
CA ARG A 513 10.07 -27.60 15.28
C ARG A 513 8.60 -27.21 15.26
N ILE A 514 7.82 -27.77 16.19
CA ILE A 514 6.41 -27.42 16.28
C ILE A 514 6.01 -27.20 17.74
N LEU A 515 5.06 -26.28 17.95
CA LEU A 515 4.45 -26.06 19.26
C LEU A 515 3.10 -25.38 19.09
N TYR A 516 2.39 -25.18 20.18
CA TYR A 516 1.14 -24.44 20.14
C TYR A 516 1.33 -23.02 20.65
N ALA A 517 0.72 -22.06 19.98
CA ALA A 517 0.75 -20.67 20.40
C ALA A 517 -0.48 -19.93 19.89
N ASP A 518 -0.95 -18.95 20.64
CA ASP A 518 -2.12 -18.18 20.23
C ASP A 518 -1.70 -17.03 19.32
N CYS A 519 -2.59 -16.05 19.16
CA CYS A 519 -2.36 -14.96 18.22
C CYS A 519 -1.08 -14.18 18.52
N GLU A 520 -1.01 -13.58 19.70
CA GLU A 520 0.14 -12.78 20.09
C GLU A 520 1.40 -13.64 20.21
N GLY A 521 1.22 -14.90 20.58
CA GLY A 521 2.32 -15.84 20.70
C GLY A 521 3.01 -16.09 19.37
N ARG A 522 2.22 -16.44 18.36
CA ARG A 522 2.76 -16.69 17.03
C ARG A 522 3.41 -15.42 16.47
N GLN A 523 2.73 -14.28 16.65
CA GLN A 523 3.24 -13.00 16.16
C GLN A 523 4.59 -12.65 16.74
N THR A 524 4.72 -12.77 18.06
CA THR A 524 5.92 -12.35 18.77
C THR A 524 7.11 -13.27 18.47
N ILE A 525 6.86 -14.58 18.43
CA ILE A 525 7.90 -15.53 18.08
C ILE A 525 8.38 -15.28 16.65
N ALA A 526 7.44 -15.01 15.76
CA ALA A 526 7.76 -14.70 14.37
C ALA A 526 8.67 -13.47 14.26
N LYS A 527 8.30 -12.42 14.98
CA LYS A 527 9.07 -11.18 14.99
C LYS A 527 10.47 -11.41 15.55
N ASN A 528 10.56 -12.17 16.63
CA ASN A 528 11.85 -12.47 17.23
C ASN A 528 12.72 -13.35 16.32
N PHE A 529 12.08 -14.29 15.64
CA PHE A 529 12.77 -15.09 14.63
C PHE A 529 13.35 -14.20 13.54
N ASN A 530 12.50 -13.34 13.00
CA ASN A 530 12.88 -12.44 11.90
C ASN A 530 14.00 -11.49 12.30
N ASP A 531 13.98 -11.04 13.56
CA ASP A 531 15.06 -10.21 14.08
C ASP A 531 16.37 -10.97 14.08
N ALA A 532 16.30 -12.25 14.43
CA ALA A 532 17.49 -13.09 14.52
C ALA A 532 18.07 -13.39 13.15
N VAL A 533 17.21 -13.47 12.14
CA VAL A 533 17.66 -13.71 10.77
C VAL A 533 18.40 -12.48 10.25
N ARG A 534 17.86 -11.30 10.53
CA ARG A 534 18.47 -10.05 10.09
C ARG A 534 19.80 -9.79 10.79
N ASP A 535 19.83 -10.04 12.10
CA ASP A 535 21.04 -9.81 12.89
C ASP A 535 22.18 -10.76 12.51
N GLY A 536 21.82 -11.95 12.06
CA GLY A 536 22.81 -12.94 11.66
C GLY A 536 23.02 -14.00 12.71
N ARG A 537 22.22 -13.96 13.78
CA ARG A 537 22.26 -14.99 14.80
C ARG A 537 21.78 -16.31 14.22
N LEU A 538 20.72 -16.25 13.41
CA LEU A 538 20.29 -17.39 12.61
C LEU A 538 20.99 -17.32 11.26
N LYS A 539 21.50 -18.46 10.80
CA LYS A 539 22.35 -18.49 9.61
C LYS A 539 21.55 -18.48 8.31
N GLY A 540 20.24 -18.63 8.41
CA GLY A 540 19.38 -18.63 7.24
C GLY A 540 17.95 -18.27 7.57
N PRO A 541 17.16 -17.91 6.55
CA PRO A 541 15.74 -17.57 6.74
C PRO A 541 14.95 -18.69 7.40
N VAL A 542 13.83 -18.34 8.02
CA VAL A 542 12.99 -19.30 8.72
C VAL A 542 11.60 -19.37 8.09
N VAL A 543 11.17 -20.58 7.71
CA VAL A 543 9.85 -20.78 7.13
C VAL A 543 8.82 -21.09 8.21
N LEU A 544 7.87 -20.18 8.40
CA LEU A 544 6.77 -20.43 9.32
C LEU A 544 5.70 -21.24 8.61
N SER A 545 5.02 -22.12 9.34
CA SER A 545 3.97 -22.94 8.77
C SER A 545 3.11 -23.53 9.88
N ARG A 546 2.25 -24.48 9.50
CA ARG A 546 1.42 -25.19 10.46
C ARG A 546 0.70 -26.37 9.85
N ASP A 547 0.32 -27.32 10.69
CA ASP A 547 -0.62 -28.36 10.32
C ASP A 547 -1.97 -27.69 10.10
N HIS A 548 -2.91 -28.39 9.50
CA HIS A 548 -4.23 -27.82 9.29
C HIS A 548 -5.14 -28.10 10.48
N HIS A 549 -4.59 -28.83 11.46
CA HIS A 549 -5.30 -29.08 12.70
C HIS A 549 -5.22 -27.85 13.59
N ASP A 550 -5.88 -26.77 13.17
CA ASP A 550 -5.76 -25.47 13.84
C ASP A 550 -7.13 -24.83 14.06
N VAL A 551 -7.11 -23.63 14.62
CA VAL A 551 -8.31 -22.90 15.00
C VAL A 551 -9.18 -22.47 13.81
N SER A 552 -8.56 -21.98 12.75
CA SER A 552 -9.30 -21.35 11.65
C SER A 552 -9.23 -22.11 10.33
N GLY A 553 -8.18 -22.89 10.15
CA GLY A 553 -7.89 -23.46 8.85
C GLY A 553 -8.73 -24.64 8.37
N THR A 554 -9.52 -25.23 9.27
CA THR A 554 -10.21 -26.46 8.91
C THR A 554 -11.66 -26.56 9.40
N ASP A 555 -12.56 -26.81 8.46
CA ASP A 555 -13.92 -27.19 8.80
C ASP A 555 -14.04 -28.71 8.74
N SER A 556 -14.39 -29.31 9.87
CA SER A 556 -14.49 -30.76 9.99
C SER A 556 -15.45 -31.14 11.10
N PRO A 557 -16.67 -31.57 10.74
CA PRO A 557 -17.73 -31.89 11.72
C PRO A 557 -17.33 -32.99 12.69
N PHE A 558 -16.38 -33.84 12.31
CA PHE A 558 -15.95 -34.94 13.17
C PHE A 558 -14.74 -34.58 14.01
N ARG A 559 -14.09 -33.44 13.72
CA ARG A 559 -12.86 -33.09 14.42
C ARG A 559 -12.73 -31.60 14.75
N GLU A 560 -12.07 -30.86 13.87
CA GLU A 560 -11.64 -29.49 14.17
C GLU A 560 -12.78 -28.52 14.48
N THR A 561 -14.00 -28.86 14.07
CA THR A 561 -15.17 -28.04 14.39
C THR A 561 -16.27 -28.90 15.01
N SER A 562 -15.86 -29.91 15.77
CA SER A 562 -16.80 -30.87 16.34
C SER A 562 -17.49 -30.36 17.61
N ASP A 563 -16.94 -29.30 18.20
CA ASP A 563 -17.53 -28.76 19.43
C ASP A 563 -18.40 -27.54 19.14
N LEU A 564 -18.69 -27.30 17.86
CA LEU A 564 -19.60 -26.23 17.47
C LEU A 564 -21.00 -26.80 17.25
N TYR A 565 -21.95 -26.32 18.05
CA TYR A 565 -23.29 -26.91 18.06
C TYR A 565 -24.37 -25.97 17.54
N ASP A 566 -23.97 -24.96 16.77
CA ASP A 566 -24.94 -24.04 16.20
C ASP A 566 -25.46 -24.58 14.86
N GLY A 567 -24.91 -25.72 14.45
CA GLY A 567 -25.33 -26.37 13.22
C GLY A 567 -24.39 -26.12 12.06
N SER A 568 -23.47 -25.18 12.24
CA SER A 568 -22.61 -24.72 11.14
C SER A 568 -21.39 -25.60 10.90
N SER A 569 -21.24 -26.66 11.69
CA SER A 569 -20.06 -27.52 11.57
C SER A 569 -19.99 -28.22 10.21
N LEU A 570 -21.13 -28.28 9.53
CA LEU A 570 -21.20 -28.88 8.20
C LEU A 570 -20.74 -27.89 7.12
N THR A 571 -20.71 -26.62 7.48
CA THR A 571 -20.32 -25.57 6.52
C THR A 571 -18.82 -25.51 6.34
N ALA A 572 -18.39 -24.89 5.24
CA ALA A 572 -16.97 -24.74 4.95
C ALA A 572 -16.60 -23.28 4.69
N ASP A 573 -17.43 -22.36 5.18
CA ASP A 573 -17.16 -20.93 5.01
C ASP A 573 -15.83 -20.54 5.65
N MET A 574 -15.62 -20.97 6.88
CA MET A 574 -14.43 -20.58 7.65
C MET A 574 -13.12 -20.97 6.96
N ALA A 575 -13.03 -22.19 6.46
CA ALA A 575 -11.81 -22.68 5.83
C ALA A 575 -11.50 -21.93 4.54
N VAL A 576 -12.54 -21.68 3.74
CA VAL A 576 -12.37 -20.96 2.48
C VAL A 576 -12.01 -19.50 2.75
N GLN A 577 -12.67 -18.90 3.73
CA GLN A 577 -12.37 -17.53 4.16
C GLN A 577 -10.93 -17.39 4.62
N ASN A 578 -10.45 -18.39 5.35
CA ASN A 578 -9.13 -18.31 5.97
C ASN A 578 -7.99 -18.32 4.95
N VAL A 579 -8.06 -19.24 3.99
CA VAL A 579 -6.99 -19.34 2.99
C VAL A 579 -6.97 -18.11 2.09
N ILE A 580 -8.13 -17.57 1.77
CA ILE A 580 -8.22 -16.36 0.98
C ILE A 580 -7.64 -15.18 1.75
N GLY A 581 -8.01 -15.08 3.02
CA GLY A 581 -7.52 -14.00 3.88
C GLY A 581 -6.02 -14.03 4.08
N ASP A 582 -5.46 -15.24 4.20
CA ASP A 582 -4.01 -15.38 4.31
C ASP A 582 -3.33 -14.96 3.01
N ALA A 583 -4.01 -15.23 1.90
CA ALA A 583 -3.42 -15.05 0.57
C ALA A 583 -3.14 -13.59 0.22
N PHE A 584 -3.96 -12.66 0.71
CA PHE A 584 -3.69 -11.25 0.43
C PHE A 584 -3.11 -10.52 1.63
N ARG A 585 -2.65 -11.28 2.62
CA ARG A 585 -2.03 -10.69 3.81
C ARG A 585 -0.56 -11.05 3.95
N GLY A 586 0.04 -11.60 2.89
CA GLY A 586 1.47 -11.76 2.84
C GLY A 586 2.01 -13.18 3.03
N ALA A 587 1.14 -14.18 2.91
CA ALA A 587 1.60 -15.56 2.97
C ALA A 587 2.53 -15.83 1.80
N THR A 588 3.53 -16.68 2.02
CA THR A 588 4.49 -17.01 0.97
C THR A 588 3.92 -18.09 0.06
N TRP A 589 3.14 -18.99 0.66
CA TRP A 589 2.21 -19.81 -0.12
C TRP A 589 1.10 -20.36 0.76
N VAL A 590 -0.06 -20.56 0.14
CA VAL A 590 -1.24 -21.04 0.84
C VAL A 590 -1.74 -22.32 0.21
N SER A 591 -2.56 -23.05 0.97
CA SER A 591 -3.08 -24.32 0.48
C SER A 591 -4.51 -24.52 0.95
N LEU A 592 -5.37 -25.00 0.05
CA LEU A 592 -6.70 -25.44 0.44
C LEU A 592 -6.88 -26.88 -0.01
N HIS A 593 -7.11 -27.76 0.96
CA HIS A 593 -7.19 -29.18 0.69
C HIS A 593 -8.59 -29.74 0.95
N ASN A 594 -8.87 -30.88 0.34
CA ASN A 594 -10.11 -31.60 0.59
C ASN A 594 -9.85 -32.88 1.38
N GLY A 595 -10.45 -32.97 2.55
CA GLY A 595 -10.46 -34.21 3.31
C GLY A 595 -9.31 -34.44 4.28
N GLY A 596 -8.65 -33.36 4.68
CA GLY A 596 -7.57 -33.48 5.64
C GLY A 596 -8.05 -33.98 6.99
N GLY A 597 -7.27 -34.85 7.61
CA GLY A 597 -7.60 -35.39 8.92
C GLY A 597 -8.58 -36.54 8.87
N THR A 598 -9.87 -36.22 8.71
CA THR A 598 -10.92 -37.23 8.75
C THR A 598 -10.99 -38.08 7.49
N GLY A 599 -10.96 -37.44 6.33
CA GLY A 599 -10.99 -38.17 5.07
C GLY A 599 -11.67 -37.43 3.93
N TRP A 600 -11.42 -37.92 2.72
CA TRP A 600 -11.93 -37.34 1.47
C TRP A 600 -13.42 -37.02 1.53
N GLY A 601 -13.75 -35.74 1.42
CA GLY A 601 -15.13 -35.29 1.40
C GLY A 601 -15.70 -35.00 2.78
N GLU A 602 -14.95 -35.34 3.82
CA GLU A 602 -15.44 -35.20 5.18
C GLU A 602 -14.82 -33.99 5.90
N ALA A 603 -14.05 -33.19 5.15
CA ALA A 603 -13.43 -32.00 5.72
C ALA A 603 -12.90 -31.08 4.63
N THR A 604 -12.80 -29.80 4.96
CA THR A 604 -12.14 -28.81 4.11
C THR A 604 -11.07 -28.10 4.93
N ASN A 605 -9.81 -28.34 4.58
CA ASN A 605 -8.70 -27.84 5.39
C ASN A 605 -7.73 -26.94 4.60
N GLY A 606 -7.26 -25.88 5.24
CA GLY A 606 -6.35 -24.95 4.62
C GLY A 606 -5.14 -24.65 5.48
N GLY A 607 -4.05 -24.22 4.83
CA GLY A 607 -2.83 -23.91 5.55
C GLY A 607 -2.00 -22.83 4.87
N PHE A 608 -0.83 -22.56 5.43
CA PHE A 608 0.03 -21.52 4.91
C PHE A 608 1.49 -21.82 5.19
N CYS A 609 2.37 -21.16 4.43
CA CYS A 609 3.76 -21.03 4.81
C CYS A 609 4.18 -19.59 4.63
N LEU A 610 5.07 -19.12 5.51
CA LEU A 610 5.54 -17.74 5.46
C LEU A 610 7.02 -17.69 5.76
N VAL A 611 7.80 -17.19 4.82
CA VAL A 611 9.25 -17.13 4.97
C VAL A 611 9.69 -15.86 5.68
N LEU A 612 10.47 -16.03 6.74
CA LEU A 612 11.05 -14.90 7.46
C LEU A 612 12.49 -14.70 7.02
N ASP A 613 12.77 -13.59 6.34
CA ASP A 613 14.11 -13.35 5.81
C ASP A 613 14.82 -12.20 6.52
N GLY A 614 14.16 -11.62 7.51
CA GLY A 614 14.75 -10.55 8.29
C GLY A 614 14.31 -9.17 7.84
N SER A 615 13.61 -9.10 6.71
CA SER A 615 13.21 -7.82 6.14
C SER A 615 12.00 -7.22 6.83
N ALA A 616 11.74 -5.95 6.55
CA ALA A 616 10.56 -5.27 7.06
C ALA A 616 9.30 -5.87 6.43
N ASP A 617 9.43 -6.34 5.20
CA ASP A 617 8.33 -6.97 4.49
C ASP A 617 7.86 -8.22 5.22
N ALA A 618 8.78 -9.12 5.52
CA ALA A 618 8.47 -10.37 6.21
C ALA A 618 7.83 -10.10 7.58
N GLU A 619 8.41 -9.18 8.33
CA GLU A 619 7.89 -8.81 9.64
C GLU A 619 6.47 -8.29 9.53
N ARG A 620 6.22 -7.45 8.54
CA ARG A 620 4.91 -6.87 8.31
C ARG A 620 3.89 -7.92 7.90
N ARG A 621 4.28 -8.79 6.97
CA ARG A 621 3.41 -9.86 6.49
C ARG A 621 3.08 -10.84 7.62
N ALA A 622 4.09 -11.20 8.39
CA ALA A 622 3.92 -12.16 9.48
C ALA A 622 2.93 -11.63 10.51
N LYS A 623 3.10 -10.38 10.91
CA LYS A 623 2.23 -9.77 11.91
C LYS A 623 0.78 -9.74 11.46
N LEU A 624 0.55 -9.35 10.21
CA LEU A 624 -0.80 -9.20 9.68
C LEU A 624 -1.47 -10.55 9.39
N MET A 625 -0.74 -11.44 8.73
CA MET A 625 -1.32 -12.72 8.31
C MET A 625 -1.62 -13.62 9.49
N LEU A 626 -0.69 -13.69 10.44
CA LEU A 626 -0.88 -14.53 11.62
C LEU A 626 -2.05 -14.06 12.48
N LEU A 627 -2.30 -12.75 12.46
CA LEU A 627 -3.43 -12.20 13.18
C LEU A 627 -4.74 -12.73 12.60
N TRP A 628 -4.85 -12.69 11.29
CA TRP A 628 -6.05 -13.19 10.62
C TRP A 628 -6.17 -14.71 10.72
N ASP A 629 -5.06 -15.40 10.51
CA ASP A 629 -5.05 -16.86 10.50
C ASP A 629 -5.51 -17.44 11.84
N VAL A 630 -5.40 -16.64 12.89
CA VAL A 630 -5.83 -17.08 14.22
C VAL A 630 -7.21 -16.54 14.58
N LEU A 631 -7.36 -15.21 14.51
CA LEU A 631 -8.56 -14.55 15.02
C LEU A 631 -9.81 -14.82 14.19
N ASN A 632 -9.63 -15.22 12.93
CA ASN A 632 -10.75 -15.60 12.09
C ASN A 632 -11.54 -16.74 12.72
N GLY A 633 -10.84 -17.82 13.05
CA GLY A 633 -11.46 -18.98 13.64
C GLY A 633 -11.88 -18.75 15.09
N VAL A 634 -11.13 -17.92 15.81
CA VAL A 634 -11.51 -17.55 17.16
C VAL A 634 -12.88 -16.87 17.13
N THR A 635 -13.03 -15.91 16.25
CA THR A 635 -14.28 -15.16 16.11
C THR A 635 -15.43 -16.06 15.65
N ARG A 636 -15.17 -16.94 14.69
CA ARG A 636 -16.19 -17.87 14.22
C ARG A 636 -16.65 -18.78 15.35
N ARG A 637 -15.69 -19.39 16.04
CA ARG A 637 -15.99 -20.31 17.13
C ARG A 637 -16.74 -19.63 18.26
N ALA A 638 -16.41 -18.37 18.50
CA ALA A 638 -17.15 -17.56 19.47
C ALA A 638 -18.58 -17.36 18.98
N TRP A 639 -18.72 -17.05 17.70
CA TRP A 639 -20.04 -16.84 17.10
C TRP A 639 -20.85 -18.13 17.10
N SER A 640 -20.18 -19.25 16.88
CA SER A 640 -20.85 -20.55 16.85
C SER A 640 -21.22 -21.05 18.25
N GLY A 641 -20.72 -20.37 19.27
CA GLY A 641 -21.17 -20.64 20.63
C GLY A 641 -20.13 -21.12 21.63
N ASN A 642 -18.85 -21.02 21.29
CA ASN A 642 -17.80 -21.44 22.22
C ASN A 642 -17.45 -20.32 23.21
N ALA A 643 -17.55 -20.62 24.49
CA ALA A 643 -17.34 -19.63 25.54
C ALA A 643 -15.88 -19.17 25.63
N CYS A 644 -14.95 -20.08 25.38
CA CYS A 644 -13.53 -19.74 25.41
C CYS A 644 -13.18 -18.80 24.26
N GLY A 645 -13.77 -19.06 23.10
CA GLY A 645 -13.57 -18.18 21.95
C GLY A 645 -14.11 -16.80 22.22
N HIS A 646 -15.26 -16.75 22.89
CA HIS A 646 -15.91 -15.49 23.24
C HIS A 646 -14.99 -14.61 24.09
N GLU A 647 -14.36 -15.21 25.09
CA GLU A 647 -13.46 -14.48 25.99
C GLU A 647 -12.20 -14.00 25.26
N ALA A 648 -11.63 -14.88 24.44
CA ALA A 648 -10.43 -14.55 23.70
C ALA A 648 -10.71 -13.49 22.64
N MET A 649 -11.88 -13.58 22.02
CA MET A 649 -12.31 -12.64 21.01
C MET A 649 -12.40 -11.22 21.56
N LEU A 650 -12.99 -11.08 22.73
CA LEU A 650 -13.19 -9.78 23.35
C LEU A 650 -11.87 -9.12 23.71
N ARG A 651 -10.92 -9.91 24.19
CA ARG A 651 -9.60 -9.39 24.53
C ARG A 651 -8.86 -8.90 23.27
N ALA A 652 -9.02 -9.65 22.19
CA ALA A 652 -8.38 -9.29 20.92
C ALA A 652 -8.98 -8.01 20.35
N VAL A 653 -10.30 -7.91 20.36
CA VAL A 653 -11.01 -6.73 19.86
C VAL A 653 -10.54 -5.48 20.58
N SER A 654 -10.32 -5.60 21.89
CA SER A 654 -9.83 -4.48 22.68
C SER A 654 -8.35 -4.19 22.40
N ARG A 655 -7.60 -5.22 22.03
CA ARG A 655 -6.16 -5.09 21.82
C ARG A 655 -5.81 -4.65 20.41
N VAL A 656 -6.57 -5.13 19.44
CA VAL A 656 -6.22 -4.94 18.04
C VAL A 656 -6.95 -3.77 17.38
N GLU A 657 -6.18 -2.82 16.85
CA GLU A 657 -6.74 -1.71 16.10
C GLU A 657 -7.16 -2.17 14.71
N GLY A 658 -8.43 -1.91 14.37
CA GLY A 658 -8.95 -2.33 13.09
C GLY A 658 -9.75 -3.62 13.20
N LEU A 659 -9.85 -4.13 14.43
CA LEU A 659 -10.62 -5.35 14.68
C LEU A 659 -11.95 -5.02 15.34
N HIS A 660 -13.04 -5.35 14.65
CA HIS A 660 -14.39 -5.13 15.15
C HIS A 660 -15.31 -6.21 14.61
N VAL A 661 -15.73 -7.12 15.50
CA VAL A 661 -16.49 -8.29 15.07
C VAL A 661 -17.87 -8.36 15.71
N THR A 662 -18.71 -9.25 15.18
CA THR A 662 -20.06 -9.42 15.69
C THR A 662 -20.07 -10.30 16.92
N VAL A 663 -20.45 -9.73 18.05
CA VAL A 663 -20.49 -10.44 19.32
C VAL A 663 -21.85 -11.11 19.51
N PRO A 664 -21.86 -12.45 19.60
CA PRO A 664 -23.09 -13.23 19.72
C PRO A 664 -23.77 -13.06 21.08
N GLN A 665 -25.09 -12.90 21.06
CA GLN A 665 -25.88 -12.83 22.29
C GLN A 665 -26.64 -14.14 22.47
N HIS A 666 -26.23 -14.92 23.47
CA HIS A 666 -26.80 -16.25 23.67
C HIS A 666 -28.10 -16.21 24.45
N VAL A 667 -29.14 -16.81 23.89
CA VAL A 667 -30.44 -16.88 24.53
C VAL A 667 -30.47 -18.03 25.53
N HIS A 668 -31.27 -17.89 26.58
CA HIS A 668 -31.47 -18.95 27.54
C HIS A 668 -32.39 -20.01 26.95
N PRO A 669 -32.02 -21.29 27.08
CA PRO A 669 -32.80 -22.41 26.52
C PRO A 669 -34.21 -22.52 27.10
N ASP A 670 -34.44 -21.93 28.27
CA ASP A 670 -35.76 -21.93 28.88
C ASP A 670 -36.74 -21.12 28.04
N VAL A 671 -36.21 -20.13 27.32
CA VAL A 671 -37.03 -19.32 26.42
C VAL A 671 -37.52 -20.16 25.25
N LEU A 672 -36.68 -21.08 24.79
CA LEU A 672 -37.02 -21.96 23.68
C LEU A 672 -38.19 -22.87 24.03
CA SER B 3 -33.34 9.60 -0.73
C SER B 3 -32.04 10.38 -0.59
N MET B 4 -32.07 11.44 0.21
CA MET B 4 -30.90 12.30 0.41
C MET B 4 -29.85 11.61 1.26
N LYS B 5 -28.78 12.34 1.57
CA LYS B 5 -27.71 11.81 2.40
C LYS B 5 -28.15 11.75 3.86
N LYS B 6 -29.20 12.49 4.19
CA LYS B 6 -29.72 12.56 5.55
C LYS B 6 -30.43 11.27 5.95
N VAL B 7 -31.26 10.74 5.06
CA VAL B 7 -32.05 9.55 5.35
C VAL B 7 -31.17 8.30 5.37
N LEU B 8 -30.08 8.33 4.62
CA LEU B 8 -29.20 7.16 4.51
C LEU B 8 -28.24 7.02 5.69
N THR B 9 -28.31 7.96 6.63
CA THR B 9 -27.47 7.89 7.83
C THR B 9 -27.82 6.67 8.68
N SER B 10 -29.04 6.17 8.49
CA SER B 10 -29.51 5.00 9.22
C SER B 10 -28.72 3.74 8.87
N LEU B 11 -28.06 3.77 7.72
CA LEU B 11 -27.27 2.63 7.25
C LEU B 11 -26.06 2.34 8.14
N ALA B 12 -25.69 3.32 8.97
CA ALA B 12 -24.55 3.17 9.86
C ALA B 12 -24.97 2.68 11.24
N VAL B 13 -26.28 2.65 11.48
CA VAL B 13 -26.81 2.28 12.79
C VAL B 13 -26.55 0.81 13.13
N GLY B 14 -26.84 -0.07 12.18
CA GLY B 14 -26.77 -1.50 12.44
C GLY B 14 -28.07 -1.97 13.05
N ILE B 15 -27.97 -2.67 14.17
CA ILE B 15 -29.16 -3.09 14.92
C ILE B 15 -29.67 -1.93 15.76
N PRO B 16 -30.83 -1.37 15.39
CA PRO B 16 -31.38 -0.19 16.08
C PRO B 16 -31.70 -0.47 17.54
N SER B 17 -31.45 0.52 18.40
CA SER B 17 -31.78 0.41 19.81
C SER B 17 -32.53 1.66 20.26
N PRO B 18 -33.82 1.49 20.63
CA PRO B 18 -34.56 0.23 20.66
C PRO B 18 -34.95 -0.27 19.27
N LEU B 19 -35.34 -1.54 19.20
CA LEU B 19 -35.71 -2.16 17.93
C LEU B 19 -36.89 -1.46 17.26
N PRO B 20 -36.91 -1.48 15.91
CA PRO B 20 -38.05 -0.97 15.15
C PRO B 20 -39.32 -1.74 15.49
N PRO B 21 -40.50 -1.13 15.24
CA PRO B 21 -41.76 -1.84 15.50
C PRO B 21 -41.91 -3.06 14.60
N PRO B 22 -42.58 -4.11 15.10
CA PRO B 22 -42.81 -5.33 14.32
C PRO B 22 -43.78 -5.10 13.17
N CYS B 23 -43.80 -6.02 12.21
CA CYS B 23 -44.71 -5.91 11.08
C CYS B 23 -45.88 -6.87 11.23
C GLU B 25 -47.42 -7.76 7.73
N LEU B 26 -47.69 -7.61 6.44
CA LEU B 26 -46.72 -7.94 5.41
C LEU B 26 -46.99 -7.17 4.12
N ASP B 27 -45.98 -6.45 3.65
CA ASP B 27 -46.10 -5.64 2.44
C ASP B 27 -46.34 -6.53 1.22
N GLU B 28 -47.58 -6.53 0.73
CA GLU B 28 -47.96 -7.40 -0.38
C GLU B 28 -47.87 -6.68 -1.73
N SER B 29 -47.26 -5.50 -1.74
CA SER B 29 -47.09 -4.74 -2.97
C SER B 29 -45.99 -5.36 -3.84
N VAL B 30 -45.19 -6.22 -3.24
CA VAL B 30 -44.14 -6.92 -3.95
C VAL B 30 -44.41 -8.42 -3.96
N PRO B 31 -43.85 -9.14 -4.94
CA PRO B 31 -43.94 -10.61 -4.91
C PRO B 31 -43.12 -11.18 -3.75
N HIS B 32 -43.64 -12.22 -3.10
CA HIS B 32 -42.94 -12.81 -1.97
C HIS B 32 -42.54 -14.25 -2.25
N ALA B 33 -41.42 -14.66 -1.65
CA ALA B 33 -40.92 -16.02 -1.81
C ALA B 33 -41.92 -17.04 -1.30
N PRO B 34 -41.97 -18.21 -1.96
CA PRO B 34 -42.84 -19.29 -1.46
C PRO B 34 -42.38 -19.76 -0.09
N LYS B 35 -43.29 -20.32 0.69
CA LYS B 35 -42.96 -20.81 2.02
C LYS B 35 -41.90 -21.91 1.93
N ARG B 36 -40.85 -21.76 2.74
CA ARG B 36 -39.79 -22.75 2.78
C ARG B 36 -40.24 -23.95 3.61
N THR B 37 -39.77 -25.14 3.24
CA THR B 37 -40.13 -26.35 3.95
C THR B 37 -38.89 -27.15 4.38
N PRO B 38 -38.18 -26.65 5.40
CA PRO B 38 -36.96 -27.31 5.86
C PRO B 38 -37.26 -28.57 6.68
N ASN B 39 -38.48 -28.68 7.19
CA ASN B 39 -38.88 -29.79 8.04
C ASN B 39 -37.93 -29.99 9.21
N LEU B 40 -37.75 -28.93 10.00
CA LEU B 40 -36.81 -28.97 11.12
C LEU B 40 -37.34 -29.79 12.29
N SER B 41 -36.48 -30.62 12.86
CA SER B 41 -36.79 -31.35 14.07
C SER B 41 -36.92 -30.34 15.23
N PRO B 42 -37.54 -30.76 16.35
CA PRO B 42 -37.64 -29.88 17.51
C PRO B 42 -36.30 -29.31 17.97
N ALA B 43 -35.23 -30.09 17.82
CA ALA B 43 -33.90 -29.65 18.21
C ALA B 43 -33.38 -28.56 17.28
N ASP B 44 -33.47 -28.80 15.97
CA ASP B 44 -32.98 -27.84 14.98
C ASP B 44 -33.82 -26.56 14.98
N ARG B 45 -35.11 -26.69 15.22
CA ARG B 45 -36.00 -25.53 15.24
C ARG B 45 -35.65 -24.63 16.42
N ARG B 46 -35.30 -25.24 17.55
CA ARG B 46 -34.88 -24.49 18.72
C ARG B 46 -33.54 -23.80 18.45
N GLN B 47 -32.66 -24.50 17.75
CA GLN B 47 -31.36 -23.95 17.40
C GLN B 47 -31.50 -22.82 16.39
N ALA B 48 -32.45 -22.98 15.46
CA ALA B 48 -32.71 -21.98 14.44
C ALA B 48 -33.11 -20.65 15.08
N ILE B 49 -33.93 -20.72 16.11
CA ILE B 49 -34.36 -19.54 16.85
C ILE B 49 -33.18 -18.94 17.62
N ALA B 50 -32.43 -19.81 18.30
CA ALA B 50 -31.27 -19.39 19.06
C ALA B 50 -30.24 -18.69 18.18
N ASN B 51 -29.99 -19.26 17.00
CA ASN B 51 -29.08 -18.67 16.03
C ASN B 51 -29.52 -17.27 15.62
N ALA B 52 -30.81 -17.11 15.36
CA ALA B 52 -31.37 -15.84 14.96
C ALA B 52 -31.28 -14.80 16.08
N LEU B 53 -31.45 -15.27 17.32
CA LEU B 53 -31.44 -14.39 18.49
C LEU B 53 -30.04 -13.90 18.84
N ARG B 54 -29.02 -14.49 18.22
CA ARG B 54 -27.64 -14.10 18.47
C ARG B 54 -27.38 -12.64 18.10
N TYR B 55 -28.19 -12.11 17.19
CA TYR B 55 -27.98 -10.76 16.67
C TYR B 55 -28.60 -9.67 17.55
N PHE B 56 -29.31 -10.07 18.60
CA PHE B 56 -30.11 -9.11 19.36
C PHE B 56 -29.80 -9.07 20.85
N ASN B 57 -29.97 -7.89 21.44
CA ASN B 57 -29.86 -7.71 22.88
C ASN B 57 -30.76 -8.69 23.62
N THR B 58 -30.24 -9.25 24.70
CA THR B 58 -30.96 -10.27 25.47
C THR B 58 -32.31 -9.77 25.99
N ALA B 59 -32.43 -8.46 26.17
CA ALA B 59 -33.67 -7.87 26.67
C ALA B 59 -34.80 -7.96 25.65
N ASP B 60 -34.45 -8.32 24.41
CA ASP B 60 -35.43 -8.43 23.34
C ASP B 60 -35.67 -9.89 22.96
N HIS B 61 -34.99 -10.81 23.63
CA HIS B 61 -35.02 -12.22 23.24
C HIS B 61 -36.39 -12.87 23.38
N GLU B 62 -37.05 -12.65 24.52
CA GLU B 62 -38.32 -13.31 24.80
C GLU B 62 -39.41 -12.98 23.77
N VAL B 63 -39.49 -11.71 23.38
CA VAL B 63 -40.49 -11.30 22.40
C VAL B 63 -40.09 -11.71 20.98
N LEU B 64 -38.80 -11.62 20.67
CA LEU B 64 -38.31 -11.98 19.36
C LEU B 64 -38.35 -13.50 19.16
N ALA B 65 -38.28 -14.25 20.25
CA ALA B 65 -38.36 -15.71 20.19
C ALA B 65 -39.70 -16.15 19.64
N GLU B 66 -40.78 -15.57 20.16
CA GLU B 66 -42.12 -15.87 19.68
C GLU B 66 -42.30 -15.31 18.26
N GLU B 67 -41.75 -14.12 18.04
CA GLU B 67 -41.81 -13.47 16.74
C GLU B 67 -41.08 -14.28 15.68
N PHE B 68 -39.90 -14.78 16.01
CA PHE B 68 -39.12 -15.57 15.06
C PHE B 68 -39.70 -16.98 14.89
N SER B 69 -40.27 -17.52 15.96
CA SER B 69 -40.97 -18.80 15.88
C SER B 69 -42.18 -18.66 14.96
N ARG B 70 -42.81 -17.50 15.01
CA ARG B 70 -43.95 -17.19 14.15
C ARG B 70 -43.52 -17.16 12.69
N GLU B 71 -42.39 -16.51 12.42
CA GLU B 71 -41.88 -16.39 11.06
C GLU B 71 -41.59 -17.75 10.44
N LEU B 72 -41.10 -18.68 11.26
CA LEU B 72 -40.81 -20.04 10.81
C LEU B 72 -42.09 -20.80 10.45
N ASP B 73 -43.16 -20.56 11.22
CA ASP B 73 -44.41 -21.26 10.99
C ASP B 73 -45.17 -20.69 9.79
N GLU B 74 -45.00 -19.39 9.57
CA GLU B 74 -45.73 -18.70 8.52
C GLU B 74 -44.98 -18.68 7.19
N TYR B 75 -43.66 -18.52 7.26
CA TYR B 75 -42.86 -18.34 6.05
C TYR B 75 -41.82 -19.45 5.86
N GLY B 76 -41.57 -20.23 6.92
CA GLY B 76 -40.59 -21.30 6.85
C GLY B 76 -39.18 -20.79 7.02
N HIS B 77 -39.05 -19.50 7.29
CA HIS B 77 -37.74 -18.87 7.41
C HIS B 77 -37.80 -17.64 8.30
N ILE B 78 -36.77 -17.44 9.10
CA ILE B 78 -36.68 -16.26 9.95
C ILE B 78 -36.04 -15.12 9.16
N TYR B 79 -36.88 -14.30 8.54
CA TYR B 79 -36.40 -13.19 7.72
C TYR B 79 -36.11 -11.96 8.55
N MET B 80 -36.69 -11.92 9.76
CA MET B 80 -36.59 -10.76 10.65
C MET B 80 -37.13 -9.52 9.95
N TYR B 81 -38.41 -9.59 9.56
CA TYR B 81 -39.05 -8.55 8.76
C TYR B 81 -39.01 -7.16 9.41
N ARG B 82 -38.99 -7.11 10.74
CA ARG B 82 -39.06 -5.83 11.44
C ARG B 82 -37.78 -5.01 11.32
N LEU B 83 -36.72 -5.63 10.79
CA LEU B 83 -35.44 -4.95 10.64
C LEU B 83 -35.25 -4.38 9.24
N ARG B 84 -36.10 -4.78 8.31
CA ARG B 84 -36.05 -4.24 6.95
C ARG B 84 -36.41 -2.76 6.96
N PRO B 85 -35.45 -1.90 6.56
CA PRO B 85 -35.66 -0.45 6.54
C PRO B 85 -36.85 -0.05 5.67
N THR B 86 -37.67 0.86 6.15
CA THR B 86 -38.86 1.30 5.42
C THR B 86 -38.90 2.81 5.24
N GLN B 87 -37.91 3.50 5.79
CA GLN B 87 -37.89 4.96 5.76
C GLN B 87 -37.32 5.49 4.44
N TYR B 88 -36.92 4.59 3.56
CA TYR B 88 -36.42 4.99 2.24
C TYR B 88 -36.63 3.88 1.22
N GLU B 89 -36.64 4.26 -0.06
CA GLU B 89 -36.77 3.29 -1.14
C GLU B 89 -35.48 2.48 -1.29
N MET B 90 -35.59 1.17 -1.13
CA MET B 90 -34.43 0.29 -1.25
C MET B 90 -33.94 0.24 -2.70
N ARG B 91 -32.85 0.95 -2.97
CA ARG B 91 -32.28 1.00 -4.31
C ARG B 91 -30.87 1.55 -4.29
N ALA B 92 -30.18 1.45 -5.43
CA ALA B 92 -28.88 2.05 -5.58
C ALA B 92 -28.99 3.57 -5.60
N TYR B 93 -28.23 4.22 -4.73
CA TYR B 93 -28.19 5.68 -4.67
C TYR B 93 -26.83 6.15 -5.14
N PRO B 94 -26.73 7.43 -5.55
CA PRO B 94 -25.41 8.02 -5.86
C PRO B 94 -24.41 7.75 -4.75
N ILE B 95 -23.20 7.35 -5.13
CA ILE B 95 -22.19 6.90 -4.17
C ILE B 95 -21.85 7.97 -3.13
N THR B 96 -22.09 9.23 -3.49
CA THR B 96 -21.80 10.34 -2.59
C THR B 96 -22.92 10.59 -1.58
N ASP B 97 -23.97 9.78 -1.64
CA ASP B 97 -25.08 9.89 -0.70
C ASP B 97 -24.90 9.00 0.51
N TYR B 98 -23.91 8.11 0.46
CA TYR B 98 -23.69 7.15 1.53
C TYR B 98 -22.75 7.68 2.60
N PRO B 99 -23.17 7.56 3.88
CA PRO B 99 -22.36 8.01 5.01
C PRO B 99 -21.24 7.04 5.35
N ALA B 100 -20.35 6.80 4.40
CA ALA B 100 -19.28 5.84 4.58
C ALA B 100 -17.91 6.51 4.59
N LYS B 101 -16.98 5.92 5.34
CA LYS B 101 -15.60 6.41 5.37
C LYS B 101 -14.92 6.13 4.04
N SER B 102 -15.13 4.93 3.53
CA SER B 102 -14.46 4.48 2.31
C SER B 102 -15.37 4.57 1.09
N LYS B 103 -14.84 5.09 0.00
CA LYS B 103 -15.58 5.17 -1.25
C LYS B 103 -15.79 3.77 -1.82
N TYR B 104 -14.87 2.86 -1.50
CA TYR B 104 -14.95 1.48 -1.96
C TYR B 104 -16.09 0.75 -1.25
N ALA B 105 -16.19 0.96 0.06
CA ALA B 105 -17.28 0.38 0.83
C ALA B 105 -18.61 0.99 0.41
N ALA B 106 -18.59 2.28 0.09
CA ALA B 106 -19.78 2.98 -0.37
C ALA B 106 -20.26 2.37 -1.69
N ALA B 107 -19.32 2.05 -2.57
CA ALA B 107 -19.63 1.42 -3.84
C ALA B 107 -20.30 0.07 -3.61
N MET B 108 -19.81 -0.67 -2.63
CA MET B 108 -20.36 -1.99 -2.30
C MET B 108 -21.78 -1.87 -1.76
N MET B 109 -21.99 -0.89 -0.88
CA MET B 109 -23.31 -0.65 -0.32
C MET B 109 -24.33 -0.37 -1.42
N MET B 110 -23.90 0.39 -2.42
CA MET B 110 -24.73 0.71 -3.55
C MET B 110 -25.09 -0.55 -4.34
N MET B 111 -24.11 -1.42 -4.53
CA MET B 111 -24.31 -2.67 -5.25
C MET B 111 -25.27 -3.60 -4.50
N ILE B 112 -25.16 -3.62 -3.18
CA ILE B 112 -26.01 -4.45 -2.34
C ILE B 112 -27.47 -4.03 -2.44
N MET B 113 -27.71 -2.72 -2.29
CA MET B 113 -29.07 -2.19 -2.31
C MET B 113 -29.74 -2.37 -3.67
N ASN B 114 -28.92 -2.41 -4.73
CA ASN B 114 -29.45 -2.67 -6.06
C ASN B 114 -30.00 -4.10 -6.15
N ASN B 115 -29.28 -5.03 -5.54
CA ASN B 115 -29.72 -6.43 -5.48
C ASN B 115 -31.02 -6.59 -4.68
N LEU B 116 -31.34 -5.59 -3.87
CA LEU B 116 -32.53 -5.65 -3.02
C LEU B 116 -33.61 -4.68 -3.48
N ASP B 117 -33.38 -4.08 -4.64
CA ASP B 117 -34.34 -3.17 -5.27
C ASP B 117 -35.58 -3.94 -5.70
N ASN B 118 -36.75 -3.38 -5.39
CA ASN B 118 -38.03 -3.98 -5.79
C ASN B 118 -38.13 -4.18 -7.30
N ARG B 119 -37.49 -3.28 -8.05
CA ARG B 119 -37.52 -3.33 -9.50
C ARG B 119 -36.51 -4.33 -10.05
N VAL B 120 -35.60 -4.78 -9.19
CA VAL B 120 -34.52 -5.67 -9.62
C VAL B 120 -34.65 -7.08 -9.05
N ALA B 121 -34.82 -7.17 -7.73
CA ALA B 121 -34.88 -8.46 -7.05
C ALA B 121 -36.16 -9.21 -7.35
N MET B 122 -36.10 -10.54 -7.28
CA MET B 122 -37.26 -11.38 -7.50
C MET B 122 -38.18 -11.35 -6.28
N PHE B 123 -37.60 -11.61 -5.10
CA PHE B 123 -38.32 -11.51 -3.84
C PHE B 123 -37.58 -10.57 -2.89
N PRO B 124 -37.73 -9.26 -3.11
CA PRO B 124 -36.95 -8.22 -2.43
C PRO B 124 -36.99 -8.29 -0.90
N HIS B 125 -38.19 -8.43 -0.32
CA HIS B 125 -38.32 -8.42 1.13
C HIS B 125 -37.80 -9.71 1.77
N GLU B 126 -37.57 -10.73 0.95
CA GLU B 126 -36.99 -11.98 1.42
C GLU B 126 -35.50 -12.03 1.10
N LEU B 127 -34.98 -10.91 0.59
CA LEU B 127 -33.58 -10.77 0.21
C LEU B 127 -33.17 -11.76 -0.87
N ILE B 128 -34.13 -12.12 -1.73
CA ILE B 128 -33.86 -12.99 -2.86
C ILE B 128 -33.81 -12.20 -4.16
N THR B 129 -32.66 -12.22 -4.82
CA THR B 129 -32.48 -11.43 -6.04
C THR B 129 -33.06 -12.14 -7.26
N TYR B 130 -32.63 -13.38 -7.49
CA TYR B 130 -33.13 -14.16 -8.63
C TYR B 130 -32.95 -15.66 -8.41
N GLY B 131 -33.50 -16.44 -9.33
CA GLY B 131 -33.34 -17.89 -9.28
C GLY B 131 -34.15 -18.57 -8.20
N GLY B 132 -35.17 -17.89 -7.70
CA GLY B 132 -36.04 -18.47 -6.69
C GLY B 132 -35.50 -18.39 -5.27
N ASN B 133 -34.21 -18.73 -5.12
CA ASN B 133 -33.59 -18.72 -3.80
C ASN B 133 -32.16 -18.19 -3.84
N GLY B 134 -31.79 -17.53 -4.94
CA GLY B 134 -30.51 -16.87 -5.02
C GLY B 134 -30.54 -15.62 -4.14
N GLY B 135 -30.04 -15.76 -2.92
CA GLY B 135 -30.20 -14.73 -1.91
C GLY B 135 -29.04 -13.78 -1.72
N VAL B 136 -29.32 -12.67 -1.04
CA VAL B 136 -28.31 -11.66 -0.72
C VAL B 136 -27.82 -11.85 0.70
N PHE B 137 -28.77 -11.88 1.63
CA PHE B 137 -28.48 -12.21 3.02
C PHE B 137 -29.47 -13.25 3.50
N ASN B 138 -29.12 -13.97 4.56
CA ASN B 138 -30.03 -14.93 5.16
C ASN B 138 -31.21 -14.22 5.82
N ASN B 139 -30.92 -13.05 6.39
CA ASN B 139 -31.94 -12.26 7.09
C ASN B 139 -31.60 -10.78 7.12
N TRP B 140 -32.50 -9.97 7.67
CA TRP B 140 -32.33 -8.51 7.64
C TRP B 140 -31.41 -7.97 8.72
N ALA B 141 -31.03 -8.81 9.69
CA ALA B 141 -30.06 -8.40 10.69
C ALA B 141 -28.67 -8.36 10.05
N GLN B 142 -28.41 -9.34 9.20
CA GLN B 142 -27.15 -9.42 8.49
C GLN B 142 -26.99 -8.24 7.55
N PHE B 143 -28.09 -7.83 6.93
CA PHE B 143 -28.10 -6.63 6.10
C PHE B 143 -27.69 -5.42 6.94
N CYS B 144 -28.37 -5.24 8.07
CA CYS B 144 -28.14 -4.08 8.92
C CYS B 144 -26.72 -4.04 9.47
N LEU B 145 -26.21 -5.18 9.90
CA LEU B 145 -24.86 -5.24 10.46
C LEU B 145 -23.80 -5.04 9.39
N THR B 146 -24.02 -5.64 8.22
CA THR B 146 -23.09 -5.48 7.10
C THR B 146 -23.01 -4.02 6.67
N MET B 147 -24.18 -3.38 6.53
CA MET B 147 -24.23 -1.96 6.17
C MET B 147 -23.53 -1.10 7.22
N LYS B 148 -23.69 -1.47 8.49
CA LYS B 148 -23.03 -0.76 9.57
C LYS B 148 -21.51 -0.86 9.44
N TYR B 149 -21.03 -2.06 9.17
CA TYR B 149 -19.60 -2.29 9.00
C TYR B 149 -19.04 -1.52 7.81
N LEU B 150 -19.79 -1.50 6.72
CA LEU B 150 -19.34 -0.83 5.50
C LEU B 150 -19.29 0.69 5.67
N CYS B 151 -20.17 1.23 6.50
CA CYS B 151 -20.13 2.66 6.82
C CYS B 151 -18.94 2.99 7.72
N GLU B 152 -18.54 2.00 8.52
CA GLU B 152 -17.56 2.19 9.57
C GLU B 152 -16.13 1.87 9.13
N MET B 153 -16.01 0.90 8.22
CA MET B 153 -14.69 0.37 7.85
C MET B 153 -13.78 1.38 7.17
N THR B 154 -12.48 1.19 7.34
CA THR B 154 -11.48 1.97 6.62
C THR B 154 -10.95 1.13 5.45
N ASP B 155 -9.94 1.66 4.78
CA ASP B 155 -9.33 0.93 3.67
C ASP B 155 -8.20 0.03 4.16
N HIS B 156 -8.03 -0.04 5.47
CA HIS B 156 -7.07 -0.96 6.07
C HIS B 156 -7.81 -2.10 6.77
N GLN B 157 -9.07 -2.29 6.40
CA GLN B 157 -9.89 -3.34 6.97
C GLN B 157 -10.53 -4.18 5.89
N THR B 158 -10.93 -5.40 6.25
CA THR B 158 -11.61 -6.29 5.32
C THR B 158 -12.80 -6.97 6.00
N LEU B 159 -13.97 -6.87 5.39
CA LEU B 159 -15.17 -7.48 5.92
C LEU B 159 -15.28 -8.94 5.51
N ALA B 160 -15.44 -9.83 6.48
CA ALA B 160 -15.61 -11.25 6.20
C ALA B 160 -17.09 -11.62 6.29
N LEU B 161 -17.65 -12.08 5.18
CA LEU B 161 -19.06 -12.44 5.12
C LEU B 161 -19.25 -13.95 5.00
N TYR B 162 -19.77 -14.55 6.06
CA TYR B 162 -20.04 -15.99 6.11
C TYR B 162 -21.46 -16.31 5.67
N SER B 163 -21.66 -16.49 4.37
CA SER B 163 -22.98 -16.79 3.81
C SER B 163 -24.05 -15.81 4.29
N GLY B 164 -23.72 -14.52 4.23
CA GLY B 164 -24.64 -13.49 4.69
C GLY B 164 -24.24 -12.91 6.02
N HIS B 165 -23.63 -13.72 6.87
CA HIS B 165 -23.23 -13.27 8.20
C HIS B 165 -21.93 -12.47 8.16
N PRO B 166 -22.01 -11.20 8.56
CA PRO B 166 -20.80 -10.37 8.66
C PRO B 166 -20.00 -10.75 9.91
N LEU B 167 -19.00 -11.62 9.73
CA LEU B 167 -18.19 -12.09 10.84
C LEU B 167 -17.56 -10.92 11.59
N GLY B 168 -17.21 -9.88 10.85
CA GLY B 168 -16.64 -8.68 11.43
C GLY B 168 -15.61 -8.04 10.53
N LEU B 169 -15.08 -6.90 10.95
CA LEU B 169 -13.99 -6.26 10.23
C LEU B 169 -12.66 -6.71 10.80
N PHE B 170 -11.75 -7.09 9.92
CA PHE B 170 -10.42 -7.53 10.31
C PHE B 170 -9.37 -6.66 9.62
N PRO B 171 -8.26 -6.39 10.30
CA PRO B 171 -7.17 -5.59 9.70
C PRO B 171 -6.65 -6.17 8.39
N SER B 172 -6.32 -5.28 7.46
CA SER B 172 -5.69 -5.68 6.19
C SER B 172 -4.89 -4.51 5.64
N HIS B 173 -5.06 -4.22 4.35
CA HIS B 173 -4.33 -3.12 3.72
C HIS B 173 -5.11 -2.56 2.52
N PRO B 174 -4.76 -1.35 2.06
CA PRO B 174 -5.47 -0.71 0.94
C PRO B 174 -5.64 -1.56 -0.31
N ASP B 175 -4.64 -2.38 -0.64
CA ASP B 175 -4.69 -3.22 -1.83
C ASP B 175 -5.54 -4.47 -1.63
N ALA B 176 -5.85 -4.78 -0.37
CA ALA B 176 -6.67 -5.93 -0.05
C ALA B 176 -8.12 -5.68 -0.43
N PRO B 177 -8.89 -6.76 -0.63
CA PRO B 177 -10.33 -6.58 -0.85
C PRO B 177 -11.00 -5.99 0.38
N ARG B 178 -12.03 -5.17 0.19
CA ARG B 178 -12.74 -4.61 1.32
C ARG B 178 -13.70 -5.64 1.90
N ALA B 179 -13.98 -6.69 1.13
CA ALA B 179 -14.87 -7.75 1.58
C ALA B 179 -14.52 -9.08 0.93
N VAL B 180 -14.65 -10.15 1.71
CA VAL B 180 -14.53 -11.51 1.18
C VAL B 180 -15.83 -12.25 1.45
N ILE B 181 -16.42 -12.80 0.38
CA ILE B 181 -17.73 -13.41 0.46
C ILE B 181 -17.70 -14.90 0.15
N THR B 182 -18.27 -15.70 1.03
CA THR B 182 -18.48 -17.11 0.75
C THR B 182 -19.95 -17.46 1.01
N ASN B 183 -20.62 -17.97 -0.02
CA ASN B 183 -22.01 -18.34 0.10
C ASN B 183 -22.25 -19.83 -0.16
N GLY B 184 -22.64 -20.54 0.89
CA GLY B 184 -23.02 -21.93 0.76
C GLY B 184 -21.85 -22.90 0.72
N MET B 185 -20.67 -22.44 1.11
CA MET B 185 -19.49 -23.31 1.19
C MET B 185 -19.77 -24.46 2.14
N MET B 186 -19.65 -25.68 1.63
CA MET B 186 -19.99 -26.86 2.42
C MET B 186 -18.87 -27.88 2.43
N VAL B 187 -18.73 -28.56 3.56
CA VAL B 187 -17.95 -29.79 3.61
C VAL B 187 -18.60 -30.73 2.60
N PRO B 188 -17.85 -31.06 1.52
CA PRO B 188 -18.31 -31.73 0.31
C PRO B 188 -19.43 -32.77 0.48
N ASN B 189 -19.32 -33.64 1.47
CA ASN B 189 -20.30 -34.72 1.62
C ASN B 189 -21.64 -34.28 2.21
N TYR B 190 -21.72 -33.03 2.66
CA TYR B 190 -22.95 -32.56 3.30
C TYR B 190 -23.66 -31.52 2.45
N SER B 191 -23.21 -31.39 1.20
CA SER B 191 -23.81 -30.43 0.28
C SER B 191 -25.02 -31.01 -0.44
N THR B 192 -25.98 -31.48 0.34
CA THR B 192 -27.24 -31.95 -0.22
C THR B 192 -28.26 -30.82 -0.21
N ARG B 193 -29.32 -30.97 -1.00
CA ARG B 193 -30.39 -29.98 -1.02
C ARG B 193 -31.12 -29.98 0.32
N GLU B 194 -31.14 -31.14 0.97
CA GLU B 194 -31.75 -31.28 2.28
C GLU B 194 -31.02 -30.47 3.34
N GLN B 195 -29.68 -30.50 3.28
CA GLN B 195 -28.87 -29.75 4.22
C GLN B 195 -28.93 -28.26 3.94
N TYR B 196 -29.12 -27.89 2.67
CA TYR B 196 -29.32 -26.49 2.34
C TYR B 196 -30.56 -25.97 3.05
N ASP B 197 -31.70 -26.62 2.81
CA ASP B 197 -32.97 -26.23 3.42
C ASP B 197 -32.86 -26.15 4.93
N ARG B 198 -32.23 -27.16 5.52
CA ARG B 198 -32.06 -27.23 6.96
C ARG B 198 -31.19 -26.07 7.47
N LEU B 199 -30.00 -25.93 6.91
CA LEU B 199 -29.04 -24.93 7.39
C LEU B 199 -29.44 -23.51 7.01
N TYR B 200 -30.19 -23.36 5.92
CA TYR B 200 -30.70 -22.05 5.52
C TYR B 200 -31.70 -21.55 6.57
N ALA B 201 -32.51 -22.46 7.08
CA ALA B 201 -33.49 -22.14 8.10
C ALA B 201 -32.83 -21.90 9.45
N MET B 202 -31.74 -22.63 9.71
CA MET B 202 -31.02 -22.50 10.96
C MET B 202 -30.10 -21.28 10.96
N GLY B 203 -30.02 -20.60 9.81
CA GLY B 203 -29.23 -19.39 9.68
C GLY B 203 -27.74 -19.64 9.59
N CYS B 204 -27.36 -20.81 9.09
CA CYS B 204 -25.95 -21.19 9.03
C CYS B 204 -25.38 -21.11 7.62
N THR B 205 -26.24 -20.87 6.64
CA THR B 205 -25.82 -20.79 5.25
C THR B 205 -26.90 -20.15 4.38
N GLN B 206 -26.55 -19.92 3.11
CA GLN B 206 -27.52 -19.44 2.13
C GLN B 206 -27.05 -19.75 0.72
N TYR B 207 -27.96 -19.68 -0.23
CA TYR B 207 -27.65 -19.87 -1.64
C TYR B 207 -27.54 -18.50 -2.32
N GLY B 208 -26.37 -18.19 -2.85
CA GLY B 208 -26.13 -16.87 -3.41
C GLY B 208 -26.16 -16.82 -4.93
N GLN B 209 -26.52 -17.93 -5.55
CA GLN B 209 -26.50 -18.06 -7.00
C GLN B 209 -25.13 -17.68 -7.57
N MET B 210 -25.11 -16.63 -8.38
CA MET B 210 -23.85 -16.11 -8.91
C MET B 210 -23.65 -14.65 -8.51
N THR B 211 -24.54 -13.78 -8.96
CA THR B 211 -24.41 -12.35 -8.69
C THR B 211 -25.36 -11.86 -7.61
N ALA B 212 -26.12 -12.77 -7.02
CA ALA B 212 -27.05 -12.42 -5.96
C ALA B 212 -26.32 -12.23 -4.63
N GLY B 213 -25.51 -13.22 -4.25
CA GLY B 213 -24.78 -13.16 -3.00
C GLY B 213 -23.49 -12.37 -3.10
N SER B 214 -23.07 -12.07 -4.34
CA SER B 214 -21.83 -11.35 -4.56
C SER B 214 -22.07 -9.87 -4.87
N PHE B 215 -23.33 -9.46 -4.74
CA PHE B 215 -23.72 -8.05 -4.86
C PHE B 215 -23.34 -7.43 -6.21
N CYS B 216 -23.82 -8.00 -7.31
CA CYS B 216 -23.55 -7.44 -8.62
C CYS B 216 -24.54 -7.90 -9.70
N TYR B 217 -25.78 -8.14 -9.30
CA TYR B 217 -26.85 -8.44 -10.24
C TYR B 217 -27.41 -7.13 -10.80
N ILE B 218 -27.63 -7.08 -12.11
CA ILE B 218 -28.00 -5.84 -12.77
C ILE B 218 -29.25 -5.97 -13.65
N GLY B 219 -30.03 -7.03 -13.44
CA GLY B 219 -31.22 -7.24 -14.25
C GLY B 219 -30.96 -8.25 -15.36
N PRO B 220 -31.93 -8.40 -16.26
CA PRO B 220 -31.90 -9.43 -17.31
C PRO B 220 -31.17 -9.05 -18.59
N GLN B 221 -30.43 -7.94 -18.61
CA GLN B 221 -29.75 -7.53 -19.83
C GLN B 221 -28.58 -8.47 -20.13
N GLY B 222 -28.11 -9.18 -19.12
CA GLY B 222 -27.05 -10.16 -19.30
C GLY B 222 -27.52 -11.33 -20.15
N ILE B 223 -28.77 -11.73 -19.95
CA ILE B 223 -29.34 -12.83 -20.72
C ILE B 223 -29.59 -12.41 -22.17
N VAL B 224 -30.07 -11.18 -22.35
CA VAL B 224 -30.30 -10.64 -23.68
C VAL B 224 -29.00 -10.60 -24.47
N HIS B 225 -27.93 -10.11 -23.83
CA HIS B 225 -26.61 -10.10 -24.43
C HIS B 225 -26.10 -11.50 -24.68
N GLY B 226 -26.26 -12.37 -23.68
CA GLY B 226 -25.81 -13.75 -23.76
C GLY B 226 -26.43 -14.49 -24.91
N THR B 227 -27.75 -14.36 -25.06
CA THR B 227 -28.48 -15.02 -26.13
C THR B 227 -28.13 -14.41 -27.49
N THR B 228 -27.86 -13.11 -27.49
CA THR B 228 -27.46 -12.41 -28.70
C THR B 228 -26.16 -12.98 -29.25
N ILE B 229 -25.18 -13.15 -28.37
CA ILE B 229 -23.89 -13.70 -28.75
C ILE B 229 -24.03 -15.16 -29.19
N THR B 230 -24.86 -15.91 -28.47
CA THR B 230 -25.13 -17.30 -28.79
C THR B 230 -25.71 -17.43 -30.20
N PHE B 231 -26.70 -16.58 -30.51
CA PHE B 231 -27.32 -16.57 -31.83
C PHE B 231 -26.31 -16.27 -32.93
N ARG B 232 -25.46 -15.28 -32.69
CA ARG B 232 -24.45 -14.86 -33.67
C ARG B 232 -23.46 -15.97 -33.97
N ASN B 233 -22.93 -16.60 -32.92
CA ASN B 233 -21.99 -17.70 -33.08
C ASN B 233 -22.64 -18.93 -33.72
N ALA B 234 -23.91 -19.17 -33.38
CA ALA B 234 -24.66 -20.27 -33.98
C ALA B 234 -24.81 -20.04 -35.47
N GLY B 235 -25.04 -18.79 -35.85
CA GLY B 235 -25.17 -18.43 -37.25
C GLY B 235 -23.90 -18.67 -38.03
N ARG B 236 -22.75 -18.32 -37.45
CA ARG B 236 -21.47 -18.50 -38.11
C ARG B 236 -21.06 -19.97 -38.16
N LYS B 237 -21.29 -20.69 -37.06
CA LYS B 237 -20.81 -22.05 -36.94
C LYS B 237 -21.68 -23.06 -37.68
N TYR B 238 -22.99 -22.82 -37.71
CA TYR B 238 -23.93 -23.78 -38.26
C TYR B 238 -24.43 -23.41 -39.66
N LEU B 239 -24.53 -22.12 -39.94
CA LEU B 239 -24.99 -21.66 -41.24
C LEU B 239 -23.82 -21.24 -42.14
N GLY B 240 -22.85 -20.57 -41.53
CA GLY B 240 -21.69 -20.08 -42.26
C GLY B 240 -21.82 -18.62 -42.65
N VAL B 241 -22.80 -17.95 -42.05
CA VAL B 241 -23.03 -16.54 -42.34
C VAL B 241 -22.63 -15.65 -41.17
N GLU B 242 -22.01 -14.51 -41.48
CA GLU B 242 -21.58 -13.57 -40.46
C GLU B 242 -22.70 -12.57 -40.15
N ASP B 243 -23.85 -12.78 -40.77
CA ASP B 243 -24.99 -11.89 -40.58
C ASP B 243 -26.29 -12.67 -40.63
N LEU B 244 -27.14 -12.49 -39.61
CA LEU B 244 -28.36 -13.27 -39.48
C LEU B 244 -29.57 -12.61 -40.14
N ALA B 245 -29.34 -11.50 -40.82
CA ALA B 245 -30.43 -10.80 -41.51
C ALA B 245 -31.06 -11.70 -42.57
N GLY B 246 -32.36 -11.91 -42.46
CA GLY B 246 -33.08 -12.75 -43.40
C GLY B 246 -33.13 -14.20 -42.95
N LYS B 247 -32.35 -14.53 -41.93
CA LYS B 247 -32.33 -15.89 -41.40
C LYS B 247 -33.36 -16.05 -40.29
N VAL B 248 -34.05 -17.19 -40.31
CA VAL B 248 -35.13 -17.45 -39.37
C VAL B 248 -34.68 -18.39 -38.25
N VAL B 249 -34.97 -18.00 -37.01
CA VAL B 249 -34.68 -18.83 -35.86
C VAL B 249 -35.96 -19.29 -35.18
N LEU B 250 -36.15 -20.61 -35.11
CA LEU B 250 -37.27 -21.16 -34.36
C LEU B 250 -36.81 -21.65 -33.00
N THR B 251 -37.47 -21.18 -31.95
CA THR B 251 -37.15 -21.60 -30.60
C THR B 251 -38.41 -21.58 -29.73
N SER B 252 -38.24 -21.86 -28.44
CA SER B 252 -39.38 -21.93 -27.54
C SER B 252 -39.08 -21.33 -26.18
N GLY B 253 -40.13 -20.98 -25.45
CA GLY B 253 -39.99 -20.46 -24.10
C GLY B 253 -39.89 -18.95 -24.04
N LEU B 254 -40.81 -18.34 -23.31
CA LEU B 254 -40.75 -16.90 -23.05
C LEU B 254 -40.74 -16.64 -21.55
N GLY B 255 -40.11 -17.56 -20.81
CA GLY B 255 -40.02 -17.44 -19.38
C GLY B 255 -38.95 -16.47 -18.92
N GLY B 256 -38.30 -16.80 -17.81
CA GLY B 256 -37.28 -15.93 -17.23
C GLY B 256 -36.13 -15.61 -18.16
N MET B 257 -35.36 -16.64 -18.51
CA MET B 257 -34.20 -16.45 -19.38
C MET B 257 -34.57 -16.55 -20.84
N SER B 258 -35.50 -17.46 -21.15
CA SER B 258 -35.89 -17.72 -22.54
C SER B 258 -36.69 -16.56 -23.13
N GLY B 259 -37.23 -15.70 -22.26
CA GLY B 259 -37.98 -14.54 -22.72
C GLY B 259 -37.11 -13.53 -23.43
N ALA B 260 -35.80 -13.64 -23.25
CA ALA B 260 -34.85 -12.72 -23.86
C ALA B 260 -34.54 -13.10 -25.30
N GLN B 261 -35.01 -14.27 -25.73
CA GLN B 261 -34.73 -14.78 -27.07
C GLN B 261 -35.29 -13.89 -28.17
N GLY B 262 -36.38 -13.18 -27.87
CA GLY B 262 -37.01 -12.29 -28.83
C GLY B 262 -36.13 -11.10 -29.16
N LYS B 263 -35.72 -10.37 -28.14
CA LYS B 263 -34.85 -9.20 -28.32
C LYS B 263 -33.51 -9.59 -28.92
N ALA B 264 -33.00 -10.75 -28.50
CA ALA B 264 -31.71 -11.24 -28.99
C ALA B 264 -31.75 -11.46 -30.50
N GLY B 265 -32.83 -12.06 -30.99
CA GLY B 265 -32.99 -12.30 -32.41
C GLY B 265 -33.07 -10.99 -33.19
N VAL B 266 -33.83 -10.04 -32.68
CA VAL B 266 -34.00 -8.74 -33.31
C VAL B 266 -32.68 -7.98 -33.40
N ILE B 267 -31.95 -7.95 -32.29
CA ILE B 267 -30.65 -7.29 -32.23
C ILE B 267 -29.69 -7.90 -33.26
N CYS B 268 -29.82 -9.20 -33.49
CA CYS B 268 -29.03 -9.89 -34.50
C CYS B 268 -29.56 -9.61 -35.91
N GLY B 269 -30.72 -8.95 -35.99
CA GLY B 269 -31.32 -8.62 -37.27
C GLY B 269 -32.07 -9.80 -37.86
N ALA B 270 -32.34 -10.80 -37.03
CA ALA B 270 -32.95 -12.04 -37.50
C ALA B 270 -34.46 -12.06 -37.29
N VAL B 271 -35.13 -12.96 -37.99
CA VAL B 271 -36.53 -13.27 -37.70
C VAL B 271 -36.57 -14.40 -36.69
N VAL B 272 -36.90 -14.08 -35.44
CA VAL B 272 -36.90 -15.10 -34.40
C VAL B 272 -38.32 -15.49 -34.00
N VAL B 273 -38.59 -16.79 -34.06
CA VAL B 273 -39.90 -17.33 -33.71
C VAL B 273 -39.84 -18.05 -32.38
N VAL B 274 -40.57 -17.55 -31.39
CA VAL B 274 -40.57 -18.19 -30.08
C VAL B 274 -41.97 -18.71 -29.74
N ALA B 275 -42.06 -20.02 -29.55
CA ALA B 275 -43.33 -20.64 -29.17
C ALA B 275 -43.47 -20.67 -27.65
N GLU B 276 -44.67 -20.33 -27.18
CA GLU B 276 -44.96 -20.31 -25.76
C GLU B 276 -46.42 -20.72 -25.52
N VAL B 277 -46.62 -21.74 -24.70
CA VAL B 277 -47.97 -22.24 -24.43
C VAL B 277 -48.67 -21.38 -23.38
N ASP B 278 -47.89 -20.77 -22.50
CA ASP B 278 -48.43 -19.99 -21.40
C ASP B 278 -48.74 -18.56 -21.85
N PRO B 279 -50.04 -18.21 -21.91
CA PRO B 279 -50.46 -16.86 -22.32
C PRO B 279 -49.92 -15.79 -21.39
N ASN B 280 -49.77 -16.15 -20.11
CA ASN B 280 -49.19 -15.23 -19.12
C ASN B 280 -47.80 -14.79 -19.51
N ALA B 281 -46.93 -15.76 -19.75
CA ALA B 281 -45.54 -15.48 -20.13
C ALA B 281 -45.44 -14.78 -21.48
N LEU B 282 -46.26 -15.22 -22.42
CA LEU B 282 -46.21 -14.68 -23.78
C LEU B 282 -46.65 -13.23 -23.86
N TYR B 283 -47.84 -12.94 -23.34
CA TYR B 283 -48.39 -11.59 -23.43
C TYR B 283 -47.70 -10.62 -22.48
N LYS B 284 -47.02 -11.16 -21.46
CA LYS B 284 -46.17 -10.34 -20.61
C LYS B 284 -45.06 -9.73 -21.43
N ARG B 285 -44.31 -10.59 -22.11
CA ARG B 285 -43.22 -10.15 -22.97
C ARG B 285 -43.71 -9.25 -24.10
N LYS B 286 -44.92 -9.55 -24.59
CA LYS B 286 -45.53 -8.72 -25.62
C LYS B 286 -45.79 -7.31 -25.10
N GLY B 287 -46.34 -7.22 -23.89
CA GLY B 287 -46.60 -5.94 -23.26
C GLY B 287 -45.32 -5.21 -22.91
N GLN B 288 -44.30 -5.97 -22.53
CA GLN B 288 -43.00 -5.39 -22.15
C GLN B 288 -42.27 -4.83 -23.36
N GLY B 289 -42.57 -5.38 -24.54
CA GLY B 289 -41.91 -4.96 -25.76
C GLY B 289 -40.81 -5.92 -26.18
N TRP B 290 -40.56 -6.93 -25.34
CA TRP B 290 -39.56 -7.95 -25.64
C TRP B 290 -40.05 -8.88 -26.74
N LEU B 291 -41.34 -8.80 -27.03
CA LEU B 291 -41.94 -9.58 -28.10
C LEU B 291 -42.74 -8.64 -29.00
N MET B 292 -42.39 -8.60 -30.28
CA MET B 292 -42.99 -7.64 -31.21
C MET B 292 -44.33 -8.07 -31.74
N GLU B 293 -44.46 -9.36 -32.09
CA GLU B 293 -45.69 -9.85 -32.68
C GLU B 293 -46.15 -11.18 -32.09
N VAL B 294 -47.43 -11.49 -32.28
CA VAL B 294 -48.03 -12.72 -31.77
C VAL B 294 -48.91 -13.38 -32.82
N GLU B 295 -48.73 -14.68 -33.00
CA GLU B 295 -49.57 -15.46 -33.90
C GLU B 295 -50.28 -16.58 -33.14
N THR B 296 -51.47 -16.94 -33.60
CA THR B 296 -52.28 -17.94 -32.90
C THR B 296 -52.35 -19.25 -33.69
N ASP B 297 -52.57 -19.16 -35.00
CA ASP B 297 -52.60 -20.35 -35.85
C ASP B 297 -51.28 -20.51 -36.59
N VAL B 298 -50.80 -21.75 -36.66
CA VAL B 298 -49.47 -22.04 -37.21
C VAL B 298 -49.38 -21.74 -38.71
N GLU B 299 -50.51 -21.82 -39.40
CA GLU B 299 -50.54 -21.55 -40.82
C GLU B 299 -50.30 -20.06 -41.10
N ALA B 300 -50.92 -19.21 -40.28
CA ALA B 300 -50.73 -17.76 -40.39
C ALA B 300 -49.32 -17.38 -39.94
N LEU B 301 -48.76 -18.17 -39.03
CA LEU B 301 -47.40 -17.95 -38.55
C LEU B 301 -46.40 -18.07 -39.69
N LEU B 302 -46.46 -19.20 -40.39
CA LEU B 302 -45.53 -19.47 -41.47
C LEU B 302 -45.62 -18.44 -42.60
N ARG B 303 -46.83 -18.01 -42.91
CA ARG B 303 -47.02 -16.96 -43.91
C ARG B 303 -46.35 -15.67 -43.45
N ARG B 304 -46.53 -15.35 -42.17
CA ARG B 304 -45.92 -14.17 -41.57
C ARG B 304 -44.39 -14.30 -41.56
N VAL B 305 -43.91 -15.50 -41.22
CA VAL B 305 -42.48 -15.76 -41.13
C VAL B 305 -41.83 -15.70 -42.52
N ARG B 306 -42.54 -16.24 -43.52
CA ARG B 306 -42.06 -16.18 -44.90
C ARG B 306 -41.85 -14.74 -45.38
N ALA B 307 -42.87 -13.91 -45.14
CA ALA B 307 -42.82 -12.52 -45.55
C ALA B 307 -41.76 -11.75 -44.78
N ALA B 308 -41.54 -12.13 -43.53
CA ALA B 308 -40.54 -11.48 -42.70
C ALA B 308 -39.13 -11.83 -43.18
N SER B 309 -38.94 -13.09 -43.54
CA SER B 309 -37.64 -13.57 -44.01
C SER B 309 -37.24 -12.91 -45.33
N ALA B 310 -38.19 -12.85 -46.26
CA ALA B 310 -37.94 -12.29 -47.59
C ALA B 310 -37.64 -10.80 -47.53
N ALA B 311 -38.21 -10.12 -46.52
CA ALA B 311 -38.03 -8.68 -46.39
C ALA B 311 -36.87 -8.33 -45.46
N LYS B 312 -36.21 -9.37 -44.93
CA LYS B 312 -35.07 -9.21 -44.04
C LYS B 312 -35.36 -8.26 -42.87
N GLU B 313 -36.54 -8.37 -42.29
CA GLU B 313 -36.89 -7.53 -41.15
C GLU B 313 -36.48 -8.17 -39.84
N ALA B 314 -35.88 -7.37 -38.96
CA ALA B 314 -35.57 -7.80 -37.61
C ALA B 314 -36.84 -7.80 -36.78
N VAL B 315 -37.42 -8.98 -36.56
CA VAL B 315 -38.69 -9.06 -35.85
C VAL B 315 -38.77 -10.31 -34.97
N SER B 316 -39.33 -10.12 -33.77
CA SER B 316 -39.61 -11.24 -32.87
C SER B 316 -41.11 -11.57 -32.94
N ILE B 317 -41.40 -12.82 -33.29
CA ILE B 317 -42.79 -13.25 -33.43
C ILE B 317 -43.12 -14.40 -32.48
N GLY B 318 -43.96 -14.12 -31.50
CA GLY B 318 -44.39 -15.14 -30.56
C GLY B 318 -45.49 -15.99 -31.14
N PHE B 319 -45.43 -17.29 -30.87
CA PHE B 319 -46.50 -18.19 -31.26
C PHE B 319 -47.20 -18.75 -30.03
N LEU B 320 -48.47 -18.40 -29.87
CA LEU B 320 -49.27 -18.91 -28.76
C LEU B 320 -49.68 -20.34 -29.03
N GLY B 321 -48.85 -21.28 -28.58
CA GLY B 321 -49.10 -22.69 -28.78
C GLY B 321 -47.86 -23.51 -28.48
N ASN B 322 -47.95 -24.81 -28.70
CA ASN B 322 -46.82 -25.69 -28.44
C ASN B 322 -45.78 -25.61 -29.55
N VAL B 323 -44.51 -25.71 -29.19
CA VAL B 323 -43.42 -25.61 -30.17
C VAL B 323 -43.40 -26.84 -31.07
N VAL B 324 -43.88 -27.96 -30.53
CA VAL B 324 -43.96 -29.21 -31.30
C VAL B 324 -44.91 -29.04 -32.48
N THR B 325 -45.96 -28.26 -32.27
CA THR B 325 -46.92 -27.95 -33.33
C THR B 325 -46.24 -27.28 -34.51
N VAL B 326 -45.34 -26.33 -34.22
CA VAL B 326 -44.61 -25.64 -35.28
C VAL B 326 -43.64 -26.58 -35.97
N TRP B 327 -42.91 -27.37 -35.18
CA TRP B 327 -41.93 -28.31 -35.71
C TRP B 327 -42.57 -29.32 -36.66
N GLU B 328 -43.69 -29.89 -36.24
CA GLU B 328 -44.37 -30.91 -37.04
C GLU B 328 -45.05 -30.30 -38.27
N ARG B 329 -45.33 -29.00 -38.21
CA ARG B 329 -45.91 -28.31 -39.35
C ARG B 329 -44.86 -28.05 -40.43
N LEU B 330 -43.64 -27.75 -40.00
CA LEU B 330 -42.54 -27.51 -40.92
C LEU B 330 -42.18 -28.76 -41.70
N VAL B 331 -42.41 -29.92 -41.09
CA VAL B 331 -42.15 -31.20 -41.75
C VAL B 331 -43.08 -31.39 -42.94
N LYS B 332 -44.33 -30.94 -42.79
CA LYS B 332 -45.31 -31.03 -43.86
C LYS B 332 -45.12 -29.91 -44.88
N GLU B 333 -44.13 -29.05 -44.63
CA GLU B 333 -43.82 -27.95 -45.53
C GLU B 333 -42.70 -28.33 -46.50
N LYS B 334 -43.00 -28.30 -47.79
CA LYS B 334 -42.03 -28.68 -48.81
C LYS B 334 -40.98 -27.60 -49.05
N ASP B 335 -41.28 -26.38 -48.59
CA ASP B 335 -40.38 -25.25 -48.79
C ASP B 335 -39.54 -24.97 -47.55
N GLU B 336 -38.35 -24.44 -47.74
CA GLU B 336 -37.47 -24.08 -46.63
C GLU B 336 -37.88 -22.74 -46.05
N ILE B 337 -38.11 -22.70 -44.74
CA ILE B 337 -38.57 -21.49 -44.07
C ILE B 337 -37.66 -21.11 -42.91
N VAL B 338 -37.40 -22.06 -42.03
CA VAL B 338 -36.57 -21.82 -40.85
C VAL B 338 -35.15 -22.37 -41.06
N HIS B 339 -34.16 -21.55 -40.74
CA HIS B 339 -32.76 -21.92 -40.97
C HIS B 339 -32.08 -22.39 -39.68
N LEU B 340 -32.43 -21.77 -38.56
CA LEU B 340 -31.85 -22.14 -37.27
C LEU B 340 -32.93 -22.56 -36.28
N GLY B 341 -32.62 -23.58 -35.48
CA GLY B 341 -33.57 -24.06 -34.51
C GLY B 341 -32.97 -24.31 -33.14
N SER B 342 -33.75 -24.09 -32.10
CA SER B 342 -33.33 -24.40 -30.75
C SER B 342 -34.55 -24.64 -29.86
N ASP B 343 -34.31 -24.75 -28.56
CA ASP B 343 -35.39 -24.96 -27.61
C ASP B 343 -34.96 -24.50 -26.24
N GLN B 344 -35.81 -23.73 -25.57
CA GLN B 344 -35.52 -23.30 -24.21
C GLN B 344 -36.71 -23.51 -23.30
N THR B 345 -37.35 -24.67 -23.45
CA THR B 345 -38.31 -25.14 -22.46
C THR B 345 -37.52 -25.60 -21.25
N SER B 346 -38.19 -25.75 -20.11
CA SER B 346 -37.49 -26.17 -18.90
C SER B 346 -37.53 -27.69 -18.75
N CYS B 347 -36.81 -28.40 -19.61
CA CYS B 347 -36.79 -29.85 -19.58
C CYS B 347 -35.91 -30.37 -18.43
N HIS B 348 -35.34 -29.46 -17.65
CA HIS B 348 -34.67 -29.85 -16.42
C HIS B 348 -35.74 -30.19 -15.39
N ASN B 349 -36.94 -29.67 -15.63
CA ASN B 349 -38.13 -30.03 -14.85
C ASN B 349 -39.21 -30.56 -15.79
N PRO B 350 -38.95 -31.70 -16.44
CA PRO B 350 -39.78 -32.15 -17.57
C PRO B 350 -41.19 -32.59 -17.19
N PHE B 351 -41.39 -33.06 -15.96
CA PHE B 351 -42.65 -33.70 -15.60
C PHE B 351 -43.46 -32.93 -14.55
N ASN B 352 -43.02 -31.72 -14.21
CA ASN B 352 -43.69 -30.96 -13.16
C ASN B 352 -43.83 -29.47 -13.45
N GLY B 353 -43.99 -29.10 -14.71
CA GLY B 353 -44.27 -27.73 -15.06
C GLY B 353 -43.25 -27.07 -15.98
N GLY B 354 -42.17 -27.78 -16.28
CA GLY B 354 -41.13 -27.23 -17.14
C GLY B 354 -41.36 -27.47 -18.61
N TYR B 355 -41.98 -28.61 -18.92
CA TYR B 355 -42.29 -28.94 -20.31
C TYR B 355 -43.77 -29.23 -20.49
N TYR B 356 -44.37 -28.63 -21.50
CA TYR B 356 -45.78 -28.85 -21.79
C TYR B 356 -45.95 -29.63 -23.09
N PRO B 357 -46.58 -30.80 -23.00
CA PRO B 357 -46.79 -31.71 -24.14
C PRO B 357 -47.77 -31.15 -25.17
N VAL B 358 -47.57 -31.52 -26.42
CA VAL B 358 -48.41 -31.05 -27.53
C VAL B 358 -49.82 -31.63 -27.45
N GLN B 359 -49.95 -32.80 -26.84
CA GLN B 359 -51.23 -33.49 -26.77
C GLN B 359 -52.25 -32.73 -25.91
N LEU B 360 -51.75 -32.00 -24.92
CA LEU B 360 -52.63 -31.30 -23.99
C LEU B 360 -52.56 -29.78 -24.16
N THR B 361 -53.60 -29.10 -23.67
CA THR B 361 -53.58 -27.65 -23.59
C THR B 361 -52.78 -27.24 -22.37
N PHE B 362 -52.49 -25.95 -22.25
CA PHE B 362 -51.74 -25.42 -21.12
C PHE B 362 -52.47 -25.69 -19.81
N GLU B 363 -53.79 -25.52 -19.82
CA GLU B 363 -54.59 -25.73 -18.62
C GLU B 363 -54.74 -27.21 -18.29
N GLU B 364 -54.89 -28.04 -19.33
CA GLU B 364 -55.03 -29.48 -19.15
C GLU B 364 -53.75 -30.10 -18.59
N SER B 365 -52.61 -29.58 -19.04
CA SER B 365 -51.33 -30.06 -18.55
C SER B 365 -51.12 -29.70 -17.09
N LYS B 366 -51.46 -28.46 -16.74
CA LYS B 366 -51.31 -27.96 -15.38
C LYS B 366 -52.14 -28.80 -14.40
N LYS B 367 -53.23 -29.35 -14.90
CA LYS B 367 -54.11 -30.19 -14.08
C LYS B 367 -53.59 -31.63 -14.00
N MET B 368 -53.20 -32.18 -15.15
CA MET B 368 -52.82 -33.58 -15.22
C MET B 368 -51.48 -33.88 -14.54
N MET B 369 -50.57 -32.92 -14.55
CA MET B 369 -49.23 -33.13 -14.00
C MET B 369 -49.27 -33.44 -12.50
N VAL B 370 -50.36 -33.07 -11.84
CA VAL B 370 -50.55 -33.37 -10.44
C VAL B 370 -51.68 -34.39 -10.23
N GLU B 371 -52.66 -34.37 -11.12
CA GLU B 371 -53.79 -35.29 -11.03
C GLU B 371 -53.42 -36.69 -11.50
N ASP B 372 -52.80 -36.76 -12.67
CA ASP B 372 -52.38 -38.04 -13.24
C ASP B 372 -50.92 -37.96 -13.70
N PRO B 373 -49.98 -37.99 -12.76
CA PRO B 373 -48.54 -37.80 -13.02
C PRO B 373 -47.98 -38.82 -14.01
N ALA B 374 -48.35 -40.08 -13.85
CA ALA B 374 -47.88 -41.15 -14.73
C ALA B 374 -48.32 -40.88 -16.18
N MET B 375 -49.55 -40.44 -16.34
CA MET B 375 -50.10 -40.12 -17.66
C MET B 375 -49.39 -38.92 -18.27
N PHE B 376 -49.07 -37.94 -17.43
CA PHE B 376 -48.44 -36.72 -17.89
C PHE B 376 -47.02 -36.99 -18.39
N LYS B 377 -46.27 -37.78 -17.64
CA LYS B 377 -44.92 -38.15 -18.04
C LYS B 377 -44.92 -38.91 -19.36
N GLU B 378 -45.92 -39.78 -19.53
CA GLU B 378 -46.06 -40.54 -20.76
C GLU B 378 -46.32 -39.62 -21.96
N LEU B 379 -47.14 -38.60 -21.74
CA LEU B 379 -47.45 -37.64 -22.80
C LEU B 379 -46.27 -36.73 -23.08
N VAL B 380 -45.52 -36.38 -22.03
CA VAL B 380 -44.33 -35.54 -22.17
C VAL B 380 -43.27 -36.26 -23.00
N GLN B 381 -42.93 -37.49 -22.59
CA GLN B 381 -41.93 -38.29 -23.29
C GLN B 381 -42.34 -38.56 -24.73
N GLU B 382 -43.63 -38.76 -24.96
CA GLU B 382 -44.16 -38.94 -26.30
C GLU B 382 -44.00 -37.65 -27.09
N SER B 383 -44.33 -36.53 -26.46
CA SER B 383 -44.20 -35.22 -27.07
C SER B 383 -42.74 -34.91 -27.41
N LEU B 384 -41.84 -35.32 -26.53
CA LEU B 384 -40.41 -35.12 -26.74
C LEU B 384 -39.92 -35.91 -27.95
N ARG B 385 -40.42 -37.13 -28.09
CA ARG B 385 -40.05 -37.97 -29.23
C ARG B 385 -40.56 -37.36 -30.55
N ARG B 386 -41.76 -36.81 -30.50
CA ARG B 386 -42.36 -36.18 -31.68
C ARG B 386 -41.63 -34.91 -32.08
N GLN B 387 -41.09 -34.20 -31.09
CA GLN B 387 -40.36 -32.97 -31.36
C GLN B 387 -39.02 -33.28 -32.02
N VAL B 388 -38.30 -34.25 -31.47
CA VAL B 388 -37.01 -34.65 -32.01
C VAL B 388 -37.14 -35.23 -33.42
N ALA B 389 -38.15 -36.07 -33.61
CA ALA B 389 -38.40 -36.69 -34.90
C ALA B 389 -38.70 -35.64 -35.97
N ALA B 390 -39.38 -34.57 -35.57
CA ALA B 390 -39.68 -33.47 -36.48
C ALA B 390 -38.40 -32.68 -36.79
N ILE B 391 -37.59 -32.46 -35.76
CA ILE B 391 -36.33 -31.74 -35.93
C ILE B 391 -35.35 -32.55 -36.78
N ASN B 392 -35.35 -33.87 -36.60
CA ASN B 392 -34.52 -34.75 -37.41
C ASN B 392 -34.83 -34.62 -38.89
N GLU B 393 -36.11 -34.65 -39.22
CA GLU B 393 -36.56 -34.53 -40.61
C GLU B 393 -36.18 -33.17 -41.18
N MET B 394 -36.28 -32.12 -40.36
CA MET B 394 -35.96 -30.77 -40.79
C MET B 394 -34.45 -30.55 -40.86
N SER B 395 -33.70 -31.24 -40.00
CA SER B 395 -32.25 -31.15 -40.01
C SER B 395 -31.68 -31.81 -41.26
N ALA B 396 -32.37 -32.83 -41.74
CA ALA B 396 -31.97 -33.53 -42.95
C ALA B 396 -32.25 -32.69 -44.19
N ARG B 397 -33.02 -31.62 -44.01
CA ARG B 397 -33.37 -30.73 -45.11
C ARG B 397 -32.60 -29.41 -45.04
N GLY B 398 -31.66 -29.32 -44.12
CA GLY B 398 -30.77 -28.17 -44.04
C GLY B 398 -30.82 -27.37 -42.76
N LEU B 399 -31.87 -27.56 -41.97
CA LEU B 399 -32.02 -26.81 -40.72
C LEU B 399 -30.96 -27.23 -39.71
N ARG B 400 -30.45 -26.26 -38.96
CA ARG B 400 -29.43 -26.54 -37.94
C ARG B 400 -29.97 -26.31 -36.54
N PHE B 401 -29.90 -27.35 -35.71
CA PHE B 401 -30.44 -27.31 -34.36
C PHE B 401 -29.33 -27.42 -33.31
N TRP B 402 -29.50 -26.72 -32.19
CA TRP B 402 -28.58 -26.87 -31.07
C TRP B 402 -29.33 -26.88 -29.74
N ASP B 403 -28.77 -27.57 -28.75
CA ASP B 403 -29.36 -27.64 -27.43
C ASP B 403 -28.93 -26.45 -26.60
N TYR B 404 -29.88 -25.83 -25.91
CA TYR B 404 -29.59 -24.62 -25.14
C TYR B 404 -29.46 -24.91 -23.65
N GLY B 405 -28.75 -25.98 -23.32
CA GLY B 405 -28.45 -26.33 -21.94
C GLY B 405 -29.68 -26.49 -21.06
N ASN B 406 -30.78 -26.92 -21.66
CA ASN B 406 -32.03 -27.07 -20.93
C ASN B 406 -32.43 -28.53 -20.76
N SER B 407 -31.48 -29.43 -21.02
CA SER B 407 -31.68 -30.87 -20.89
C SER B 407 -32.80 -31.39 -21.78
N PHE B 408 -33.00 -30.73 -22.93
CA PHE B 408 -34.01 -31.17 -23.89
C PHE B 408 -33.60 -32.48 -24.54
N LEU B 409 -32.38 -32.54 -25.04
CA LEU B 409 -31.88 -33.73 -25.71
C LEU B 409 -31.65 -34.86 -24.71
N LEU B 410 -31.29 -34.50 -23.48
CA LEU B 410 -31.06 -35.49 -22.43
C LEU B 410 -32.35 -36.22 -22.05
N GLU B 411 -33.42 -35.44 -21.85
CA GLU B 411 -34.71 -36.03 -21.50
C GLU B 411 -35.34 -36.73 -22.70
N ALA B 412 -35.12 -36.18 -23.88
CA ALA B 412 -35.59 -36.81 -25.11
C ALA B 412 -34.85 -38.13 -25.31
N SER B 413 -33.58 -38.16 -24.94
CA SER B 413 -32.78 -39.37 -24.99
C SER B 413 -33.34 -40.42 -24.05
N ARG B 414 -33.77 -39.99 -22.88
CA ARG B 414 -34.33 -40.89 -21.86
C ARG B 414 -35.75 -41.33 -22.20
N ALA B 415 -36.12 -41.23 -23.47
CA ALA B 415 -37.44 -41.66 -23.94
C ALA B 415 -37.34 -42.22 -25.34
N GLY B 416 -36.24 -41.91 -26.03
CA GLY B 416 -36.03 -42.34 -27.39
C GLY B 416 -35.77 -41.16 -28.30
N ALA B 417 -34.66 -41.19 -29.02
CA ALA B 417 -34.28 -40.10 -29.91
C ALA B 417 -33.48 -40.60 -31.11
C PHE B 432 -26.09 -36.31 -30.59
N ARG B 433 -27.03 -36.23 -31.53
CA ARG B 433 -26.70 -35.86 -32.90
C ARG B 433 -26.61 -34.34 -33.05
N TYR B 434 -27.13 -33.62 -32.06
CA TYR B 434 -27.12 -32.16 -32.09
C TYR B 434 -26.23 -31.59 -31.00
N PRO B 435 -25.53 -30.49 -31.31
CA PRO B 435 -24.60 -29.85 -30.37
C PRO B 435 -25.32 -29.16 -29.21
N SER B 436 -24.57 -28.87 -28.15
CA SER B 436 -25.08 -28.12 -27.01
C SER B 436 -24.36 -26.78 -26.93
N TYR B 437 -25.10 -25.74 -26.56
CA TYR B 437 -24.56 -24.37 -26.57
C TYR B 437 -23.35 -24.20 -25.65
N VAL B 438 -23.32 -24.95 -24.55
CA VAL B 438 -22.23 -24.84 -23.60
C VAL B 438 -21.00 -25.61 -24.09
N GLN B 439 -21.23 -26.74 -24.74
CA GLN B 439 -20.15 -27.63 -25.14
C GLN B 439 -19.64 -27.37 -26.56
N ASP B 440 -20.43 -26.68 -27.37
CA ASP B 440 -20.09 -26.53 -28.78
C ASP B 440 -19.70 -25.11 -29.19
N ILE B 441 -20.30 -24.09 -28.57
CA ILE B 441 -19.96 -22.72 -28.95
C ILE B 441 -19.39 -21.89 -27.80
N MET B 442 -19.94 -22.04 -26.59
CA MET B 442 -19.49 -21.22 -25.47
C MET B 442 -18.12 -21.64 -24.95
N GLY B 443 -17.87 -22.94 -24.95
CA GLY B 443 -16.59 -23.46 -24.51
C GLY B 443 -15.43 -22.91 -25.31
N ASP B 444 -15.64 -22.77 -26.62
CA ASP B 444 -14.63 -22.21 -27.50
C ASP B 444 -14.47 -20.70 -27.28
N ILE B 445 -15.58 -20.04 -26.94
CA ILE B 445 -15.56 -18.60 -26.66
C ILE B 445 -14.82 -18.32 -25.36
N PHE B 446 -15.07 -19.15 -24.35
CA PHE B 446 -14.35 -19.05 -23.08
C PHE B 446 -12.87 -19.31 -23.28
N ALA B 447 -12.56 -20.35 -24.06
CA ALA B 447 -11.17 -20.75 -24.31
C ALA B 447 -10.32 -19.62 -24.89
N LEU B 448 -10.95 -18.78 -25.71
CA LEU B 448 -10.27 -17.63 -26.30
C LEU B 448 -10.08 -16.53 -25.25
N GLY B 449 -10.84 -16.60 -24.17
CA GLY B 449 -10.73 -15.64 -23.09
C GLY B 449 -11.90 -14.68 -23.04
N PHE B 450 -12.78 -14.75 -24.03
CA PHE B 450 -13.95 -13.90 -24.07
C PHE B 450 -15.00 -14.35 -23.05
N GLY B 451 -15.40 -13.42 -22.19
CA GLY B 451 -16.39 -13.70 -21.16
C GLY B 451 -16.97 -12.42 -20.61
N PRO B 452 -17.88 -12.53 -19.63
CA PRO B 452 -18.63 -11.40 -19.08
C PRO B 452 -17.76 -10.25 -18.56
N PHE B 453 -18.02 -9.06 -19.08
CA PHE B 453 -17.43 -7.84 -18.59
C PHE B 453 -18.54 -6.88 -18.19
N ARG B 454 -18.77 -6.77 -16.89
CA ARG B 454 -19.91 -6.03 -16.35
C ARG B 454 -19.43 -4.79 -15.58
N TRP B 455 -20.10 -3.66 -15.78
CA TRP B 455 -19.75 -2.45 -15.04
C TRP B 455 -20.97 -1.64 -14.63
N VAL B 456 -20.84 -0.96 -13.48
CA VAL B 456 -21.91 -0.13 -12.94
C VAL B 456 -21.40 1.27 -12.62
N CYS B 457 -22.06 2.28 -13.19
CA CYS B 457 -21.72 3.66 -12.91
C CYS B 457 -22.30 4.09 -11.57
N THR B 458 -21.42 4.31 -10.60
CA THR B 458 -21.84 4.57 -9.22
C THR B 458 -22.42 5.96 -9.02
N SER B 459 -22.42 6.76 -10.07
CA SER B 459 -23.01 8.10 -10.02
C SER B 459 -24.52 8.01 -10.19
N CYS B 460 -24.98 6.85 -10.67
CA CYS B 460 -26.38 6.61 -10.98
C CYS B 460 -26.90 7.60 -12.02
N LEU B 461 -25.97 8.16 -12.79
CA LEU B 461 -26.32 9.10 -13.85
C LEU B 461 -26.34 8.39 -15.20
N PRO B 462 -27.46 8.50 -15.93
CA PRO B 462 -27.57 7.90 -17.26
C PRO B 462 -26.49 8.43 -18.21
N GLU B 463 -26.06 9.67 -17.98
CA GLU B 463 -25.02 10.29 -18.79
C GLU B 463 -23.71 9.52 -18.69
N ASP B 464 -23.40 9.01 -17.51
CA ASP B 464 -22.20 8.22 -17.31
C ASP B 464 -22.28 6.89 -18.07
N LEU B 465 -23.47 6.31 -18.09
CA LEU B 465 -23.66 5.04 -18.79
C LEU B 465 -23.55 5.23 -20.30
N GLU B 466 -24.06 6.36 -20.78
CA GLU B 466 -23.95 6.70 -22.20
C GLU B 466 -22.50 6.84 -22.61
N LEU B 467 -21.71 7.49 -21.75
CA LEU B 467 -20.30 7.71 -22.01
C LEU B 467 -19.52 6.40 -22.05
N THR B 468 -19.75 5.55 -21.05
CA THR B 468 -19.07 4.25 -20.96
C THR B 468 -19.44 3.37 -22.16
N ASP B 469 -20.69 3.46 -22.59
CA ASP B 469 -21.13 2.77 -23.80
C ASP B 469 -20.31 3.20 -25.00
N ARG B 470 -20.11 4.50 -25.14
CA ARG B 470 -19.33 5.05 -26.23
C ARG B 470 -17.85 4.70 -26.08
N ILE B 471 -17.35 4.76 -24.85
CA ILE B 471 -15.96 4.41 -24.58
C ILE B 471 -15.69 2.95 -24.90
N ALA B 472 -16.59 2.07 -24.46
CA ALA B 472 -16.47 0.64 -24.74
C ALA B 472 -16.54 0.37 -26.23
N THR B 473 -17.40 1.10 -26.92
CA THR B 473 -17.55 0.96 -28.37
C THR B 473 -16.30 1.38 -29.10
N GLU B 474 -15.77 2.55 -28.73
CA GLU B 474 -14.55 3.07 -29.35
C GLU B 474 -13.36 2.13 -29.11
N THR B 475 -13.29 1.58 -27.89
CA THR B 475 -12.20 0.69 -27.54
C THR B 475 -12.21 -0.58 -28.39
N LEU B 476 -13.39 -1.21 -28.49
CA LEU B 476 -13.52 -2.46 -29.23
C LEU B 476 -13.26 -2.27 -30.72
N GLU B 477 -13.59 -1.09 -31.25
CA GLU B 477 -13.36 -0.79 -32.66
C GLU B 477 -11.88 -0.77 -33.00
N LYS B 478 -11.08 -0.12 -32.15
CA LYS B 478 -9.65 -0.04 -32.37
C LYS B 478 -8.96 -1.38 -32.13
N LEU B 479 -9.48 -2.14 -31.18
CA LEU B 479 -8.92 -3.45 -30.85
C LEU B 479 -9.17 -4.46 -31.96
N MET B 480 -10.34 -4.39 -32.58
CA MET B 480 -10.72 -5.33 -33.62
C MET B 480 -9.82 -5.22 -34.85
N LYS B 481 -9.31 -4.01 -35.08
CA LYS B 481 -8.47 -3.74 -36.24
C LYS B 481 -7.16 -4.53 -36.21
N ASP B 482 -6.69 -4.86 -35.01
CA ASP B 482 -5.43 -5.59 -34.87
C ASP B 482 -5.62 -6.91 -34.12
N ALA B 483 -6.85 -7.40 -34.06
CA ALA B 483 -7.14 -8.65 -33.38
C ALA B 483 -7.05 -9.84 -34.34
N SER B 484 -6.89 -11.04 -33.78
CA SER B 484 -6.86 -12.26 -34.57
C SER B 484 -8.22 -12.48 -35.24
N THR B 485 -8.26 -13.36 -36.23
CA THR B 485 -9.50 -13.58 -36.99
C THR B 485 -10.58 -14.19 -36.09
N LYS B 486 -10.18 -14.99 -35.12
CA LYS B 486 -11.12 -15.56 -34.17
C LYS B 486 -11.69 -14.48 -33.25
N SER B 487 -10.81 -13.62 -32.76
CA SER B 487 -11.20 -12.58 -31.82
C SER B 487 -12.03 -11.49 -32.48
N GLN B 488 -11.71 -11.15 -33.72
CA GLN B 488 -12.40 -10.07 -34.43
C GLN B 488 -13.85 -10.45 -34.69
N LYS B 489 -14.15 -11.74 -34.68
CA LYS B 489 -15.51 -12.22 -34.84
C LYS B 489 -16.30 -12.06 -33.54
N GLN B 490 -15.65 -12.38 -32.42
CA GLN B 490 -16.27 -12.22 -31.12
C GLN B 490 -16.45 -10.74 -30.79
N ILE B 491 -15.43 -9.95 -31.10
CA ILE B 491 -15.46 -8.51 -30.87
C ILE B 491 -16.58 -7.85 -31.69
N SER B 492 -16.76 -8.32 -32.92
CA SER B 492 -17.82 -7.80 -33.78
C SER B 492 -19.19 -8.08 -33.20
N ASP B 493 -19.37 -9.28 -32.64
CA ASP B 493 -20.62 -9.66 -31.99
C ASP B 493 -20.99 -8.69 -30.89
N ASN B 494 -20.00 -8.29 -30.10
CA ASN B 494 -20.23 -7.40 -28.97
C ASN B 494 -20.33 -5.93 -29.37
N LEU B 495 -19.78 -5.61 -30.53
CA LEU B 495 -19.92 -4.27 -31.10
C LEU B 495 -21.35 -4.04 -31.54
N LEU B 496 -21.91 -5.02 -32.24
CA LEU B 496 -23.30 -5.00 -32.67
C LEU B 496 -24.24 -4.82 -31.48
N TRP B 497 -23.88 -5.47 -30.36
CA TRP B 497 -24.68 -5.42 -29.15
C TRP B 497 -24.61 -4.06 -28.46
N ILE B 498 -23.40 -3.58 -28.21
CA ILE B 498 -23.19 -2.36 -27.43
C ILE B 498 -23.76 -1.12 -28.14
N LYS B 499 -23.90 -1.20 -29.45
CA LYS B 499 -24.46 -0.10 -30.23
C LYS B 499 -25.98 -0.09 -30.14
N GLN B 500 -26.57 -1.25 -29.88
CA GLN B 500 -28.03 -1.37 -29.81
C GLN B 500 -28.52 -1.53 -28.36
N ALA B 501 -27.59 -1.76 -27.44
CA ALA B 501 -27.94 -2.02 -26.05
C ALA B 501 -28.74 -0.88 -25.41
N GLY B 502 -28.31 0.35 -25.67
CA GLY B 502 -28.95 1.51 -25.08
C GLY B 502 -30.39 1.71 -25.53
N GLU B 503 -30.64 1.55 -26.83
CA GLU B 503 -31.97 1.78 -27.38
C GLU B 503 -32.96 0.69 -27.00
N ASN B 504 -32.44 -0.45 -26.55
CA ASN B 504 -33.30 -1.57 -26.17
C ASN B 504 -33.86 -1.43 -24.74
N LYS B 505 -33.43 -0.37 -24.05
CA LYS B 505 -33.97 -0.01 -22.74
C LYS B 505 -33.94 -1.17 -21.75
N LEU B 506 -32.75 -1.71 -21.52
CA LEU B 506 -32.61 -2.90 -20.68
C LEU B 506 -32.16 -2.55 -19.25
N VAL B 507 -31.75 -1.30 -19.07
CA VAL B 507 -31.27 -0.85 -17.76
C VAL B 507 -32.38 -0.84 -16.72
N VAL B 508 -32.13 -1.50 -15.59
CA VAL B 508 -33.07 -1.51 -14.49
C VAL B 508 -32.32 -1.34 -13.16
N GLY B 509 -32.78 -0.41 -12.34
CA GLY B 509 -32.08 -0.09 -11.10
C GLY B 509 -30.83 0.73 -11.36
N SER B 510 -29.68 0.12 -11.11
CA SER B 510 -28.41 0.81 -11.29
C SER B 510 -28.04 0.97 -12.75
N GLN B 511 -27.36 2.07 -13.07
CA GLN B 511 -26.90 2.33 -14.43
C GLN B 511 -25.76 1.40 -14.79
N ALA B 512 -26.09 0.26 -15.39
CA ALA B 512 -25.10 -0.76 -15.67
C ALA B 512 -25.17 -1.27 -17.10
N ARG B 513 -24.11 -1.96 -17.53
CA ARG B 513 -24.01 -2.52 -18.87
C ARG B 513 -23.20 -3.81 -18.82
N ILE B 514 -23.39 -4.69 -19.80
CA ILE B 514 -22.63 -5.92 -19.90
C ILE B 514 -22.25 -6.20 -21.36
N LEU B 515 -21.07 -6.79 -21.54
CA LEU B 515 -20.67 -7.34 -22.83
C LEU B 515 -19.65 -8.44 -22.62
N TYR B 516 -19.17 -9.02 -23.71
CA TYR B 516 -18.07 -9.98 -23.64
C TYR B 516 -16.78 -9.34 -24.12
N ALA B 517 -15.68 -9.68 -23.47
CA ALA B 517 -14.36 -9.21 -23.85
C ALA B 517 -13.30 -10.19 -23.40
N ASP B 518 -12.21 -10.31 -24.16
CA ASP B 518 -11.12 -11.18 -23.76
C ASP B 518 -10.19 -10.43 -22.82
N CYS B 519 -9.01 -10.98 -22.59
CA CYS B 519 -8.08 -10.40 -21.62
C CYS B 519 -7.75 -8.94 -21.91
N GLU B 520 -7.25 -8.66 -23.11
CA GLU B 520 -6.86 -7.31 -23.48
C GLU B 520 -8.07 -6.38 -23.62
N GLY B 521 -9.22 -6.94 -24.00
CA GLY B 521 -10.43 -6.18 -24.13
C GLY B 521 -10.88 -5.60 -22.79
N ARG B 522 -10.91 -6.46 -21.77
CA ARG B 522 -11.30 -6.03 -20.43
C ARG B 522 -10.30 -5.05 -19.84
N GLN B 523 -9.01 -5.32 -20.06
CA GLN B 523 -7.94 -4.47 -19.54
C GLN B 523 -7.98 -3.07 -20.13
N THR B 524 -8.14 -2.98 -21.45
CA THR B 524 -8.10 -1.70 -22.13
C THR B 524 -9.34 -0.86 -21.83
N ILE B 525 -10.52 -1.48 -21.88
CA ILE B 525 -11.77 -0.79 -21.56
C ILE B 525 -11.73 -0.27 -20.12
N ALA B 526 -11.21 -1.10 -19.21
CA ALA B 526 -11.09 -0.73 -17.80
C ALA B 526 -10.19 0.50 -17.63
N LYS B 527 -9.04 0.50 -18.29
CA LYS B 527 -8.11 1.62 -18.20
C LYS B 527 -8.74 2.89 -18.77
N ASN B 528 -9.45 2.75 -19.88
CA ASN B 528 -10.13 3.88 -20.49
C ASN B 528 -11.25 4.39 -19.59
N PHE B 529 -11.99 3.48 -18.99
CA PHE B 529 -13.00 3.84 -18.00
C PHE B 529 -12.35 4.61 -16.86
N ASN B 530 -11.23 4.10 -16.38
CA ASN B 530 -10.53 4.68 -15.24
C ASN B 530 -9.94 6.05 -15.57
N ASP B 531 -9.49 6.23 -16.80
CA ASP B 531 -9.02 7.53 -17.25
C ASP B 531 -10.16 8.53 -17.26
N ALA B 532 -11.33 8.07 -17.67
CA ALA B 532 -12.51 8.93 -17.77
C ALA B 532 -13.02 9.33 -16.39
N VAL B 533 -12.80 8.47 -15.39
CA VAL B 533 -13.14 8.82 -14.01
C VAL B 533 -12.18 9.89 -13.53
N ARG B 534 -10.91 9.73 -13.86
CA ARG B 534 -9.88 10.68 -13.46
C ARG B 534 -10.02 12.00 -14.20
N ASP B 535 -10.36 11.93 -15.48
CA ASP B 535 -10.51 13.13 -16.30
C ASP B 535 -11.64 14.02 -15.82
N GLY B 536 -12.67 13.42 -15.23
CA GLY B 536 -13.83 14.17 -14.79
C GLY B 536 -14.99 14.01 -15.77
N ARG B 537 -14.73 13.32 -16.87
CA ARG B 537 -15.78 12.99 -17.83
C ARG B 537 -16.84 12.12 -17.16
N LEU B 538 -16.37 11.15 -16.36
CA LEU B 538 -17.26 10.35 -15.54
C LEU B 538 -17.42 10.99 -14.17
N LYS B 539 -18.65 11.25 -13.77
CA LYS B 539 -18.93 11.98 -12.53
C LYS B 539 -18.86 11.07 -11.30
N GLY B 540 -18.54 9.81 -11.51
CA GLY B 540 -18.43 8.87 -10.41
C GLY B 540 -17.58 7.66 -10.77
N PRO B 541 -17.01 7.00 -9.76
CA PRO B 541 -16.21 5.79 -9.99
C PRO B 541 -17.04 4.68 -10.64
N VAL B 542 -16.36 3.74 -11.28
CA VAL B 542 -17.05 2.66 -11.99
C VAL B 542 -16.65 1.30 -11.42
N VAL B 543 -17.65 0.55 -10.96
CA VAL B 543 -17.41 -0.79 -10.43
C VAL B 543 -17.38 -1.82 -11.55
N LEU B 544 -16.26 -2.54 -11.67
CA LEU B 544 -16.15 -3.63 -12.62
C LEU B 544 -16.59 -4.93 -11.98
N SER B 545 -17.27 -5.78 -12.75
CA SER B 545 -17.72 -7.06 -12.24
C SER B 545 -18.02 -8.01 -13.38
N ARG B 546 -18.66 -9.13 -13.07
CA ARG B 546 -19.07 -10.10 -14.08
C ARG B 546 -19.99 -11.16 -13.49
N ASP B 547 -20.71 -11.85 -14.36
CA ASP B 547 -21.44 -13.04 -13.98
C ASP B 547 -20.42 -14.15 -13.73
N HIS B 548 -20.84 -15.26 -13.15
CA HIS B 548 -19.93 -16.36 -12.92
C HIS B 548 -19.94 -17.34 -14.10
N HIS B 549 -20.81 -17.06 -15.07
CA HIS B 549 -20.79 -17.77 -16.33
C HIS B 549 -19.60 -17.28 -17.15
N ASP B 550 -18.40 -17.64 -16.70
CA ASP B 550 -17.17 -17.11 -17.29
C ASP B 550 -16.13 -18.21 -17.51
N VAL B 551 -15.00 -17.81 -18.09
CA VAL B 551 -13.93 -18.73 -18.48
C VAL B 551 -13.23 -19.39 -17.29
N SER B 552 -13.02 -18.63 -16.21
CA SER B 552 -12.21 -19.12 -15.09
C SER B 552 -13.00 -19.26 -13.79
N GLY B 553 -14.06 -18.50 -13.66
CA GLY B 553 -14.75 -18.35 -12.39
C GLY B 553 -15.51 -19.56 -11.87
N THR B 554 -15.95 -20.44 -12.78
CA THR B 554 -16.88 -21.50 -12.37
C THR B 554 -16.50 -22.90 -12.86
N ASP B 555 -16.41 -23.82 -11.92
CA ASP B 555 -16.36 -25.24 -12.25
C ASP B 555 -17.78 -25.81 -12.19
N SER B 556 -18.24 -26.32 -13.32
CA SER B 556 -19.59 -26.87 -13.41
C SER B 556 -19.67 -27.92 -14.51
N PRO B 557 -19.69 -29.20 -14.13
CA PRO B 557 -19.65 -30.31 -15.08
C PRO B 557 -20.84 -30.31 -16.04
N PHE B 558 -21.95 -29.72 -15.64
CA PHE B 558 -23.14 -29.69 -16.48
C PHE B 558 -23.23 -28.43 -17.34
N ARG B 559 -22.38 -27.44 -17.07
CA ARG B 559 -22.44 -26.19 -17.80
C ARG B 559 -21.08 -25.59 -18.15
N GLU B 560 -20.57 -24.71 -17.28
CA GLU B 560 -19.40 -23.89 -17.60
C GLU B 560 -18.16 -24.69 -18.00
N THR B 561 -18.01 -25.90 -17.46
CA THR B 561 -16.86 -26.74 -17.81
C THR B 561 -17.31 -28.09 -18.38
N SER B 562 -18.48 -28.09 -19.01
CA SER B 562 -19.03 -29.31 -19.60
C SER B 562 -18.32 -29.68 -20.89
N ASP B 563 -17.56 -28.74 -21.44
CA ASP B 563 -16.86 -28.96 -22.71
C ASP B 563 -15.46 -29.52 -22.50
N LEU B 564 -15.09 -29.74 -21.24
CA LEU B 564 -13.79 -30.29 -20.92
C LEU B 564 -13.89 -31.79 -20.67
N TYR B 565 -13.14 -32.57 -21.45
CA TYR B 565 -13.29 -34.03 -21.44
C TYR B 565 -12.06 -34.77 -20.95
N ASP B 566 -11.24 -34.11 -20.14
CA ASP B 566 -10.08 -34.77 -19.55
C ASP B 566 -10.48 -35.46 -18.25
N GLY B 567 -11.71 -35.17 -17.80
CA GLY B 567 -12.25 -35.76 -16.60
C GLY B 567 -12.30 -34.81 -15.43
N SER B 568 -11.60 -33.68 -15.56
CA SER B 568 -11.45 -32.72 -14.47
C SER B 568 -12.66 -31.80 -14.30
N SER B 569 -13.70 -32.02 -15.10
CA SER B 569 -14.89 -31.18 -15.02
C SER B 569 -15.60 -31.33 -13.67
N LEU B 570 -15.28 -32.41 -12.96
CA LEU B 570 -15.85 -32.67 -11.65
C LEU B 570 -15.05 -31.99 -10.55
N THR B 571 -13.83 -31.52 -10.89
CA THR B 571 -12.98 -30.85 -9.91
C THR B 571 -13.35 -29.37 -9.77
N ALA B 572 -12.92 -28.76 -8.67
CA ALA B 572 -13.20 -27.35 -8.43
C ALA B 572 -11.91 -26.59 -8.13
N ASP B 573 -10.79 -27.12 -8.60
CA ASP B 573 -9.49 -26.47 -8.41
C ASP B 573 -9.48 -25.08 -9.06
N MET B 574 -10.02 -24.98 -10.26
CA MET B 574 -9.98 -23.74 -11.02
C MET B 574 -10.75 -22.62 -10.33
N ALA B 575 -11.96 -22.91 -9.89
CA ALA B 575 -12.81 -21.91 -9.23
C ALA B 575 -12.18 -21.41 -7.94
N VAL B 576 -11.58 -22.31 -7.18
CA VAL B 576 -10.93 -21.97 -5.92
C VAL B 576 -9.65 -21.18 -6.18
N GLN B 577 -8.87 -21.63 -7.16
CA GLN B 577 -7.66 -20.93 -7.56
C GLN B 577 -7.97 -19.51 -8.02
N ASN B 578 -9.05 -19.37 -8.80
CA ASN B 578 -9.38 -18.09 -9.40
C ASN B 578 -9.75 -17.03 -8.38
N VAL B 579 -10.60 -17.38 -7.42
CA VAL B 579 -11.05 -16.41 -6.43
C VAL B 579 -9.88 -16.01 -5.51
N ILE B 580 -9.04 -16.98 -5.15
CA ILE B 580 -7.87 -16.69 -4.35
C ILE B 580 -6.92 -15.77 -5.11
N GLY B 581 -6.72 -16.08 -6.38
CA GLY B 581 -5.85 -15.29 -7.24
C GLY B 581 -6.35 -13.87 -7.44
N ASP B 582 -7.66 -13.71 -7.51
CA ASP B 582 -8.25 -12.38 -7.64
C ASP B 582 -8.06 -11.57 -6.36
N ALA B 583 -8.13 -12.26 -5.22
CA ALA B 583 -8.14 -11.59 -3.93
C ALA B 583 -6.84 -10.85 -3.60
N PHE B 584 -5.71 -11.37 -4.08
CA PHE B 584 -4.45 -10.69 -3.81
C PHE B 584 -3.95 -9.94 -5.04
N ARG B 585 -4.83 -9.71 -6.01
CA ARG B 585 -4.45 -8.95 -7.20
C ARG B 585 -5.25 -7.67 -7.37
N GLY B 586 -5.95 -7.26 -6.30
CA GLY B 586 -6.55 -5.93 -6.27
C GLY B 586 -8.06 -5.82 -6.44
N ALA B 587 -8.76 -6.94 -6.38
CA ALA B 587 -10.22 -6.91 -6.42
C ALA B 587 -10.75 -6.20 -5.18
N THR B 588 -11.75 -5.35 -5.35
CA THR B 588 -12.32 -4.61 -4.23
C THR B 588 -13.10 -5.56 -3.32
N TRP B 589 -13.74 -6.56 -3.92
CA TRP B 589 -14.24 -7.70 -3.16
C TRP B 589 -14.44 -8.91 -4.05
N VAL B 590 -14.27 -10.09 -3.46
CA VAL B 590 -14.40 -11.35 -4.18
C VAL B 590 -15.47 -12.21 -3.54
N SER B 591 -15.87 -13.27 -4.24
CA SER B 591 -16.90 -14.17 -3.74
C SER B 591 -16.70 -15.59 -4.25
N LEU B 592 -16.96 -16.57 -3.38
CA LEU B 592 -16.98 -17.96 -3.79
C LEU B 592 -18.30 -18.59 -3.37
N HIS B 593 -19.04 -19.12 -4.34
CA HIS B 593 -20.38 -19.63 -4.10
C HIS B 593 -20.50 -21.12 -4.40
N ASN B 594 -21.51 -21.75 -3.81
CA ASN B 594 -21.83 -23.15 -4.08
C ASN B 594 -23.03 -23.26 -5.00
N GLY B 595 -22.85 -23.94 -6.12
CA GLY B 595 -23.95 -24.30 -7.00
C GLY B 595 -24.59 -23.19 -7.79
N GLY B 596 -23.81 -22.18 -8.16
CA GLY B 596 -24.32 -21.14 -9.03
C GLY B 596 -24.67 -21.72 -10.38
N GLY B 597 -25.85 -21.37 -10.89
CA GLY B 597 -26.29 -21.86 -12.18
C GLY B 597 -27.03 -23.19 -12.12
N THR B 598 -26.27 -24.28 -12.16
CA THR B 598 -26.86 -25.62 -12.24
C THR B 598 -27.53 -26.06 -10.95
N GLY B 599 -27.08 -25.53 -9.82
CA GLY B 599 -27.70 -25.84 -8.55
C GLY B 599 -26.77 -26.28 -7.44
N TRP B 600 -27.24 -26.12 -6.21
CA TRP B 600 -26.55 -26.48 -4.98
C TRP B 600 -25.82 -27.84 -5.06
N GLY B 601 -24.51 -27.81 -4.85
CA GLY B 601 -23.71 -29.02 -4.84
C GLY B 601 -23.23 -29.45 -6.21
N GLU B 602 -23.76 -28.80 -7.25
CA GLU B 602 -23.45 -29.20 -8.62
C GLU B 602 -22.49 -28.22 -9.30
N ALA B 603 -22.02 -27.22 -8.56
CA ALA B 603 -21.08 -26.25 -9.10
C ALA B 603 -20.35 -25.49 -8.01
N THR B 604 -19.15 -25.04 -8.33
CA THR B 604 -18.42 -24.10 -7.49
C THR B 604 -18.13 -22.86 -8.34
N ASN B 605 -18.76 -21.75 -8.01
CA ASN B 605 -18.66 -20.54 -8.81
C ASN B 605 -18.14 -19.36 -8.01
N GLY B 606 -17.29 -18.56 -8.64
CA GLY B 606 -16.70 -17.40 -8.00
C GLY B 606 -16.71 -16.18 -8.88
N GLY B 607 -16.59 -15.01 -8.25
CA GLY B 607 -16.61 -13.75 -8.98
C GLY B 607 -15.85 -12.65 -8.27
N PHE B 608 -15.91 -11.46 -8.81
CA PHE B 608 -15.21 -10.32 -8.23
C PHE B 608 -15.97 -9.03 -8.47
N CYS B 609 -15.53 -7.99 -7.77
CA CYS B 609 -15.87 -6.62 -8.13
C CYS B 609 -14.64 -5.76 -7.91
N LEU B 610 -14.38 -4.84 -8.83
CA LEU B 610 -13.23 -3.96 -8.73
C LEU B 610 -13.66 -2.54 -9.03
N VAL B 611 -13.39 -1.63 -8.10
CA VAL B 611 -13.81 -0.24 -8.24
C VAL B 611 -12.75 0.60 -8.94
N LEU B 612 -13.13 1.21 -10.06
CA LEU B 612 -12.26 2.13 -10.77
C LEU B 612 -12.52 3.56 -10.31
N ASP B 613 -11.56 4.14 -9.60
CA ASP B 613 -11.75 5.49 -9.05
C ASP B 613 -10.87 6.52 -9.75
N GLY B 614 -10.15 6.10 -10.78
CA GLY B 614 -9.33 7.01 -11.55
C GLY B 614 -7.87 7.01 -11.14
N SER B 615 -7.58 6.38 -10.00
CA SER B 615 -6.22 6.34 -9.49
C SER B 615 -5.34 5.38 -10.27
N ALA B 616 -4.02 5.60 -10.20
CA ALA B 616 -3.06 4.70 -10.83
C ALA B 616 -3.13 3.33 -10.18
N ASP B 617 -3.50 3.30 -8.90
CA ASP B 617 -3.67 2.06 -8.16
C ASP B 617 -4.76 1.20 -8.80
N ALA B 618 -5.92 1.80 -9.03
CA ALA B 618 -7.05 1.11 -9.63
C ALA B 618 -6.71 0.55 -11.01
N GLU B 619 -5.97 1.34 -11.79
CA GLU B 619 -5.52 0.91 -13.11
C GLU B 619 -4.60 -0.30 -12.99
N ARG B 620 -3.68 -0.23 -12.04
CA ARG B 620 -2.74 -1.32 -11.80
C ARG B 620 -3.47 -2.57 -11.29
N ARG B 621 -4.41 -2.38 -10.38
CA ARG B 621 -5.21 -3.48 -9.85
C ARG B 621 -6.01 -4.16 -10.97
N ALA B 622 -6.69 -3.34 -11.77
CA ALA B 622 -7.52 -3.86 -12.85
C ALA B 622 -6.71 -4.64 -13.88
N LYS B 623 -5.59 -4.07 -14.32
CA LYS B 623 -4.75 -4.74 -15.29
C LYS B 623 -4.23 -6.08 -14.76
N LEU B 624 -3.76 -6.06 -13.51
CA LEU B 624 -3.21 -7.28 -12.89
C LEU B 624 -4.29 -8.32 -12.63
N MET B 625 -5.41 -7.90 -12.06
CA MET B 625 -6.46 -8.84 -11.69
C MET B 625 -7.15 -9.44 -12.90
N LEU B 626 -7.57 -8.59 -13.84
CA LEU B 626 -8.27 -9.04 -15.04
C LEU B 626 -7.41 -10.01 -15.85
N LEU B 627 -6.10 -9.77 -15.85
CA LEU B 627 -5.16 -10.67 -16.51
C LEU B 627 -5.30 -12.08 -15.98
N TRP B 628 -5.27 -12.21 -14.66
CA TRP B 628 -5.39 -13.51 -14.01
C TRP B 628 -6.79 -14.10 -14.16
N ASP B 629 -7.81 -13.27 -13.96
CA ASP B 629 -9.19 -13.73 -14.00
C ASP B 629 -9.57 -14.34 -15.34
N VAL B 630 -8.81 -14.00 -16.39
CA VAL B 630 -9.06 -14.55 -17.71
C VAL B 630 -8.10 -15.68 -18.05
N LEU B 631 -6.81 -15.43 -17.89
CA LEU B 631 -5.79 -16.38 -18.34
C LEU B 631 -5.71 -17.64 -17.48
N ASN B 632 -6.29 -17.58 -16.29
CA ASN B 632 -6.37 -18.77 -15.43
C ASN B 632 -7.18 -19.85 -16.11
N GLY B 633 -8.42 -19.51 -16.48
CA GLY B 633 -9.31 -20.43 -17.14
C GLY B 633 -8.86 -20.78 -18.54
N VAL B 634 -8.32 -19.79 -19.26
CA VAL B 634 -7.81 -20.01 -20.61
C VAL B 634 -6.75 -21.10 -20.59
N THR B 635 -5.84 -21.02 -19.63
CA THR B 635 -4.76 -21.99 -19.49
C THR B 635 -5.31 -23.36 -19.08
N ARG B 636 -6.25 -23.37 -18.14
CA ARG B 636 -6.86 -24.61 -17.67
C ARG B 636 -7.60 -25.29 -18.83
N ARG B 637 -8.45 -24.53 -19.51
CA ARG B 637 -9.27 -25.08 -20.60
C ARG B 637 -8.41 -25.65 -21.71
N ALA B 638 -7.28 -25.00 -21.99
CA ALA B 638 -6.32 -25.52 -22.95
C ALA B 638 -5.74 -26.84 -22.44
N TRP B 639 -5.33 -26.83 -21.18
CA TRP B 639 -4.75 -28.02 -20.55
C TRP B 639 -5.75 -29.18 -20.51
N SER B 640 -7.03 -28.85 -20.38
CA SER B 640 -8.07 -29.87 -20.26
C SER B 640 -8.62 -30.34 -21.62
N GLY B 641 -8.03 -29.85 -22.71
CA GLY B 641 -8.35 -30.38 -24.02
C GLY B 641 -8.92 -29.43 -25.06
N ASN B 642 -9.32 -28.24 -24.64
CA ASN B 642 -9.85 -27.26 -25.59
C ASN B 642 -8.71 -26.63 -26.39
N ALA B 643 -8.72 -26.85 -27.70
CA ALA B 643 -7.62 -26.41 -28.56
C ALA B 643 -7.91 -25.09 -29.26
N CYS B 644 -9.15 -24.60 -29.14
CA CYS B 644 -9.58 -23.41 -29.87
C CYS B 644 -8.82 -22.16 -29.44
N GLY B 645 -8.49 -22.06 -28.16
CA GLY B 645 -7.77 -20.90 -27.65
C GLY B 645 -6.32 -21.19 -27.34
N HIS B 646 -5.82 -22.31 -27.87
CA HIS B 646 -4.44 -22.73 -27.64
C HIS B 646 -3.45 -21.67 -28.15
N GLU B 647 -3.70 -21.16 -29.35
CA GLU B 647 -2.84 -20.13 -29.93
C GLU B 647 -2.97 -18.81 -29.18
N ALA B 648 -4.19 -18.51 -28.74
CA ALA B 648 -4.45 -17.30 -27.96
C ALA B 648 -3.65 -17.35 -26.65
N MET B 649 -3.58 -18.53 -26.06
CA MET B 649 -2.82 -18.75 -24.84
C MET B 649 -1.34 -18.48 -25.08
N LEU B 650 -0.82 -19.03 -26.18
CA LEU B 650 0.60 -18.92 -26.50
C LEU B 650 0.98 -17.49 -26.87
N ARG B 651 0.05 -16.76 -27.48
CA ARG B 651 0.29 -15.35 -27.77
C ARG B 651 0.36 -14.55 -26.48
N ALA B 652 -0.55 -14.86 -25.56
CA ALA B 652 -0.57 -14.22 -24.25
C ALA B 652 0.74 -14.46 -23.53
N VAL B 653 1.21 -15.70 -23.57
CA VAL B 653 2.48 -16.07 -22.94
C VAL B 653 3.64 -15.25 -23.50
N SER B 654 3.67 -15.11 -24.82
CA SER B 654 4.71 -14.33 -25.48
C SER B 654 4.56 -12.84 -25.19
N ARG B 655 3.32 -12.39 -25.09
CA ARG B 655 3.03 -10.97 -24.88
C ARG B 655 3.24 -10.54 -23.44
N VAL B 656 2.79 -11.36 -22.50
CA VAL B 656 2.81 -10.99 -21.09
C VAL B 656 4.07 -11.45 -20.37
N GLU B 657 4.85 -10.48 -19.91
CA GLU B 657 6.01 -10.76 -19.07
C GLU B 657 5.55 -11.35 -17.74
N GLY B 658 6.20 -12.41 -17.30
CA GLY B 658 5.83 -13.06 -16.06
C GLY B 658 4.83 -14.18 -16.27
N LEU B 659 4.30 -14.29 -17.48
CA LEU B 659 3.38 -15.38 -17.81
C LEU B 659 4.13 -16.52 -18.49
N HIS B 660 4.07 -17.70 -17.87
CA HIS B 660 4.71 -18.89 -18.41
C HIS B 660 3.94 -20.11 -17.92
N VAL B 661 3.25 -20.78 -18.84
CA VAL B 661 2.35 -21.87 -18.45
C VAL B 661 2.78 -23.20 -19.03
N THR B 662 2.22 -24.28 -18.48
CA THR B 662 2.50 -25.62 -18.98
C THR B 662 1.67 -25.88 -20.23
N VAL B 663 2.34 -25.95 -21.37
CA VAL B 663 1.67 -26.14 -22.65
C VAL B 663 1.38 -27.61 -22.92
N PRO B 664 0.09 -27.97 -22.98
CA PRO B 664 -0.31 -29.36 -23.17
C PRO B 664 0.01 -29.91 -24.56
N GLN B 665 0.54 -31.12 -24.60
CA GLN B 665 0.72 -31.83 -25.86
C GLN B 665 -0.34 -32.93 -25.95
N HIS B 666 -1.50 -32.56 -26.46
CA HIS B 666 -2.63 -33.49 -26.52
C HIS B 666 -2.43 -34.53 -27.60
N VAL B 667 -2.46 -35.80 -27.21
CA VAL B 667 -2.39 -36.89 -28.17
C VAL B 667 -3.76 -37.08 -28.81
N HIS B 668 -3.77 -37.29 -30.12
CA HIS B 668 -5.02 -37.54 -30.83
C HIS B 668 -5.57 -38.90 -30.42
N PRO B 669 -6.84 -38.94 -30.00
CA PRO B 669 -7.50 -40.13 -29.45
C PRO B 669 -7.42 -41.34 -30.39
N ASP B 670 -7.41 -41.09 -31.69
CA ASP B 670 -7.27 -42.16 -32.67
C ASP B 670 -5.86 -42.74 -32.63
N VAL B 671 -4.87 -41.86 -32.63
CA VAL B 671 -3.47 -42.28 -32.58
C VAL B 671 -3.04 -42.63 -31.16
N SER C 3 34.80 -6.58 3.44
CA SER C 3 33.94 -6.95 4.54
C SER C 3 32.75 -7.78 4.07
N MET C 4 32.09 -8.45 5.00
CA MET C 4 30.93 -9.27 4.68
C MET C 4 29.72 -8.84 5.50
N LYS C 5 28.64 -9.61 5.42
CA LYS C 5 27.42 -9.31 6.14
C LYS C 5 27.61 -9.42 7.64
N LYS C 6 28.58 -10.22 8.05
CA LYS C 6 28.86 -10.44 9.47
C LYS C 6 29.44 -9.18 10.12
N VAL C 7 30.41 -8.56 9.44
CA VAL C 7 31.10 -7.39 9.99
C VAL C 7 30.23 -6.14 9.97
N LEU C 8 29.33 -6.06 9.00
CA LEU C 8 28.50 -4.87 8.82
C LEU C 8 27.32 -4.81 9.78
N THR C 9 27.24 -5.76 10.70
CA THR C 9 26.19 -5.79 11.71
C THR C 9 26.38 -4.67 12.72
N SER C 10 27.58 -4.11 12.75
CA SER C 10 27.91 -3.00 13.65
C SER C 10 27.25 -1.70 13.19
N LEU C 11 26.75 -1.70 11.97
CA LEU C 11 26.04 -0.54 11.43
C LEU C 11 24.72 -0.31 12.14
N ALA C 12 24.26 -1.31 12.89
CA ALA C 12 22.97 -1.25 13.56
C ALA C 12 23.08 -0.81 15.01
N VAL C 13 24.29 -0.75 15.55
CA VAL C 13 24.47 -0.48 16.98
C VAL C 13 24.34 1.01 17.31
N GLY C 14 24.64 1.89 16.34
CA GLY C 14 24.63 3.32 16.60
C GLY C 14 25.77 3.71 17.51
N ILE C 15 25.46 4.42 18.60
CA ILE C 15 26.44 4.75 19.61
C ILE C 15 26.64 3.56 20.52
N PRO C 16 27.79 2.86 20.37
CA PRO C 16 28.00 1.60 21.09
C PRO C 16 28.22 1.78 22.58
N SER C 17 27.74 0.82 23.37
CA SER C 17 27.92 0.84 24.81
C SER C 17 28.68 -0.40 25.27
N PRO C 18 29.88 -0.20 25.83
CA PRO C 18 30.51 1.10 26.07
C PRO C 18 31.12 1.71 24.81
N LEU C 19 31.63 2.93 24.94
CA LEU C 19 32.24 3.64 23.82
C LEU C 19 33.50 2.92 23.33
N PRO C 20 33.82 3.06 22.04
CA PRO C 20 35.04 2.47 21.47
C PRO C 20 36.29 3.12 22.06
N PRO C 21 37.47 2.51 21.87
CA PRO C 21 38.70 3.13 22.36
C PRO C 21 38.94 4.49 21.71
N PRO C 22 39.38 5.48 22.49
CA PRO C 22 39.64 6.83 21.99
C PRO C 22 40.72 6.86 20.93
N CYS C 23 40.44 7.52 19.81
CA CYS C 23 41.42 7.62 18.72
C CYS C 23 42.60 8.48 19.13
N LYS C 24 43.65 7.84 19.62
CA LYS C 24 44.84 8.55 20.08
C LYS C 24 45.83 8.77 18.93
N GLU C 25 45.39 8.49 17.71
CA GLU C 25 46.23 8.67 16.53
C GLU C 25 45.39 8.79 15.27
N LEU C 26 45.85 9.62 14.34
CA LEU C 26 45.16 9.81 13.07
C LEU C 26 45.84 9.02 11.95
N ASP C 27 45.04 8.38 11.11
CA ASP C 27 45.57 7.59 10.00
C ASP C 27 46.14 8.50 8.92
N GLU C 28 47.44 8.35 8.65
CA GLU C 28 48.13 9.22 7.71
C GLU C 28 48.14 8.63 6.29
N SER C 29 47.35 7.60 6.06
CA SER C 29 47.25 6.99 4.74
C SER C 29 46.34 7.81 3.84
N VAL C 30 45.57 8.71 4.46
CA VAL C 30 44.66 9.58 3.72
C VAL C 30 44.97 11.05 4.01
N PRO C 31 44.66 11.93 3.04
CA PRO C 31 44.77 13.37 3.31
C PRO C 31 43.65 13.84 4.23
N HIS C 32 43.97 14.72 5.17
CA HIS C 32 42.98 15.21 6.12
C HIS C 32 42.56 16.64 5.81
N ALA C 33 41.39 17.02 6.30
CA ALA C 33 40.87 18.37 6.13
C ALA C 33 41.77 19.38 6.84
N PRO C 34 41.89 20.59 6.29
CA PRO C 34 42.68 21.63 6.95
C PRO C 34 42.05 22.06 8.27
N LYS C 35 42.85 22.65 9.15
CA LYS C 35 42.36 23.14 10.43
C LYS C 35 41.33 24.23 10.23
N ARG C 36 40.12 24.00 10.73
CA ARG C 36 39.05 24.98 10.62
C ARG C 36 39.30 26.15 11.57
N THR C 37 38.83 27.34 11.20
CA THR C 37 39.00 28.52 12.04
C THR C 37 37.67 29.23 12.28
N PRO C 38 36.87 28.68 13.21
CA PRO C 38 35.56 29.27 13.52
C PRO C 38 35.67 30.54 14.36
N ASN C 39 36.82 30.72 15.02
CA ASN C 39 37.06 31.87 15.89
C ASN C 39 35.96 32.02 16.94
N LEU C 40 35.60 30.91 17.57
CA LEU C 40 34.49 30.87 18.51
C LEU C 40 34.75 31.70 19.76
N SER C 41 33.69 32.35 20.25
CA SER C 41 33.72 33.01 21.54
C SER C 41 33.71 31.96 22.64
N PRO C 42 34.22 32.31 23.83
CA PRO C 42 34.21 31.37 24.97
C PRO C 42 32.82 30.79 25.26
N ALA C 43 31.79 31.59 25.03
CA ALA C 43 30.41 31.14 25.25
C ALA C 43 29.99 30.16 24.16
N ASP C 44 30.42 30.42 22.93
CA ASP C 44 30.11 29.53 21.81
C ASP C 44 30.97 28.27 21.86
N ARG C 45 32.20 28.41 22.33
CA ARG C 45 33.12 27.28 22.41
C ARG C 45 32.62 26.26 23.42
N ARG C 46 32.12 26.74 24.55
CA ARG C 46 31.56 25.86 25.58
C ARG C 46 30.24 25.26 25.10
N GLN C 47 29.47 26.04 24.35
CA GLN C 47 28.19 25.58 23.81
C GLN C 47 28.41 24.52 22.74
N ALA C 48 29.52 24.64 22.01
CA ALA C 48 29.88 23.67 20.99
C ALA C 48 30.17 22.31 21.63
N ILE C 49 30.79 22.34 22.80
CA ILE C 49 31.08 21.12 23.55
C ILE C 49 29.79 20.49 24.06
N ALA C 50 28.93 21.30 24.65
CA ALA C 50 27.66 20.83 25.17
C ALA C 50 26.77 20.26 24.07
N ASN C 51 26.87 20.84 22.87
CA ASN C 51 26.12 20.35 21.72
C ASN C 51 26.63 18.99 21.26
N ALA C 52 27.94 18.79 21.35
CA ALA C 52 28.55 17.54 20.92
C ALA C 52 28.29 16.43 21.94
N LEU C 53 28.17 16.80 23.20
CA LEU C 53 27.96 15.84 24.28
C LEU C 53 26.51 15.33 24.32
N ARG C 54 25.64 15.98 23.55
CA ARG C 54 24.22 15.61 23.53
C ARG C 54 24.00 14.19 23.01
N TYR C 55 24.98 13.65 22.30
CA TYR C 55 24.85 12.33 21.69
C TYR C 55 25.24 11.18 22.63
N PHE C 56 25.93 11.51 23.72
CA PHE C 56 26.52 10.49 24.57
C PHE C 56 25.91 10.46 25.97
N ASN C 57 26.08 9.34 26.66
CA ASN C 57 25.60 9.19 28.03
C ASN C 57 26.25 10.19 28.97
N THR C 58 25.50 10.64 29.96
CA THR C 58 25.98 11.66 30.89
C THR C 58 27.21 11.23 31.67
N ALA C 59 27.39 9.91 31.80
CA ALA C 59 28.54 9.36 32.51
C ALA C 59 29.83 9.56 31.71
N ASP C 60 29.72 9.55 30.38
CA ASP C 60 30.87 9.71 29.52
C ASP C 60 31.17 11.19 29.24
N HIS C 61 30.30 12.06 29.74
CA HIS C 61 30.40 13.49 29.47
C HIS C 61 31.69 14.12 30.03
N GLU C 62 32.13 13.61 31.18
CA GLU C 62 33.32 14.16 31.83
C GLU C 62 34.58 13.94 31.00
N VAL C 63 34.74 12.72 30.48
CA VAL C 63 35.91 12.37 29.70
C VAL C 63 35.85 13.01 28.31
N LEU C 64 34.69 12.96 27.68
CA LEU C 64 34.51 13.44 26.31
C LEU C 64 34.56 14.96 26.21
N ALA C 65 34.28 15.65 27.32
CA ALA C 65 34.32 17.10 27.33
C ALA C 65 35.72 17.60 27.00
N GLU C 66 36.73 16.95 27.58
CA GLU C 66 38.12 17.31 27.32
C GLU C 66 38.57 16.79 25.96
N GLU C 67 38.15 15.58 25.61
CA GLU C 67 38.51 14.96 24.35
C GLU C 67 38.05 15.80 23.16
N PHE C 68 36.79 16.24 23.22
CA PHE C 68 36.23 17.07 22.16
C PHE C 68 36.86 18.46 22.17
N SER C 69 37.29 18.90 23.36
CA SER C 69 38.00 20.17 23.49
C SER C 69 39.34 20.08 22.78
N ARG C 70 39.96 18.91 22.84
CA ARG C 70 41.25 18.68 22.18
C ARG C 70 41.09 18.64 20.67
N GLU C 71 40.00 18.03 20.21
CA GLU C 71 39.69 18.00 18.78
C GLU C 71 39.45 19.40 18.24
N LEU C 72 38.84 20.23 19.08
CA LEU C 72 38.44 21.58 18.68
C LEU C 72 39.64 22.52 18.56
N ASP C 73 40.70 22.23 19.29
CA ASP C 73 41.90 23.06 19.26
C ASP C 73 42.88 22.60 18.20
N GLU C 74 42.92 21.29 17.97
CA GLU C 74 43.87 20.70 17.03
C GLU C 74 43.37 20.76 15.60
N TYR C 75 42.06 20.58 15.42
CA TYR C 75 41.49 20.46 14.09
C TYR C 75 40.50 21.59 13.78
N GLY C 76 40.07 22.30 14.82
CA GLY C 76 39.10 23.37 14.65
C GLY C 76 37.70 22.85 14.47
N HIS C 77 37.51 21.57 14.75
CA HIS C 77 36.20 20.94 14.61
C HIS C 77 36.13 19.65 15.43
N ILE C 78 34.96 19.39 16.00
CA ILE C 78 34.73 18.16 16.76
C ILE C 78 34.25 17.05 15.84
N TYR C 79 35.19 16.24 15.37
CA TYR C 79 34.87 15.16 14.44
C TYR C 79 34.46 13.88 15.16
N MET C 80 34.83 13.79 16.44
CA MET C 80 34.59 12.60 17.25
C MET C 80 35.23 11.38 16.59
N TYR C 81 36.55 11.44 16.41
CA TYR C 81 37.31 10.38 15.73
C TYR C 81 37.17 9.02 16.42
N ARG C 82 36.78 9.04 17.69
CA ARG C 82 36.59 7.83 18.46
C ARG C 82 35.54 6.91 17.84
N LEU C 83 34.54 7.50 17.20
CA LEU C 83 33.41 6.75 16.67
C LEU C 83 33.56 6.34 15.22
N ARG C 84 34.71 6.63 14.61
CA ARG C 84 34.94 6.23 13.22
C ARG C 84 35.21 4.73 13.13
N PRO C 85 34.36 4.02 12.37
CA PRO C 85 34.53 2.57 12.18
C PRO C 85 35.86 2.21 11.53
N THR C 86 36.62 1.33 12.15
CA THR C 86 37.90 0.89 11.62
C THR C 86 37.88 -0.61 11.35
N GLN C 87 36.83 -1.27 11.81
CA GLN C 87 36.67 -2.71 11.65
C GLN C 87 36.56 -3.14 10.19
N TYR C 88 35.96 -2.28 9.36
CA TYR C 88 35.78 -2.58 7.95
C TYR C 88 36.24 -1.43 7.07
N GLU C 89 36.33 -1.70 5.76
CA GLU C 89 36.66 -0.67 4.79
C GLU C 89 35.43 0.14 4.43
N MET C 90 35.52 1.46 4.57
CA MET C 90 34.40 2.34 4.25
C MET C 90 34.19 2.41 2.74
N ARG C 91 33.15 1.71 2.26
CA ARG C 91 32.86 1.66 0.84
C ARG C 91 31.44 1.18 0.56
N ALA C 92 31.02 1.29 -0.69
CA ALA C 92 29.73 0.78 -1.11
C ALA C 92 29.75 -0.73 -1.20
N TYR C 93 29.00 -1.40 -0.32
CA TYR C 93 28.91 -2.86 -0.32
C TYR C 93 27.62 -3.30 -1.02
N PRO C 94 27.58 -4.56 -1.49
CA PRO C 94 26.34 -5.12 -2.02
C PRO C 94 25.17 -4.95 -1.06
N ILE C 95 24.01 -4.57 -1.60
CA ILE C 95 22.85 -4.19 -0.79
C ILE C 95 22.40 -5.30 0.17
N THR C 96 22.71 -6.55 -0.17
CA THR C 96 22.30 -7.68 0.65
C THR C 96 23.21 -7.88 1.85
N ASP C 97 24.34 -7.18 1.89
CA ASP C 97 25.29 -7.31 2.99
C ASP C 97 24.88 -6.46 4.20
N TYR C 98 23.88 -5.62 4.02
CA TYR C 98 23.45 -4.71 5.08
C TYR C 98 22.36 -5.33 5.95
N PRO C 99 22.50 -5.20 7.28
CA PRO C 99 21.57 -5.76 8.26
C PRO C 99 20.34 -4.88 8.47
N ALA C 100 19.73 -4.45 7.38
CA ALA C 100 18.60 -3.53 7.44
C ALA C 100 17.28 -4.27 7.24
N LYS C 101 16.20 -3.66 7.71
CA LYS C 101 14.86 -4.20 7.50
C LYS C 101 14.38 -3.87 6.08
N SER C 102 14.68 -2.66 5.64
CA SER C 102 14.21 -2.17 4.35
C SER C 102 15.32 -2.11 3.31
N LYS C 103 15.02 -2.64 2.12
CA LYS C 103 15.96 -2.60 1.00
C LYS C 103 16.24 -1.16 0.59
N TYR C 104 15.22 -0.30 0.73
CA TYR C 104 15.36 1.12 0.40
C TYR C 104 16.33 1.80 1.35
N ALA C 105 16.26 1.42 2.62
CA ALA C 105 17.18 1.94 3.63
C ALA C 105 18.59 1.42 3.38
N ALA C 106 18.69 0.13 3.06
CA ALA C 106 19.97 -0.48 2.74
C ALA C 106 20.61 0.20 1.54
N ALA C 107 19.77 0.58 0.58
CA ALA C 107 20.22 1.31 -0.60
C ALA C 107 20.82 2.66 -0.21
N MET C 108 20.21 3.33 0.75
CA MET C 108 20.70 4.62 1.20
C MET C 108 22.03 4.47 1.94
N MET C 109 22.14 3.39 2.72
CA MET C 109 23.36 3.11 3.47
C MET C 109 24.54 2.90 2.53
N MET C 110 24.31 2.19 1.44
CA MET C 110 25.36 1.94 0.45
C MET C 110 25.82 3.25 -0.18
N MET C 111 24.86 4.10 -0.52
CA MET C 111 25.16 5.38 -1.14
C MET C 111 25.91 6.31 -0.20
N ILE C 112 25.56 6.24 1.09
CA ILE C 112 26.25 7.02 2.11
C ILE C 112 27.72 6.61 2.21
N MET C 113 27.96 5.30 2.32
CA MET C 113 29.31 4.78 2.48
C MET C 113 30.15 4.99 1.22
N ASN C 114 29.48 5.25 0.09
CA ASN C 114 30.19 5.58 -1.14
C ASN C 114 30.78 6.99 -1.05
N ASN C 115 30.03 7.90 -0.44
CA ASN C 115 30.49 9.28 -0.26
C ASN C 115 31.63 9.39 0.73
N LEU C 116 31.87 8.32 1.49
CA LEU C 116 32.89 8.34 2.54
C LEU C 116 34.05 7.40 2.20
N ASP C 117 34.05 6.87 0.99
CA ASP C 117 35.13 6.00 0.52
C ASP C 117 36.41 6.82 0.34
N ASN C 118 37.54 6.24 0.75
CA ASN C 118 38.83 6.92 0.64
C ASN C 118 39.18 7.25 -0.81
N ARG C 119 38.74 6.40 -1.72
CA ARG C 119 38.98 6.60 -3.15
C ARG C 119 38.04 7.68 -3.71
N VAL C 120 36.90 7.85 -3.05
CA VAL C 120 35.87 8.77 -3.54
C VAL C 120 35.97 10.15 -2.88
N ALA C 121 35.89 10.18 -1.55
CA ALA C 121 35.88 11.44 -0.81
C ALA C 121 37.26 12.10 -0.78
N MET C 122 37.26 13.43 -0.65
CA MET C 122 38.50 14.18 -0.48
C MET C 122 39.11 13.90 0.88
N PHE C 123 38.35 14.21 1.92
CA PHE C 123 38.77 13.98 3.29
C PHE C 123 37.81 13.02 3.98
N PRO C 124 38.01 11.70 3.77
CA PRO C 124 37.08 10.66 4.22
C PRO C 124 36.94 10.61 5.75
N HIS C 125 38.02 10.85 6.47
CA HIS C 125 37.98 10.76 7.93
C HIS C 125 37.37 12.00 8.56
N GLU C 126 37.17 13.04 7.76
CA GLU C 126 36.51 14.25 8.21
C GLU C 126 35.13 14.40 7.57
N LEU C 127 34.68 13.31 6.93
CA LEU C 127 33.36 13.23 6.32
C LEU C 127 33.14 14.31 5.25
N ILE C 128 34.23 14.74 4.62
CA ILE C 128 34.15 15.70 3.53
C ILE C 128 34.35 14.99 2.20
N THR C 129 33.34 15.06 1.34
CA THR C 129 33.39 14.35 0.06
C THR C 129 34.13 15.14 -1.01
N TYR C 130 33.67 16.35 -1.30
CA TYR C 130 34.30 17.18 -2.32
C TYR C 130 34.10 18.66 -2.04
N GLY C 131 34.79 19.50 -2.83
CA GLY C 131 34.68 20.94 -2.69
C GLY C 131 35.44 21.48 -1.50
N GLY C 132 36.19 20.62 -0.83
CA GLY C 132 36.97 21.02 0.33
C GLY C 132 36.14 21.07 1.62
N ASN C 133 34.88 21.44 1.50
CA ASN C 133 34.01 21.57 2.66
C ASN C 133 32.60 21.01 2.45
N GLY C 134 32.40 20.32 1.34
CA GLY C 134 31.14 19.64 1.09
C GLY C 134 31.07 18.35 1.88
N GLY C 135 30.34 18.36 2.98
CA GLY C 135 30.37 17.26 3.92
C GLY C 135 29.16 16.34 3.90
N VAL C 136 29.34 15.16 4.50
CA VAL C 136 28.28 14.16 4.57
C VAL C 136 27.59 14.23 5.94
N PHE C 137 28.41 14.32 6.99
CA PHE C 137 27.91 14.54 8.35
C PHE C 137 28.81 15.54 9.06
N ASN C 138 28.30 16.15 10.14
CA ASN C 138 29.07 17.09 10.93
C ASN C 138 30.13 16.36 11.75
N ASN C 139 29.77 15.16 12.21
CA ASN C 139 30.66 14.34 13.02
C ASN C 139 30.35 12.85 12.82
N TRP C 140 31.06 11.99 13.54
CA TRP C 140 30.89 10.55 13.36
C TRP C 140 29.77 9.98 14.21
N ALA C 141 29.34 10.70 15.24
CA ALA C 141 28.19 10.27 16.03
C ALA C 141 26.94 10.32 15.17
N GLN C 142 26.83 11.36 14.37
CA GLN C 142 25.72 11.52 13.45
C GLN C 142 25.74 10.40 12.41
N PHE C 143 26.94 9.97 12.03
CA PHE C 143 27.08 8.84 11.12
C PHE C 143 26.55 7.57 11.76
N CYS C 144 27.02 7.28 12.98
CA CYS C 144 26.63 6.07 13.69
C CYS C 144 25.13 6.00 13.94
N LEU C 145 24.55 7.11 14.37
CA LEU C 145 23.12 7.16 14.66
C LEU C 145 22.27 7.02 13.42
N THR C 146 22.69 7.68 12.34
CA THR C 146 21.97 7.60 11.06
C THR C 146 21.92 6.17 10.57
N MET C 147 23.07 5.49 10.59
CA MET C 147 23.13 4.10 10.14
C MET C 147 22.29 3.18 11.04
N LYS C 148 22.26 3.48 12.33
CA LYS C 148 21.42 2.73 13.26
C LYS C 148 19.96 2.82 12.87
N TYR C 149 19.48 4.05 12.69
CA TYR C 149 18.10 4.31 12.27
C TYR C 149 17.77 3.60 10.97
N LEU C 150 18.65 3.74 9.97
CA LEU C 150 18.44 3.15 8.66
C LEU C 150 18.35 1.63 8.75
N CYS C 151 19.12 1.03 9.64
CA CYS C 151 19.06 -0.41 9.88
C CYS C 151 17.74 -0.79 10.56
N GLU C 152 17.26 0.11 11.41
CA GLU C 152 16.11 -0.17 12.27
C GLU C 152 14.77 0.16 11.61
N MET C 153 14.76 1.21 10.78
CA MET C 153 13.52 1.73 10.24
C MET C 153 12.76 0.75 9.35
N THR C 154 11.45 0.97 9.24
CA THR C 154 10.60 0.21 8.33
C THR C 154 10.22 1.10 7.16
N ASP C 155 9.40 0.57 6.26
CA ASP C 155 8.94 1.35 5.11
C ASP C 155 7.75 2.23 5.46
N HIS C 156 7.37 2.24 6.73
CA HIS C 156 6.31 3.12 7.22
C HIS C 156 6.90 4.24 8.07
N GLN C 157 8.20 4.46 7.92
CA GLN C 157 8.89 5.50 8.68
C GLN C 157 9.71 6.41 7.78
N THR C 158 10.09 7.57 8.31
CA THR C 158 10.91 8.51 7.58
C THR C 158 11.95 9.14 8.52
N LEU C 159 13.21 9.08 8.12
CA LEU C 159 14.29 9.68 8.89
C LEU C 159 14.44 11.16 8.55
N ALA C 160 14.45 12.01 9.58
CA ALA C 160 14.63 13.43 9.39
C ALA C 160 16.06 13.84 9.69
N LEU C 161 16.78 14.28 8.66
CA LEU C 161 18.18 14.65 8.81
C LEU C 161 18.39 16.17 8.85
N TYR C 162 18.69 16.68 10.04
CA TYR C 162 18.92 18.11 10.24
C TYR C 162 20.39 18.49 10.07
N SER C 163 20.79 18.76 8.83
CA SER C 163 22.17 19.15 8.53
C SER C 163 23.18 18.17 9.12
N GLY C 164 22.91 16.88 8.94
CA GLY C 164 23.76 15.83 9.48
C GLY C 164 23.14 15.17 10.69
N HIS C 165 22.41 15.95 11.48
CA HIS C 165 21.78 15.42 12.69
C HIS C 165 20.55 14.60 12.39
N PRO C 166 20.57 13.32 12.80
CA PRO C 166 19.39 12.46 12.67
C PRO C 166 18.39 12.78 13.78
N LEU C 167 17.43 13.64 13.48
CA LEU C 167 16.42 14.07 14.45
C LEU C 167 15.68 12.88 15.03
N GLY C 168 15.37 11.91 14.17
CA GLY C 168 14.70 10.70 14.59
C GLY C 168 13.85 10.09 13.50
N LEU C 169 13.29 8.91 13.79
CA LEU C 169 12.38 8.27 12.87
C LEU C 169 10.95 8.68 13.17
N PHE C 170 10.23 9.10 12.14
CA PHE C 170 8.85 9.54 12.29
C PHE C 170 7.94 8.72 11.36
N PRO C 171 6.74 8.38 11.85
CA PRO C 171 5.78 7.59 11.07
C PRO C 171 5.46 8.24 9.72
N SER C 172 5.31 7.40 8.69
CA SER C 172 4.90 7.86 7.38
C SER C 172 4.20 6.73 6.64
N HIS C 173 4.53 6.54 5.37
CA HIS C 173 3.91 5.50 4.56
C HIS C 173 4.90 4.98 3.49
N PRO C 174 4.62 3.79 2.92
CA PRO C 174 5.51 3.19 1.92
C PRO C 174 5.89 4.10 0.75
N ASP C 175 4.95 4.92 0.29
CA ASP C 175 5.22 5.81 -0.84
C ASP C 175 6.05 7.02 -0.43
N ALA C 176 6.09 7.30 0.86
CA ALA C 176 6.83 8.43 1.39
C ALA C 176 8.34 8.22 1.29
N PRO C 177 9.11 9.31 1.25
CA PRO C 177 10.57 9.18 1.26
C PRO C 177 11.05 8.53 2.56
N ARG C 178 12.11 7.73 2.47
CA ARG C 178 12.66 7.10 3.66
C ARG C 178 13.48 8.11 4.48
N ALA C 179 13.88 9.19 3.82
CA ALA C 179 14.65 10.23 4.50
C ALA C 179 14.44 11.60 3.86
N VAL C 180 14.40 12.62 4.70
CA VAL C 180 14.36 14.01 4.23
C VAL C 180 15.62 14.73 4.71
N ILE C 181 16.43 15.16 3.76
CA ILE C 181 17.72 15.77 4.08
C ILE C 181 17.73 17.27 3.89
N THR C 182 18.13 17.99 4.94
CA THR C 182 18.41 19.41 4.81
C THR C 182 19.88 19.63 5.16
N ASN C 183 20.51 20.60 4.52
CA ASN C 183 21.90 20.92 4.79
C ASN C 183 22.18 22.40 4.60
N GLY C 184 22.52 23.06 5.70
CA GLY C 184 22.89 24.47 5.67
C GLY C 184 21.70 25.41 5.56
N MET C 185 20.50 24.88 5.75
CA MET C 185 19.29 25.71 5.71
C MET C 185 19.36 26.78 6.79
N MET C 186 19.31 28.04 6.36
CA MET C 186 19.46 29.16 7.27
C MET C 186 18.33 30.16 7.16
N VAL C 187 18.01 30.81 8.27
CA VAL C 187 17.24 32.04 8.23
C VAL C 187 18.04 33.00 7.36
N PRO C 188 17.47 33.43 6.23
CA PRO C 188 18.16 34.11 5.11
C PRO C 188 19.22 35.13 5.50
N ASN C 189 18.88 36.08 6.37
CA ASN C 189 19.81 37.15 6.72
C ASN C 189 21.02 36.68 7.51
N TYR C 190 21.01 35.41 7.92
CA TYR C 190 22.10 34.88 8.74
C TYR C 190 22.92 33.85 7.99
N SER C 191 22.72 33.77 6.68
CA SER C 191 23.46 32.83 5.85
C SER C 191 24.78 33.40 5.37
N THR C 192 25.61 33.84 6.32
CA THR C 192 26.93 34.36 6.00
C THR C 192 28.00 33.28 6.20
N ARG C 193 29.19 33.54 5.67
CA ARG C 193 30.31 32.62 5.83
C ARG C 193 30.67 32.45 7.30
N GLU C 194 30.63 33.55 8.03
CA GLU C 194 30.97 33.55 9.45
C GLU C 194 30.02 32.66 10.25
N GLN C 195 28.75 32.68 9.90
CA GLN C 195 27.76 31.86 10.59
C GLN C 195 27.91 30.39 10.20
N TYR C 196 28.36 30.14 8.98
CA TYR C 196 28.66 28.76 8.59
C TYR C 196 29.80 28.23 9.45
N ASP C 197 30.91 28.97 9.48
CA ASP C 197 32.08 28.59 10.27
C ASP C 197 31.73 28.40 11.73
N ARG C 198 30.86 29.28 12.24
CA ARG C 198 30.47 29.24 13.64
C ARG C 198 29.60 28.03 13.97
N LEU C 199 28.47 27.92 13.28
CA LEU C 199 27.48 26.89 13.59
C LEU C 199 27.95 25.48 13.20
N TYR C 200 28.86 25.40 12.24
CA TYR C 200 29.46 24.13 11.86
C TYR C 200 30.28 23.59 13.02
N ALA C 201 31.10 24.46 13.61
CA ALA C 201 31.90 24.10 14.76
C ALA C 201 31.03 23.81 15.98
N MET C 202 29.90 24.51 16.07
CA MET C 202 28.97 24.32 17.18
C MET C 202 28.06 23.12 16.94
N GLY C 203 28.22 22.47 15.79
CA GLY C 203 27.47 21.28 15.47
C GLY C 203 26.00 21.52 15.19
N CYS C 204 25.68 22.74 14.76
CA CYS C 204 24.30 23.11 14.47
C CYS C 204 23.97 22.96 12.98
N THR C 205 25.00 23.03 12.14
CA THR C 205 24.80 22.92 10.70
C THR C 205 26.03 22.38 10.00
N GLN C 206 25.90 22.17 8.69
CA GLN C 206 27.03 21.81 7.85
C GLN C 206 26.77 22.23 6.41
N TYR C 207 27.80 22.19 5.59
CA TYR C 207 27.69 22.49 4.17
C TYR C 207 27.78 21.20 3.37
N GLY C 208 26.68 20.82 2.72
CA GLY C 208 26.61 19.55 2.04
C GLY C 208 26.85 19.62 0.55
N GLN C 209 27.26 20.80 0.07
CA GLN C 209 27.44 21.04 -1.36
C GLN C 209 26.18 20.65 -2.13
N MET C 210 26.34 19.70 -3.04
CA MET C 210 25.20 19.20 -3.80
C MET C 210 24.97 17.71 -3.57
N THR C 211 25.90 16.88 -4.02
CA THR C 211 25.75 15.43 -3.91
C THR C 211 26.44 14.85 -2.68
N ALA C 212 27.23 15.68 -2.00
CA ALA C 212 27.94 15.24 -0.80
C ALA C 212 26.99 14.97 0.35
N GLY C 213 26.20 15.98 0.72
CA GLY C 213 25.27 15.86 1.82
C GLY C 213 24.04 15.04 1.49
N SER C 214 23.78 14.85 0.20
CA SER C 214 22.59 14.12 -0.24
C SER C 214 22.90 12.66 -0.58
N PHE C 215 24.12 12.23 -0.27
CA PHE C 215 24.53 10.84 -0.36
C PHE C 215 24.45 10.27 -1.78
N CYS C 216 24.72 11.08 -2.79
CA CYS C 216 24.66 10.58 -4.17
C CYS C 216 25.78 11.13 -5.05
N TYR C 217 26.97 11.24 -4.47
CA TYR C 217 28.17 11.56 -5.25
C TYR C 217 28.78 10.25 -5.76
N ILE C 218 29.07 10.19 -7.05
CA ILE C 218 29.53 8.95 -7.66
C ILE C 218 30.94 9.06 -8.23
N GLY C 219 31.77 9.91 -7.62
CA GLY C 219 33.12 10.12 -8.08
C GLY C 219 33.17 11.23 -9.12
N PRO C 220 34.34 11.40 -9.77
CA PRO C 220 34.54 12.40 -10.82
C PRO C 220 33.56 12.23 -11.99
N GLN C 221 33.07 11.00 -12.16
CA GLN C 221 32.16 10.68 -13.25
C GLN C 221 30.88 11.49 -13.18
N GLY C 222 30.46 11.83 -11.95
CA GLY C 222 29.21 12.57 -11.74
C GLY C 222 29.12 13.90 -12.45
N ILE C 223 30.28 14.46 -12.82
CA ILE C 223 30.30 15.71 -13.55
C ILE C 223 31.23 15.62 -14.76
N VAL C 224 31.40 14.41 -15.27
CA VAL C 224 32.28 14.17 -16.42
C VAL C 224 31.53 14.33 -17.73
N HIS C 225 30.24 14.04 -17.73
CA HIS C 225 29.44 14.17 -18.93
C HIS C 225 29.07 15.62 -19.21
N GLY C 226 28.67 16.34 -18.16
CA GLY C 226 28.33 17.74 -18.28
C GLY C 226 29.52 18.60 -18.68
N THR C 227 30.70 18.17 -18.26
CA THR C 227 31.93 18.88 -18.61
C THR C 227 32.31 18.60 -20.06
N THR C 228 32.00 17.40 -20.52
CA THR C 228 32.25 17.02 -21.91
C THR C 228 31.32 17.79 -22.85
N ILE C 229 30.05 17.86 -22.47
CA ILE C 229 29.05 18.57 -23.25
C ILE C 229 29.39 20.06 -23.37
N THR C 230 29.89 20.64 -22.28
CA THR C 230 30.28 22.04 -22.25
C THR C 230 31.41 22.32 -23.22
N PHE C 231 32.43 21.45 -23.21
CA PHE C 231 33.57 21.59 -24.11
C PHE C 231 33.17 21.49 -25.57
N ARG C 232 32.32 20.52 -25.88
CA ARG C 232 31.89 20.28 -27.25
C ARG C 232 31.09 21.43 -27.82
N ASN C 233 30.08 21.87 -27.06
CA ASN C 233 29.21 22.97 -27.51
C ASN C 233 29.93 24.32 -27.50
N ALA C 234 31.02 24.41 -26.77
CA ALA C 234 31.85 25.61 -26.79
C ALA C 234 32.68 25.63 -28.05
N GLY C 235 32.97 24.45 -28.58
CA GLY C 235 33.73 24.32 -29.82
C GLY C 235 32.89 24.65 -31.04
N ARG C 236 31.60 24.36 -30.95
CA ARG C 236 30.69 24.59 -32.07
C ARG C 236 30.19 26.03 -32.10
N LYS C 237 30.17 26.68 -30.94
CA LYS C 237 29.69 28.05 -30.84
C LYS C 237 30.84 29.06 -30.82
N TYR C 238 31.60 29.06 -29.74
CA TYR C 238 32.70 30.01 -29.56
C TYR C 238 33.83 29.76 -30.54
N LEU C 239 34.29 28.52 -30.61
CA LEU C 239 35.43 28.17 -31.45
C LEU C 239 35.05 28.11 -32.92
N GLY C 240 33.90 27.51 -33.22
CA GLY C 240 33.41 27.42 -34.58
C GLY C 240 33.68 26.09 -35.25
N VAL C 241 34.49 25.26 -34.61
CA VAL C 241 34.85 23.96 -35.15
C VAL C 241 33.81 22.90 -34.79
N GLU C 242 33.57 21.96 -35.71
CA GLU C 242 32.60 20.90 -35.48
C GLU C 242 33.14 19.87 -34.49
N ASP C 243 34.44 19.87 -34.28
CA ASP C 243 35.09 18.96 -33.34
C ASP C 243 36.23 19.67 -32.61
N LEU C 244 36.59 19.14 -31.44
CA LEU C 244 37.63 19.76 -30.62
C LEU C 244 39.02 19.21 -30.95
N ALA C 245 39.16 18.60 -32.12
CA ALA C 245 40.44 18.05 -32.55
C ALA C 245 41.42 19.17 -32.89
N GLY C 246 42.57 19.16 -32.22
CA GLY C 246 43.60 20.15 -32.46
C GLY C 246 43.60 21.30 -31.47
N LYS C 247 42.40 21.75 -31.09
CA LYS C 247 42.25 22.89 -30.20
C LYS C 247 42.78 22.57 -28.80
N VAL C 248 43.18 23.61 -28.07
CA VAL C 248 43.75 23.46 -26.73
C VAL C 248 42.90 24.16 -25.68
N VAL C 249 42.56 23.42 -24.63
CA VAL C 249 41.79 23.99 -23.51
C VAL C 249 42.66 24.12 -22.27
N LEU C 250 42.61 25.29 -21.64
CA LEU C 250 43.34 25.51 -20.39
C LEU C 250 42.40 25.78 -19.23
N THR C 251 42.58 25.05 -18.14
CA THR C 251 41.74 25.21 -16.96
C THR C 251 42.51 24.86 -15.69
N SER C 252 41.79 24.82 -14.56
CA SER C 252 42.42 24.57 -13.28
C SER C 252 41.57 23.65 -12.40
N GLY C 253 42.23 22.92 -11.51
CA GLY C 253 41.54 22.08 -10.55
C GLY C 253 41.54 20.60 -10.89
N LEU C 254 42.31 19.83 -10.12
CA LEU C 254 42.32 18.38 -10.26
C LEU C 254 41.68 17.72 -9.05
N GLY C 255 40.61 18.32 -8.55
CA GLY C 255 39.93 17.82 -7.37
C GLY C 255 38.89 16.76 -7.69
N GLY C 256 37.91 16.62 -6.81
CA GLY C 256 36.87 15.61 -6.98
C GLY C 256 35.94 15.89 -8.13
N MET C 257 35.49 17.14 -8.24
CA MET C 257 34.56 17.53 -9.30
C MET C 257 35.29 18.13 -10.50
N SER C 258 36.33 18.90 -10.23
CA SER C 258 37.10 19.55 -11.29
C SER C 258 38.07 18.58 -11.95
N GLY C 259 38.27 17.42 -11.33
CA GLY C 259 39.18 16.42 -11.86
C GLY C 259 38.64 15.75 -13.11
N ALA C 260 37.35 15.92 -13.36
CA ALA C 260 36.70 15.32 -14.53
C ALA C 260 37.04 16.10 -15.79
N GLN C 261 37.78 17.18 -15.65
CA GLN C 261 38.17 18.01 -16.78
C GLN C 261 39.21 17.30 -17.65
N GLY C 262 40.02 16.45 -17.03
CA GLY C 262 41.04 15.72 -17.76
C GLY C 262 40.44 14.77 -18.78
N LYS C 263 39.50 13.93 -18.33
CA LYS C 263 38.87 12.95 -19.20
C LYS C 263 37.93 13.62 -20.22
N ALA C 264 37.21 14.63 -19.77
CA ALA C 264 36.25 15.33 -20.62
C ALA C 264 36.94 16.01 -21.80
N GLY C 265 38.14 16.53 -21.56
CA GLY C 265 38.90 17.18 -22.60
C GLY C 265 39.44 16.19 -23.63
N VAL C 266 39.83 15.01 -23.15
CA VAL C 266 40.35 13.97 -24.03
C VAL C 266 39.26 13.37 -24.91
N ILE C 267 38.08 13.18 -24.32
CA ILE C 267 36.95 12.61 -25.04
C ILE C 267 36.50 13.49 -26.21
N CYS C 268 36.74 14.79 -26.08
CA CYS C 268 36.41 15.73 -27.14
C CYS C 268 37.47 15.72 -28.23
N GLY C 269 38.70 15.40 -27.86
CA GLY C 269 39.80 15.35 -28.80
C GLY C 269 40.70 16.58 -28.70
N ALA C 270 40.64 17.26 -27.57
CA ALA C 270 41.42 18.48 -27.36
C ALA C 270 42.58 18.24 -26.40
N VAL C 271 43.49 19.21 -26.36
CA VAL C 271 44.62 19.15 -25.44
C VAL C 271 44.30 19.95 -24.17
N VAL C 272 43.77 19.27 -23.16
CA VAL C 272 43.38 19.93 -21.93
C VAL C 272 44.51 19.95 -20.91
N VAL C 273 44.90 21.16 -20.50
CA VAL C 273 45.90 21.33 -19.45
C VAL C 273 45.24 21.81 -18.17
N VAL C 274 45.39 21.02 -17.11
CA VAL C 274 44.72 21.33 -15.84
C VAL C 274 45.74 21.63 -14.73
N ALA C 275 45.84 22.90 -14.36
CA ALA C 275 46.75 23.31 -13.31
C ALA C 275 46.22 22.89 -11.95
N GLU C 276 47.13 22.46 -11.07
CA GLU C 276 46.77 22.00 -9.74
C GLU C 276 47.94 22.14 -8.78
N VAL C 277 47.75 22.90 -7.71
CA VAL C 277 48.82 23.16 -6.75
C VAL C 277 48.92 22.06 -5.70
N ASP C 278 47.85 21.26 -5.57
CA ASP C 278 47.82 20.19 -4.58
C ASP C 278 48.19 18.85 -5.20
N PRO C 279 49.36 18.32 -4.83
CA PRO C 279 49.83 17.03 -5.37
C PRO C 279 48.93 15.87 -4.98
N ASN C 280 48.34 15.95 -3.80
CA ASN C 280 47.44 14.91 -3.31
C ASN C 280 46.28 14.66 -4.27
N ALA C 281 45.68 15.74 -4.74
CA ALA C 281 44.56 15.65 -5.67
C ALA C 281 45.03 15.29 -7.07
N LEU C 282 46.19 15.80 -7.46
CA LEU C 282 46.75 15.55 -8.79
C LEU C 282 47.09 14.08 -9.00
N TYR C 283 47.86 13.50 -8.08
CA TYR C 283 48.28 12.11 -8.19
C TYR C 283 47.13 11.15 -7.85
N LYS C 284 46.04 11.69 -7.32
CA LYS C 284 44.85 10.89 -7.05
C LYS C 284 44.12 10.60 -8.35
N ARG C 285 43.95 11.63 -9.18
CA ARG C 285 43.29 11.49 -10.47
C ARG C 285 44.11 10.62 -11.41
N LYS C 286 45.42 10.83 -11.41
CA LYS C 286 46.33 10.08 -12.27
C LYS C 286 46.35 8.60 -11.90
N GLY C 287 46.32 8.33 -10.60
CA GLY C 287 46.35 6.97 -10.10
C GLY C 287 45.06 6.20 -10.39
N GLN C 288 44.00 6.95 -10.64
CA GLN C 288 42.70 6.33 -10.94
C GLN C 288 42.41 6.36 -12.44
N GLY C 289 43.39 6.81 -13.22
CA GLY C 289 43.27 6.84 -14.67
C GLY C 289 42.44 8.01 -15.19
N TRP C 290 42.55 9.15 -14.52
CA TRP C 290 41.83 10.35 -14.93
C TRP C 290 42.80 11.42 -15.45
N LEU C 291 44.09 11.19 -15.27
CA LEU C 291 45.12 12.11 -15.74
C LEU C 291 46.23 11.34 -16.47
N MET C 292 46.76 11.96 -17.52
CA MET C 292 47.80 11.32 -18.33
C MET C 292 49.18 11.90 -18.05
N GLU C 293 49.53 12.96 -18.78
CA GLU C 293 50.84 13.58 -18.66
C GLU C 293 50.91 14.50 -17.45
N VAL C 294 52.12 14.66 -16.91
CA VAL C 294 52.34 15.55 -15.77
C VAL C 294 53.55 16.45 -16.02
N GLU C 295 53.34 17.76 -15.91
CA GLU C 295 54.41 18.73 -16.12
C GLU C 295 54.65 19.57 -14.87
N THR C 296 55.91 19.88 -14.60
CA THR C 296 56.28 20.66 -13.43
C THR C 296 56.62 22.10 -13.80
N ASP C 297 57.53 22.25 -14.76
CA ASP C 297 57.95 23.58 -15.20
C ASP C 297 56.93 24.20 -16.16
N VAL C 298 56.80 25.51 -16.10
CA VAL C 298 55.86 26.23 -16.97
C VAL C 298 56.32 26.19 -18.43
N GLU C 299 57.62 26.39 -18.64
CA GLU C 299 58.18 26.38 -19.98
C GLU C 299 58.14 24.99 -20.60
N ALA C 300 58.38 23.98 -19.77
CA ALA C 300 58.35 22.59 -20.23
C ALA C 300 56.95 22.15 -20.62
N LEU C 301 55.96 22.70 -19.92
CA LEU C 301 54.56 22.35 -20.17
C LEU C 301 54.07 22.94 -21.48
N LEU C 302 54.51 24.15 -21.79
CA LEU C 302 54.09 24.84 -23.01
C LEU C 302 54.67 24.17 -24.26
N ARG C 303 55.79 23.48 -24.08
CA ARG C 303 56.45 22.79 -25.19
C ARG C 303 55.66 21.54 -25.60
N ARG C 304 55.13 20.83 -24.61
CA ARG C 304 54.36 19.62 -24.87
C ARG C 304 53.00 19.94 -25.50
N VAL C 305 52.37 21.00 -25.01
CA VAL C 305 51.05 21.40 -25.48
C VAL C 305 51.06 21.82 -26.95
N ARG C 306 52.01 22.68 -27.31
CA ARG C 306 52.13 23.15 -28.69
C ARG C 306 52.43 21.99 -29.64
N ALA C 307 53.17 20.99 -29.15
CA ALA C 307 53.49 19.82 -29.94
C ALA C 307 52.28 18.90 -30.06
N ALA C 308 51.47 18.85 -29.01
CA ALA C 308 50.27 18.02 -29.02
C ALA C 308 49.15 18.68 -29.79
N SER C 309 49.22 20.00 -29.92
CA SER C 309 48.21 20.76 -30.65
C SER C 309 48.43 20.63 -32.16
N ALA C 310 49.67 20.42 -32.56
CA ALA C 310 50.01 20.26 -33.97
C ALA C 310 49.87 18.79 -34.38
N ALA C 311 49.98 17.90 -33.41
CA ALA C 311 49.87 16.47 -33.67
C ALA C 311 48.42 16.01 -33.56
N LYS C 312 47.53 16.93 -33.18
CA LYS C 312 46.11 16.67 -33.02
C LYS C 312 45.87 15.48 -32.08
N GLU C 313 46.65 15.43 -31.00
CA GLU C 313 46.58 14.31 -30.07
C GLU C 313 45.84 14.69 -28.78
N ALA C 314 44.75 13.99 -28.51
CA ALA C 314 43.99 14.20 -27.28
C ALA C 314 44.82 13.74 -26.08
N VAL C 315 45.11 14.67 -25.17
CA VAL C 315 45.92 14.37 -24.00
C VAL C 315 45.65 15.33 -22.86
N SER C 316 45.49 14.76 -21.66
CA SER C 316 45.30 15.56 -20.46
C SER C 316 46.63 15.73 -19.73
N ILE C 317 47.06 16.97 -19.58
CA ILE C 317 48.33 17.25 -18.92
C ILE C 317 48.13 18.02 -17.61
N GLY C 318 48.48 17.38 -16.50
CA GLY C 318 48.34 17.98 -15.19
C GLY C 318 49.53 18.84 -14.82
N PHE C 319 49.34 20.14 -14.78
CA PHE C 319 50.39 21.07 -14.40
C PHE C 319 50.42 21.24 -12.89
N LEU C 320 51.47 20.72 -12.26
CA LEU C 320 51.61 20.84 -10.81
C LEU C 320 52.11 22.23 -10.43
N GLY C 321 51.18 23.15 -10.24
CA GLY C 321 51.52 24.52 -9.89
C GLY C 321 50.33 25.46 -10.06
N ASN C 322 50.55 26.74 -9.78
CA ASN C 322 49.49 27.73 -9.83
C ASN C 322 49.01 28.02 -11.26
N VAL C 323 47.69 28.12 -11.43
CA VAL C 323 47.11 28.39 -12.73
C VAL C 323 47.45 29.81 -13.18
N VAL C 324 47.69 30.70 -12.22
CA VAL C 324 48.06 32.08 -12.52
C VAL C 324 49.42 32.12 -13.21
N THR C 325 50.29 31.18 -12.84
CA THR C 325 51.60 31.07 -13.47
C THR C 325 51.45 30.70 -14.95
N VAL C 326 50.45 29.88 -15.25
CA VAL C 326 50.21 29.45 -16.62
C VAL C 326 49.65 30.59 -17.47
N TRP C 327 48.68 31.32 -16.93
CA TRP C 327 48.06 32.43 -17.65
C TRP C 327 49.06 33.55 -17.93
N GLU C 328 49.86 33.90 -16.94
CA GLU C 328 50.80 35.01 -17.05
C GLU C 328 52.00 34.66 -17.92
N ARG C 329 52.36 33.39 -17.98
CA ARG C 329 53.47 32.95 -18.82
C ARG C 329 53.10 32.95 -20.29
N LEU C 330 51.80 32.87 -20.57
CA LEU C 330 51.31 32.87 -21.93
C LEU C 330 51.20 34.30 -22.48
N VAL C 331 51.39 35.28 -21.60
CA VAL C 331 51.31 36.68 -21.99
C VAL C 331 52.53 37.10 -22.81
N GLU C 336 49.37 32.23 -30.00
CA GLU C 336 48.01 31.77 -29.72
C GLU C 336 47.97 30.25 -29.52
N ILE C 337 48.56 29.80 -28.41
CA ILE C 337 48.62 28.37 -28.11
C ILE C 337 47.27 27.84 -27.64
N VAL C 338 46.67 28.52 -26.67
CA VAL C 338 45.41 28.09 -26.09
C VAL C 338 44.21 28.71 -26.82
N HIS C 339 43.23 27.89 -27.14
CA HIS C 339 42.03 28.36 -27.83
C HIS C 339 40.87 28.60 -26.87
N LEU C 340 40.73 27.71 -25.89
CA LEU C 340 39.64 27.81 -24.91
C LEU C 340 40.18 27.85 -23.48
N GLY C 341 39.66 28.77 -22.68
CA GLY C 341 40.10 28.92 -21.31
C GLY C 341 38.96 28.90 -20.31
N SER C 342 39.24 28.36 -19.12
CA SER C 342 38.26 28.29 -18.05
C SER C 342 38.94 28.15 -16.69
N ASP C 343 38.13 27.95 -15.65
CA ASP C 343 38.65 27.78 -14.30
C ASP C 343 37.63 27.04 -13.43
N GLN C 344 38.10 25.99 -12.75
CA GLN C 344 37.22 25.25 -11.86
C GLN C 344 37.86 25.05 -10.50
N THR C 345 38.49 26.11 -10.00
CA THR C 345 38.97 26.14 -8.62
C THR C 345 37.77 26.24 -7.69
N SER C 346 37.97 25.97 -6.40
CA SER C 346 36.88 26.10 -5.45
C SER C 346 36.77 27.53 -4.93
N CYS C 347 36.35 28.44 -5.80
CA CYS C 347 36.21 29.84 -5.42
C CYS C 347 34.93 30.09 -4.62
N HIS C 348 34.16 29.02 -4.40
CA HIS C 348 33.04 29.09 -3.47
C HIS C 348 33.58 29.19 -2.05
N ASN C 349 34.81 28.72 -1.89
CA ASN C 349 35.55 28.82 -0.63
C ASN C 349 36.89 29.52 -0.86
N PRO C 350 36.84 30.82 -1.24
CA PRO C 350 38.04 31.51 -1.74
C PRO C 350 39.12 31.76 -0.69
N PHE C 351 38.73 31.83 0.58
CA PHE C 351 39.68 32.26 1.62
C PHE C 351 40.01 31.18 2.63
N ASN C 352 39.48 29.98 2.44
CA ASN C 352 39.70 28.90 3.40
C ASN C 352 40.05 27.56 2.78
N GLY C 353 40.89 27.58 1.73
CA GLY C 353 41.41 26.36 1.16
C GLY C 353 40.90 26.01 -0.22
N GLY C 354 40.01 26.83 -0.75
CA GLY C 354 39.44 26.58 -2.06
C GLY C 354 40.27 27.18 -3.19
N TYR C 355 40.94 28.28 -2.89
CA TYR C 355 41.77 28.95 -3.88
C TYR C 355 43.15 29.27 -3.32
N TYR C 356 44.19 28.98 -4.09
CA TYR C 356 45.56 29.21 -3.65
C TYR C 356 46.26 30.25 -4.51
N PRO C 357 46.64 31.38 -3.89
CA PRO C 357 47.27 32.51 -4.57
C PRO C 357 48.64 32.17 -5.15
N VAL C 358 49.04 32.88 -6.19
CA VAL C 358 50.29 32.63 -6.88
C VAL C 358 51.48 33.09 -6.04
N GLN C 359 51.25 34.05 -5.16
CA GLN C 359 52.31 34.63 -4.33
C GLN C 359 52.88 33.62 -3.35
N LEU C 360 52.07 32.64 -2.96
CA LEU C 360 52.50 31.64 -1.98
C LEU C 360 52.54 30.24 -2.57
N THR C 361 53.33 29.38 -1.96
CA THR C 361 53.31 27.96 -2.29
C THR C 361 52.08 27.33 -1.65
N PHE C 362 51.85 26.05 -1.92
CA PHE C 362 50.71 25.34 -1.35
C PHE C 362 50.82 25.28 0.17
N GLU C 363 51.97 24.82 0.66
CA GLU C 363 52.20 24.66 2.08
C GLU C 363 52.19 26.01 2.81
N GLU C 364 52.60 27.06 2.10
CA GLU C 364 52.62 28.41 2.66
C GLU C 364 51.20 28.95 2.80
N SER C 365 50.39 28.74 1.77
CA SER C 365 49.01 29.21 1.76
C SER C 365 48.18 28.53 2.84
N LYS C 366 48.44 27.24 3.07
CA LYS C 366 47.71 26.47 4.06
C LYS C 366 48.02 26.94 5.48
N LYS C 367 49.22 27.48 5.66
CA LYS C 367 49.65 27.97 6.97
C LYS C 367 49.14 29.37 7.24
N MET C 368 49.16 30.23 6.23
CA MET C 368 48.76 31.63 6.39
C MET C 368 47.25 31.78 6.59
N MET C 369 46.47 30.99 5.87
CA MET C 369 45.02 31.09 5.95
C MET C 369 44.50 30.80 7.35
N VAL C 370 45.31 30.13 8.16
CA VAL C 370 44.97 29.86 9.55
C VAL C 370 45.68 30.86 10.49
N GLU C 371 46.94 31.15 10.19
CA GLU C 371 47.72 32.07 11.00
C GLU C 371 47.28 33.52 10.81
N ASP C 372 47.42 34.02 9.59
CA ASP C 372 47.03 35.39 9.27
C ASP C 372 45.99 35.42 8.14
N PRO C 373 44.71 35.27 8.49
CA PRO C 373 43.62 35.23 7.51
C PRO C 373 43.46 36.54 6.75
N ALA C 374 43.75 37.65 7.41
CA ALA C 374 43.63 38.97 6.78
C ALA C 374 44.65 39.14 5.65
N MET C 375 45.87 38.69 5.91
CA MET C 375 46.94 38.78 4.92
C MET C 375 46.70 37.83 3.75
N PHE C 376 46.18 36.65 4.07
CA PHE C 376 45.90 35.64 3.05
C PHE C 376 44.79 36.09 2.11
N LYS C 377 43.82 36.80 2.66
CA LYS C 377 42.70 37.33 1.88
C LYS C 377 43.18 38.35 0.86
N GLU C 378 44.11 39.20 1.27
CA GLU C 378 44.64 40.24 0.39
C GLU C 378 45.50 39.62 -0.71
N LEU C 379 46.05 38.44 -0.45
CA LEU C 379 46.87 37.75 -1.44
C LEU C 379 46.00 37.00 -2.45
N VAL C 380 44.91 36.43 -1.97
CA VAL C 380 43.96 35.77 -2.86
C VAL C 380 43.33 36.78 -3.82
N GLN C 381 42.94 37.93 -3.29
CA GLN C 381 42.35 39.00 -4.10
C GLN C 381 43.32 39.49 -5.17
N GLU C 382 44.56 39.71 -4.78
CA GLU C 382 45.59 40.16 -5.71
C GLU C 382 45.89 39.11 -6.77
N SER C 383 45.84 37.84 -6.35
CA SER C 383 46.05 36.72 -7.27
C SER C 383 44.91 36.63 -8.27
N LEU C 384 43.70 36.90 -7.80
CA LEU C 384 42.52 36.88 -8.66
C LEU C 384 42.56 38.01 -9.68
N ARG C 385 43.10 39.16 -9.26
CA ARG C 385 43.24 40.30 -10.16
C ARG C 385 44.31 40.04 -11.22
N ARG C 386 45.37 39.35 -10.81
CA ARG C 386 46.46 39.01 -11.72
C ARG C 386 46.05 37.90 -12.69
N GLN C 387 45.18 37.00 -12.23
CA GLN C 387 44.71 35.91 -13.07
C GLN C 387 43.76 36.42 -14.14
N VAL C 388 42.82 37.28 -13.74
CA VAL C 388 41.84 37.84 -14.67
C VAL C 388 42.50 38.74 -15.72
N ALA C 389 43.46 39.55 -15.27
CA ALA C 389 44.16 40.48 -16.16
C ALA C 389 44.85 39.73 -17.30
N ALA C 390 45.43 38.58 -16.98
CA ALA C 390 46.09 37.76 -17.99
C ALA C 390 45.06 37.14 -18.94
N ILE C 391 43.89 36.81 -18.40
CA ILE C 391 42.80 36.25 -19.20
C ILE C 391 42.26 37.29 -20.17
N ASN C 392 42.07 38.52 -19.70
CA ASN C 392 41.59 39.62 -20.53
C ASN C 392 42.50 39.88 -21.72
N GLU C 393 43.80 39.65 -21.54
CA GLU C 393 44.77 39.82 -22.60
C GLU C 393 44.56 38.79 -23.71
N MET C 394 44.23 37.56 -23.32
CA MET C 394 43.99 36.48 -24.26
C MET C 394 42.65 36.64 -24.95
N SER C 395 41.68 37.17 -24.20
CA SER C 395 40.32 37.36 -24.71
C SER C 395 40.30 38.34 -25.88
N ALA C 396 41.28 39.23 -25.92
CA ALA C 396 41.41 40.19 -27.01
C ALA C 396 42.20 39.60 -28.18
N ARG C 397 42.98 38.56 -27.89
CA ARG C 397 43.81 37.91 -28.90
C ARG C 397 43.00 36.89 -29.69
N GLY C 398 41.92 36.40 -29.09
CA GLY C 398 41.06 35.44 -29.76
C GLY C 398 40.60 34.30 -28.86
N LEU C 399 41.17 34.22 -27.67
CA LEU C 399 40.83 33.17 -26.72
C LEU C 399 39.44 33.40 -26.11
N ARG C 400 38.70 32.31 -25.90
CA ARG C 400 37.37 32.40 -25.32
C ARG C 400 37.36 31.85 -23.89
N PHE C 401 36.93 32.69 -22.95
CA PHE C 401 36.90 32.30 -21.54
C PHE C 401 35.46 32.27 -21.02
N TRP C 402 35.18 31.33 -20.13
CA TRP C 402 33.86 31.26 -19.49
C TRP C 402 33.97 30.83 -18.04
N ASP C 403 32.97 31.18 -17.24
CA ASP C 403 32.91 30.75 -15.85
C ASP C 403 32.33 29.35 -15.76
N TYR C 404 33.01 28.48 -15.02
CA TYR C 404 32.60 27.08 -14.92
C TYR C 404 31.70 26.79 -13.72
N GLY C 405 30.99 27.82 -13.27
CA GLY C 405 30.06 27.66 -12.16
C GLY C 405 30.75 27.36 -10.84
N ASN C 406 31.81 28.11 -10.55
CA ASN C 406 32.56 27.92 -9.32
C ASN C 406 32.73 29.23 -8.56
N SER C 407 31.91 30.21 -8.92
CA SER C 407 32.00 31.57 -8.37
C SER C 407 33.37 32.19 -8.60
N PHE C 408 33.96 31.91 -9.76
CA PHE C 408 35.24 32.51 -10.11
C PHE C 408 35.08 33.98 -10.44
N LEU C 409 34.18 34.28 -11.37
CA LEU C 409 33.93 35.66 -11.77
C LEU C 409 33.30 36.47 -10.66
N LEU C 410 32.61 35.79 -9.74
CA LEU C 410 32.01 36.44 -8.58
C LEU C 410 33.08 36.94 -7.63
N GLU C 411 34.02 36.07 -7.28
CA GLU C 411 35.09 36.43 -6.36
C GLU C 411 36.11 37.35 -7.02
N ALA C 412 36.27 37.21 -8.33
CA ALA C 412 37.13 38.10 -9.09
C ALA C 412 36.53 39.51 -9.08
N SER C 413 35.22 39.58 -9.21
CA SER C 413 34.49 40.84 -9.15
C SER C 413 34.64 41.49 -7.78
N ARG C 414 34.57 40.66 -6.74
CA ARG C 414 34.67 41.15 -5.37
C ARG C 414 36.11 41.55 -5.01
N ALA C 415 37.06 41.12 -5.83
CA ALA C 415 38.46 41.48 -5.64
C ALA C 415 38.80 42.75 -6.41
N GLY C 416 37.83 43.23 -7.19
CA GLY C 416 38.02 44.44 -7.97
C GLY C 416 38.75 44.19 -9.27
N ALA C 417 38.73 42.95 -9.75
CA ALA C 417 39.40 42.60 -10.99
C ALA C 417 38.60 43.07 -12.20
N GLU C 418 39.29 43.24 -13.32
CA GLU C 418 38.65 43.73 -14.55
C GLU C 418 37.77 42.68 -15.17
N VAL C 419 36.53 42.56 -14.68
CA VAL C 419 35.58 41.59 -15.22
C VAL C 419 34.32 42.27 -15.74
N TRP C 420 34.49 43.48 -16.28
CA TRP C 420 33.37 44.23 -16.82
C TRP C 420 33.68 44.77 -18.22
N THR C 421 32.65 45.20 -18.93
CA THR C 421 32.81 45.74 -20.28
N ILE C 441 25.29 27.99 -22.65
CA ILE C 441 25.21 26.73 -23.38
C ILE C 441 24.39 25.70 -22.60
N MET C 442 24.57 25.67 -21.29
CA MET C 442 23.90 24.70 -20.43
C MET C 442 22.44 25.08 -20.17
N GLY C 443 22.13 26.37 -20.25
CA GLY C 443 20.80 26.86 -19.98
C GLY C 443 19.76 26.33 -20.94
N ASP C 444 20.07 26.38 -22.24
CA ASP C 444 19.16 25.90 -23.27
C ASP C 444 19.01 24.39 -23.19
N ILE C 445 20.09 23.71 -22.80
CA ILE C 445 20.07 22.27 -22.64
C ILE C 445 19.21 21.89 -21.43
N PHE C 446 19.33 22.66 -20.36
CA PHE C 446 18.47 22.49 -19.20
C PHE C 446 17.01 22.75 -19.57
N ALA C 447 16.78 23.79 -20.36
CA ALA C 447 15.44 24.19 -20.77
C ALA C 447 14.73 23.08 -21.53
N LEU C 448 15.49 22.25 -22.23
CA LEU C 448 14.93 21.12 -22.95
C LEU C 448 14.53 20.01 -21.98
N GLY C 449 15.17 20.01 -20.81
CA GLY C 449 14.89 19.01 -19.80
C GLY C 449 16.04 18.06 -19.58
N PHE C 450 17.14 18.30 -20.30
CA PHE C 450 18.31 17.45 -20.18
C PHE C 450 19.18 17.85 -18.99
N GLY C 451 19.64 16.86 -18.23
CA GLY C 451 20.48 17.11 -17.08
C GLY C 451 21.21 15.85 -16.65
N PRO C 452 22.16 16.00 -15.71
CA PRO C 452 23.03 14.91 -15.23
C PRO C 452 22.24 13.80 -14.53
N PHE C 453 21.50 13.03 -15.31
CA PHE C 453 20.77 11.86 -14.80
C PHE C 453 21.74 10.71 -14.59
N ARG C 454 21.68 10.08 -13.42
CA ARG C 454 22.62 9.02 -13.08
C ARG C 454 21.96 7.86 -12.36
N TRP C 455 22.68 6.76 -12.19
CA TRP C 455 22.17 5.62 -11.45
C TRP C 455 23.30 4.77 -10.86
N VAL C 456 22.97 4.04 -9.80
CA VAL C 456 23.93 3.15 -9.15
C VAL C 456 23.35 1.76 -9.00
N CYS C 457 24.11 0.74 -9.38
CA CYS C 457 23.70 -0.64 -9.21
C CYS C 457 24.03 -1.11 -7.80
N THR C 458 23.01 -1.51 -7.05
CA THR C 458 23.18 -1.86 -5.64
C THR C 458 23.85 -3.21 -5.44
N SER C 459 23.90 -4.02 -6.50
CA SER C 459 24.53 -5.33 -6.41
C SER C 459 26.05 -5.22 -6.39
N CYS C 460 26.55 -4.03 -6.75
CA CYS C 460 27.98 -3.77 -6.85
C CYS C 460 28.66 -4.70 -7.84
N LEU C 461 27.94 -5.09 -8.88
CA LEU C 461 28.47 -5.97 -9.91
C LEU C 461 28.65 -5.21 -11.23
N PRO C 462 29.82 -5.37 -11.86
CA PRO C 462 30.14 -4.73 -13.14
C PRO C 462 29.19 -5.15 -14.26
N GLU C 463 28.71 -6.39 -14.19
CA GLU C 463 27.82 -6.94 -15.20
C GLU C 463 26.46 -6.24 -15.19
N ASP C 464 26.01 -5.82 -14.01
CA ASP C 464 24.77 -5.06 -13.91
C ASP C 464 24.92 -3.70 -14.59
N LEU C 465 26.03 -3.03 -14.30
CA LEU C 465 26.32 -1.73 -14.89
C LEU C 465 26.47 -1.86 -16.41
N GLU C 466 27.05 -2.97 -16.85
CA GLU C 466 27.21 -3.25 -18.27
C GLU C 466 25.85 -3.46 -18.93
N LEU C 467 24.92 -4.04 -18.18
CA LEU C 467 23.58 -4.29 -18.70
C LEU C 467 22.75 -3.01 -18.76
N THR C 468 23.00 -2.11 -17.80
CA THR C 468 22.29 -0.84 -17.77
C THR C 468 22.74 0.07 -18.92
N ASP C 469 24.03 0.00 -19.25
CA ASP C 469 24.56 0.77 -20.37
C ASP C 469 23.90 0.35 -21.68
N ARG C 470 23.73 -0.96 -21.86
CA ARG C 470 23.09 -1.49 -23.06
C ARG C 470 21.61 -1.12 -23.10
N ILE C 471 20.96 -1.22 -21.94
CA ILE C 471 19.53 -0.92 -21.84
C ILE C 471 19.26 0.56 -22.09
N ALA C 472 20.10 1.42 -21.53
CA ALA C 472 19.97 2.86 -21.72
C ALA C 472 20.28 3.23 -23.16
N THR C 473 21.21 2.51 -23.77
CA THR C 473 21.58 2.73 -25.17
C THR C 473 20.41 2.42 -26.08
N GLU C 474 19.84 1.23 -25.94
CA GLU C 474 18.71 0.81 -26.75
C GLU C 474 17.49 1.69 -26.51
N THR C 475 17.37 2.19 -25.28
CA THR C 475 16.26 3.07 -24.92
C THR C 475 16.32 4.38 -25.70
N LEU C 476 17.50 5.01 -25.70
CA LEU C 476 17.70 6.27 -26.39
C LEU C 476 17.58 6.11 -27.91
N GLU C 477 17.96 4.94 -28.40
CA GLU C 477 17.86 4.64 -29.83
C GLU C 477 16.41 4.69 -30.30
N LYS C 478 15.50 4.19 -29.47
CA LYS C 478 14.08 4.21 -29.79
C LYS C 478 13.48 5.57 -29.47
N LEU C 479 14.25 6.41 -28.80
CA LEU C 479 13.77 7.73 -28.38
C LEU C 479 14.09 8.82 -29.40
N MET C 480 15.19 8.64 -30.13
CA MET C 480 15.61 9.63 -31.12
C MET C 480 14.63 9.75 -32.27
N LYS C 481 13.86 8.69 -32.50
CA LYS C 481 12.89 8.66 -33.60
C LYS C 481 11.76 9.67 -33.38
N ASP C 482 11.02 9.50 -32.29
CA ASP C 482 9.87 10.37 -32.00
C ASP C 482 10.22 11.46 -31.00
N ALA C 483 11.32 12.16 -31.24
CA ALA C 483 11.73 13.26 -30.37
C ALA C 483 11.64 14.59 -31.10
N SER C 484 11.69 15.68 -30.33
CA SER C 484 11.67 17.02 -30.91
C SER C 484 12.97 17.28 -31.67
N THR C 485 12.94 18.28 -32.56
CA THR C 485 14.10 18.62 -33.37
C THR C 485 15.31 18.97 -32.51
N LYS C 486 15.11 19.85 -31.54
CA LYS C 486 16.18 20.26 -30.65
C LYS C 486 16.57 19.16 -29.67
N SER C 487 15.60 18.32 -29.32
CA SER C 487 15.83 17.24 -28.36
C SER C 487 16.52 16.04 -29.02
N GLN C 488 16.29 15.86 -30.31
CA GLN C 488 16.90 14.75 -31.04
C GLN C 488 18.40 14.94 -31.21
N LYS C 489 18.82 16.19 -31.31
CA LYS C 489 20.24 16.52 -31.46
C LYS C 489 21.01 16.17 -30.19
N GLN C 490 20.42 16.48 -29.04
CA GLN C 490 21.04 16.18 -27.76
C GLN C 490 21.10 14.68 -27.52
N ILE C 491 20.02 13.99 -27.85
CA ILE C 491 19.93 12.54 -27.65
C ILE C 491 20.96 11.80 -28.50
N SER C 492 21.36 12.41 -29.60
CA SER C 492 22.37 11.81 -30.48
C SER C 492 23.74 11.82 -29.81
N ASP C 493 24.08 12.93 -29.18
CA ASP C 493 25.34 13.07 -28.48
C ASP C 493 25.34 12.27 -27.18
N ASN C 494 24.15 12.11 -26.59
CA ASN C 494 24.01 11.33 -25.37
C ASN C 494 24.08 9.83 -25.66
N LEU C 495 23.75 9.47 -26.90
CA LEU C 495 23.82 8.08 -27.33
C LEU C 495 25.28 7.65 -27.48
N LEU C 496 26.09 8.51 -28.08
CA LEU C 496 27.51 8.22 -28.29
C LEU C 496 28.24 8.12 -26.94
N TRP C 497 27.77 8.90 -25.98
CA TRP C 497 28.39 8.92 -24.65
C TRP C 497 28.25 7.59 -23.93
N ILE C 498 27.02 7.06 -23.88
CA ILE C 498 26.75 5.84 -23.14
C ILE C 498 27.38 4.62 -23.82
N LYS C 499 27.63 4.73 -25.13
CA LYS C 499 28.29 3.66 -25.86
C LYS C 499 29.76 3.55 -25.46
N GLN C 500 30.44 4.68 -25.42
CA GLN C 500 31.86 4.72 -25.10
C GLN C 500 32.11 4.94 -23.61
N ALA C 501 31.03 4.90 -22.83
CA ALA C 501 31.11 5.14 -21.39
C ALA C 501 31.97 4.10 -20.68
N GLY C 502 31.69 2.82 -20.94
CA GLY C 502 32.41 1.74 -20.29
C GLY C 502 33.89 1.71 -20.64
N GLU C 503 34.22 2.19 -21.83
CA GLU C 503 35.60 2.17 -22.31
C GLU C 503 36.43 3.27 -21.65
N ASN C 504 35.77 4.32 -21.17
CA ASN C 504 36.48 5.45 -20.57
C ASN C 504 36.82 5.21 -19.10
N LYS C 505 36.31 4.12 -18.55
CA LYS C 505 36.57 3.73 -17.16
C LYS C 505 36.22 4.84 -16.18
N LEU C 506 34.97 5.29 -16.22
CA LEU C 506 34.52 6.41 -15.40
C LEU C 506 34.22 5.98 -13.97
N VAL C 507 34.19 4.67 -13.74
CA VAL C 507 33.75 4.14 -12.46
C VAL C 507 34.81 4.29 -11.37
N VAL C 508 34.44 5.01 -10.31
CA VAL C 508 35.25 5.11 -9.11
C VAL C 508 34.37 4.86 -7.89
N GLY C 509 34.59 3.74 -7.21
CA GLY C 509 33.78 3.37 -6.07
C GLY C 509 32.65 2.45 -6.47
N SER C 510 31.42 2.88 -6.21
CA SER C 510 30.24 2.09 -6.57
C SER C 510 30.08 2.02 -8.07
N GLN C 511 29.46 0.94 -8.54
CA GLN C 511 29.20 0.76 -9.97
C GLN C 511 28.14 1.75 -10.43
N ALA C 512 28.58 2.90 -10.92
CA ALA C 512 27.66 3.97 -11.30
C ALA C 512 27.89 4.44 -12.74
N ARG C 513 26.89 5.12 -13.28
CA ARG C 513 26.95 5.65 -14.64
C ARG C 513 26.10 6.91 -14.77
N ILE C 514 26.57 7.86 -15.56
CA ILE C 514 25.82 9.09 -15.78
C ILE C 514 25.59 9.33 -17.27
N LEU C 515 24.40 9.81 -17.62
CA LEU C 515 24.12 10.27 -18.96
C LEU C 515 22.97 11.27 -18.93
N TYR C 516 23.08 12.33 -19.71
CA TYR C 516 22.03 13.34 -19.81
C TYR C 516 20.80 12.76 -20.47
N ALA C 517 19.64 12.99 -19.86
CA ALA C 517 18.39 12.45 -20.38
C ALA C 517 17.25 13.46 -20.27
N ASP C 518 16.37 13.43 -21.26
CA ASP C 518 15.19 14.29 -21.29
C ASP C 518 14.18 13.80 -20.25
N CYS C 519 13.03 14.46 -20.16
CA CYS C 519 11.97 14.02 -19.26
C CYS C 519 11.52 12.61 -19.63
N GLU C 520 11.28 12.40 -20.92
CA GLU C 520 10.86 11.09 -21.42
C GLU C 520 12.03 10.11 -21.37
N GLY C 521 13.24 10.64 -21.40
CA GLY C 521 14.44 9.83 -21.33
C GLY C 521 14.61 9.17 -19.98
N ARG C 522 14.50 9.97 -18.92
CA ARG C 522 14.64 9.46 -17.56
C ARG C 522 13.52 8.47 -17.22
N GLN C 523 12.31 8.77 -17.68
CA GLN C 523 11.15 7.93 -17.43
C GLN C 523 11.29 6.54 -18.06
N THR C 524 11.56 6.53 -19.37
CA THR C 524 11.61 5.28 -20.12
C THR C 524 12.77 4.39 -19.68
N ILE C 525 13.92 5.01 -19.43
CA ILE C 525 15.08 4.30 -18.92
C ILE C 525 14.77 3.68 -17.56
N ALA C 526 14.13 4.47 -16.70
CA ALA C 526 13.73 4.02 -15.36
C ALA C 526 12.86 2.77 -15.42
N LYS C 527 11.88 2.79 -16.31
CA LYS C 527 10.97 1.67 -16.47
C LYS C 527 11.72 0.44 -16.99
N ASN C 528 12.56 0.65 -18.00
CA ASN C 528 13.35 -0.44 -18.56
C ASN C 528 14.35 -0.98 -17.54
N PHE C 529 14.89 -0.10 -16.71
CA PHE C 529 15.73 -0.52 -15.59
C PHE C 529 14.91 -1.34 -14.61
N ASN C 530 13.74 -0.82 -14.25
CA ASN C 530 12.87 -1.48 -13.28
C ASN C 530 12.35 -2.81 -13.79
N ASP C 531 12.12 -2.91 -15.10
CA ASP C 531 11.71 -4.16 -15.71
C ASP C 531 12.83 -5.19 -15.66
N ALA C 532 14.07 -4.72 -15.79
CA ALA C 532 15.23 -5.59 -15.76
C ALA C 532 15.47 -6.14 -14.35
N VAL C 533 15.17 -5.32 -13.34
CA VAL C 533 15.27 -5.76 -11.96
C VAL C 533 14.17 -6.77 -11.66
N ARG C 534 12.99 -6.54 -12.22
CA ARG C 534 11.83 -7.40 -11.98
C ARG C 534 12.06 -8.82 -12.47
N ASP C 535 12.38 -8.98 -13.75
CA ASP C 535 12.53 -10.32 -14.32
C ASP C 535 13.85 -10.99 -13.91
N GLY C 536 14.72 -10.23 -13.26
CA GLY C 536 15.95 -10.78 -12.72
C GLY C 536 17.18 -10.65 -13.60
N ARG C 537 17.07 -9.90 -14.68
CA ARG C 537 18.21 -9.64 -15.55
C ARG C 537 19.26 -8.84 -14.79
N LEU C 538 18.80 -7.91 -13.96
CA LEU C 538 19.67 -7.20 -13.04
C LEU C 538 19.63 -7.90 -11.68
N LYS C 539 20.80 -8.10 -11.09
CA LYS C 539 20.92 -8.92 -9.88
C LYS C 539 20.61 -8.13 -8.61
N GLY C 540 20.28 -6.85 -8.75
CA GLY C 540 19.97 -6.02 -7.60
C GLY C 540 19.29 -4.72 -8.01
N PRO C 541 18.57 -4.09 -7.06
CA PRO C 541 17.90 -2.81 -7.28
C PRO C 541 18.81 -1.73 -7.83
N VAL C 542 18.24 -0.75 -8.51
CA VAL C 542 18.99 0.36 -9.08
C VAL C 542 18.55 1.68 -8.48
N VAL C 543 19.51 2.44 -7.97
CA VAL C 543 19.20 3.75 -7.40
C VAL C 543 19.30 4.86 -8.44
N LEU C 544 18.15 5.44 -8.78
CA LEU C 544 18.13 6.60 -9.67
C LEU C 544 18.49 7.84 -8.89
N SER C 545 19.26 8.73 -9.51
CA SER C 545 19.65 9.97 -8.85
C SER C 545 20.10 11.01 -9.87
N ARG C 546 20.61 12.12 -9.36
CA ARG C 546 21.14 13.18 -10.20
C ARG C 546 21.92 14.19 -9.37
N ASP C 547 22.74 14.99 -10.04
CA ASP C 547 23.38 16.13 -9.39
C ASP C 547 22.29 17.15 -9.06
N HIS C 548 22.58 18.08 -8.16
CA HIS C 548 21.65 19.17 -7.90
C HIS C 548 21.73 20.16 -9.05
N HIS C 549 22.80 20.06 -9.83
CA HIS C 549 22.98 20.86 -11.03
C HIS C 549 22.03 20.39 -12.13
N ASP C 550 20.74 20.67 -11.97
CA ASP C 550 19.74 20.20 -12.92
C ASP C 550 18.83 21.34 -13.38
N VAL C 551 17.87 21.01 -14.23
CA VAL C 551 16.94 21.99 -14.79
C VAL C 551 16.04 22.64 -13.73
N SER C 552 15.57 21.84 -12.78
CA SER C 552 14.55 22.29 -11.86
C SER C 552 15.03 22.35 -10.40
N GLY C 553 16.13 21.67 -10.12
CA GLY C 553 16.56 21.46 -8.75
C GLY C 553 17.26 22.63 -8.06
N THR C 554 17.91 23.49 -8.83
CA THR C 554 18.77 24.51 -8.22
C THR C 554 18.49 25.93 -8.70
N ASP C 555 18.27 26.83 -7.75
CA ASP C 555 18.25 28.26 -8.01
C ASP C 555 19.62 28.84 -7.70
N SER C 556 20.26 29.42 -8.71
CA SER C 556 21.61 29.94 -8.55
C SER C 556 21.92 31.00 -9.61
N PRO C 557 21.81 32.28 -9.24
CA PRO C 557 21.98 33.41 -10.16
C PRO C 557 23.38 33.49 -10.77
N PHE C 558 24.33 32.77 -10.21
CA PHE C 558 25.69 32.75 -10.74
C PHE C 558 26.04 31.38 -11.32
N ARG C 559 25.02 30.57 -11.57
CA ARG C 559 25.22 29.25 -12.16
C ARG C 559 23.97 28.75 -12.88
N GLU C 560 23.24 27.85 -12.22
CA GLU C 560 22.10 27.16 -12.83
C GLU C 560 21.05 28.09 -13.43
N THR C 561 20.70 29.15 -12.71
CA THR C 561 19.69 30.09 -13.21
C THR C 561 20.29 31.44 -13.58
N SER C 562 21.50 31.41 -14.11
CA SER C 562 22.19 32.64 -14.53
C SER C 562 21.80 33.01 -15.96
N ASP C 563 20.93 32.23 -16.57
CA ASP C 563 20.50 32.47 -17.94
C ASP C 563 19.07 32.99 -17.98
N LEU C 564 18.47 33.17 -16.80
CA LEU C 564 17.11 33.68 -16.70
C LEU C 564 17.15 35.19 -16.46
N TYR C 565 16.61 35.96 -17.40
CA TYR C 565 16.74 37.41 -17.36
C TYR C 565 15.42 38.13 -17.10
N ASP C 566 14.50 37.48 -16.40
CA ASP C 566 13.25 38.12 -16.03
C ASP C 566 13.38 38.73 -14.64
N GLY C 567 14.50 38.44 -13.98
CA GLY C 567 14.77 38.97 -12.66
C GLY C 567 14.55 37.95 -11.55
N SER C 568 13.97 36.82 -11.90
CA SER C 568 13.62 35.80 -10.92
C SER C 568 14.81 34.94 -10.53
N SER C 569 15.98 35.26 -11.06
CA SER C 569 17.18 34.47 -10.81
C SER C 569 17.57 34.50 -9.34
N LEU C 570 17.21 35.57 -8.65
CA LEU C 570 17.55 35.74 -7.24
C LEU C 570 16.58 35.01 -6.31
N THR C 571 15.49 34.49 -6.88
CA THR C 571 14.49 33.80 -6.08
C THR C 571 14.81 32.31 -5.98
N ALA C 572 14.20 31.64 -4.99
CA ALA C 572 14.42 30.23 -4.78
C ALA C 572 13.11 29.45 -4.78
N ASP C 573 12.09 30.01 -5.42
CA ASP C 573 10.79 29.37 -5.49
C ASP C 573 10.86 28.02 -6.19
N MET C 574 11.61 27.96 -7.28
CA MET C 574 11.70 26.75 -8.09
C MET C 574 12.34 25.58 -7.34
N ALA C 575 13.44 25.84 -6.64
CA ALA C 575 14.16 24.80 -5.92
C ALA C 575 13.36 24.28 -4.73
N VAL C 576 12.67 25.19 -4.04
CA VAL C 576 11.87 24.82 -2.88
C VAL C 576 10.65 24.02 -3.31
N GLN C 577 9.97 24.48 -4.35
CA GLN C 577 8.81 23.78 -4.90
C GLN C 577 9.20 22.38 -5.41
N ASN C 578 10.42 22.26 -5.93
CA ASN C 578 10.86 21.03 -6.56
C ASN C 578 11.10 19.89 -5.57
N VAL C 579 11.78 20.19 -4.46
CA VAL C 579 12.06 19.16 -3.46
C VAL C 579 10.75 18.71 -2.78
N ILE C 580 9.82 19.66 -2.62
CA ILE C 580 8.52 19.34 -2.05
C ILE C 580 7.73 18.44 -3.01
N GLY C 581 7.71 18.84 -4.29
CA GLY C 581 7.01 18.08 -5.31
C GLY C 581 7.51 16.65 -5.43
N ASP C 582 8.83 16.49 -5.39
CA ASP C 582 9.44 15.15 -5.43
C ASP C 582 9.07 14.34 -4.20
N ALA C 583 8.90 15.02 -3.06
CA ALA C 583 8.70 14.37 -1.78
C ALA C 583 7.40 13.57 -1.72
N PHE C 584 6.34 14.06 -2.36
CA PHE C 584 5.07 13.34 -2.33
C PHE C 584 4.77 12.63 -3.64
N ARG C 585 5.80 12.42 -4.45
CA ARG C 585 5.63 11.74 -5.74
C ARG C 585 6.45 10.46 -5.84
N GLY C 586 7.12 10.08 -4.75
CA GLY C 586 7.71 8.76 -4.66
C GLY C 586 9.22 8.64 -4.59
N ALA C 587 9.91 9.76 -4.35
CA ALA C 587 11.36 9.71 -4.17
C ALA C 587 11.70 8.92 -2.91
N THR C 588 12.72 8.06 -2.99
CA THR C 588 13.11 7.25 -1.84
C THR C 588 13.69 8.15 -0.75
N TRP C 589 14.46 9.16 -1.17
CA TRP C 589 14.81 10.25 -0.26
C TRP C 589 15.12 11.53 -1.03
N VAL C 590 14.86 12.66 -0.40
CA VAL C 590 15.05 13.97 -1.02
C VAL C 590 15.98 14.84 -0.20
N SER C 591 16.49 15.90 -0.81
CA SER C 591 17.41 16.81 -0.13
C SER C 591 17.24 18.25 -0.59
N LEU C 592 17.52 19.18 0.32
CA LEU C 592 17.57 20.59 -0.02
C LEU C 592 18.76 21.23 0.67
N HIS C 593 19.71 21.74 -0.11
CA HIS C 593 20.94 22.28 0.42
C HIS C 593 21.07 23.78 0.22
N ASN C 594 21.97 24.39 0.98
CA ASN C 594 22.27 25.81 0.85
C ASN C 594 23.63 26.02 0.21
N GLY C 595 23.65 26.81 -0.87
CA GLY C 595 24.88 27.25 -1.49
C GLY C 595 25.67 26.19 -2.24
N GLY C 596 24.97 25.27 -2.88
CA GLY C 596 25.62 24.27 -3.69
C GLY C 596 26.27 24.88 -4.92
N GLY C 597 27.51 24.47 -5.20
CA GLY C 597 28.22 24.93 -6.38
C GLY C 597 28.87 26.29 -6.23
N THR C 598 28.04 27.34 -6.14
CA THR C 598 28.55 28.72 -6.10
C THR C 598 28.99 29.15 -4.70
N GLY C 599 28.47 28.47 -3.68
CA GLY C 599 28.89 28.74 -2.32
C GLY C 599 27.79 29.15 -1.36
N TRP C 600 28.04 28.89 -0.09
CA TRP C 600 27.15 29.23 1.04
C TRP C 600 26.42 30.56 0.88
N GLY C 601 25.10 30.49 0.73
CA GLY C 601 24.28 31.67 0.63
C GLY C 601 24.05 32.16 -0.80
N GLU C 602 24.74 31.55 -1.75
CA GLU C 602 24.66 32.00 -3.14
C GLU C 602 23.81 31.08 -4.00
N ALA C 603 23.22 30.06 -3.36
CA ALA C 603 22.38 29.11 -4.08
C ALA C 603 21.45 28.34 -3.15
N THR C 604 20.33 27.88 -3.70
CA THR C 604 19.45 26.95 -3.02
C THR C 604 19.26 25.75 -3.94
N ASN C 605 19.83 24.61 -3.55
CA ASN C 605 19.86 23.45 -4.42
C ASN C 605 19.24 22.21 -3.79
N GLY C 606 18.48 21.47 -4.60
CA GLY C 606 17.80 20.28 -4.13
C GLY C 606 17.94 19.11 -5.09
N GLY C 607 17.81 17.90 -4.56
CA GLY C 607 17.93 16.70 -5.37
C GLY C 607 17.10 15.55 -4.83
N PHE C 608 17.28 14.38 -5.41
CA PHE C 608 16.53 13.21 -5.02
C PHE C 608 17.30 11.92 -5.30
N CYS C 609 16.81 10.83 -4.72
CA CYS C 609 17.21 9.49 -5.13
C CYS C 609 15.98 8.60 -5.12
N LEU C 610 15.88 7.71 -6.10
CA LEU C 610 14.73 6.82 -6.20
C LEU C 610 15.20 5.40 -6.49
N VAL C 611 14.86 4.48 -5.60
CA VAL C 611 15.28 3.09 -5.74
C VAL C 611 14.30 2.30 -6.58
N LEU C 612 14.82 1.61 -7.60
CA LEU C 612 14.00 0.73 -8.43
C LEU C 612 14.20 -0.71 -8.02
N ASP C 613 13.16 -1.31 -7.43
CA ASP C 613 13.25 -2.67 -6.94
C ASP C 613 12.52 -3.67 -7.84
N GLY C 614 12.01 -3.18 -8.96
CA GLY C 614 11.32 -4.03 -9.92
C GLY C 614 9.82 -4.08 -9.70
N SER C 615 9.36 -3.46 -8.63
CA SER C 615 7.93 -3.47 -8.30
C SER C 615 7.17 -2.46 -9.14
N ALA C 616 5.86 -2.65 -9.25
CA ALA C 616 5.00 -1.72 -9.95
C ALA C 616 4.93 -0.39 -9.20
N ASP C 617 5.08 -0.46 -7.88
CA ASP C 617 5.11 0.73 -7.05
C ASP C 617 6.26 1.64 -7.43
N ALA C 618 7.45 1.07 -7.55
CA ALA C 618 8.64 1.82 -7.95
C ALA C 618 8.46 2.41 -9.35
N GLU C 619 7.72 1.69 -10.19
CA GLU C 619 7.49 2.12 -11.56
C GLU C 619 6.62 3.38 -11.62
N ARG C 620 5.54 3.39 -10.86
CA ARG C 620 4.63 4.54 -10.85
C ARG C 620 5.25 5.70 -10.08
N ARG C 621 6.08 5.39 -9.07
CA ARG C 621 6.77 6.43 -8.33
C ARG C 621 7.82 7.09 -9.21
N ALA C 622 8.56 6.29 -9.95
CA ALA C 622 9.57 6.81 -10.87
C ALA C 622 8.95 7.65 -11.98
N LYS C 623 7.89 7.12 -12.59
CA LYS C 623 7.21 7.81 -13.68
C LYS C 623 6.65 9.15 -13.25
N LEU C 624 6.00 9.18 -12.09
CA LEU C 624 5.33 10.38 -11.61
C LEU C 624 6.31 11.42 -11.08
N MET C 625 7.35 10.96 -10.38
CA MET C 625 8.31 11.88 -9.77
C MET C 625 9.25 12.50 -10.79
N LEU C 626 9.80 11.66 -11.68
CA LEU C 626 10.71 12.13 -12.71
C LEU C 626 10.03 13.17 -13.61
N LEU C 627 8.73 12.97 -13.83
CA LEU C 627 7.92 13.91 -14.59
C LEU C 627 8.00 15.31 -13.99
N TRP C 628 7.67 15.41 -12.70
CA TRP C 628 7.70 16.70 -12.01
C TRP C 628 9.11 17.25 -11.87
N ASP C 629 10.08 16.37 -11.62
CA ASP C 629 11.46 16.79 -11.38
C ASP C 629 12.07 17.49 -12.58
N VAL C 630 11.48 17.28 -13.76
CA VAL C 630 11.99 17.89 -14.98
C VAL C 630 11.12 19.05 -15.44
N LEU C 631 9.81 18.79 -15.54
CA LEU C 631 8.89 19.76 -16.13
C LEU C 631 8.60 20.96 -15.23
N ASN C 632 8.99 20.87 -13.96
CA ASN C 632 8.86 22.00 -13.06
C ASN C 632 9.74 23.16 -13.50
N GLY C 633 11.01 22.85 -13.76
CA GLY C 633 11.97 23.85 -14.19
C GLY C 633 11.79 24.25 -15.64
N VAL C 634 11.37 23.28 -16.47
CA VAL C 634 11.12 23.55 -17.89
C VAL C 634 10.03 24.62 -18.03
N THR C 635 8.96 24.46 -17.26
CA THR C 635 7.89 25.45 -17.23
C THR C 635 8.38 26.78 -16.68
N ARG C 636 9.21 26.71 -15.63
CA ARG C 636 9.76 27.91 -15.02
C ARG C 636 10.65 28.66 -16.00
N ARG C 637 11.62 27.96 -16.58
CA ARG C 637 12.58 28.57 -17.50
C ARG C 637 11.88 29.15 -18.72
N ALA C 638 10.85 28.46 -19.20
CA ALA C 638 10.02 28.97 -20.28
C ALA C 638 9.33 30.26 -19.84
N TRP C 639 8.80 30.24 -18.61
CA TRP C 639 8.14 31.41 -18.05
C TRP C 639 9.14 32.55 -17.80
N SER C 640 10.37 32.18 -17.46
CA SER C 640 11.41 33.16 -17.17
C SER C 640 11.90 33.85 -18.44
N GLY C 641 11.61 33.26 -19.59
CA GLY C 641 11.96 33.88 -20.86
C GLY C 641 12.81 33.04 -21.79
N ASN C 642 13.11 31.81 -21.39
CA ASN C 642 13.87 30.91 -22.26
C ASN C 642 12.98 30.40 -23.38
N ALA C 643 13.48 30.49 -24.61
CA ALA C 643 12.69 30.14 -25.79
C ALA C 643 12.97 28.72 -26.26
N CYS C 644 14.18 28.23 -25.98
CA CYS C 644 14.60 26.90 -26.44
C CYS C 644 13.78 25.80 -25.78
N GLY C 645 13.34 26.03 -24.55
CA GLY C 645 12.56 25.05 -23.82
C GLY C 645 11.08 25.37 -23.78
N HIS C 646 10.69 26.41 -24.53
CA HIS C 646 9.29 26.82 -24.58
C HIS C 646 8.42 25.79 -25.29
N GLU C 647 8.94 25.27 -26.40
CA GLU C 647 8.22 24.27 -27.18
C GLU C 647 8.20 22.93 -26.46
N ALA C 648 9.21 22.69 -25.64
CA ALA C 648 9.31 21.46 -24.86
C ALA C 648 8.20 21.42 -23.81
N MET C 649 7.88 22.59 -23.25
CA MET C 649 6.83 22.70 -22.25
C MET C 649 5.46 22.40 -22.87
N LEU C 650 5.19 23.00 -24.02
CA LEU C 650 3.90 22.83 -24.68
C LEU C 650 3.69 21.41 -25.18
N ARG C 651 4.75 20.81 -25.71
CA ARG C 651 4.67 19.44 -26.23
C ARG C 651 4.38 18.44 -25.12
N ALA C 652 4.83 18.78 -23.90
CA ALA C 652 4.63 17.91 -22.74
C ALA C 652 3.22 18.03 -22.19
N VAL C 653 2.62 19.20 -22.34
CA VAL C 653 1.27 19.45 -21.82
C VAL C 653 0.22 18.64 -22.55
N SER C 654 0.46 18.37 -23.83
CA SER C 654 -0.49 17.64 -24.66
C SER C 654 -0.29 16.13 -24.54
N ARG C 655 0.94 15.72 -24.26
CA ARG C 655 1.27 14.31 -24.17
C ARG C 655 1.07 13.77 -22.75
N VAL C 656 0.85 14.67 -21.80
CA VAL C 656 0.63 14.28 -20.42
C VAL C 656 -0.75 14.71 -19.92
N GLU C 657 -1.55 13.73 -19.51
CA GLU C 657 -2.87 14.01 -18.97
C GLU C 657 -2.78 14.55 -17.54
N GLY C 658 -3.28 15.75 -17.34
CA GLY C 658 -3.23 16.38 -16.03
C GLY C 658 -2.15 17.42 -15.92
N LEU C 659 -1.53 17.75 -17.06
CA LEU C 659 -0.48 18.76 -17.09
C LEU C 659 -0.93 20.01 -17.83
N HIS C 660 -1.33 21.03 -17.08
CA HIS C 660 -1.76 22.30 -17.66
C HIS C 660 -1.02 23.46 -17.03
N VAL C 661 -0.10 24.05 -17.79
CA VAL C 661 0.75 25.11 -17.26
C VAL C 661 0.38 26.49 -17.83
N THR C 662 0.90 27.54 -17.20
CA THR C 662 0.66 28.90 -17.63
C THR C 662 1.67 29.32 -18.70
N VAL C 663 1.19 29.53 -19.92
CA VAL C 663 2.06 29.87 -21.05
C VAL C 663 2.41 31.35 -21.05
N PRO C 664 3.72 31.66 -21.03
CA PRO C 664 4.22 33.03 -21.06
C PRO C 664 4.08 33.69 -22.44
N GLN C 665 3.56 34.91 -22.47
CA GLN C 665 3.44 35.65 -23.71
C GLN C 665 4.41 36.83 -23.72
N HIS C 666 5.63 36.58 -24.19
CA HIS C 666 6.67 37.61 -24.23
C HIS C 666 6.34 38.68 -25.26
N LEU D 8 -20.76 32.87 -10.11
CA LEU D 8 -19.52 32.34 -9.56
C LEU D 8 -18.86 31.37 -10.53
N THR D 9 -19.50 31.14 -11.66
CA THR D 9 -18.97 30.24 -12.67
C THR D 9 -17.95 30.93 -13.57
N SER D 10 -17.80 32.24 -13.38
CA SER D 10 -16.86 33.03 -14.17
C SER D 10 -15.41 32.74 -13.79
N LEU D 11 -15.23 32.01 -12.69
CA LEU D 11 -13.90 31.64 -12.21
C LEU D 11 -13.21 30.66 -13.14
N ALA D 12 -14.00 29.91 -13.89
CA ALA D 12 -13.46 28.88 -14.80
C ALA D 12 -12.81 29.51 -16.02
N VAL D 13 -13.18 30.74 -16.33
CA VAL D 13 -12.67 31.42 -17.52
C VAL D 13 -11.18 31.72 -17.40
N GLY D 14 -10.77 32.25 -16.24
CA GLY D 14 -9.40 32.67 -16.04
C GLY D 14 -9.17 34.05 -16.61
N ILE D 15 -8.46 34.12 -17.73
CA ILE D 15 -8.22 35.39 -18.41
C ILE D 15 -9.09 35.51 -19.66
N PRO D 16 -10.18 36.29 -19.57
CA PRO D 16 -11.10 36.49 -20.68
C PRO D 16 -10.52 37.40 -21.77
N LEU D 19 -11.86 40.18 -22.85
CA LEU D 19 -11.15 41.06 -21.94
C LEU D 19 -12.10 42.08 -21.30
N PRO D 20 -12.02 42.22 -19.96
CA PRO D 20 -12.86 43.16 -19.21
C PRO D 20 -12.47 44.61 -19.47
N PRO D 21 -13.42 45.54 -19.29
CA PRO D 21 -13.16 46.97 -19.46
C PRO D 21 -12.38 47.57 -18.28
N PRO D 22 -11.51 48.56 -18.56
CA PRO D 22 -10.72 49.23 -17.52
C PRO D 22 -11.54 50.24 -16.72
N PRO D 31 -10.74 51.44 1.09
CA PRO D 31 -9.40 51.28 1.68
C PRO D 31 -8.39 50.70 0.69
N HIS D 32 -7.54 51.56 0.14
CA HIS D 32 -6.52 51.12 -0.79
C HIS D 32 -5.13 51.21 -0.16
N ALA D 33 -4.26 50.27 -0.49
CA ALA D 33 -2.91 50.24 0.03
C ALA D 33 -2.12 51.47 -0.41
N PRO D 34 -1.21 51.96 0.45
CA PRO D 34 -0.35 53.10 0.13
C PRO D 34 0.41 52.91 -1.18
N LYS D 35 0.67 53.99 -1.89
CA LYS D 35 1.41 53.92 -3.15
C LYS D 35 2.81 53.39 -2.92
N ARG D 36 3.18 52.37 -3.71
CA ARG D 36 4.49 51.75 -3.57
C ARG D 36 5.55 52.56 -4.31
N THR D 37 6.77 52.53 -3.79
CA THR D 37 7.89 53.24 -4.41
C THR D 37 9.01 52.25 -4.75
N PRO D 38 8.89 51.58 -5.90
CA PRO D 38 9.86 50.55 -6.32
C PRO D 38 11.25 51.11 -6.60
N ASN D 39 12.26 50.55 -5.97
CA ASN D 39 13.64 50.91 -6.26
C ASN D 39 14.12 50.16 -7.50
N LEU D 40 13.52 50.48 -8.64
CA LEU D 40 13.79 49.75 -9.88
C LEU D 40 14.49 50.61 -10.92
N SER D 41 15.51 50.03 -11.56
CA SER D 41 16.20 50.68 -12.66
C SER D 41 15.26 50.79 -13.86
N PRO D 42 15.58 51.69 -14.81
CA PRO D 42 14.78 51.81 -16.04
C PRO D 42 14.61 50.48 -16.77
N ALA D 43 15.62 49.62 -16.71
CA ALA D 43 15.54 48.30 -17.33
C ALA D 43 14.61 47.39 -16.53
N ASP D 44 14.67 47.51 -15.21
CA ASP D 44 13.81 46.71 -14.33
C ASP D 44 12.36 47.16 -14.41
N ARG D 45 12.16 48.46 -14.69
CA ARG D 45 10.82 49.01 -14.82
C ARG D 45 10.14 48.49 -16.07
N ARG D 46 10.87 48.49 -17.18
CA ARG D 46 10.36 47.96 -18.43
C ARG D 46 10.15 46.44 -18.32
N GLN D 47 11.10 45.78 -17.67
CA GLN D 47 11.01 44.34 -17.44
C GLN D 47 9.78 44.00 -16.62
N ALA D 48 9.45 44.86 -15.66
CA ALA D 48 8.28 44.69 -14.83
C ALA D 48 7.00 44.69 -15.67
N ILE D 49 6.93 45.64 -16.60
CA ILE D 49 5.79 45.73 -17.51
C ILE D 49 5.77 44.52 -18.46
N ALA D 50 6.96 44.07 -18.85
CA ALA D 50 7.09 42.90 -19.70
C ALA D 50 6.62 41.65 -18.97
N ASN D 51 7.06 41.50 -17.72
CA ASN D 51 6.64 40.39 -16.88
C ASN D 51 5.13 40.42 -16.62
N ALA D 52 4.58 41.63 -16.53
CA ALA D 52 3.16 41.79 -16.28
C ALA D 52 2.33 41.43 -17.52
N LEU D 53 2.82 41.83 -18.69
CA LEU D 53 2.11 41.58 -19.94
C LEU D 53 2.11 40.09 -20.30
N ARG D 54 2.95 39.32 -19.62
CA ARG D 54 3.10 37.89 -19.91
C ARG D 54 1.82 37.10 -19.64
N TYR D 55 0.95 37.64 -18.80
CA TYR D 55 -0.31 36.97 -18.45
C TYR D 55 -1.40 37.25 -19.48
N PHE D 56 -1.09 38.04 -20.50
CA PHE D 56 -2.10 38.49 -21.44
C PHE D 56 -1.73 38.16 -22.89
N ASN D 57 -2.72 38.25 -23.78
CA ASN D 57 -2.52 37.97 -25.19
C ASN D 57 -1.69 39.06 -25.87
N THR D 58 -0.99 38.69 -26.94
CA THR D 58 -0.13 39.62 -27.65
C THR D 58 -0.90 40.74 -28.35
N ALA D 59 -2.18 40.50 -28.60
CA ALA D 59 -3.03 41.49 -29.23
C ALA D 59 -3.42 42.59 -28.26
N ASP D 60 -3.58 42.22 -27.00
CA ASP D 60 -3.95 43.18 -25.96
C ASP D 60 -2.73 43.64 -25.17
N HIS D 61 -1.57 43.62 -25.83
CA HIS D 61 -0.32 44.01 -25.18
C HIS D 61 -0.03 45.49 -25.32
N GLU D 62 -0.37 46.05 -26.47
CA GLU D 62 -0.12 47.46 -26.75
C GLU D 62 -0.89 48.37 -25.80
N VAL D 63 -2.18 48.07 -25.60
CA VAL D 63 -3.02 48.86 -24.71
C VAL D 63 -2.64 48.64 -23.25
N LEU D 64 -2.18 47.43 -22.94
CA LEU D 64 -1.82 47.08 -21.57
C LEU D 64 -0.45 47.63 -21.19
N ALA D 65 0.39 47.87 -22.19
CA ALA D 65 1.73 48.39 -21.95
C ALA D 65 1.68 49.74 -21.27
N GLU D 66 0.76 50.60 -21.71
CA GLU D 66 0.57 51.91 -21.10
C GLU D 66 -0.26 51.81 -19.83
N GLU D 67 -1.27 50.93 -19.85
CA GLU D 67 -2.16 50.75 -18.70
C GLU D 67 -1.41 50.25 -17.48
N PHE D 68 -0.42 49.38 -17.71
CA PHE D 68 0.41 48.86 -16.62
C PHE D 68 1.48 49.87 -16.22
N SER D 69 1.92 50.67 -17.18
CA SER D 69 2.87 51.74 -16.91
C SER D 69 2.21 52.86 -16.12
N ARG D 70 0.89 52.99 -16.29
CA ARG D 70 0.13 54.00 -15.57
C ARG D 70 -0.12 53.57 -14.12
N GLU D 71 -0.31 52.27 -13.92
CA GLU D 71 -0.50 51.73 -12.59
C GLU D 71 0.80 51.85 -11.77
N LEU D 72 1.93 51.82 -12.47
CA LEU D 72 3.22 52.02 -11.83
C LEU D 72 3.41 53.47 -11.42
N ASP D 73 2.92 54.38 -12.26
CA ASP D 73 3.03 55.81 -11.98
C ASP D 73 2.04 56.25 -10.92
N GLU D 74 0.87 55.61 -10.89
CA GLU D 74 -0.19 56.03 -9.99
C GLU D 74 -0.19 55.28 -8.66
N TYR D 75 0.05 53.97 -8.72
CA TYR D 75 -0.06 53.13 -7.53
C TYR D 75 1.28 52.53 -7.11
N GLY D 76 2.24 52.52 -8.03
CA GLY D 76 3.56 52.01 -7.73
C GLY D 76 3.65 50.50 -7.82
N HIS D 77 2.57 49.87 -8.27
CA HIS D 77 2.55 48.43 -8.46
C HIS D 77 1.48 48.04 -9.46
N ILE D 78 1.78 47.05 -10.28
CA ILE D 78 0.84 46.56 -11.28
C ILE D 78 -0.11 45.53 -10.67
N TYR D 79 -1.20 46.02 -10.08
CA TYR D 79 -2.19 45.15 -9.47
C TYR D 79 -3.09 44.52 -10.53
N MET D 80 -3.09 45.11 -11.72
CA MET D 80 -3.97 44.71 -12.80
C MET D 80 -5.44 44.80 -12.38
N TYR D 81 -5.89 46.02 -12.10
CA TYR D 81 -7.28 46.26 -11.71
C TYR D 81 -8.23 45.90 -12.85
N ARG D 82 -7.66 45.76 -14.05
CA ARG D 82 -8.41 45.37 -15.24
C ARG D 82 -9.16 44.05 -15.05
N LEU D 83 -8.63 43.19 -14.19
CA LEU D 83 -9.16 41.84 -14.03
C LEU D 83 -9.86 41.60 -12.70
N ARG D 84 -9.89 42.61 -11.84
CA ARG D 84 -10.57 42.49 -10.56
C ARG D 84 -12.06 42.25 -10.77
N PRO D 85 -12.56 41.10 -10.26
CA PRO D 85 -13.95 40.66 -10.46
C PRO D 85 -14.98 41.68 -10.00
N THR D 86 -15.84 42.12 -10.92
CA THR D 86 -16.88 43.09 -10.61
C THR D 86 -18.26 42.58 -10.97
N GLN D 87 -18.39 41.25 -11.09
CA GLN D 87 -19.67 40.63 -11.40
C GLN D 87 -20.26 39.97 -10.17
N TYR D 88 -19.50 39.96 -9.07
CA TYR D 88 -19.94 39.37 -7.82
C TYR D 88 -19.16 39.93 -6.64
N GLU D 89 -19.64 39.66 -5.44
CA GLU D 89 -18.97 40.13 -4.23
C GLU D 89 -17.82 39.18 -3.85
N MET D 90 -16.68 39.76 -3.50
CA MET D 90 -15.52 38.98 -3.09
C MET D 90 -15.67 38.53 -1.64
N ARG D 91 -16.13 37.30 -1.45
CA ARG D 91 -16.38 36.77 -0.12
C ARG D 91 -16.29 35.25 -0.08
N ALA D 92 -16.42 34.68 1.11
CA ALA D 92 -16.41 33.24 1.29
C ALA D 92 -17.80 32.65 1.06
N TYR D 93 -17.97 32.00 -0.09
CA TYR D 93 -19.23 31.34 -0.43
C TYR D 93 -19.18 29.87 -0.04
N PRO D 94 -20.36 29.24 0.14
CA PRO D 94 -20.37 27.79 0.45
C PRO D 94 -19.71 26.96 -0.64
N ILE D 95 -19.07 25.87 -0.24
CA ILE D 95 -18.30 25.04 -1.17
C ILE D 95 -19.15 24.44 -2.29
N THR D 96 -20.44 24.28 -2.02
CA THR D 96 -21.35 23.68 -2.99
C THR D 96 -21.70 24.65 -4.12
N ASP D 97 -21.36 25.92 -3.93
CA ASP D 97 -21.68 26.94 -4.93
C ASP D 97 -20.54 27.11 -5.94
N TYR D 98 -19.41 26.48 -5.66
CA TYR D 98 -18.24 26.58 -6.53
C TYR D 98 -18.25 25.54 -7.65
N PRO D 99 -17.91 25.97 -8.88
CA PRO D 99 -17.91 25.12 -10.07
C PRO D 99 -16.60 24.34 -10.26
N ALA D 100 -16.22 23.54 -9.27
CA ALA D 100 -14.99 22.77 -9.36
C ALA D 100 -15.26 21.26 -9.38
N LYS D 101 -14.28 20.50 -9.86
CA LYS D 101 -14.40 19.05 -9.91
C LYS D 101 -14.04 18.44 -8.55
N SER D 102 -13.16 19.12 -7.83
CA SER D 102 -12.68 18.63 -6.54
C SER D 102 -13.25 19.45 -5.38
N LYS D 103 -13.74 18.74 -4.36
CA LYS D 103 -14.23 19.39 -3.16
C LYS D 103 -13.10 20.08 -2.43
N TYR D 104 -11.90 19.49 -2.53
CA TYR D 104 -10.70 20.04 -1.91
C TYR D 104 -10.27 21.33 -2.60
N ALA D 105 -10.30 21.31 -3.93
CA ALA D 105 -9.96 22.49 -4.71
C ALA D 105 -11.00 23.59 -4.51
N ALA D 106 -12.26 23.18 -4.37
CA ALA D 106 -13.35 24.11 -4.12
C ALA D 106 -13.21 24.72 -2.73
N ALA D 107 -12.73 23.92 -1.78
CA ALA D 107 -12.50 24.40 -0.43
C ALA D 107 -11.37 25.44 -0.41
N MET D 108 -10.41 25.26 -1.30
CA MET D 108 -9.28 26.18 -1.39
C MET D 108 -9.74 27.56 -1.87
N MET D 109 -10.64 27.56 -2.84
CA MET D 109 -11.13 28.82 -3.43
C MET D 109 -11.88 29.66 -2.42
N MET D 110 -12.65 29.01 -1.54
CA MET D 110 -13.36 29.70 -0.48
C MET D 110 -12.38 30.37 0.47
N MET D 111 -11.27 29.69 0.73
CA MET D 111 -10.23 30.20 1.61
C MET D 111 -9.52 31.40 0.99
N ILE D 112 -9.28 31.33 -0.31
CA ILE D 112 -8.63 32.42 -1.03
C ILE D 112 -9.49 33.68 -1.05
N MET D 113 -10.78 33.50 -1.30
CA MET D 113 -11.71 34.61 -1.38
C MET D 113 -11.92 35.28 -0.03
N ASN D 114 -11.86 34.49 1.03
CA ASN D 114 -12.00 35.03 2.39
C ASN D 114 -10.84 35.98 2.71
N ASN D 115 -9.67 35.68 2.14
CA ASN D 115 -8.50 36.53 2.31
C ASN D 115 -8.59 37.80 1.48
N LEU D 116 -9.56 37.83 0.56
CA LEU D 116 -9.75 39.00 -0.29
C LEU D 116 -11.07 39.69 0.02
N ASP D 117 -11.69 39.29 1.13
CA ASP D 117 -12.96 39.88 1.55
C ASP D 117 -12.74 41.32 2.03
N ASN D 118 -13.70 42.19 1.71
CA ASN D 118 -13.60 43.59 2.09
C ASN D 118 -13.68 43.79 3.60
N ARG D 119 -14.29 42.82 4.28
CA ARG D 119 -14.45 42.91 5.73
C ARG D 119 -13.34 42.17 6.47
N VAL D 120 -12.51 41.44 5.74
CA VAL D 120 -11.44 40.66 6.34
C VAL D 120 -10.05 41.22 6.00
N ALA D 121 -9.84 41.52 4.73
CA ALA D 121 -8.53 41.99 4.27
C ALA D 121 -8.31 43.46 4.62
N MET D 122 -7.04 43.82 4.81
CA MET D 122 -6.68 45.21 5.10
C MET D 122 -6.88 46.08 3.87
N PHE D 123 -6.35 45.63 2.75
CA PHE D 123 -6.55 46.31 1.47
C PHE D 123 -6.88 45.29 0.39
N PRO D 124 -8.13 44.80 0.38
CA PRO D 124 -8.58 43.69 -0.49
C PRO D 124 -8.42 43.98 -1.98
N HIS D 125 -8.58 45.23 -2.38
CA HIS D 125 -8.45 45.61 -3.79
C HIS D 125 -7.00 45.49 -4.25
N GLU D 126 -6.07 45.62 -3.31
CA GLU D 126 -4.65 45.52 -3.61
C GLU D 126 -4.13 44.11 -3.34
N LEU D 127 -5.05 43.17 -3.17
CA LEU D 127 -4.73 41.78 -2.87
C LEU D 127 -3.88 41.65 -1.60
N ILE D 128 -4.05 42.59 -0.68
CA ILE D 128 -3.34 42.58 0.59
C ILE D 128 -4.28 42.21 1.72
N THR D 129 -3.93 41.18 2.48
CA THR D 129 -4.78 40.69 3.56
C THR D 129 -4.52 41.42 4.87
N TYR D 130 -3.27 41.40 5.32
CA TYR D 130 -2.90 42.08 6.56
C TYR D 130 -1.41 42.39 6.61
N GLY D 131 -0.98 43.05 7.68
CA GLY D 131 0.43 43.37 7.87
C GLY D 131 0.92 44.47 6.96
N GLY D 132 0.01 45.11 6.24
CA GLY D 132 0.37 46.20 5.35
C GLY D 132 0.77 45.76 3.97
N ASN D 133 1.49 44.64 3.89
CA ASN D 133 1.98 44.15 2.60
C ASN D 133 1.87 42.63 2.47
N GLY D 134 1.18 41.99 3.40
CA GLY D 134 0.95 40.56 3.34
C GLY D 134 -0.05 40.22 2.24
N GLY D 135 0.47 39.86 1.07
CA GLY D 135 -0.36 39.69 -0.10
C GLY D 135 -0.83 38.29 -0.39
N VAL D 136 -1.92 38.18 -1.14
CA VAL D 136 -2.46 36.90 -1.59
C VAL D 136 -1.85 36.54 -2.94
N PHE D 137 -1.90 37.48 -3.87
CA PHE D 137 -1.23 37.34 -5.16
C PHE D 137 -0.49 38.63 -5.48
N ASN D 138 0.43 38.57 -6.44
CA ASN D 138 1.14 39.75 -6.90
C ASN D 138 0.19 40.67 -7.66
N ASN D 139 -0.76 40.06 -8.36
CA ASN D 139 -1.74 40.79 -9.15
C ASN D 139 -3.06 40.02 -9.29
N TRP D 140 -3.95 40.51 -10.13
CA TRP D 140 -5.26 39.90 -10.28
C TRP D 140 -5.29 38.85 -11.40
N ALA D 141 -4.29 38.87 -12.28
CA ALA D 141 -4.19 37.84 -13.30
C ALA D 141 -3.80 36.52 -12.66
N GLN D 142 -2.96 36.59 -11.65
CA GLN D 142 -2.58 35.42 -10.88
C GLN D 142 -3.79 34.86 -10.14
N PHE D 143 -4.65 35.75 -9.66
CA PHE D 143 -5.87 35.35 -8.98
C PHE D 143 -6.81 34.62 -9.93
N CYS D 144 -6.99 35.18 -11.13
CA CYS D 144 -7.88 34.61 -12.12
C CYS D 144 -7.39 33.24 -12.59
N LEU D 145 -6.09 33.14 -12.84
CA LEU D 145 -5.50 31.89 -13.29
C LEU D 145 -5.54 30.81 -12.21
N THR D 146 -5.24 31.21 -10.98
CA THR D 146 -5.31 30.30 -9.84
C THR D 146 -6.73 29.76 -9.68
N MET D 147 -7.71 30.63 -9.86
CA MET D 147 -9.11 30.25 -9.76
C MET D 147 -9.53 29.35 -10.91
N LYS D 148 -8.96 29.58 -12.09
CA LYS D 148 -9.25 28.73 -13.25
C LYS D 148 -8.75 27.32 -13.02
N TYR D 149 -7.50 27.22 -12.57
CA TYR D 149 -6.88 25.92 -12.31
C TYR D 149 -7.65 25.14 -11.25
N LEU D 150 -8.06 25.83 -10.19
CA LEU D 150 -8.79 25.19 -9.10
C LEU D 150 -10.11 24.60 -9.56
N CYS D 151 -10.79 25.30 -10.47
CA CYS D 151 -12.03 24.81 -11.05
C CYS D 151 -11.75 23.71 -12.07
N GLU D 152 -10.55 23.76 -12.66
CA GLU D 152 -10.16 22.83 -13.71
C GLU D 152 -9.57 21.54 -13.15
N MET D 153 -8.78 21.67 -12.08
CA MET D 153 -8.02 20.55 -11.54
C MET D 153 -8.89 19.43 -10.98
N THR D 154 -8.32 18.23 -10.92
CA THR D 154 -8.95 17.11 -10.26
C THR D 154 -8.18 16.77 -8.98
N ASP D 155 -8.44 15.60 -8.43
CA ASP D 155 -7.73 15.15 -7.24
C ASP D 155 -6.45 14.42 -7.62
N HIS D 156 -6.12 14.43 -8.91
CA HIS D 156 -4.91 13.78 -9.39
C HIS D 156 -3.93 14.81 -9.95
N GLN D 157 -4.12 16.07 -9.55
CA GLN D 157 -3.25 17.15 -9.98
C GLN D 157 -2.81 18.01 -8.79
N THR D 158 -1.77 18.82 -9.01
CA THR D 158 -1.28 19.72 -7.97
C THR D 158 -0.86 21.05 -8.57
N LEU D 159 -1.42 22.14 -8.03
CA LEU D 159 -1.08 23.48 -8.49
C LEU D 159 0.21 23.97 -7.88
N ALA D 160 1.11 24.50 -8.72
CA ALA D 160 2.38 25.02 -8.25
C ALA D 160 2.35 26.55 -8.22
N LEU D 161 2.23 27.11 -7.02
CA LEU D 161 2.15 28.55 -6.86
C LEU D 161 3.50 29.17 -6.52
N TYR D 162 4.03 29.96 -7.46
CA TYR D 162 5.32 30.62 -7.31
C TYR D 162 5.17 32.07 -6.86
N SER D 163 5.05 32.29 -5.55
CA SER D 163 4.89 33.63 -4.99
C SER D 163 3.73 34.40 -5.64
N GLY D 164 2.58 33.75 -5.69
CA GLY D 164 1.41 34.33 -6.31
C GLY D 164 1.16 33.76 -7.69
N HIS D 165 2.25 33.56 -8.44
CA HIS D 165 2.16 33.05 -9.81
C HIS D 165 1.89 31.55 -9.84
N PRO D 166 0.74 31.17 -10.43
CA PRO D 166 0.42 29.75 -10.61
C PRO D 166 1.18 29.16 -11.80
N LEU D 167 2.26 28.43 -11.51
CA LEU D 167 3.10 27.85 -12.55
C LEU D 167 2.30 26.92 -13.46
N GLY D 168 1.33 26.24 -12.88
CA GLY D 168 0.45 25.36 -13.63
C GLY D 168 0.02 24.13 -12.86
N LEU D 169 -0.83 23.32 -13.49
CA LEU D 169 -1.28 22.07 -12.88
C LEU D 169 -0.33 20.93 -13.22
N PHE D 170 0.08 20.19 -12.21
CA PHE D 170 1.00 19.08 -12.39
C PHE D 170 0.43 17.79 -11.82
N PRO D 171 0.56 16.69 -12.57
CA PRO D 171 0.03 15.38 -12.16
C PRO D 171 0.56 14.91 -10.81
N SER D 172 -0.35 14.43 -9.96
CA SER D 172 0.02 13.87 -8.67
C SER D 172 -0.94 12.75 -8.29
N HIS D 173 -1.44 12.78 -7.05
CA HIS D 173 -2.35 11.75 -6.57
C HIS D 173 -3.26 12.29 -5.46
N PRO D 174 -4.41 11.64 -5.23
CA PRO D 174 -5.39 12.06 -4.22
C PRO D 174 -4.80 12.37 -2.83
N ASP D 175 -3.76 11.66 -2.44
CA ASP D 175 -3.15 11.89 -1.13
C ASP D 175 -2.16 13.05 -1.16
N ALA D 176 -1.78 13.47 -2.36
CA ALA D 176 -0.87 14.60 -2.53
C ALA D 176 -1.61 15.92 -2.34
N PRO D 177 -0.89 16.98 -1.93
CA PRO D 177 -1.54 18.28 -1.77
C PRO D 177 -2.06 18.83 -3.09
N ARG D 178 -3.17 19.56 -3.04
CA ARG D 178 -3.77 20.11 -4.25
C ARG D 178 -3.04 21.38 -4.70
N ALA D 179 -2.17 21.90 -3.82
CA ALA D 179 -1.40 23.09 -4.14
C ALA D 179 -0.13 23.17 -3.30
N VAL D 180 0.97 23.55 -3.92
CA VAL D 180 2.19 23.83 -3.20
C VAL D 180 2.52 25.31 -3.32
N ILE D 181 2.50 26.01 -2.19
CA ILE D 181 2.67 27.45 -2.19
C ILE D 181 4.02 27.88 -1.61
N THR D 182 4.75 28.70 -2.36
CA THR D 182 5.92 29.36 -1.82
C THR D 182 5.72 30.86 -1.95
N ASN D 183 6.17 31.61 -0.95
CA ASN D 183 6.06 33.07 -0.99
C ASN D 183 7.32 33.73 -0.44
N GLY D 184 8.09 34.34 -1.34
CA GLY D 184 9.26 35.09 -0.94
C GLY D 184 10.52 34.26 -0.85
N MET D 185 10.47 33.03 -1.37
CA MET D 185 11.65 32.17 -1.38
C MET D 185 12.78 32.81 -2.16
N MET D 186 13.85 33.15 -1.46
CA MET D 186 14.99 33.82 -2.08
C MET D 186 16.29 33.08 -1.86
N VAL D 187 17.22 33.23 -2.79
CA VAL D 187 18.59 32.82 -2.56
C VAL D 187 19.10 33.65 -1.38
N PRO D 188 19.47 32.97 -0.28
CA PRO D 188 19.77 33.53 1.05
C PRO D 188 20.41 34.91 1.06
N ASN D 189 21.51 35.09 0.33
CA ASN D 189 22.24 36.36 0.36
C ASN D 189 21.52 37.49 -0.37
N TYR D 190 20.37 37.20 -0.97
CA TYR D 190 19.63 38.20 -1.72
C TYR D 190 18.22 38.38 -1.19
N SER D 191 17.97 37.80 -0.02
CA SER D 191 16.68 37.96 0.65
C SER D 191 16.65 39.26 1.46
N THR D 192 16.93 40.37 0.78
CA THR D 192 16.89 41.68 1.42
C THR D 192 15.65 42.45 0.97
N ARG D 193 15.30 43.49 1.70
CA ARG D 193 14.13 44.30 1.35
C ARG D 193 14.36 45.07 0.06
N GLU D 194 15.62 45.25 -0.30
CA GLU D 194 15.97 45.89 -1.56
C GLU D 194 15.48 45.07 -2.74
N GLN D 195 15.63 43.75 -2.63
CA GLN D 195 15.21 42.85 -3.69
C GLN D 195 13.73 42.51 -3.61
N TYR D 196 13.16 42.61 -2.41
CA TYR D 196 11.72 42.44 -2.26
C TYR D 196 10.98 43.57 -2.97
N ASP D 197 11.29 44.80 -2.57
CA ASP D 197 10.67 45.98 -3.15
C ASP D 197 10.85 46.05 -4.66
N ARG D 198 11.97 45.52 -5.14
CA ARG D 198 12.28 45.51 -6.56
C ARG D 198 11.51 44.41 -7.30
N LEU D 199 11.69 43.17 -6.87
CA LEU D 199 11.12 42.02 -7.57
C LEU D 199 9.60 41.90 -7.40
N TYR D 200 9.06 42.52 -6.35
CA TYR D 200 7.61 42.51 -6.14
C TYR D 200 6.93 43.34 -7.22
N ALA D 201 7.52 44.49 -7.54
CA ALA D 201 7.00 45.35 -8.60
C ALA D 201 7.27 44.75 -9.97
N MET D 202 8.20 43.80 -10.02
CA MET D 202 8.52 43.12 -11.27
C MET D 202 7.74 41.82 -11.41
N GLY D 203 6.93 41.51 -10.39
CA GLY D 203 6.06 40.36 -10.43
C GLY D 203 6.78 39.03 -10.25
N CYS D 204 8.02 39.09 -9.76
CA CYS D 204 8.82 37.89 -9.57
C CYS D 204 8.57 37.26 -8.21
N THR D 205 8.16 38.06 -7.24
CA THR D 205 7.91 37.56 -5.90
C THR D 205 6.90 38.42 -5.14
N GLN D 206 6.58 38.00 -3.92
CA GLN D 206 5.69 38.75 -3.05
C GLN D 206 5.90 38.37 -1.59
N TYR D 207 5.35 39.17 -0.68
CA TYR D 207 5.41 38.87 0.74
C TYR D 207 4.07 38.31 1.20
N GLY D 208 4.06 37.07 1.65
CA GLY D 208 2.83 36.40 2.02
C GLY D 208 2.59 36.31 3.51
N GLN D 209 3.42 37.00 4.29
CA GLN D 209 3.33 36.99 5.74
C GLN D 209 3.32 35.56 6.30
N MET D 210 2.20 35.18 6.89
CA MET D 210 2.01 33.81 7.38
C MET D 210 0.79 33.18 6.73
N THR D 211 -0.39 33.76 7.00
CA THR D 211 -1.63 33.21 6.50
C THR D 211 -2.19 33.99 5.31
N ALA D 212 -1.49 35.04 4.93
CA ALA D 212 -1.93 35.90 3.84
C ALA D 212 -1.75 35.23 2.47
N GLY D 213 -0.57 34.67 2.24
CA GLY D 213 -0.27 34.04 0.98
C GLY D 213 -0.59 32.56 0.96
N SER D 214 -0.92 32.00 2.13
CA SER D 214 -1.23 30.59 2.24
C SER D 214 -2.74 30.34 2.28
N PHE D 215 -3.50 31.40 2.05
CA PHE D 215 -4.97 31.32 1.93
C PHE D 215 -5.63 30.74 3.18
N CYS D 216 -5.38 31.34 4.34
CA CYS D 216 -5.96 30.83 5.57
C CYS D 216 -6.08 31.88 6.68
N TYR D 217 -6.30 33.13 6.30
CA TYR D 217 -6.54 34.19 7.26
C TYR D 217 -8.02 34.20 7.65
N ILE D 218 -8.29 34.13 8.94
CA ILE D 218 -9.66 34.00 9.42
C ILE D 218 -10.13 35.23 10.18
N GLY D 219 -9.45 36.36 9.96
CA GLY D 219 -9.81 37.60 10.61
C GLY D 219 -8.91 37.87 11.81
N PRO D 220 -9.26 38.89 12.61
CA PRO D 220 -8.49 39.26 13.80
C PRO D 220 -8.71 38.30 14.97
N GLN D 221 -9.53 37.28 14.76
CA GLN D 221 -9.81 36.29 15.79
C GLN D 221 -8.54 35.59 16.26
N GLY D 222 -7.63 35.36 15.32
CA GLY D 222 -6.36 34.74 15.63
C GLY D 222 -5.51 35.61 16.54
N ILE D 223 -5.58 36.92 16.34
CA ILE D 223 -4.85 37.87 17.17
C ILE D 223 -5.49 37.99 18.55
N VAL D 224 -6.80 37.80 18.60
CA VAL D 224 -7.53 37.88 19.87
C VAL D 224 -7.25 36.68 20.76
N HIS D 225 -7.22 35.50 20.16
CA HIS D 225 -6.96 34.27 20.90
C HIS D 225 -5.54 34.22 21.42
N GLY D 226 -4.59 34.65 20.58
CA GLY D 226 -3.19 34.66 20.95
C GLY D 226 -2.91 35.55 22.14
N THR D 227 -3.48 36.77 22.10
CA THR D 227 -3.33 37.71 23.20
C THR D 227 -4.04 37.20 24.45
N THR D 228 -5.17 36.52 24.25
CA THR D 228 -5.95 35.94 25.34
C THR D 228 -5.14 34.88 26.07
N ILE D 229 -4.54 33.96 25.31
CA ILE D 229 -3.73 32.90 25.89
C ILE D 229 -2.47 33.46 26.54
N THR D 230 -1.94 34.52 25.96
CA THR D 230 -0.77 35.20 26.51
C THR D 230 -1.11 35.84 27.85
N PHE D 231 -2.23 36.55 27.88
CA PHE D 231 -2.71 37.22 29.10
C PHE D 231 -2.96 36.20 30.21
N ARG D 232 -3.57 35.08 29.85
CA ARG D 232 -3.85 34.02 30.80
C ARG D 232 -2.56 33.40 31.33
N ASN D 233 -1.64 33.12 30.42
CA ASN D 233 -0.35 32.53 30.79
C ASN D 233 0.49 33.47 31.66
N ALA D 234 0.43 34.76 31.36
CA ALA D 234 1.16 35.75 32.13
C ALA D 234 0.49 35.98 33.47
N GLY D 235 -0.80 35.68 33.54
CA GLY D 235 -1.57 35.86 34.76
C GLY D 235 -1.44 34.67 35.69
N ARG D 236 -0.85 33.59 35.19
CA ARG D 236 -0.65 32.39 35.99
C ARG D 236 0.80 32.25 36.45
N LYS D 237 1.72 32.74 35.61
CA LYS D 237 3.14 32.64 35.91
C LYS D 237 3.59 33.79 36.82
N TYR D 238 2.75 34.80 36.95
CA TYR D 238 3.06 35.96 37.78
C TYR D 238 2.11 36.07 38.97
N LEU D 239 0.86 36.36 38.70
CA LEU D 239 -0.15 36.49 39.74
C LEU D 239 -0.48 35.14 40.37
N GLY D 240 -0.74 34.15 39.53
CA GLY D 240 -1.07 32.81 39.99
C GLY D 240 -2.56 32.64 40.19
N VAL D 241 -3.34 33.30 39.34
CA VAL D 241 -4.79 33.21 39.41
C VAL D 241 -5.36 32.55 38.15
N GLU D 242 -6.21 31.55 38.34
CA GLU D 242 -6.82 30.84 37.22
C GLU D 242 -7.87 31.71 36.52
N ASP D 243 -8.58 32.52 37.31
CA ASP D 243 -9.60 33.41 36.78
C ASP D 243 -9.13 34.86 36.81
N LEU D 244 -9.28 35.55 35.70
CA LEU D 244 -8.87 36.96 35.60
C LEU D 244 -10.06 37.89 35.85
N ALA D 245 -11.13 37.33 36.40
CA ALA D 245 -12.33 38.10 36.70
C ALA D 245 -12.06 39.10 37.82
N GLY D 246 -12.10 40.38 37.49
CA GLY D 246 -11.83 41.43 38.45
C GLY D 246 -10.40 41.93 38.36
N LYS D 247 -9.58 41.22 37.60
CA LYS D 247 -8.19 41.60 37.40
C LYS D 247 -8.08 42.74 36.41
N VAL D 248 -7.13 43.64 36.64
CA VAL D 248 -6.94 44.81 35.79
C VAL D 248 -5.61 44.75 35.05
N VAL D 249 -5.66 44.91 33.72
CA VAL D 249 -4.46 44.88 32.89
C VAL D 249 -4.22 46.22 32.23
N LEU D 250 -3.07 46.83 32.53
CA LEU D 250 -2.71 48.11 31.94
C LEU D 250 -1.71 47.91 30.80
N THR D 251 -2.21 47.95 29.57
CA THR D 251 -1.36 47.76 28.40
C THR D 251 -1.45 48.97 27.47
N SER D 252 -0.59 48.98 26.45
CA SER D 252 -0.56 50.07 25.49
C SER D 252 -0.62 49.57 24.05
N GLY D 253 -1.14 50.40 23.16
CA GLY D 253 -1.20 50.06 21.75
C GLY D 253 -2.57 49.59 21.29
N LEU D 254 -3.08 50.21 20.24
CA LEU D 254 -4.35 49.82 19.66
C LEU D 254 -4.22 49.70 18.14
N GLY D 255 -3.01 49.43 17.67
CA GLY D 255 -2.74 49.33 16.26
C GLY D 255 -3.16 48.02 15.63
N GLY D 256 -2.19 47.32 15.04
CA GLY D 256 -2.46 46.07 14.35
C GLY D 256 -2.92 44.95 15.26
N MET D 257 -1.99 44.34 15.97
CA MET D 257 -2.30 43.23 16.86
C MET D 257 -2.37 43.66 18.31
N SER D 258 -2.08 44.94 18.56
CA SER D 258 -2.23 45.50 19.90
C SER D 258 -3.67 45.97 20.10
N GLY D 259 -4.38 46.13 18.99
CA GLY D 259 -5.78 46.54 19.02
C GLY D 259 -6.71 45.39 19.35
N ALA D 260 -6.13 44.24 19.67
CA ALA D 260 -6.91 43.08 20.05
C ALA D 260 -6.81 42.84 21.55
N GLN D 261 -5.93 43.60 22.20
CA GLN D 261 -5.72 43.49 23.64
C GLN D 261 -7.01 43.76 24.44
N GLY D 262 -7.77 44.73 23.98
CA GLY D 262 -9.02 45.10 24.63
C GLY D 262 -10.03 43.97 24.59
N LYS D 263 -10.22 43.40 23.41
CA LYS D 263 -11.15 42.28 23.23
C LYS D 263 -10.64 41.03 23.94
N ALA D 264 -9.33 40.83 23.91
CA ALA D 264 -8.72 39.66 24.54
C ALA D 264 -8.85 39.72 26.06
N GLY D 265 -8.72 40.92 26.61
CA GLY D 265 -8.87 41.13 28.04
C GLY D 265 -10.30 40.93 28.48
N VAL D 266 -11.24 41.27 27.59
CA VAL D 266 -12.66 41.12 27.88
C VAL D 266 -13.06 39.64 27.93
N ILE D 267 -12.49 38.85 27.03
CA ILE D 267 -12.76 37.42 26.99
C ILE D 267 -12.16 36.73 28.21
N CYS D 268 -11.01 37.23 28.65
CA CYS D 268 -10.34 36.69 29.83
C CYS D 268 -11.09 37.06 31.11
N GLY D 269 -12.07 37.96 30.98
CA GLY D 269 -12.87 38.39 32.11
C GLY D 269 -12.21 39.52 32.88
N ALA D 270 -11.13 40.06 32.33
CA ALA D 270 -10.37 41.10 32.99
C ALA D 270 -10.82 42.49 32.56
N VAL D 271 -10.37 43.50 33.31
CA VAL D 271 -10.62 44.89 32.96
C VAL D 271 -9.36 45.51 32.37
N VAL D 272 -9.25 45.46 31.04
CA VAL D 272 -8.04 45.89 30.36
C VAL D 272 -8.13 47.36 29.90
N VAL D 273 -7.11 48.14 30.23
CA VAL D 273 -7.02 49.52 29.78
C VAL D 273 -5.96 49.65 28.69
N VAL D 274 -6.39 50.14 27.52
CA VAL D 274 -5.50 50.26 26.38
C VAL D 274 -5.24 51.73 26.03
N ALA D 275 -3.97 52.11 26.04
CA ALA D 275 -3.59 53.48 25.73
C ALA D 275 -3.15 53.62 24.27
N GLU D 276 -3.56 54.72 23.65
CA GLU D 276 -3.20 54.98 22.25
C GLU D 276 -3.11 56.47 21.97
N VAL D 277 -1.96 56.92 21.49
CA VAL D 277 -1.74 58.33 21.19
C VAL D 277 -2.54 58.78 19.98
N ASP D 278 -2.74 57.86 19.03
CA ASP D 278 -3.47 58.16 17.81
C ASP D 278 -4.97 58.21 18.05
N PRO D 279 -5.60 59.37 17.80
CA PRO D 279 -7.04 59.54 17.95
C PRO D 279 -7.83 58.82 16.87
N ASN D 280 -7.22 58.64 15.70
CA ASN D 280 -7.89 57.97 14.59
C ASN D 280 -7.98 56.46 14.78
N ALA D 281 -6.90 55.88 15.32
CA ALA D 281 -6.85 54.44 15.55
C ALA D 281 -7.74 54.03 16.72
N LEU D 282 -7.87 54.92 17.70
CA LEU D 282 -8.69 54.65 18.88
C LEU D 282 -10.18 54.80 18.54
N TYR D 283 -10.48 55.66 17.58
CA TYR D 283 -11.86 55.90 17.17
C TYR D 283 -12.32 54.88 16.14
N LYS D 284 -11.37 54.16 15.55
CA LYS D 284 -11.68 53.14 14.56
C LYS D 284 -11.95 51.80 15.23
N ARG D 285 -11.21 51.52 16.30
CA ARG D 285 -11.38 50.28 17.04
C ARG D 285 -12.57 50.36 18.00
N LYS D 286 -12.96 51.58 18.35
CA LYS D 286 -14.09 51.79 19.24
C LYS D 286 -15.41 51.57 18.50
N GLY D 287 -15.47 52.00 17.25
CA GLY D 287 -16.65 51.83 16.43
C GLY D 287 -16.76 50.42 15.87
N GLN D 288 -15.62 49.75 15.76
CA GLN D 288 -15.58 48.38 15.24
C GLN D 288 -15.98 47.38 16.31
N GLY D 289 -16.12 47.84 17.55
CA GLY D 289 -16.49 46.98 18.65
C GLY D 289 -15.29 46.35 19.33
N TRP D 290 -14.11 46.67 18.82
CA TRP D 290 -12.87 46.13 19.38
C TRP D 290 -12.47 46.88 20.65
N LEU D 291 -13.23 47.93 20.98
CA LEU D 291 -12.96 48.73 22.16
C LEU D 291 -14.24 49.12 22.87
N MET D 292 -14.41 48.63 24.10
N GLU D 295 -12.36 56.88 27.45
CA GLU D 295 -11.99 57.88 28.44
C GLU D 295 -10.94 58.83 27.89
N THR D 296 -10.98 60.08 28.36
CA THR D 296 -10.05 61.10 27.90
C THR D 296 -9.09 61.54 29.00
N ASP D 297 -9.65 61.81 30.19
CA ASP D 297 -8.87 62.27 31.31
C ASP D 297 -8.14 61.12 32.01
N VAL D 298 -7.02 61.44 32.66
CA VAL D 298 -6.25 60.44 33.38
C VAL D 298 -6.93 60.05 34.68
N GLU D 299 -7.76 60.95 35.20
CA GLU D 299 -8.48 60.69 36.44
C GLU D 299 -9.80 59.97 36.17
N ALA D 300 -10.44 60.32 35.05
CA ALA D 300 -11.69 59.70 34.66
C ALA D 300 -11.47 58.27 34.18
N LEU D 301 -10.27 58.00 33.68
CA LEU D 301 -9.90 56.66 33.24
C LEU D 301 -9.78 55.72 34.43
N LEU D 302 -9.08 56.19 35.47
CA LEU D 302 -8.92 55.43 36.69
C LEU D 302 -10.25 55.26 37.40
N ARG D 303 -11.11 56.27 37.29
CA ARG D 303 -12.43 56.23 37.89
C ARG D 303 -13.31 55.19 37.22
N ARG D 304 -13.11 55.01 35.92
CA ARG D 304 -13.87 54.03 35.16
C ARG D 304 -13.26 52.64 35.28
N VAL D 305 -11.99 52.58 35.68
CA VAL D 305 -11.29 51.31 35.83
C VAL D 305 -11.42 50.75 37.23
N ARG D 306 -11.37 51.63 38.23
CA ARG D 306 -11.49 51.22 39.62
C ARG D 306 -12.91 50.77 39.96
N ALA D 307 -13.87 51.24 39.17
CA ALA D 307 -15.27 50.89 39.37
C ALA D 307 -15.58 49.53 38.79
N ALA D 308 -15.04 49.25 37.61
CA ALA D 308 -15.27 47.98 36.93
C ALA D 308 -14.59 46.83 37.67
N SER D 309 -13.48 47.15 38.34
CA SER D 309 -12.74 46.15 39.10
C SER D 309 -13.55 45.63 40.28
N ALA D 310 -14.28 46.53 40.92
CA ALA D 310 -15.13 46.16 42.05
C ALA D 310 -16.33 45.35 41.59
N ALA D 311 -16.73 45.54 40.33
CA ALA D 311 -17.88 44.84 39.77
C ALA D 311 -17.44 43.59 39.00
N LYS D 312 -16.16 43.54 38.66
CA LYS D 312 -15.57 42.42 37.92
C LYS D 312 -16.30 42.14 36.62
N VAL D 315 -14.27 44.36 30.55
CA VAL D 315 -14.55 45.57 29.80
C VAL D 315 -13.27 46.18 29.23
N SER D 316 -13.29 46.51 27.94
CA SER D 316 -12.16 47.17 27.29
C SER D 316 -12.36 48.67 27.29
N ILE D 317 -11.33 49.40 27.71
CA ILE D 317 -11.38 50.86 27.74
C ILE D 317 -10.16 51.46 27.05
N GLY D 318 -10.40 52.46 26.21
CA GLY D 318 -9.32 53.11 25.47
C GLY D 318 -8.98 54.48 26.01
N PHE D 319 -7.71 54.66 26.36
CA PHE D 319 -7.24 55.94 26.90
C PHE D 319 -6.70 56.83 25.78
N LEU D 320 -7.41 57.92 25.50
CA LEU D 320 -6.96 58.89 24.51
C LEU D 320 -5.81 59.71 25.05
N GLY D 321 -4.58 59.26 24.80
CA GLY D 321 -3.39 59.93 25.29
C GLY D 321 -2.19 59.01 25.27
N ASN D 322 -1.23 59.28 26.15
CA ASN D 322 -0.01 58.48 26.22
C ASN D 322 -0.01 57.53 27.39
N VAL D 323 0.59 56.35 27.20
CA VAL D 323 0.61 55.32 28.23
C VAL D 323 1.48 55.71 29.43
N VAL D 324 2.53 56.48 29.16
CA VAL D 324 3.44 56.92 30.21
C VAL D 324 2.72 57.83 31.19
N THR D 325 1.72 58.57 30.69
CA THR D 325 0.93 59.45 31.53
C THR D 325 0.03 58.66 32.48
N VAL D 326 -0.27 57.42 32.12
CA VAL D 326 -1.11 56.56 32.95
C VAL D 326 -0.27 55.83 33.99
N TRP D 327 0.91 55.37 33.58
CA TRP D 327 1.82 54.65 34.48
C TRP D 327 2.35 55.57 35.57
N GLU D 328 2.50 56.85 35.26
N VAL D 338 -4.41 48.24 39.31
CA VAL D 338 -3.82 47.56 38.17
C VAL D 338 -3.03 46.33 38.60
N HIS D 339 -3.60 45.16 38.35
CA HIS D 339 -2.96 43.90 38.71
C HIS D 339 -1.79 43.58 37.78
N LEU D 340 -2.04 43.65 36.48
CA LEU D 340 -1.02 43.36 35.48
C LEU D 340 -0.72 44.59 34.62
N GLY D 341 0.49 44.63 34.08
CA GLY D 341 0.90 45.73 33.23
C GLY D 341 1.69 45.24 32.03
N SER D 342 1.22 45.56 30.84
CA SER D 342 1.90 45.14 29.62
C SER D 342 2.36 46.34 28.79
N ASP D 343 3.36 46.11 27.96
CA ASP D 343 3.87 47.16 27.08
C ASP D 343 3.97 46.65 25.65
N GLN D 344 3.09 47.15 24.79
CA GLN D 344 3.08 46.72 23.40
C GLN D 344 3.14 47.90 22.44
N THR D 345 4.15 48.75 22.63
CA THR D 345 4.42 49.82 21.69
C THR D 345 5.48 49.37 20.70
N SER D 346 5.42 49.89 19.48
CA SER D 346 6.37 49.50 18.44
C SER D 346 7.77 50.04 18.72
N CYS D 347 8.43 49.49 19.74
CA CYS D 347 9.77 49.91 20.10
C CYS D 347 10.82 49.29 19.18
N HIS D 348 10.36 48.49 18.22
CA HIS D 348 11.25 48.01 17.16
C HIS D 348 11.42 49.14 16.14
N ASN D 349 10.47 50.07 16.16
CA ASN D 349 10.59 51.32 15.43
C ASN D 349 10.49 52.50 16.40
N PRO D 350 11.58 52.74 17.15
CA PRO D 350 11.58 53.71 18.26
C PRO D 350 11.35 55.15 17.81
N PHE D 351 12.07 55.58 16.77
CA PHE D 351 12.05 56.97 16.37
C PHE D 351 11.39 57.17 15.01
N ASN D 352 10.80 56.10 14.48
CA ASN D 352 10.11 56.16 13.20
C ASN D 352 8.63 56.50 13.36
N GLY D 353 8.15 56.46 14.59
CA GLY D 353 6.76 56.72 14.88
C GLY D 353 6.07 55.53 15.52
N GLY D 354 6.84 54.73 16.24
CA GLY D 354 6.32 53.56 16.91
C GLY D 354 6.22 53.74 18.40
N TYR D 355 7.07 54.60 18.95
CA TYR D 355 7.06 54.89 20.37
C TYR D 355 6.92 56.39 20.61
N TYR D 356 5.70 56.82 20.92
CA TYR D 356 5.43 58.24 21.16
C TYR D 356 5.85 58.67 22.56
N PRO D 357 6.73 59.68 22.64
CA PRO D 357 7.22 60.20 23.92
C PRO D 357 6.12 60.91 24.73
N VAL D 358 6.31 61.01 26.03
CA VAL D 358 5.31 61.61 26.91
C VAL D 358 5.44 63.13 26.91
N GLN D 359 6.64 63.63 26.63
CA GLN D 359 6.91 65.06 26.66
C GLN D 359 6.16 65.82 25.55
N LEU D 360 5.93 65.13 24.43
CA LEU D 360 5.26 65.75 23.30
C LEU D 360 3.83 65.24 23.14
N THR D 361 3.03 65.98 22.37
CA THR D 361 1.64 65.60 22.11
C THR D 361 1.56 64.62 20.95
N PHE D 362 0.36 64.46 20.40
CA PHE D 362 0.15 63.58 19.26
C PHE D 362 0.68 64.21 17.97
N GLU D 363 0.29 65.46 17.73
CA GLU D 363 0.73 66.19 16.55
C GLU D 363 2.14 66.72 16.72
N GLU D 364 2.54 66.94 17.96
CA GLU D 364 3.88 67.43 18.27
C GLU D 364 4.94 66.38 17.98
N SER D 365 4.64 65.14 18.35
CA SER D 365 5.56 64.03 18.12
C SER D 365 5.63 63.66 16.64
N LYS D 366 4.51 63.77 15.96
CA LYS D 366 4.42 63.43 14.53
C LYS D 366 5.15 64.45 13.68
N LYS D 367 5.40 65.64 14.23
CA LYS D 367 6.08 66.70 13.50
C LYS D 367 7.57 66.73 13.81
N MET D 368 7.94 66.41 15.05
CA MET D 368 9.33 66.45 15.45
C MET D 368 10.11 65.26 14.88
N MET D 369 9.40 64.19 14.55
CA MET D 369 10.04 63.00 14.00
C MET D 369 10.56 63.24 12.59
N VAL D 370 10.04 64.28 11.94
CA VAL D 370 10.46 64.61 10.59
C VAL D 370 11.21 65.95 10.54
N GLU D 371 11.07 66.74 11.59
CA GLU D 371 11.71 68.06 11.65
C GLU D 371 13.04 68.00 12.38
N ASP D 372 13.03 67.48 13.60
CA ASP D 372 14.25 67.35 14.40
C ASP D 372 14.36 65.95 15.00
N PRO D 373 14.89 65.00 14.21
CA PRO D 373 15.07 63.61 14.64
C PRO D 373 15.99 63.49 15.86
N ALA D 374 17.04 64.32 15.89
CA ALA D 374 18.01 64.28 16.97
C ALA D 374 17.36 64.63 18.31
N MET D 375 16.44 65.58 18.29
CA MET D 375 15.70 65.95 19.48
C MET D 375 14.62 64.92 19.80
N PHE D 376 14.05 64.34 18.75
CA PHE D 376 13.04 63.31 18.90
C PHE D 376 13.65 62.03 19.49
N LYS D 377 14.87 61.73 19.07
CA LYS D 377 15.57 60.55 19.55
C LYS D 377 15.87 60.66 21.04
N GLU D 378 16.35 61.82 21.46
CA GLU D 378 16.66 62.05 22.86
C GLU D 378 15.39 62.09 23.71
N LEU D 379 14.31 62.59 23.12
CA LEU D 379 13.03 62.67 23.81
C LEU D 379 12.47 61.28 24.08
N VAL D 380 12.62 60.40 23.10
CA VAL D 380 12.16 59.01 23.25
C VAL D 380 13.01 58.28 24.29
N GLN D 381 14.32 58.50 24.22
CA GLN D 381 15.24 57.87 25.17
C GLN D 381 14.98 58.33 26.59
N GLU D 382 14.48 59.56 26.74
CA GLU D 382 14.15 60.09 28.05
C GLU D 382 12.78 59.62 28.50
N SER D 383 11.85 59.55 27.56
CA SER D 383 10.48 59.11 27.84
C SER D 383 10.45 57.62 28.21
N LEU D 384 11.27 56.83 27.51
CA LEU D 384 11.35 55.41 27.78
C LEU D 384 12.01 55.14 29.12
N ARG D 385 13.05 55.92 29.42
CA ARG D 385 13.76 55.80 30.69
C ARG D 385 12.85 56.17 31.86
N ARG D 386 11.96 57.13 31.61
CA ARG D 386 10.98 57.55 32.62
C ARG D 386 9.88 56.51 32.76
N GLN D 387 9.59 55.81 31.66
CA GLN D 387 8.58 54.77 31.66
C GLN D 387 9.04 53.57 32.49
N VAL D 388 10.30 53.20 32.33
CA VAL D 388 10.88 52.09 33.08
C VAL D 388 10.86 52.36 34.59
N ALA D 389 11.26 53.57 34.96
CA ALA D 389 11.28 53.96 36.37
C ALA D 389 9.89 53.91 37.00
N ALA D 390 8.87 54.19 36.19
CA ALA D 390 7.49 54.16 36.66
C ALA D 390 7.00 52.72 36.81
N ILE D 391 7.46 51.84 35.94
CA ILE D 391 7.10 50.43 36.00
C ILE D 391 7.78 49.73 37.16
N ASN D 392 9.04 50.08 37.40
CA ASN D 392 9.81 49.48 38.49
C ASN D 392 9.21 49.78 39.87
N GLU D 393 8.69 50.99 40.03
CA GLU D 393 8.09 51.39 41.30
C GLU D 393 6.73 50.73 41.50
N ARG D 400 2.61 43.31 38.54
CA ARG D 400 3.39 42.46 37.66
C ARG D 400 3.51 43.06 36.27
N PHE D 401 4.64 42.81 35.60
CA PHE D 401 4.88 43.34 34.28
C PHE D 401 5.84 42.47 33.49
N TRP D 402 5.63 42.37 32.18
CA TRP D 402 6.49 41.57 31.32
C TRP D 402 6.62 42.19 29.93
N ASP D 403 7.72 41.88 29.25
CA ASP D 403 7.95 42.38 27.90
C ASP D 403 7.23 41.49 26.88
N TYR D 404 6.42 42.11 26.03
CA TYR D 404 5.59 41.35 25.10
C TYR D 404 6.25 41.19 23.72
N GLY D 405 7.57 41.14 23.71
CA GLY D 405 8.31 40.93 22.48
C GLY D 405 8.20 42.06 21.49
N ASN D 406 8.23 43.29 21.99
CA ASN D 406 8.14 44.47 21.14
C ASN D 406 9.43 45.29 21.18
N SER D 407 10.51 44.66 21.66
CA SER D 407 11.81 45.31 21.81
C SER D 407 11.74 46.54 22.70
N PHE D 408 10.87 46.50 23.71
CA PHE D 408 10.76 47.60 24.67
C PHE D 408 11.97 47.62 25.59
N LEU D 409 12.23 46.50 26.25
CA LEU D 409 13.38 46.38 27.13
C LEU D 409 14.69 46.48 26.37
N LEU D 410 14.68 46.00 25.13
CA LEU D 410 15.85 46.06 24.26
C LEU D 410 16.27 47.50 23.99
N GLU D 411 15.30 48.35 23.66
CA GLU D 411 15.58 49.73 23.33
C GLU D 411 15.77 50.59 24.57
N ALA D 412 15.09 50.22 25.65
CA ALA D 412 15.22 50.93 26.93
C ALA D 412 16.61 50.75 27.51
N SER D 413 17.21 49.60 27.22
CA SER D 413 18.58 49.31 27.65
C SER D 413 19.57 50.19 26.90
N ARG D 414 19.23 50.53 25.67
CA ARG D 414 20.08 51.37 24.83
C ARG D 414 19.70 52.84 24.95
N ALA D 415 18.82 53.15 25.91
CA ALA D 415 18.37 54.51 26.13
C ALA D 415 18.69 54.98 27.55
N GLY D 416 19.41 54.14 28.29
CA GLY D 416 19.78 54.45 29.66
C GLY D 416 20.09 53.21 30.47
N VAL D 438 8.14 37.87 26.95
CA VAL D 438 7.21 36.76 26.76
C VAL D 438 7.82 35.67 25.91
N GLN D 439 9.10 35.83 25.56
CA GLN D 439 9.82 34.82 24.79
C GLN D 439 10.43 33.78 25.72
N ASP D 440 9.89 33.70 26.93
CA ASP D 440 10.34 32.72 27.91
C ASP D 440 9.16 31.85 28.35
N ILE D 441 7.97 32.23 27.92
CA ILE D 441 6.76 31.46 28.24
C ILE D 441 6.14 30.86 26.98
N MET D 442 6.36 31.51 25.84
CA MET D 442 5.80 31.04 24.57
C MET D 442 6.60 29.88 24.02
N GLY D 443 7.89 29.83 24.36
CA GLY D 443 8.76 28.76 23.89
C GLY D 443 8.42 27.43 24.54
N ASP D 444 8.04 27.47 25.80
CA ASP D 444 7.68 26.27 26.54
C ASP D 444 6.33 25.71 26.08
N ILE D 445 5.40 26.61 25.74
CA ILE D 445 4.09 26.22 25.25
C ILE D 445 4.21 25.46 23.93
N PHE D 446 4.98 26.02 22.99
CA PHE D 446 5.25 25.36 21.73
C PHE D 446 5.92 24.01 21.95
N ALA D 447 6.88 23.98 22.87
CA ALA D 447 7.66 22.79 23.15
C ALA D 447 6.80 21.63 23.66
N LEU D 448 5.69 21.97 24.30
CA LEU D 448 4.76 20.95 24.78
C LEU D 448 3.91 20.41 23.64
N GLY D 449 3.97 21.07 22.49
CA GLY D 449 3.21 20.67 21.33
C GLY D 449 2.01 21.55 21.09
N PHE D 450 1.65 22.35 22.10
CA PHE D 450 0.51 23.25 21.99
C PHE D 450 0.78 24.39 21.03
N GLY D 451 -0.17 24.64 20.12
CA GLY D 451 -0.03 25.69 19.14
C GLY D 451 -1.32 25.91 18.39
N PRO D 452 -1.29 26.80 17.37
CA PRO D 452 -2.48 27.18 16.60
C PRO D 452 -3.18 26.01 15.94
N PHE D 453 -4.37 25.70 16.41
CA PHE D 453 -5.25 24.75 15.73
C PHE D 453 -6.43 25.51 15.16
N ARG D 454 -6.40 25.74 13.86
CA ARG D 454 -7.37 26.60 13.20
C ARG D 454 -8.25 25.81 12.24
N TRP D 455 -9.56 26.05 12.29
CA TRP D 455 -10.49 25.39 11.41
C TRP D 455 -11.59 26.33 10.91
N VAL D 456 -12.05 26.10 9.70
CA VAL D 456 -13.17 26.86 9.14
C VAL D 456 -14.27 25.89 8.69
N CYS D 457 -15.46 26.42 8.44
CA CYS D 457 -16.56 25.60 7.96
C CYS D 457 -16.94 26.02 6.54
N THR D 458 -16.81 25.08 5.60
CA THR D 458 -17.03 25.36 4.19
C THR D 458 -18.50 25.54 3.84
N SER D 459 -19.37 25.36 4.84
CA SER D 459 -20.80 25.53 4.64
C SER D 459 -21.20 26.98 4.85
N CYS D 460 -20.30 27.75 5.45
CA CYS D 460 -20.55 29.16 5.77
C CYS D 460 -21.82 29.33 6.61
N LEU D 461 -21.98 28.46 7.59
CA LEU D 461 -23.17 28.49 8.44
C LEU D 461 -22.80 28.47 9.92
N PRO D 462 -23.31 29.46 10.69
CA PRO D 462 -23.14 29.57 12.14
C PRO D 462 -23.39 28.25 12.88
N GLU D 463 -24.35 27.47 12.40
CA GLU D 463 -24.70 26.19 13.02
C GLU D 463 -23.52 25.21 13.01
N ASP D 464 -22.83 25.13 11.88
CA ASP D 464 -21.66 24.28 11.76
C ASP D 464 -20.54 24.77 12.67
N LEU D 465 -20.38 26.09 12.75
CA LEU D 465 -19.38 26.69 13.62
C LEU D 465 -19.73 26.45 15.09
N GLU D 466 -21.03 26.48 15.39
CA GLU D 466 -21.50 26.23 16.74
C GLU D 466 -21.35 24.76 17.11
N LEU D 467 -21.52 23.88 16.12
CA LEU D 467 -21.38 22.45 16.32
C LEU D 467 -19.92 22.07 16.55
N THR D 468 -19.02 22.68 15.78
CA THR D 468 -17.60 22.43 15.94
C THR D 468 -17.09 23.01 17.26
N ASP D 469 -17.67 24.13 17.66
CA ASP D 469 -17.30 24.77 18.92
C ASP D 469 -17.70 23.90 20.11
N ARG D 470 -18.81 23.18 19.97
CA ARG D 470 -19.28 22.29 21.02
C ARG D 470 -18.49 20.99 21.01
N ILE D 471 -18.14 20.52 19.83
CA ILE D 471 -17.39 19.27 19.68
C ILE D 471 -15.96 19.41 20.20
N ALA D 472 -15.34 20.54 19.88
CA ALA D 472 -13.97 20.82 20.32
C ALA D 472 -13.90 20.94 21.84
N THR D 473 -14.88 21.64 22.41
CA THR D 473 -14.93 21.84 23.86
C THR D 473 -15.11 20.51 24.59
N GLU D 474 -16.17 19.78 24.24
N LYS D 489 -3.78 22.76 32.22
CA LYS D 489 -3.57 24.20 32.25
C LYS D 489 -3.73 24.81 30.86
N GLN D 490 -2.94 24.31 29.92
CA GLN D 490 -2.97 24.79 28.54
C GLN D 490 -4.33 24.51 27.92
N ILE D 491 -4.88 23.34 28.20
CA ILE D 491 -6.20 22.96 27.71
C ILE D 491 -7.28 23.80 28.40
N SER D 492 -7.09 24.02 29.70
CA SER D 492 -8.04 24.79 30.49
C SER D 492 -8.16 26.22 29.99
N ASP D 493 -7.03 26.83 29.65
CA ASP D 493 -7.01 28.19 29.13
C ASP D 493 -7.62 28.23 27.73
N ASN D 494 -7.53 27.11 27.02
CA ASN D 494 -8.09 27.01 25.67
C ASN D 494 -9.56 26.61 25.70
N LEU D 495 -10.01 26.15 26.85
CA LEU D 495 -11.41 25.76 27.03
C LEU D 495 -12.27 26.99 27.30
N LEU D 496 -11.75 27.91 28.10
CA LEU D 496 -12.45 29.15 28.41
C LEU D 496 -12.61 30.01 27.17
N TRP D 497 -11.67 29.90 26.25
CA TRP D 497 -11.71 30.63 24.99
C TRP D 497 -12.86 30.13 24.11
N LEU D 506 -16.64 37.79 16.79
CA LEU D 506 -15.20 37.77 16.53
C LEU D 506 -14.89 37.07 15.20
N VAL D 507 -15.93 36.77 14.44
CA VAL D 507 -15.77 36.11 13.15
C VAL D 507 -15.98 37.08 11.99
N VAL D 508 -15.18 36.92 10.94
CA VAL D 508 -15.28 37.77 9.77
C VAL D 508 -15.09 36.97 8.48
N GLY D 509 -15.99 37.18 7.53
CA GLY D 509 -15.93 36.51 6.25
C GLY D 509 -16.35 35.05 6.32
N SER D 510 -15.44 34.20 6.79
CA SER D 510 -15.71 32.77 6.89
C SER D 510 -15.97 32.34 8.33
N GLN D 511 -16.93 31.46 8.51
CA GLN D 511 -17.23 30.90 9.84
C GLN D 511 -16.04 30.08 10.33
N ALA D 512 -15.17 30.72 11.09
CA ALA D 512 -13.92 30.07 11.51
C ALA D 512 -13.71 30.16 13.02
N ARG D 513 -12.68 29.46 13.48
CA ARG D 513 -12.34 29.44 14.90
C ARG D 513 -10.87 29.11 15.09
N ILE D 514 -10.31 29.55 16.22
CA ILE D 514 -8.90 29.30 16.51
C ILE D 514 -8.75 28.89 17.98
N LEU D 515 -7.83 27.95 18.24
CA LEU D 515 -7.55 27.49 19.58
C LEU D 515 -6.17 26.87 19.65
N TYR D 516 -5.66 26.68 20.87
CA TYR D 516 -4.38 26.02 21.07
C TYR D 516 -4.56 24.60 21.57
N ALA D 517 -3.90 23.66 20.90
CA ALA D 517 -3.95 22.25 21.29
C ALA D 517 -2.65 21.55 20.90
N ASP D 518 -2.26 20.56 21.70
CA ASP D 518 -1.04 19.80 21.42
C ASP D 518 -1.32 18.70 20.40
N CYS D 519 -0.37 17.77 20.26
CA CYS D 519 -0.47 16.71 19.26
C CYS D 519 -1.77 15.91 19.37
N GLU D 520 -1.99 15.31 20.53
CA GLU D 520 -3.19 14.50 20.75
C GLU D 520 -4.45 15.35 20.70
N GLY D 521 -4.32 16.61 21.08
CA GLY D 521 -5.43 17.55 21.03
C GLY D 521 -5.91 17.79 19.62
N ARG D 522 -4.98 18.13 18.73
CA ARG D 522 -5.31 18.43 17.34
C ARG D 522 -5.86 17.20 16.61
N GLN D 523 -5.27 16.04 16.89
CA GLN D 523 -5.69 14.79 16.24
C GLN D 523 -7.12 14.41 16.62
N THR D 524 -7.42 14.49 17.91
CA THR D 524 -8.72 14.06 18.42
C THR D 524 -9.85 14.96 17.93
N ILE D 525 -9.59 16.27 17.91
CA ILE D 525 -10.59 17.23 17.45
C ILE D 525 -10.86 17.06 15.96
N ALA D 526 -9.80 16.86 15.18
CA ALA D 526 -9.94 16.64 13.74
C ALA D 526 -10.68 15.35 13.46
N LYS D 527 -10.42 14.34 14.29
CA LYS D 527 -11.08 13.04 14.16
C LYS D 527 -12.58 13.15 14.41
N ASN D 528 -12.96 13.93 15.41
CA ASN D 528 -14.37 14.12 15.74
C ASN D 528 -15.08 15.00 14.72
N PHE D 529 -14.38 16.04 14.25
CA PHE D 529 -14.94 16.93 13.24
C PHE D 529 -15.15 16.20 11.94
N ASN D 530 -14.23 15.29 11.62
CA ASN D 530 -14.34 14.49 10.40
C ASN D 530 -15.53 13.53 10.47
N ASP D 531 -15.74 12.93 11.64
CA ASP D 531 -16.88 12.07 11.86
C ASP D 531 -18.18 12.85 11.71
N ALA D 532 -18.17 14.09 12.19
CA ALA D 532 -19.35 14.96 12.15
C ALA D 532 -19.76 15.29 10.71
N VAL D 533 -18.77 15.40 9.82
CA VAL D 533 -19.03 15.65 8.42
C VAL D 533 -19.67 14.43 7.76
N ARG D 534 -19.14 13.25 8.09
CA ARG D 534 -19.64 11.99 7.54
C ARG D 534 -21.04 11.68 8.06
N ASP D 535 -21.27 11.93 9.34
CA ASP D 535 -22.54 11.63 9.98
C ASP D 535 -23.66 12.55 9.51
N GLY D 536 -23.30 13.62 8.80
CA GLY D 536 -24.28 14.54 8.26
C GLY D 536 -24.67 15.65 9.20
N ARG D 537 -24.05 15.67 10.38
CA ARG D 537 -24.28 16.72 11.35
C ARG D 537 -23.80 18.06 10.81
N LEU D 538 -22.58 18.06 10.27
CA LEU D 538 -22.04 19.23 9.59
C LEU D 538 -22.50 19.23 8.13
N LYS D 539 -22.90 20.40 7.65
CA LYS D 539 -23.47 20.52 6.31
C LYS D 539 -22.40 20.73 5.25
N GLY D 540 -21.13 20.53 5.62
CA GLY D 540 -20.04 20.69 4.69
C GLY D 540 -18.69 20.27 5.26
N PRO D 541 -17.72 20.04 4.38
CA PRO D 541 -16.34 19.68 4.78
C PRO D 541 -15.70 20.74 5.66
N VAL D 542 -14.80 20.31 6.54
CA VAL D 542 -14.11 21.24 7.44
C VAL D 542 -12.64 21.37 7.06
N VAL D 543 -12.22 22.60 6.79
CA VAL D 543 -10.82 22.87 6.46
C VAL D 543 -10.01 23.17 7.72
N LEU D 544 -9.08 22.28 8.04
CA LEU D 544 -8.18 22.51 9.16
C LEU D 544 -6.96 23.30 8.68
N SER D 545 -6.44 24.17 9.54
CA SER D 545 -5.31 25.01 9.18
C SER D 545 -4.60 25.53 10.42
N ARG D 546 -3.67 26.46 10.22
CA ARG D 546 -2.95 27.09 11.33
C ARG D 546 -2.17 28.31 10.91
N ASP D 547 -1.91 29.20 11.87
CA ASP D 547 -0.97 30.29 11.68
C ASP D 547 0.43 29.72 11.70
N HIS D 548 1.42 30.48 11.25
CA HIS D 548 2.80 29.99 11.24
C HIS D 548 3.50 30.30 12.57
N HIS D 549 2.72 30.77 13.53
CA HIS D 549 3.22 30.96 14.89
C HIS D 549 3.03 29.67 15.68
N ASP D 550 3.76 28.63 15.27
CA ASP D 550 3.55 27.29 15.82
C ASP D 550 4.86 26.64 16.27
N VAL D 551 4.76 25.39 16.72
CA VAL D 551 5.88 24.65 17.29
C VAL D 551 6.95 24.29 16.26
N SER D 552 6.54 23.88 15.07
CA SER D 552 7.47 23.31 14.10
C SER D 552 7.61 24.15 12.83
N GLY D 553 6.56 24.86 12.47
CA GLY D 553 6.48 25.53 11.18
C GLY D 553 7.47 26.66 10.92
N THR D 554 7.94 27.30 11.98
CA THR D 554 8.72 28.54 11.82
C THR D 554 10.06 28.55 12.52
N ASP D 555 11.10 28.93 11.78
CA ASP D 555 12.40 29.24 12.36
C ASP D 555 12.58 30.75 12.43
N SER D 556 12.59 31.28 13.64
CA SER D 556 12.71 32.73 13.85
C SER D 556 13.49 33.04 15.12
N PRO D 557 14.71 33.57 14.96
CA PRO D 557 15.61 33.88 16.08
C PRO D 557 15.02 34.89 17.06
N PHE D 558 14.23 35.83 16.55
CA PHE D 558 13.66 36.89 17.38
C PHE D 558 12.21 36.59 17.77
N ARG D 559 11.75 35.38 17.50
CA ARG D 559 10.36 35.01 17.80
C ARG D 559 10.19 33.53 18.13
N GLU D 560 9.72 32.77 17.15
CA GLU D 560 9.25 31.41 17.38
C GLU D 560 10.31 30.41 17.83
N THR D 561 11.59 30.75 17.65
CA THR D 561 12.67 29.87 18.11
C THR D 561 13.70 30.61 18.95
N SER D 562 13.26 31.66 19.64
CA SER D 562 14.14 32.45 20.49
C SER D 562 14.47 31.71 21.78
N ASP D 563 13.62 30.76 22.14
CA ASP D 563 13.79 29.98 23.36
C ASP D 563 14.98 29.03 23.25
N LEU D 564 15.39 28.73 22.03
CA LEU D 564 16.45 27.77 21.79
C LEU D 564 17.83 28.44 21.84
N TYR D 565 18.65 28.01 22.80
CA TYR D 565 19.96 28.61 23.02
C TYR D 565 21.11 27.64 22.74
N ASP D 566 20.93 26.77 21.77
CA ASP D 566 22.00 25.86 21.37
C ASP D 566 22.77 26.45 20.19
N GLY D 567 22.24 27.54 19.63
CA GLY D 567 22.87 28.23 18.53
C GLY D 567 22.16 28.01 17.21
N SER D 568 21.24 27.04 17.18
CA SER D 568 20.57 26.64 15.95
C SER D 568 19.38 27.53 15.59
N SER D 569 19.13 28.56 16.39
CA SER D 569 17.99 29.44 16.16
C SER D 569 18.12 30.21 14.85
N LEU D 570 19.35 30.30 14.33
CA LEU D 570 19.59 30.96 13.06
C LEU D 570 19.38 30.00 11.89
N THR D 571 19.33 28.71 12.19
CA THR D 571 19.12 27.70 11.16
C THR D 571 17.65 27.61 10.78
N ALA D 572 17.38 27.06 9.60
CA ALA D 572 16.01 26.92 9.11
C ALA D 572 15.72 25.48 8.70
N ASP D 573 16.45 24.53 9.29
CA ASP D 573 16.24 23.12 9.01
C ASP D 573 14.82 22.70 9.35
N MET D 574 14.37 23.08 10.54
CA MET D 574 13.07 22.67 11.06
C MET D 574 11.92 23.08 10.15
N ALA D 575 11.89 24.35 9.77
CA ALA D 575 10.81 24.88 8.92
C ALA D 575 10.75 24.18 7.58
N VAL D 576 11.91 24.00 6.95
CA VAL D 576 12.00 23.34 5.66
C VAL D 576 11.61 21.86 5.77
N GLN D 577 12.10 21.21 6.81
CA GLN D 577 11.76 19.81 7.06
C GLN D 577 10.25 19.65 7.30
N ASN D 578 9.66 20.62 7.99
CA ASN D 578 8.27 20.52 8.41
C ASN D 578 7.29 20.58 7.23
N VAL D 579 7.48 21.56 6.34
CA VAL D 579 6.61 21.71 5.19
C VAL D 579 6.76 20.51 4.24
N ILE D 580 7.98 19.99 4.13
CA ILE D 580 8.23 18.81 3.32
C ILE D 580 7.51 17.60 3.92
N GLY D 581 7.71 17.40 5.22
CA GLY D 581 7.08 16.29 5.92
C GLY D 581 5.57 16.36 5.93
N ASP D 582 5.03 17.57 5.90
CA ASP D 582 3.58 17.76 5.82
C ASP D 582 3.07 17.45 4.42
N ALA D 583 3.91 17.69 3.43
CA ALA D 583 3.51 17.58 2.03
C ALA D 583 3.20 16.16 1.60
N PHE D 584 3.93 15.18 2.13
CA PHE D 584 3.68 13.80 1.75
C PHE D 584 2.94 13.02 2.84
N ARG D 585 2.34 13.74 3.78
CA ARG D 585 1.56 13.10 4.83
C ARG D 585 0.08 13.51 4.79
N GLY D 586 -0.33 14.15 3.71
CA GLY D 586 -1.74 14.34 3.45
C GLY D 586 -2.35 15.71 3.60
N ALA D 587 -1.52 16.75 3.65
CA ALA D 587 -2.04 18.10 3.68
C ALA D 587 -2.73 18.43 2.36
N THR D 588 -3.83 19.17 2.41
CA THR D 588 -4.55 19.54 1.19
C THR D 588 -3.71 20.55 0.40
N TRP D 589 -3.04 21.44 1.13
CA TRP D 589 -1.99 22.27 0.54
C TRP D 589 -1.05 22.80 1.62
N VAL D 590 0.22 22.98 1.25
CA VAL D 590 1.23 23.48 2.18
C VAL D 590 1.83 24.79 1.68
N SER D 591 2.56 25.47 2.55
CA SER D 591 3.16 26.75 2.20
C SER D 591 4.47 26.99 2.93
N LEU D 592 5.43 27.59 2.23
CA LEU D 592 6.67 28.04 2.86
C LEU D 592 6.92 29.49 2.52
N HIS D 593 6.95 30.34 3.54
CA HIS D 593 7.08 31.78 3.34
C HIS D 593 8.39 32.32 3.89
N ASN D 594 8.74 33.52 3.46
CA ASN D 594 9.94 34.20 3.95
C ASN D 594 9.58 35.40 4.80
N GLY D 595 10.11 35.42 6.02
CA GLY D 595 9.95 36.56 6.90
C GLY D 595 8.60 36.67 7.59
N GLY D 596 8.08 35.53 8.05
CA GLY D 596 6.83 35.51 8.78
C GLY D 596 6.97 36.11 10.16
N GLY D 597 6.08 37.05 10.48
CA GLY D 597 6.08 37.68 11.78
C GLY D 597 7.14 38.76 11.93
N THR D 598 8.39 38.34 12.03
CA THR D 598 9.49 39.28 12.29
C THR D 598 9.79 40.17 11.09
N GLY D 599 9.74 39.61 9.89
CA GLY D 599 9.95 40.40 8.69
C GLY D 599 10.84 39.76 7.65
N TRP D 600 10.66 40.21 6.40
CA TRP D 600 11.37 39.70 5.23
C TRP D 600 12.86 39.44 5.46
N GLY D 601 13.25 38.17 5.39
CA GLY D 601 14.64 37.78 5.54
C GLY D 601 15.00 37.38 6.95
N GLU D 602 14.12 37.67 7.90
CA GLU D 602 14.40 37.40 9.31
C GLU D 602 13.67 36.17 9.83
N ALA D 603 13.03 35.42 8.94
CA ALA D 603 12.28 34.24 9.34
C ALA D 603 12.00 33.31 8.16
N THR D 604 11.84 32.03 8.46
CA THR D 604 11.35 31.06 7.51
C THR D 604 10.14 30.36 8.11
N ASN D 605 8.96 30.68 7.60
CA ASN D 605 7.72 30.17 8.17
C ASN D 605 6.95 29.28 7.20
N GLY D 606 6.35 28.22 7.75
CA GLY D 606 5.58 27.28 6.96
C GLY D 606 4.28 26.88 7.64
N GLY D 607 3.29 26.53 6.83
CA GLY D 607 1.99 26.14 7.34
C GLY D 607 1.27 25.14 6.45
N PHE D 608 0.09 24.71 6.87
CA PHE D 608 -0.68 23.74 6.11
C PHE D 608 -2.16 24.05 6.13
N CYS D 609 -2.90 23.38 5.24
CA CYS D 609 -4.35 23.31 5.32
C CYS D 609 -4.77 21.90 4.96
N LEU D 610 -5.71 21.35 5.71
CA LEU D 610 -6.18 19.98 5.48
C LEU D 610 -7.69 19.91 5.57
N VAL D 611 -8.32 19.46 4.50
CA VAL D 611 -9.77 19.40 4.41
C VAL D 611 -10.32 18.08 4.98
N LEU D 612 -11.30 18.19 5.87
CA LEU D 612 -11.96 17.03 6.44
C LEU D 612 -13.33 16.81 5.78
N ASP D 613 -13.41 15.82 4.90
CA ASP D 613 -14.64 15.57 4.16
C ASP D 613 -15.43 14.40 4.72
N GLY D 614 -14.96 13.83 5.83
CA GLY D 614 -15.65 12.73 6.48
C GLY D 614 -15.15 11.37 6.01
N SER D 615 -14.29 11.37 5.01
CA SER D 615 -13.78 10.12 4.44
C SER D 615 -12.68 9.51 5.30
N ALA D 616 -12.45 8.21 5.11
CA ALA D 616 -11.39 7.51 5.81
C ALA D 616 -10.03 8.09 5.43
N ASP D 617 -9.93 8.56 4.20
CA ASP D 617 -8.71 9.19 3.71
C ASP D 617 -8.37 10.43 4.53
N ALA D 618 -9.35 11.31 4.72
CA ALA D 618 -9.14 12.53 5.50
C ALA D 618 -8.78 12.21 6.95
N GLU D 619 -9.40 11.17 7.50
CA GLU D 619 -9.11 10.75 8.87
C GLU D 619 -7.68 10.25 9.00
N ARG D 620 -7.27 9.40 8.06
CA ARG D 620 -5.93 8.83 8.06
C ARG D 620 -4.86 9.90 7.83
N ARG D 621 -5.12 10.79 6.86
CA ARG D 621 -4.16 11.83 6.52
C ARG D 621 -4.01 12.86 7.63
N ALA D 622 -5.11 13.20 8.29
CA ALA D 622 -5.09 14.17 9.38
C ALA D 622 -4.29 13.63 10.56
N LYS D 623 -4.53 12.37 10.91
CA LYS D 623 -3.83 11.73 12.03
C LYS D 623 -2.32 11.72 11.83
N LEU D 624 -1.89 11.40 10.62
CA LEU D 624 -0.47 11.27 10.31
C LEU D 624 0.21 12.63 10.17
N MET D 625 -0.42 13.55 9.43
CA MET D 625 0.18 14.85 9.17
C MET D 625 0.28 15.70 10.43
N LEU D 626 -0.79 15.70 11.23
CA LEU D 626 -0.78 16.47 12.48
C LEU D 626 0.25 15.94 13.46
N LEU D 627 0.46 14.63 13.41
CA LEU D 627 1.49 13.98 14.22
C LEU D 627 2.86 14.60 13.93
N TRP D 628 3.20 14.66 12.65
CA TRP D 628 4.48 15.22 12.23
C TRP D 628 4.54 16.73 12.45
N ASP D 629 3.44 17.42 12.12
CA ASP D 629 3.40 18.88 12.21
C ASP D 629 3.67 19.37 13.63
N VAL D 630 3.35 18.53 14.61
CA VAL D 630 3.60 18.87 16.01
C VAL D 630 4.94 18.35 16.51
N LEU D 631 5.15 17.04 16.38
CA LEU D 631 6.28 16.38 17.02
C LEU D 631 7.63 16.66 16.35
N ASN D 632 7.61 17.17 15.12
CA ASN D 632 8.84 17.58 14.47
C ASN D 632 9.52 18.67 15.27
N GLY D 633 8.78 19.73 15.57
CA GLY D 633 9.29 20.85 16.34
C GLY D 633 9.51 20.51 17.80
N VAL D 634 8.61 19.69 18.36
CA VAL D 634 8.75 19.25 19.74
C VAL D 634 10.08 18.55 19.95
N THR D 635 10.39 17.60 19.07
CA THR D 635 11.65 16.87 19.13
C THR D 635 12.84 17.79 18.95
N ARG D 636 12.72 18.74 18.01
CA ARG D 636 13.79 19.70 17.75
C ARG D 636 14.04 20.59 18.96
N ARG D 637 12.97 21.18 19.50
CA ARG D 637 13.08 22.07 20.64
C ARG D 637 13.66 21.32 21.85
N ALA D 638 13.32 20.05 21.97
CA ALA D 638 13.91 19.20 22.98
C ALA D 638 15.41 19.04 22.73
N TRP D 639 15.77 18.73 21.49
CA TRP D 639 17.16 18.58 21.11
C TRP D 639 17.94 19.88 21.29
N SER D 640 17.30 21.00 21.02
CA SER D 640 17.94 22.31 21.13
C SER D 640 18.16 22.69 22.59
N GLY D 641 17.35 22.15 23.49
CA GLY D 641 17.57 22.34 24.92
C GLY D 641 16.37 22.83 25.72
N ASN D 642 15.16 22.50 25.26
CA ASN D 642 13.97 22.87 26.01
C ASN D 642 13.49 21.72 26.88
N ALA D 643 13.34 21.99 28.18
CA ALA D 643 12.96 20.96 29.14
C ALA D 643 11.53 20.47 28.93
N CYS D 644 10.62 21.40 28.66
CA CYS D 644 9.22 21.05 28.39
C CYS D 644 9.12 20.22 27.11
N GLY D 645 9.97 20.52 26.15
CA GLY D 645 10.02 19.79 24.90
C GLY D 645 10.51 18.36 25.11
N HIS D 646 11.46 18.21 26.02
CA HIS D 646 12.03 16.90 26.31
C HIS D 646 11.03 15.99 27.03
N GLU D 647 10.13 16.61 27.79
CA GLU D 647 9.15 15.87 28.57
C GLU D 647 8.03 15.32 27.69
N ALA D 648 7.47 16.18 26.86
CA ALA D 648 6.36 15.80 25.98
C ALA D 648 6.84 14.85 24.88
N MET D 649 8.12 14.94 24.55
CA MET D 649 8.72 14.09 23.53
C MET D 649 8.74 12.62 23.95
N LEU D 650 9.27 12.37 25.13
CA LEU D 650 9.40 11.01 25.65
C LEU D 650 8.06 10.31 25.81
N ARG D 651 7.04 11.07 26.20
CA ARG D 651 5.69 10.53 26.35
C ARG D 651 5.11 10.16 25.00
N ALA D 652 5.44 10.95 23.99
CA ALA D 652 4.97 10.68 22.62
C ALA D 652 5.62 9.43 22.05
N VAL D 653 6.90 9.24 22.37
CA VAL D 653 7.64 8.06 21.93
C VAL D 653 7.00 6.79 22.49
N SER D 654 6.58 6.85 23.74
CA SER D 654 5.92 5.72 24.39
C SER D 654 4.49 5.55 23.87
N ARG D 655 3.96 6.61 23.27
CA ARG D 655 2.57 6.63 22.80
C ARG D 655 2.46 6.30 21.32
N VAL D 656 3.37 6.84 20.51
CA VAL D 656 3.29 6.70 19.07
C VAL D 656 4.18 5.58 18.52
N GLU D 657 3.56 4.60 17.88
CA GLU D 657 4.29 3.50 17.25
C GLU D 657 4.98 3.98 15.98
N GLY D 658 6.29 3.74 15.89
CA GLY D 658 7.06 4.16 14.75
C GLY D 658 7.81 5.45 15.03
N LEU D 659 7.68 5.95 16.26
CA LEU D 659 8.37 7.17 16.65
C LEU D 659 9.60 6.86 17.51
N HIS D 660 10.77 7.02 16.91
CA HIS D 660 12.02 6.79 17.59
C HIS D 660 12.96 7.96 17.34
N VAL D 661 13.06 8.86 18.32
CA VAL D 661 13.82 10.09 18.13
C VAL D 661 15.08 10.13 18.98
N THR D 662 16.03 10.99 18.58
CA THR D 662 17.28 11.15 19.29
C THR D 662 17.08 12.00 20.54
N VAL D 663 17.33 11.40 21.71
CA VAL D 663 17.16 12.10 22.98
C VAL D 663 18.45 12.78 23.40
N PRO D 664 18.41 14.12 23.57
CA PRO D 664 19.59 14.89 23.96
C PRO D 664 20.00 14.64 25.41
N GLN D 665 21.31 14.55 25.65
CA GLN D 665 21.82 14.38 26.99
C GLN D 665 22.55 15.65 27.43
N HIS D 666 21.79 16.67 27.80
CA HIS D 666 22.34 17.96 28.19
C HIS D 666 23.06 17.89 29.53
N VAL D 667 24.29 18.39 29.56
CA VAL D 667 25.09 18.39 30.78
C VAL D 667 24.95 19.72 31.52
PA NAD E . -2.57 -47.86 14.35
O1A NAD E . -3.45 -48.81 13.63
O2A NAD E . -1.19 -47.86 13.70
O5B NAD E . -2.37 -48.18 15.93
C5B NAD E . -3.27 -49.02 16.68
C4B NAD E . -2.45 -50.01 17.47
O4B NAD E . -3.25 -50.56 18.54
C3B NAD E . -1.91 -51.20 16.66
O3B NAD E . -0.51 -51.34 16.84
C2B NAD E . -2.68 -52.40 17.22
O2B NAD E . -1.90 -53.58 17.23
C1B NAD E . -2.96 -51.93 18.65
N9A NAD E . -4.10 -52.59 19.29
C8A NAD E . -5.32 -52.89 18.73
N7A NAD E . -6.15 -53.49 19.54
C5A NAD E . -5.44 -53.60 20.72
C6A NAD E . -5.76 -54.12 21.98
N6A NAD E . -6.94 -54.69 22.28
N1A NAD E . -4.81 -54.07 22.95
C2A NAD E . -3.64 -53.51 22.67
N3A NAD E . -3.22 -52.97 21.53
C4A NAD E . -4.17 -53.04 20.58
O3 NAD E . -3.17 -46.38 14.23
PN NAD E . -2.62 -44.98 14.75
O1N NAD E . -2.07 -44.22 13.60
O2N NAD E . -1.75 -45.21 15.93
O5D NAD E . -3.95 -44.27 15.27
C5D NAD E . -4.66 -44.84 16.38
C4D NAD E . -6.08 -44.31 16.41
O4D NAD E . -6.08 -42.93 16.85
C3D NAD E . -6.81 -44.35 15.06
O3D NAD E . -8.12 -44.88 15.20
C2D NAD E . -6.83 -42.87 14.64
O2D NAD E . -7.97 -42.56 13.84
C1D NAD E . -6.89 -42.18 15.99
N1N NAD E . -6.39 -40.72 15.98
C2N NAD E . -5.24 -40.50 16.62
C3N NAD E . -4.70 -39.22 16.66
C7N NAD E . -3.40 -38.94 17.37
O7N NAD E . -2.80 -39.87 17.93
N7N NAD E . -2.96 -37.70 17.37
C4N NAD E . -5.39 -38.19 16.03
C5N NAD E . -6.58 -38.46 15.39
C6N NAD E . -7.08 -39.74 15.38
PA NAD F . -38.72 -21.03 -17.60
O1A NAD F . -39.28 -22.17 -16.84
O2A NAD F . -39.00 -19.73 -16.86
O5B NAD F . -39.27 -20.88 -19.12
C5B NAD F . -39.59 -22.00 -19.97
C4B NAD F . -40.83 -21.63 -20.76
O4B NAD F . -41.07 -22.62 -21.79
C3B NAD F . -42.12 -21.52 -19.93
O3B NAD F . -42.73 -20.26 -20.12
C2B NAD F . -42.99 -22.67 -20.47
O2B NAD F . -44.37 -22.33 -20.47
C1B NAD F . -42.46 -22.78 -21.90
N9A NAD F . -42.73 -24.07 -22.55
C8A NAD F . -42.62 -25.32 -22.01
N7A NAD F . -42.94 -26.28 -22.83
C5A NAD F . -43.28 -25.62 -24.00
C6A NAD F . -43.70 -26.08 -25.27
N6A NAD F . -43.86 -27.36 -25.58
N1A NAD F . -43.97 -25.15 -26.22
C2A NAD F . -43.80 -23.86 -25.91
N3A NAD F . -43.40 -23.31 -24.76
C4A NAD F . -43.16 -24.25 -23.84
O3 NAD F . -37.13 -21.17 -17.72
PN NAD F . -36.02 -20.17 -18.25
O1N NAD F . -35.46 -19.43 -17.08
O2N NAD F . -36.57 -19.40 -19.39
O5D NAD F . -34.91 -21.16 -18.83
C5D NAD F . -35.26 -22.06 -19.90
C4D NAD F . -34.29 -23.22 -19.93
O4D NAD F . -33.01 -22.79 -20.43
C3D NAD F . -34.02 -23.88 -18.56
O3D NAD F . -34.11 -25.30 -18.65
C2D NAD F . -32.59 -23.42 -18.23
O2D NAD F . -31.89 -24.38 -17.44
C1D NAD F . -32.00 -23.32 -19.62
N1N NAD F . -30.76 -22.41 -19.72
C2N NAD F . -30.94 -21.20 -20.29
C3N NAD F . -29.88 -20.33 -20.40
C7N NAD F . -30.05 -18.97 -21.02
O7N NAD F . -31.16 -18.64 -21.46
N7N NAD F . -28.99 -18.17 -21.09
C4N NAD F . -28.64 -20.71 -19.90
C5N NAD F . -28.49 -21.96 -19.33
C6N NAD F . -29.56 -22.80 -19.25
PA NAD G . 38.25 21.24 -4.94
O1A NAD G . 38.24 21.52 -3.49
O2A NAD G . 38.83 19.85 -5.18
O5B NAD G . 39.14 22.33 -5.79
C5B NAD G . 39.72 22.00 -7.07
C4B NAD G . 41.22 22.03 -6.95
O4B NAD G . 41.73 23.31 -7.39
C3B NAD G . 41.79 21.81 -5.54
O3B NAD G . 42.52 20.58 -5.47
C2B NAD G . 42.70 23.02 -5.30
O2B NAD G . 43.93 22.67 -4.68
C1B NAD G . 42.95 23.52 -6.72
N9A NAD G . 43.32 24.93 -6.82
C8A NAD G . 42.90 25.96 -6.03
N7A NAD G . 43.43 27.13 -6.33
C5A NAD G . 44.25 26.84 -7.41
C6A NAD G . 45.10 27.64 -8.19
N6A NAD G . 45.27 28.95 -8.01
N1A NAD G . 45.79 27.04 -9.20
C2A NAD G . 45.62 25.73 -9.39
N3A NAD G . 44.85 24.87 -8.71
C4A NAD G . 44.19 25.49 -7.73
O3 NAD G . 36.77 21.26 -5.51
PN NAD G . 35.97 20.38 -6.58
O1N NAD G . 35.25 19.29 -5.88
O2N NAD G . 36.90 20.03 -7.69
O5D NAD G . 34.92 21.43 -7.16
C5D NAD G . 35.36 22.46 -8.08
C4D NAD G . 34.32 23.54 -8.17
O4D NAD G . 33.14 23.04 -8.82
C3D NAD G . 33.87 24.14 -6.83
O3D NAD G . 33.83 25.55 -6.87
C2D NAD G . 32.47 23.53 -6.63
O2D NAD G . 31.61 24.40 -5.90
C1D NAD G . 32.01 23.40 -8.08
N1N NAD G . 30.92 22.34 -8.30
C2N NAD G . 30.76 21.92 -9.57
C3N NAD G . 29.80 20.99 -9.88
C7N NAD G . 29.61 20.52 -11.29
O7N NAD G . 30.34 20.98 -12.18
N7N NAD G . 28.67 19.62 -11.53
C4N NAD G . 29.00 20.48 -8.85
C5N NAD G . 29.19 20.92 -7.55
C6N NAD G . 30.15 21.87 -7.29
PA NAD H . 1.61 49.30 15.83
O1A NAD H . 2.76 50.19 15.57
O2A NAD H . 0.75 49.20 14.58
O5B NAD H . 0.65 49.79 17.05
C5B NAD H . 1.16 50.46 18.23
C4B NAD H . 0.14 51.47 18.67
O4B NAD H . 0.53 52.02 19.96
C3B NAD H . -0.04 52.67 17.73
O3B NAD H . -1.43 52.98 17.57
C2B NAD H . 0.71 53.79 18.44
O2B NAD H . 0.16 55.07 18.16
C1B NAD H . 0.49 53.43 19.90
N9A NAD H . 1.50 53.96 20.82
C8A NAD H . 2.84 54.10 20.57
N7A NAD H . 3.52 54.58 21.59
C5A NAD H . 2.56 54.77 22.57
C6A NAD H . 2.63 55.26 23.88
N6A NAD H . 3.76 55.65 24.47
N1A NAD H . 1.48 55.31 24.60
C2A NAD H . 0.34 54.90 24.02
N3A NAD H . 0.16 54.43 22.79
C4A NAD H . 1.31 54.39 22.11
O3 NAD H . 2.12 47.83 16.18
PN NAD H . 1.35 46.47 16.48
O1N NAD H . 1.14 45.74 15.22
O2N NAD H . 0.19 46.78 17.34
O5D NAD H . 2.40 45.68 17.39
C5D NAD H . 2.88 46.27 18.62
C4D NAD H . 4.22 45.67 18.98
O4D NAD H . 4.04 44.29 19.39
C3D NAD H . 5.25 45.66 17.86
O3D NAD H . 6.52 46.09 18.34
C2D NAD H . 5.28 44.19 17.41
O2D NAD H . 6.54 43.82 16.89
C1D NAD H . 4.99 43.50 18.73
N1N NAD H . 4.42 42.08 18.59
C2N NAD H . 3.21 41.87 19.14
C3N NAD H . 2.61 40.62 19.07
C7N NAD H . 1.27 40.38 19.68
O7N NAD H . 0.68 41.31 20.24
N7N NAD H . 0.75 39.16 19.60
C4N NAD H . 3.29 39.60 18.43
C5N NAD H . 4.54 39.83 17.87
C6N NAD H . 5.09 41.09 17.96
#